data_3ZT6
#
_entry.id   3ZT6
#
_cell.length_a   113.850
_cell.length_b   114.160
_cell.length_c   315.610
_cell.angle_alpha   90.00
_cell.angle_beta   90.00
_cell.angle_gamma   90.00
#
_symmetry.space_group_name_H-M   'P 21 21 21'
#
loop_
_entity.id
_entity.type
_entity.pdbx_description
1 polymer 'PUTATIVE GLUCANOHYDROLASE PEP1A'
2 branched Cyclohexakis-(1-4)-(alpha-D-glucopyranose)
3 branched alpha-D-glucopyranose-(1-4)-alpha-D-glucopyranose
4 water water
#
_entity_poly.entity_id   1
_entity_poly.type   'polypeptide(L)'
_entity_poly.pdbx_seq_one_letter_code
;MGSSHHHHHHSSGLVPRGSHMPATHHSSATSAERPTVVGRIPVLDVRPVVQRGRRPAKAVTGESFEVSATVFREGHDAVG
ANVVLRDPRGRPGPWTPMRELAPGTDRWGATVTAGETGTWSYTVEAWGDPVTTWRHHARIKIPAGLDTDLVLEEGARLYE
RAAADVPGREDRRELLAAVDALRDESRPAASRLAAALTPQVDAVLARHPLRDLVTSSDPLPLLVERERALYGAWYEFFPR
SEGTPHTPHGTFRTAARRLPAIAAMGFDVVYLPPIHPIGTTHRKGRNNTLSATGDDVGVPWAIGSPEGGHDSIHPALGTL
DDFDHFVTEAGKLGLEIALDFALQCSPDHPWVHKHPEWFHHRPDGTIAHAENPPKKYQDIYPIAFDADPDGLATETVRIL
RHWMDHGVRIFRVDNPHTKPVAFWERVIADINGTDPDVIFLAEAFTRPAMMATLAQIGFQQSYTYFTWRNTKQELTEYLT
ELSGEAASYMRPNFFANTPDILHAYLQHGGRPAFEVRAVLAATLSPTWGIYSGYELCENTPLREGSEEYLDSEKYQLKPR
DWTRAAREGTTIAPLVTRLNTIRRENPALRQLRDLHFHPTDKEEVIAYSKRQGSNTVLVVVNLDPRHTQEATVSLDMPQL
GLDWHESVPVRDELTGETYHWGRANYVRLEPGRTPAHVCTVLRPSHPQIGGSHTT
;
_entity_poly.pdbx_strand_id   A,B,C,D
#
# COMPACT_ATOMS: atom_id res chain seq x y z
N PRO A 35 -43.39 -21.55 20.49
CA PRO A 35 -43.10 -22.84 19.82
C PRO A 35 -41.61 -23.09 19.64
N THR A 36 -41.15 -24.29 20.01
CA THR A 36 -39.74 -24.71 19.82
C THR A 36 -39.53 -25.26 18.41
N VAL A 37 -38.28 -25.25 17.95
CA VAL A 37 -37.92 -25.80 16.64
C VAL A 37 -37.81 -27.33 16.69
N VAL A 38 -37.34 -27.90 17.80
CA VAL A 38 -37.36 -29.36 17.94
C VAL A 38 -38.61 -29.79 18.67
N GLY A 39 -39.18 -30.92 18.26
CA GLY A 39 -40.33 -31.48 18.97
C GLY A 39 -39.89 -32.38 20.13
N ARG A 40 -40.87 -32.99 20.79
CA ARG A 40 -40.61 -33.74 21.99
C ARG A 40 -39.63 -34.88 21.74
N ILE A 41 -39.88 -35.61 20.65
CA ILE A 41 -38.94 -36.58 20.14
C ILE A 41 -38.33 -36.04 18.83
N PRO A 42 -37.07 -35.60 18.89
CA PRO A 42 -36.34 -35.10 17.75
C PRO A 42 -36.46 -35.96 16.47
N VAL A 43 -36.95 -35.34 15.40
CA VAL A 43 -36.99 -35.90 14.07
C VAL A 43 -36.49 -34.82 13.11
N LEU A 44 -35.28 -35.02 12.58
CA LEU A 44 -34.51 -33.97 11.94
C LEU A 44 -33.97 -34.39 10.58
N ASP A 45 -33.86 -33.41 9.68
CA ASP A 45 -33.19 -33.61 8.42
C ASP A 45 -33.81 -34.77 7.61
N VAL A 46 -35.10 -34.65 7.36
CA VAL A 46 -35.80 -35.61 6.56
C VAL A 46 -35.30 -35.53 5.14
N ARG A 47 -35.10 -36.70 4.56
CA ARG A 47 -34.73 -36.81 3.15
C ARG A 47 -35.56 -37.89 2.45
N PRO A 48 -35.74 -37.77 1.13
CA PRO A 48 -35.22 -36.69 0.28
C PRO A 48 -35.75 -35.25 0.48
N VAL A 49 -34.90 -34.29 0.16
CA VAL A 49 -35.29 -32.85 0.19
C VAL A 49 -34.62 -32.16 -0.97
N VAL A 50 -35.36 -31.27 -1.64
CA VAL A 50 -34.83 -30.56 -2.81
C VAL A 50 -35.00 -29.10 -2.54
N GLN A 51 -33.90 -28.35 -2.58
CA GLN A 51 -34.01 -26.93 -2.48
C GLN A 51 -34.60 -26.56 -1.11
N ARG A 52 -34.24 -27.30 -0.08
CA ARG A 52 -34.72 -27.05 1.30
C ARG A 52 -36.22 -27.17 1.44
N GLY A 53 -36.85 -27.91 0.51
CA GLY A 53 -38.29 -28.10 0.56
C GLY A 53 -39.08 -27.14 -0.32
N ARG A 54 -38.37 -26.33 -1.09
CA ARG A 54 -39.02 -25.33 -1.93
C ARG A 54 -39.43 -25.91 -3.29
N ARG A 55 -38.88 -27.06 -3.62
CA ARG A 55 -39.24 -27.76 -4.85
C ARG A 55 -39.50 -29.19 -4.44
N PRO A 56 -40.38 -29.89 -5.16
CA PRO A 56 -40.70 -31.27 -4.77
C PRO A 56 -39.62 -32.29 -5.10
N ALA A 57 -39.54 -33.32 -4.27
CA ALA A 57 -38.82 -34.55 -4.63
C ALA A 57 -39.68 -35.27 -5.68
N LYS A 58 -39.09 -36.22 -6.41
CA LYS A 58 -39.76 -36.82 -7.58
C LYS A 58 -39.93 -38.34 -7.48
N ALA A 59 -41.05 -38.82 -8.03
CA ALA A 59 -41.26 -40.25 -8.25
C ALA A 59 -42.18 -40.43 -9.47
N VAL A 60 -42.34 -41.68 -9.90
CA VAL A 60 -43.38 -42.04 -10.86
C VAL A 60 -44.28 -43.17 -10.27
N THR A 61 -45.40 -43.43 -10.90
CA THR A 61 -46.34 -44.44 -10.43
C THR A 61 -45.64 -45.79 -10.29
N GLY A 62 -45.85 -46.42 -9.15
CA GLY A 62 -45.23 -47.73 -8.82
C GLY A 62 -43.76 -47.70 -8.43
N GLU A 63 -43.15 -46.52 -8.37
CA GLU A 63 -41.70 -46.45 -8.08
C GLU A 63 -41.50 -46.43 -6.57
N SER A 64 -40.48 -47.16 -6.10
CA SER A 64 -40.12 -47.16 -4.66
C SER A 64 -38.87 -46.36 -4.36
N PHE A 65 -38.83 -45.72 -3.19
CA PHE A 65 -37.66 -45.01 -2.74
C PHE A 65 -37.65 -44.87 -1.24
N GLU A 66 -36.46 -44.55 -0.73
CA GLU A 66 -36.22 -44.53 0.71
C GLU A 66 -36.41 -43.14 1.27
N VAL A 67 -37.29 -43.03 2.26
CA VAL A 67 -37.42 -41.80 3.07
C VAL A 67 -36.61 -42.04 4.36
N SER A 68 -35.81 -41.05 4.74
CA SER A 68 -34.95 -41.16 5.89
C SER A 68 -35.03 -39.93 6.77
N ALA A 69 -34.58 -40.05 8.01
CA ALA A 69 -34.50 -38.93 8.93
C ALA A 69 -33.53 -39.25 10.05
N THR A 70 -33.24 -38.26 10.88
CA THR A 70 -32.38 -38.46 12.04
C THR A 70 -33.29 -38.38 13.22
N VAL A 71 -33.39 -39.49 13.94
CA VAL A 71 -34.34 -39.67 15.02
C VAL A 71 -33.67 -40.25 16.25
N PHE A 72 -33.93 -39.67 17.43
CA PHE A 72 -33.28 -40.09 18.65
C PHE A 72 -34.07 -39.44 19.77
N ARG A 73 -33.71 -39.73 21.02
CA ARG A 73 -34.31 -39.00 22.16
C ARG A 73 -33.31 -38.80 23.29
N GLU A 74 -33.70 -38.01 24.29
CA GLU A 74 -32.92 -37.85 25.50
C GLU A 74 -32.91 -39.16 26.26
N GLY A 75 -31.82 -39.40 26.97
CA GLY A 75 -31.73 -40.53 27.85
C GLY A 75 -31.43 -41.73 27.00
N HIS A 76 -31.72 -42.90 27.58
CA HIS A 76 -31.18 -44.14 27.05
C HIS A 76 -32.24 -45.08 26.54
N ASP A 77 -33.49 -44.66 26.57
CA ASP A 77 -34.58 -45.54 26.15
C ASP A 77 -34.72 -45.53 24.64
N ALA A 78 -35.47 -46.51 24.17
CA ALA A 78 -35.59 -46.79 22.76
C ALA A 78 -36.55 -45.79 22.06
N VAL A 79 -36.30 -45.55 20.77
CA VAL A 79 -37.26 -44.87 19.92
C VAL A 79 -37.72 -45.78 18.78
N GLY A 80 -38.81 -45.35 18.16
CA GLY A 80 -39.23 -45.88 16.89
C GLY A 80 -39.63 -44.71 15.98
N ALA A 81 -39.88 -45.03 14.73
CA ALA A 81 -40.29 -44.06 13.73
C ALA A 81 -41.01 -44.77 12.61
N ASN A 82 -41.88 -44.04 11.91
CA ASN A 82 -42.60 -44.57 10.76
C ASN A 82 -42.82 -43.42 9.75
N VAL A 83 -43.06 -43.78 8.49
CA VAL A 83 -43.33 -42.80 7.45
C VAL A 83 -44.80 -42.71 7.15
N VAL A 84 -45.31 -41.49 7.06
CA VAL A 84 -46.70 -41.29 6.69
C VAL A 84 -46.71 -40.56 5.35
N LEU A 85 -47.08 -41.33 4.31
CA LEU A 85 -47.17 -40.86 2.94
C LEU A 85 -48.59 -40.47 2.67
N ARG A 86 -48.81 -39.25 2.18
CA ARG A 86 -50.16 -38.77 1.94
C ARG A 86 -50.38 -38.45 0.47
N ASP A 87 -51.48 -38.96 -0.07
CA ASP A 87 -51.81 -38.76 -1.49
C ASP A 87 -52.37 -37.36 -1.77
N PRO A 88 -52.66 -37.04 -3.04
CA PRO A 88 -53.18 -35.73 -3.39
C PRO A 88 -54.48 -35.34 -2.71
N ARG A 89 -55.31 -36.31 -2.33
CA ARG A 89 -56.54 -36.04 -1.59
C ARG A 89 -56.27 -36.07 -0.09
N GLY A 90 -55.02 -36.22 0.31
CA GLY A 90 -54.64 -36.15 1.71
C GLY A 90 -54.70 -37.46 2.49
N ARG A 91 -55.01 -38.57 1.82
CA ARG A 91 -55.22 -39.85 2.52
C ARG A 91 -53.89 -40.54 2.85
N PRO A 92 -53.78 -41.02 4.10
CA PRO A 92 -52.53 -41.61 4.59
C PRO A 92 -52.34 -43.01 4.03
N GLY A 93 -51.10 -43.35 3.70
CA GLY A 93 -50.79 -44.67 3.19
C GLY A 93 -50.75 -45.67 4.34
N PRO A 94 -50.13 -46.84 4.11
CA PRO A 94 -50.05 -47.89 5.12
C PRO A 94 -48.99 -47.65 6.19
N TRP A 95 -49.11 -48.43 7.26
CA TRP A 95 -48.15 -48.43 8.36
C TRP A 95 -46.77 -48.78 7.79
N THR A 96 -45.82 -47.85 7.91
CA THR A 96 -44.54 -48.00 7.25
C THR A 96 -43.45 -47.74 8.25
N PRO A 97 -43.17 -48.75 9.08
CA PRO A 97 -42.20 -48.54 10.11
C PRO A 97 -40.77 -48.38 9.58
N MET A 98 -39.99 -47.53 10.24
CA MET A 98 -38.58 -47.33 9.89
C MET A 98 -37.65 -48.19 10.76
N ARG A 99 -36.43 -48.39 10.30
CA ARG A 99 -35.38 -49.02 11.06
C ARG A 99 -34.13 -48.16 11.01
N GLU A 100 -33.28 -48.24 12.04
CA GLU A 100 -32.02 -47.51 12.06
C GLU A 100 -31.17 -48.18 11.02
N LEU A 101 -30.50 -47.39 10.18
CA LEU A 101 -29.84 -47.93 8.98
C LEU A 101 -28.44 -48.46 9.30
N ALA A 102 -27.82 -47.95 10.36
CA ALA A 102 -26.56 -48.52 10.84
C ALA A 102 -26.46 -48.24 12.33
N PRO A 103 -25.76 -49.11 13.08
CA PRO A 103 -25.79 -49.02 14.55
C PRO A 103 -25.07 -47.77 15.06
N GLY A 104 -25.69 -47.10 16.03
CA GLY A 104 -25.13 -45.90 16.63
C GLY A 104 -25.21 -44.63 15.82
N THR A 105 -25.86 -44.67 14.64
CA THR A 105 -25.91 -43.52 13.73
C THR A 105 -27.13 -42.63 13.93
N ASP A 106 -28.21 -43.18 14.47
CA ASP A 106 -29.47 -42.44 14.63
C ASP A 106 -30.09 -42.00 13.30
N ARG A 107 -29.73 -42.69 12.23
CA ARG A 107 -30.33 -42.47 10.92
C ARG A 107 -31.29 -43.60 10.64
N TRP A 108 -32.54 -43.24 10.39
CA TRP A 108 -33.61 -44.20 10.20
C TRP A 108 -34.16 -44.10 8.78
N GLY A 109 -34.63 -45.23 8.25
CA GLY A 109 -35.15 -45.30 6.92
C GLY A 109 -36.26 -46.31 6.73
N ALA A 110 -37.13 -46.03 5.75
CA ALA A 110 -38.14 -47.00 5.29
C ALA A 110 -38.41 -46.74 3.79
N THR A 111 -38.88 -47.76 3.08
CA THR A 111 -39.17 -47.64 1.66
C THR A 111 -40.66 -47.32 1.52
N VAL A 112 -40.97 -46.37 0.66
CA VAL A 112 -42.35 -46.00 0.34
C VAL A 112 -42.55 -46.18 -1.15
N THR A 113 -43.80 -46.31 -1.59
CA THR A 113 -44.09 -46.48 -3.04
C THR A 113 -45.18 -45.52 -3.47
N ALA A 114 -44.90 -44.83 -4.57
CA ALA A 114 -45.81 -43.85 -5.13
C ALA A 114 -46.93 -44.60 -5.80
N GLY A 115 -48.11 -43.99 -5.81
CA GLY A 115 -49.29 -44.54 -6.47
C GLY A 115 -49.66 -43.69 -7.68
N GLU A 116 -50.89 -43.16 -7.68
CA GLU A 116 -51.35 -42.32 -8.78
C GLU A 116 -50.53 -41.06 -8.89
N THR A 117 -50.71 -40.35 -9.99
CA THR A 117 -49.93 -39.17 -10.29
C THR A 117 -50.49 -37.98 -9.54
N GLY A 118 -49.63 -37.00 -9.28
CA GLY A 118 -50.05 -35.77 -8.60
C GLY A 118 -49.12 -35.36 -7.47
N THR A 119 -49.57 -34.41 -6.64
CA THR A 119 -48.72 -33.83 -5.58
C THR A 119 -49.01 -34.48 -4.25
N TRP A 120 -48.00 -35.17 -3.76
CA TRP A 120 -48.12 -35.95 -2.55
C TRP A 120 -47.30 -35.24 -1.45
N SER A 121 -47.35 -35.82 -0.26
CA SER A 121 -46.54 -35.32 0.84
C SER A 121 -46.05 -36.47 1.69
N TYR A 122 -44.93 -36.27 2.38
CA TYR A 122 -44.46 -37.26 3.33
C TYR A 122 -43.97 -36.67 4.65
N THR A 123 -44.32 -37.38 5.71
CA THR A 123 -44.01 -37.02 7.07
C THR A 123 -43.36 -38.18 7.77
N VAL A 124 -42.44 -37.86 8.67
CA VAL A 124 -41.80 -38.85 9.55
C VAL A 124 -42.31 -38.62 10.98
N GLU A 125 -42.90 -39.66 11.57
CA GLU A 125 -43.33 -39.62 12.95
C GLU A 125 -42.29 -40.37 13.78
N ALA A 126 -41.85 -39.74 14.87
CA ALA A 126 -40.91 -40.36 15.81
C ALA A 126 -41.59 -40.46 17.16
N TRP A 127 -41.21 -41.45 17.95
CA TRP A 127 -41.90 -41.73 19.20
C TRP A 127 -41.04 -42.60 20.10
N GLY A 128 -41.28 -42.49 21.40
CA GLY A 128 -40.67 -43.37 22.37
C GLY A 128 -41.28 -44.73 22.21
N ASP A 129 -40.41 -45.75 22.30
CA ASP A 129 -40.80 -47.14 22.21
C ASP A 129 -40.60 -47.81 23.56
N PRO A 130 -41.54 -47.61 24.49
CA PRO A 130 -41.39 -48.08 25.86
C PRO A 130 -41.37 -49.63 26.01
N VAL A 131 -42.03 -50.34 25.11
CA VAL A 131 -42.10 -51.78 25.20
C VAL A 131 -40.76 -52.44 24.90
N THR A 132 -40.04 -51.92 23.91
CA THR A 132 -38.69 -52.40 23.59
C THR A 132 -37.75 -52.17 24.76
N THR A 133 -37.93 -51.01 25.38
CA THR A 133 -37.13 -50.58 26.49
C THR A 133 -37.35 -51.48 27.69
N TRP A 134 -38.62 -51.64 28.05
CA TRP A 134 -38.93 -52.50 29.14
C TRP A 134 -38.37 -53.88 28.89
N ARG A 135 -38.62 -54.42 27.71
CA ARG A 135 -38.16 -55.79 27.38
C ARG A 135 -36.68 -56.01 27.60
N HIS A 136 -35.90 -55.04 27.16
CA HIS A 136 -34.47 -55.10 27.34
C HIS A 136 -34.13 -55.27 28.85
N HIS A 137 -34.71 -54.41 29.68
CA HIS A 137 -34.42 -54.42 31.12
C HIS A 137 -34.94 -55.64 31.81
N ALA A 138 -36.09 -56.11 31.38
CA ALA A 138 -36.69 -57.27 31.96
C ALA A 138 -35.83 -58.48 31.73
N ARG A 139 -35.37 -58.68 30.49
CA ARG A 139 -34.56 -59.86 30.15
C ARG A 139 -33.33 -60.03 31.04
N ILE A 140 -32.80 -58.90 31.51
CA ILE A 140 -31.65 -58.90 32.39
C ILE A 140 -32.05 -59.01 33.86
N LYS A 141 -33.01 -58.20 34.30
CA LYS A 141 -33.37 -58.13 35.72
C LYS A 141 -33.99 -59.43 36.22
N ILE A 142 -34.87 -60.02 35.41
CA ILE A 142 -35.60 -61.23 35.83
C ILE A 142 -34.68 -62.42 36.14
N PRO A 143 -33.69 -62.72 35.28
CA PRO A 143 -32.71 -63.76 35.65
C PRO A 143 -31.89 -63.34 36.87
N ALA A 144 -31.55 -62.06 36.94
CA ALA A 144 -30.80 -61.53 38.08
C ALA A 144 -31.63 -61.38 39.36
N GLY A 145 -32.92 -61.70 39.31
CA GLY A 145 -33.78 -61.66 40.52
C GLY A 145 -33.98 -60.27 41.13
N LEU A 146 -33.71 -59.23 40.34
CA LEU A 146 -33.81 -57.84 40.80
C LEU A 146 -35.23 -57.29 40.61
N ASP A 147 -35.95 -57.06 41.73
CA ASP A 147 -37.30 -56.44 41.73
C ASP A 147 -38.33 -57.13 40.81
N THR A 148 -38.34 -58.45 40.75
CA THR A 148 -39.08 -59.13 39.70
C THR A 148 -40.56 -58.76 39.67
N ASP A 149 -41.17 -58.61 40.84
CA ASP A 149 -42.58 -58.24 40.94
C ASP A 149 -42.89 -56.85 40.39
N LEU A 150 -42.05 -55.86 40.71
CA LEU A 150 -42.22 -54.49 40.25
C LEU A 150 -42.01 -54.41 38.72
N VAL A 151 -40.96 -55.07 38.23
CA VAL A 151 -40.67 -55.12 36.81
C VAL A 151 -41.83 -55.75 36.02
N LEU A 152 -42.38 -56.84 36.52
CA LEU A 152 -43.40 -57.57 35.78
C LEU A 152 -44.71 -56.85 35.81
N GLU A 153 -44.99 -56.14 36.92
CA GLU A 153 -46.18 -55.31 36.99
C GLU A 153 -46.04 -54.14 36.02
N GLU A 154 -44.85 -53.58 35.89
CA GLU A 154 -44.63 -52.45 34.99
C GLU A 154 -44.91 -52.83 33.54
N GLY A 155 -44.57 -54.07 33.21
CA GLY A 155 -44.77 -54.62 31.87
C GLY A 155 -46.24 -54.87 31.61
N ALA A 156 -46.92 -55.36 32.64
CA ALA A 156 -48.32 -55.62 32.52
C ALA A 156 -49.07 -54.31 32.19
N ARG A 157 -48.73 -53.22 32.85
CA ARG A 157 -49.41 -51.94 32.62
C ARG A 157 -49.07 -51.37 31.24
N LEU A 158 -47.86 -51.61 30.73
CA LEU A 158 -47.52 -51.21 29.35
C LEU A 158 -48.36 -51.96 28.37
N TYR A 159 -48.46 -53.26 28.58
CA TYR A 159 -49.17 -54.11 27.63
C TYR A 159 -50.65 -53.81 27.64
N GLU A 160 -51.17 -53.34 28.79
CA GLU A 160 -52.60 -52.99 28.92
C GLU A 160 -52.91 -51.75 28.10
N ARG A 161 -52.04 -50.75 28.19
CA ARG A 161 -52.17 -49.54 27.38
C ARG A 161 -52.10 -49.86 25.89
N ALA A 162 -51.25 -50.82 25.51
CA ALA A 162 -51.18 -51.21 24.10
C ALA A 162 -52.44 -51.91 23.72
N ALA A 163 -52.96 -52.73 24.63
CA ALA A 163 -54.21 -53.45 24.41
C ALA A 163 -55.42 -52.51 24.19
N ALA A 164 -55.42 -51.35 24.86
CA ALA A 164 -56.54 -50.41 24.78
C ALA A 164 -56.65 -49.71 23.41
N ASP A 165 -55.61 -49.82 22.58
CA ASP A 165 -55.61 -49.23 21.23
C ASP A 165 -55.91 -50.23 20.08
N VAL A 166 -55.71 -51.51 20.36
CA VAL A 166 -55.85 -52.58 19.37
C VAL A 166 -57.32 -52.82 18.98
N PRO A 167 -57.68 -52.52 17.70
CA PRO A 167 -59.09 -52.68 17.27
C PRO A 167 -59.53 -54.15 17.16
N GLY A 168 -58.62 -55.03 16.73
CA GLY A 168 -58.94 -56.45 16.64
C GLY A 168 -59.30 -57.03 18.00
N ARG A 169 -60.37 -57.82 18.07
CA ARG A 169 -60.79 -58.45 19.33
C ARG A 169 -59.85 -59.60 19.70
N GLU A 170 -59.48 -60.43 18.73
CA GLU A 170 -58.55 -61.53 18.93
C GLU A 170 -57.18 -61.01 19.39
N ASP A 171 -56.70 -59.97 18.73
CA ASP A 171 -55.43 -59.35 19.06
C ASP A 171 -55.44 -58.72 20.47
N ARG A 172 -56.56 -58.13 20.83
CA ARG A 172 -56.75 -57.59 22.17
C ARG A 172 -56.74 -58.72 23.21
N ARG A 173 -57.51 -59.78 22.95
CA ARG A 173 -57.52 -60.96 23.80
C ARG A 173 -56.10 -61.48 24.04
N GLU A 174 -55.30 -61.49 22.98
CA GLU A 174 -53.95 -62.02 23.05
C GLU A 174 -53.07 -61.21 24.00
N LEU A 175 -53.21 -59.87 23.97
CA LEU A 175 -52.40 -59.00 24.81
C LEU A 175 -52.88 -58.98 26.26
N LEU A 176 -54.19 -59.11 26.48
CA LEU A 176 -54.73 -59.24 27.85
C LEU A 176 -54.34 -60.58 28.48
N ALA A 177 -54.24 -61.62 27.65
CA ALA A 177 -53.84 -62.93 28.17
C ALA A 177 -52.39 -62.84 28.67
N ALA A 178 -51.54 -62.06 27.97
CA ALA A 178 -50.17 -61.87 28.40
C ALA A 178 -50.12 -60.99 29.67
N VAL A 179 -50.99 -59.99 29.75
CA VAL A 179 -51.11 -59.15 30.94
C VAL A 179 -51.39 -60.05 32.15
N ASP A 180 -52.37 -60.95 32.00
CA ASP A 180 -52.76 -61.86 33.07
C ASP A 180 -51.56 -62.71 33.47
N ALA A 181 -50.89 -63.30 32.47
CA ALA A 181 -49.73 -64.14 32.74
C ALA A 181 -48.65 -63.39 33.48
N LEU A 182 -48.34 -62.16 33.03
CA LEU A 182 -47.36 -61.29 33.69
C LEU A 182 -47.68 -60.97 35.14
N ARG A 183 -48.97 -60.92 35.47
CA ARG A 183 -49.40 -60.62 36.81
C ARG A 183 -49.66 -61.83 37.69
N ASP A 184 -49.43 -63.03 37.17
CA ASP A 184 -49.75 -64.20 37.95
C ASP A 184 -48.63 -64.47 38.93
N GLU A 185 -48.79 -63.96 40.15
CA GLU A 185 -47.74 -64.06 41.16
C GLU A 185 -47.51 -65.47 41.69
N SER A 186 -48.34 -66.44 41.27
CA SER A 186 -48.15 -67.84 41.67
C SER A 186 -47.16 -68.59 40.75
N ARG A 187 -46.81 -67.98 39.63
CA ARG A 187 -45.89 -68.61 38.66
C ARG A 187 -44.45 -68.12 38.74
N PRO A 188 -43.50 -68.92 38.23
CA PRO A 188 -42.11 -68.49 38.27
C PRO A 188 -41.89 -67.25 37.43
N ALA A 189 -41.08 -66.33 37.94
CA ALA A 189 -40.68 -65.13 37.25
C ALA A 189 -40.40 -65.30 35.73
N ALA A 190 -39.45 -66.17 35.39
CA ALA A 190 -39.01 -66.34 34.00
C ALA A 190 -40.12 -66.92 33.09
N SER A 191 -41.03 -67.67 33.69
CA SER A 191 -42.22 -68.17 33.00
C SER A 191 -43.19 -67.05 32.73
N ARG A 192 -43.50 -66.25 33.76
CA ARG A 192 -44.36 -65.05 33.60
C ARG A 192 -43.85 -64.15 32.50
N LEU A 193 -42.58 -63.80 32.57
CA LEU A 193 -41.96 -62.99 31.55
C LEU A 193 -42.09 -63.61 30.13
N ALA A 194 -41.71 -64.88 29.98
CA ALA A 194 -41.70 -65.56 28.66
C ALA A 194 -43.07 -65.47 27.94
N ALA A 195 -44.15 -65.39 28.71
CA ALA A 195 -45.50 -65.31 28.19
C ALA A 195 -45.81 -63.98 27.50
N ALA A 196 -45.01 -62.96 27.79
CA ALA A 196 -45.10 -61.67 27.11
C ALA A 196 -44.14 -61.51 25.92
N LEU A 197 -43.38 -62.56 25.62
CA LEU A 197 -42.36 -62.47 24.59
C LEU A 197 -42.57 -63.53 23.49
N THR A 198 -43.76 -64.11 23.45
CA THR A 198 -44.07 -65.10 22.42
C THR A 198 -44.18 -64.46 21.04
N PRO A 199 -43.91 -65.23 19.97
CA PRO A 199 -44.09 -64.72 18.60
C PRO A 199 -45.42 -64.05 18.31
N GLN A 200 -46.52 -64.59 18.85
CA GLN A 200 -47.86 -64.04 18.57
C GLN A 200 -48.13 -62.72 19.32
N VAL A 201 -47.42 -62.50 20.43
CA VAL A 201 -47.43 -61.19 21.10
C VAL A 201 -46.61 -60.18 20.28
N ASP A 202 -45.39 -60.55 19.90
CA ASP A 202 -44.56 -59.77 18.96
C ASP A 202 -45.29 -59.34 17.69
N ALA A 203 -46.06 -60.25 17.11
CA ALA A 203 -46.73 -59.97 15.82
C ALA A 203 -47.77 -58.88 15.97
N VAL A 204 -48.48 -58.90 17.09
CA VAL A 204 -49.49 -57.90 17.38
C VAL A 204 -48.82 -56.55 17.57
N LEU A 205 -47.72 -56.57 18.32
CA LEU A 205 -47.01 -55.35 18.68
C LEU A 205 -46.25 -54.74 17.50
N ALA A 206 -45.81 -55.57 16.57
CA ALA A 206 -45.20 -55.06 15.34
C ALA A 206 -46.22 -54.26 14.52
N ARG A 207 -47.45 -54.79 14.43
CA ARG A 207 -48.51 -54.12 13.67
C ARG A 207 -49.10 -52.91 14.42
N HIS A 208 -49.29 -53.02 15.74
CA HIS A 208 -49.92 -51.94 16.51
C HIS A 208 -49.07 -51.53 17.76
N PRO A 209 -47.91 -50.91 17.53
CA PRO A 209 -47.03 -50.63 18.66
C PRO A 209 -47.55 -49.52 19.61
N LEU A 210 -47.16 -49.61 20.88
CA LEU A 210 -47.40 -48.53 21.82
C LEU A 210 -46.33 -47.46 21.55
N ARG A 211 -46.81 -46.29 21.13
CA ARG A 211 -45.96 -45.19 20.74
C ARG A 211 -46.18 -44.08 21.74
N ASP A 212 -45.12 -43.72 22.47
CA ASP A 212 -45.13 -42.54 23.35
C ASP A 212 -44.68 -41.26 22.65
N LEU A 213 -45.34 -40.15 22.95
CA LEU A 213 -44.83 -38.82 22.68
C LEU A 213 -44.57 -38.58 21.17
N VAL A 214 -45.53 -39.03 20.37
CA VAL A 214 -45.42 -38.98 18.89
C VAL A 214 -45.11 -37.55 18.42
N THR A 215 -44.07 -37.42 17.59
CA THR A 215 -43.58 -36.13 17.11
C THR A 215 -43.39 -36.24 15.63
N SER A 216 -43.81 -35.20 14.90
CA SER A 216 -43.84 -35.20 13.44
C SER A 216 -42.98 -34.12 12.87
N SER A 217 -42.37 -34.39 11.73
CA SER A 217 -41.73 -33.36 10.93
C SER A 217 -42.80 -32.55 10.20
N ASP A 218 -42.42 -31.37 9.68
CA ASP A 218 -43.26 -30.66 8.71
C ASP A 218 -43.30 -31.43 7.39
N PRO A 219 -44.45 -31.42 6.70
CA PRO A 219 -44.54 -32.23 5.46
C PRO A 219 -43.60 -31.78 4.35
N LEU A 220 -43.04 -32.76 3.61
CA LEU A 220 -42.25 -32.46 2.42
C LEU A 220 -42.97 -32.95 1.16
N PRO A 221 -42.77 -32.23 0.07
CA PRO A 221 -43.57 -32.50 -1.11
C PRO A 221 -42.98 -33.53 -2.08
N LEU A 222 -43.86 -34.33 -2.64
CA LEU A 222 -43.51 -35.30 -3.65
C LEU A 222 -44.39 -35.15 -4.90
N LEU A 223 -43.78 -34.96 -6.06
CA LEU A 223 -44.52 -34.84 -7.34
C LEU A 223 -44.42 -36.18 -8.01
N VAL A 224 -45.54 -36.88 -8.14
CA VAL A 224 -45.52 -38.20 -8.75
C VAL A 224 -46.03 -38.06 -10.15
N GLU A 225 -45.25 -38.55 -11.11
CA GLU A 225 -45.56 -38.43 -12.54
C GLU A 225 -45.70 -39.80 -13.20
N ARG A 226 -46.06 -39.82 -14.49
CA ARG A 226 -46.32 -41.06 -15.20
C ARG A 226 -45.05 -41.89 -15.51
N GLU A 227 -45.29 -43.17 -15.73
CA GLU A 227 -44.26 -44.19 -15.89
C GLU A 227 -43.21 -43.73 -16.88
N ARG A 228 -43.65 -43.23 -18.03
CA ARG A 228 -42.75 -42.85 -19.10
C ARG A 228 -41.71 -41.80 -18.71
N ALA A 229 -41.99 -41.03 -17.68
CA ALA A 229 -41.04 -40.02 -17.24
C ALA A 229 -39.73 -40.70 -16.80
N LEU A 230 -39.85 -41.93 -16.26
CA LEU A 230 -38.71 -42.69 -15.78
C LEU A 230 -38.26 -43.75 -16.75
N TYR A 231 -39.23 -44.44 -17.34
CA TYR A 231 -38.96 -45.64 -18.11
C TYR A 231 -39.49 -45.54 -19.55
N GLY A 232 -38.61 -45.86 -20.50
CA GLY A 232 -38.95 -45.82 -21.91
C GLY A 232 -37.70 -45.95 -22.74
N ALA A 233 -37.88 -46.47 -23.96
CA ALA A 233 -36.78 -46.60 -24.91
C ALA A 233 -37.00 -45.65 -26.07
N TRP A 234 -35.95 -44.90 -26.42
CA TRP A 234 -36.04 -43.80 -27.38
C TRP A 234 -35.26 -44.04 -28.65
N TYR A 235 -35.88 -43.67 -29.77
CA TYR A 235 -35.25 -43.75 -31.06
C TYR A 235 -35.35 -42.40 -31.78
N GLU A 236 -34.22 -41.86 -32.18
CA GLU A 236 -34.18 -40.64 -32.92
C GLU A 236 -33.90 -40.90 -34.40
N PHE A 237 -34.70 -40.30 -35.27
CA PHE A 237 -34.39 -40.25 -36.70
C PHE A 237 -34.96 -39.05 -37.40
N PHE A 238 -34.37 -38.73 -38.56
CA PHE A 238 -34.78 -37.60 -39.37
C PHE A 238 -35.72 -38.03 -40.46
N PRO A 239 -37.01 -37.67 -40.33
CA PRO A 239 -37.93 -38.05 -41.41
C PRO A 239 -37.45 -37.73 -42.82
N ARG A 240 -36.73 -36.64 -43.00
CA ARG A 240 -36.38 -36.21 -44.35
C ARG A 240 -35.45 -37.21 -45.05
N SER A 241 -34.76 -38.03 -44.29
CA SER A 241 -33.81 -38.97 -44.87
C SER A 241 -34.51 -40.23 -45.40
N GLU A 242 -35.77 -40.45 -45.02
CA GLU A 242 -36.51 -41.59 -45.47
C GLU A 242 -37.46 -41.20 -46.60
N GLY A 243 -36.87 -40.98 -47.76
CA GLY A 243 -37.61 -40.66 -48.96
C GLY A 243 -37.51 -41.78 -49.98
N THR A 244 -37.55 -41.42 -51.27
CA THR A 244 -37.58 -42.39 -52.39
C THR A 244 -36.57 -41.96 -53.45
N PRO A 245 -36.32 -42.83 -54.45
CA PRO A 245 -35.49 -42.41 -55.59
C PRO A 245 -36.06 -41.22 -56.37
N HIS A 246 -37.38 -41.20 -56.55
CA HIS A 246 -38.02 -40.08 -57.24
C HIS A 246 -38.05 -38.80 -56.39
N THR A 247 -38.37 -38.94 -55.09
CA THR A 247 -38.44 -37.80 -54.15
C THR A 247 -37.52 -38.09 -52.93
N PRO A 248 -36.23 -37.72 -53.05
CA PRO A 248 -35.27 -38.03 -52.01
C PRO A 248 -35.65 -37.46 -50.66
N HIS A 249 -36.21 -36.25 -50.64
CA HIS A 249 -36.60 -35.60 -49.39
C HIS A 249 -37.87 -36.21 -48.88
N GLY A 250 -37.72 -36.95 -47.80
CA GLY A 250 -38.79 -37.75 -47.29
C GLY A 250 -39.85 -36.86 -46.76
N THR A 251 -41.05 -37.41 -46.67
CA THR A 251 -42.19 -36.71 -46.13
C THR A 251 -42.65 -37.45 -44.89
N PHE A 252 -43.66 -36.91 -44.20
CA PHE A 252 -44.26 -37.62 -43.06
C PHE A 252 -44.96 -38.91 -43.54
N ARG A 253 -45.46 -38.87 -44.76
CA ARG A 253 -46.12 -40.05 -45.33
C ARG A 253 -45.12 -41.15 -45.66
N THR A 254 -44.00 -40.78 -46.25
CA THR A 254 -42.94 -41.77 -46.48
C THR A 254 -42.19 -42.12 -45.19
N ALA A 255 -41.89 -41.13 -44.33
CA ALA A 255 -41.16 -41.44 -43.08
C ALA A 255 -41.96 -42.39 -42.18
N ALA A 256 -43.31 -42.35 -42.24
CA ALA A 256 -44.16 -43.31 -41.51
C ALA A 256 -43.82 -44.78 -41.75
N ARG A 257 -43.29 -45.11 -42.93
CA ARG A 257 -42.94 -46.49 -43.23
C ARG A 257 -41.80 -47.03 -42.35
N ARG A 258 -41.06 -46.14 -41.65
CA ARG A 258 -39.96 -46.58 -40.82
C ARG A 258 -40.45 -47.00 -39.46
N LEU A 259 -41.62 -46.49 -39.10
CA LEU A 259 -42.20 -46.71 -37.78
C LEU A 259 -42.37 -48.17 -37.37
N PRO A 260 -42.82 -49.03 -38.31
CA PRO A 260 -43.05 -50.41 -37.89
C PRO A 260 -41.76 -51.07 -37.47
N ALA A 261 -40.68 -50.80 -38.20
CA ALA A 261 -39.39 -51.32 -37.85
C ALA A 261 -38.92 -50.78 -36.47
N ILE A 262 -39.24 -49.52 -36.18
CA ILE A 262 -38.83 -48.92 -34.91
C ILE A 262 -39.60 -49.57 -33.74
N ALA A 263 -40.92 -49.78 -33.90
CA ALA A 263 -41.74 -50.49 -32.89
C ALA A 263 -41.32 -51.94 -32.73
N ALA A 264 -40.88 -52.56 -33.83
CA ALA A 264 -40.37 -53.94 -33.82
C ALA A 264 -39.04 -54.13 -33.11
N MET A 265 -38.26 -53.06 -33.00
CA MET A 265 -37.05 -53.04 -32.22
C MET A 265 -37.35 -52.80 -30.73
N GLY A 266 -38.62 -52.64 -30.40
CA GLY A 266 -39.04 -52.44 -29.03
C GLY A 266 -38.94 -51.03 -28.45
N PHE A 267 -39.07 -49.99 -29.28
CA PHE A 267 -38.99 -48.63 -28.75
C PHE A 267 -40.35 -48.10 -28.41
N ASP A 268 -40.37 -47.11 -27.51
CA ASP A 268 -41.63 -46.52 -27.05
C ASP A 268 -41.80 -45.09 -27.47
N VAL A 269 -40.68 -44.44 -27.77
CA VAL A 269 -40.66 -43.04 -28.12
C VAL A 269 -39.82 -42.78 -29.33
N VAL A 270 -40.36 -42.00 -30.25
CA VAL A 270 -39.64 -41.52 -31.42
C VAL A 270 -39.40 -40.07 -31.23
N TYR A 271 -38.13 -39.67 -31.19
CA TYR A 271 -37.74 -38.28 -31.09
C TYR A 271 -37.36 -37.76 -32.48
N LEU A 272 -38.06 -36.70 -32.89
CA LEU A 272 -37.82 -36.06 -34.19
C LEU A 272 -37.02 -34.78 -33.99
N PRO A 273 -35.97 -34.59 -34.80
CA PRO A 273 -35.44 -33.23 -34.91
C PRO A 273 -36.51 -32.22 -35.42
N PRO A 274 -36.21 -30.91 -35.33
CA PRO A 274 -37.14 -29.89 -35.74
C PRO A 274 -37.80 -30.17 -37.10
N ILE A 275 -39.14 -30.06 -37.13
CA ILE A 275 -39.99 -30.36 -38.29
C ILE A 275 -40.54 -29.10 -39.00
N HIS A 276 -39.93 -27.94 -38.73
CA HIS A 276 -40.46 -26.68 -39.21
C HIS A 276 -39.72 -26.24 -40.45
N PRO A 277 -40.12 -25.12 -41.06
CA PRO A 277 -39.31 -24.68 -42.19
C PRO A 277 -37.93 -24.27 -41.71
N ILE A 278 -36.98 -24.25 -42.64
CA ILE A 278 -35.57 -24.03 -42.38
C ILE A 278 -35.16 -22.79 -43.15
N GLY A 279 -34.40 -21.90 -42.53
CA GLY A 279 -34.01 -20.69 -43.21
C GLY A 279 -33.03 -20.86 -44.36
N THR A 280 -32.88 -19.79 -45.15
CA THR A 280 -31.96 -19.74 -46.29
C THR A 280 -30.70 -18.87 -46.05
N THR A 281 -30.85 -17.74 -45.33
CA THR A 281 -29.74 -16.86 -44.98
C THR A 281 -28.77 -17.60 -44.03
N HIS A 282 -27.51 -17.70 -44.46
CA HIS A 282 -26.41 -18.33 -43.69
C HIS A 282 -26.58 -19.84 -43.50
N ARG A 283 -27.34 -20.44 -44.41
CA ARG A 283 -27.64 -21.84 -44.32
C ARG A 283 -26.34 -22.60 -44.44
N LYS A 284 -26.22 -23.65 -43.63
CA LYS A 284 -25.02 -24.46 -43.65
C LYS A 284 -25.12 -25.55 -44.74
N GLY A 285 -23.98 -25.81 -45.38
CA GLY A 285 -23.87 -26.91 -46.31
C GLY A 285 -23.41 -28.18 -45.65
N ARG A 286 -23.07 -29.14 -46.48
CA ARG A 286 -22.70 -30.48 -46.02
C ARG A 286 -21.52 -30.39 -45.07
N ASN A 287 -21.43 -31.30 -44.12
CA ASN A 287 -20.29 -31.31 -43.21
C ASN A 287 -19.99 -30.00 -42.50
N ASN A 288 -21.04 -29.31 -42.12
CA ASN A 288 -20.91 -28.05 -41.37
C ASN A 288 -20.12 -26.99 -42.13
N THR A 289 -20.23 -26.96 -43.47
CA THR A 289 -19.56 -25.93 -44.25
C THR A 289 -20.45 -24.71 -44.18
N LEU A 290 -19.81 -23.57 -44.35
CA LEU A 290 -20.42 -22.27 -44.06
C LEU A 290 -21.48 -21.86 -45.11
N SER A 291 -21.17 -22.06 -46.38
CA SER A 291 -22.05 -21.70 -47.49
C SER A 291 -22.70 -22.92 -48.13
N ALA A 292 -24.04 -23.00 -48.03
CA ALA A 292 -24.83 -24.00 -48.73
C ALA A 292 -24.78 -23.79 -50.26
N THR A 293 -24.88 -24.88 -51.00
CA THR A 293 -25.05 -24.78 -52.46
C THR A 293 -26.51 -25.03 -52.77
N GLY A 294 -26.86 -24.87 -54.04
CA GLY A 294 -28.26 -24.76 -54.47
C GLY A 294 -29.27 -25.75 -53.90
N ASP A 295 -28.88 -27.01 -53.74
CA ASP A 295 -29.84 -28.03 -53.31
C ASP A 295 -29.67 -28.46 -51.84
N ASP A 296 -28.63 -27.98 -51.17
CA ASP A 296 -28.37 -28.34 -49.78
C ASP A 296 -29.59 -28.10 -48.93
N VAL A 297 -29.91 -29.04 -48.05
CA VAL A 297 -31.18 -28.95 -47.28
C VAL A 297 -31.06 -28.13 -45.98
N GLY A 298 -29.83 -27.88 -45.52
CA GLY A 298 -29.63 -27.10 -44.30
C GLY A 298 -29.92 -27.91 -43.04
N VAL A 299 -29.85 -27.25 -41.90
CA VAL A 299 -29.93 -27.86 -40.56
C VAL A 299 -31.32 -27.59 -39.99
N PRO A 300 -32.06 -28.64 -39.58
CA PRO A 300 -33.43 -28.46 -39.06
C PRO A 300 -33.54 -27.50 -37.86
N TRP A 301 -32.45 -27.35 -37.11
CA TRP A 301 -32.42 -26.46 -35.94
C TRP A 301 -32.35 -24.98 -36.34
N ALA A 302 -32.08 -24.72 -37.62
CA ALA A 302 -32.15 -23.33 -38.17
C ALA A 302 -33.59 -23.03 -38.56
N ILE A 303 -34.42 -22.86 -37.52
CA ILE A 303 -35.86 -22.83 -37.67
C ILE A 303 -36.37 -21.49 -38.23
N GLY A 304 -37.22 -21.60 -39.26
CA GLY A 304 -38.11 -20.49 -39.65
C GLY A 304 -37.75 -19.82 -40.96
N SER A 305 -38.80 -19.55 -41.74
CA SER A 305 -38.65 -18.82 -43.00
C SER A 305 -39.96 -18.12 -43.27
N PRO A 306 -40.08 -17.41 -44.41
CA PRO A 306 -41.39 -16.85 -44.74
C PRO A 306 -42.53 -17.86 -44.77
N GLU A 307 -42.20 -19.14 -44.87
CA GLU A 307 -43.21 -20.20 -44.91
C GLU A 307 -43.81 -20.52 -43.54
N GLY A 308 -43.08 -20.19 -42.48
CA GLY A 308 -43.56 -20.46 -41.13
C GLY A 308 -42.44 -20.54 -40.11
N GLY A 309 -42.83 -20.60 -38.83
CA GLY A 309 -41.87 -20.79 -37.74
C GLY A 309 -42.13 -22.09 -37.00
N HIS A 310 -42.06 -22.00 -35.67
CA HIS A 310 -42.23 -23.12 -34.79
C HIS A 310 -43.65 -23.71 -34.72
N ASP A 311 -44.67 -23.00 -35.19
CA ASP A 311 -46.02 -23.62 -35.25
C ASP A 311 -46.34 -24.21 -36.64
N SER A 312 -45.33 -24.25 -37.53
CA SER A 312 -45.52 -24.72 -38.93
C SER A 312 -44.71 -25.96 -39.27
N ILE A 313 -45.10 -26.58 -40.38
CA ILE A 313 -44.45 -27.79 -40.90
C ILE A 313 -43.66 -27.41 -42.13
N HIS A 314 -42.44 -27.90 -42.21
CA HIS A 314 -41.62 -27.75 -43.39
C HIS A 314 -42.39 -28.24 -44.61
N PRO A 315 -42.59 -27.40 -45.64
CA PRO A 315 -43.44 -27.83 -46.76
C PRO A 315 -42.98 -29.13 -47.45
N ALA A 316 -41.69 -29.42 -47.42
CA ALA A 316 -41.14 -30.64 -48.00
C ALA A 316 -41.47 -31.90 -47.17
N LEU A 317 -41.92 -31.72 -45.93
CA LEU A 317 -42.39 -32.82 -45.10
C LEU A 317 -43.90 -32.98 -45.26
N GLY A 318 -44.55 -31.97 -45.86
CA GLY A 318 -45.98 -32.05 -46.11
C GLY A 318 -46.71 -31.06 -45.25
N THR A 319 -47.91 -31.45 -44.81
CA THR A 319 -48.83 -30.57 -44.08
C THR A 319 -49.11 -31.08 -42.68
N LEU A 320 -49.80 -30.26 -41.91
CA LEU A 320 -50.28 -30.64 -40.58
C LEU A 320 -51.10 -31.91 -40.60
N ASP A 321 -51.88 -32.10 -41.66
CA ASP A 321 -52.70 -33.30 -41.78
C ASP A 321 -51.84 -34.55 -41.99
N ASP A 322 -50.74 -34.40 -42.70
CA ASP A 322 -49.79 -35.50 -42.90
C ASP A 322 -49.15 -35.83 -41.55
N PHE A 323 -48.84 -34.80 -40.78
CA PHE A 323 -48.26 -34.99 -39.46
C PHE A 323 -49.24 -35.75 -38.56
N ASP A 324 -50.49 -35.30 -38.50
CA ASP A 324 -51.51 -36.04 -37.77
C ASP A 324 -51.52 -37.54 -38.17
N HIS A 325 -51.33 -37.83 -39.46
CA HIS A 325 -51.31 -39.22 -39.95
C HIS A 325 -50.10 -39.94 -39.36
N PHE A 326 -48.95 -39.29 -39.39
CA PHE A 326 -47.75 -39.83 -38.80
C PHE A 326 -47.95 -40.19 -37.31
N VAL A 327 -48.55 -39.27 -36.56
CA VAL A 327 -48.74 -39.42 -35.13
C VAL A 327 -49.77 -40.53 -34.80
N THR A 328 -50.81 -40.63 -35.63
CA THR A 328 -51.83 -41.64 -35.47
C THR A 328 -51.20 -42.99 -35.70
N GLU A 329 -50.40 -43.11 -36.75
CA GLU A 329 -49.78 -44.39 -37.07
C GLU A 329 -48.73 -44.77 -36.04
N ALA A 330 -48.04 -43.78 -35.49
CA ALA A 330 -47.10 -44.03 -34.39
C ALA A 330 -47.86 -44.64 -33.21
N GLY A 331 -48.97 -44.01 -32.85
CA GLY A 331 -49.77 -44.46 -31.71
C GLY A 331 -50.26 -45.88 -31.81
N LYS A 332 -50.73 -46.26 -32.99
CA LYS A 332 -51.18 -47.62 -33.21
C LYS A 332 -50.04 -48.65 -33.02
N LEU A 333 -48.79 -48.21 -33.19
CA LEU A 333 -47.64 -49.09 -32.97
C LEU A 333 -47.09 -48.99 -31.53
N GLY A 334 -47.82 -48.29 -30.65
CA GLY A 334 -47.35 -48.04 -29.27
C GLY A 334 -46.20 -47.07 -29.22
N LEU A 335 -46.15 -46.14 -30.17
CA LEU A 335 -45.11 -45.11 -30.17
C LEU A 335 -45.68 -43.73 -29.90
N GLU A 336 -45.12 -43.05 -28.90
CA GLU A 336 -45.39 -41.64 -28.63
C GLU A 336 -44.33 -40.88 -29.40
N ILE A 337 -44.69 -39.67 -29.84
CA ILE A 337 -43.78 -38.79 -30.49
C ILE A 337 -43.22 -37.76 -29.50
N ALA A 338 -41.92 -37.52 -29.57
CA ALA A 338 -41.30 -36.43 -28.82
C ALA A 338 -40.85 -35.43 -29.84
N LEU A 339 -41.35 -34.21 -29.78
CA LEU A 339 -40.86 -33.19 -30.69
C LEU A 339 -39.71 -32.38 -30.09
N ASP A 340 -38.77 -31.99 -30.95
CA ASP A 340 -37.71 -31.09 -30.57
C ASP A 340 -38.28 -29.67 -30.41
N PHE A 341 -37.89 -28.99 -29.33
CA PHE A 341 -38.28 -27.59 -29.12
C PHE A 341 -37.01 -26.77 -28.93
N ALA A 342 -36.67 -26.00 -29.96
CA ALA A 342 -35.48 -25.20 -29.99
C ALA A 342 -35.92 -23.75 -30.07
N LEU A 343 -35.79 -23.05 -28.92
CA LEU A 343 -36.12 -21.64 -28.80
C LEU A 343 -34.96 -20.80 -29.31
N GLN A 344 -34.97 -20.65 -30.64
CA GLN A 344 -33.97 -19.90 -31.42
C GLN A 344 -34.58 -19.73 -32.82
N CYS A 345 -33.96 -18.89 -33.67
CA CYS A 345 -34.50 -18.57 -35.01
C CYS A 345 -33.44 -18.53 -36.09
N SER A 346 -33.81 -18.91 -37.30
CA SER A 346 -32.98 -18.54 -38.44
C SER A 346 -33.17 -17.04 -38.60
N PRO A 347 -32.24 -16.37 -39.33
CA PRO A 347 -32.44 -14.94 -39.69
C PRO A 347 -33.71 -14.65 -40.51
N ASP A 348 -34.36 -15.68 -41.06
CA ASP A 348 -35.56 -15.48 -41.88
C ASP A 348 -36.84 -15.80 -41.12
N HIS A 349 -36.72 -16.15 -39.84
CA HIS A 349 -37.91 -16.44 -39.04
C HIS A 349 -38.72 -15.15 -38.98
N PRO A 350 -40.06 -15.26 -39.02
CA PRO A 350 -40.93 -14.10 -38.90
C PRO A 350 -40.68 -13.30 -37.62
N TRP A 351 -40.32 -13.96 -36.53
CA TRP A 351 -40.05 -13.26 -35.27
C TRP A 351 -39.03 -12.15 -35.40
N VAL A 352 -38.05 -12.31 -36.29
CA VAL A 352 -37.00 -11.31 -36.42
C VAL A 352 -37.57 -9.90 -36.75
N HIS A 353 -38.59 -9.86 -37.59
CA HIS A 353 -39.23 -8.55 -37.86
C HIS A 353 -40.46 -8.32 -37.01
N LYS A 354 -41.19 -9.38 -36.67
CA LYS A 354 -42.39 -9.21 -35.85
C LYS A 354 -42.12 -8.90 -34.37
N HIS A 355 -41.03 -9.45 -33.83
CA HIS A 355 -40.67 -9.16 -32.43
C HIS A 355 -39.18 -8.93 -32.34
N PRO A 356 -38.72 -7.77 -32.82
CA PRO A 356 -37.29 -7.51 -32.76
C PRO A 356 -36.77 -7.46 -31.34
N GLU A 357 -37.60 -7.07 -30.38
CA GLU A 357 -37.13 -6.99 -28.98
C GLU A 357 -36.92 -8.39 -28.34
N TRP A 358 -37.18 -9.45 -29.09
CA TRP A 358 -36.79 -10.81 -28.67
C TRP A 358 -35.35 -11.15 -29.09
N PHE A 359 -34.58 -10.15 -29.50
CA PHE A 359 -33.21 -10.36 -29.87
C PHE A 359 -32.43 -9.21 -29.36
N HIS A 360 -31.17 -9.44 -29.08
CA HIS A 360 -30.26 -8.41 -28.68
C HIS A 360 -29.62 -7.92 -29.95
N HIS A 361 -29.71 -6.61 -30.17
CA HIS A 361 -29.09 -5.98 -31.34
C HIS A 361 -27.86 -5.21 -30.96
N ARG A 362 -26.83 -5.34 -31.78
CA ARG A 362 -25.63 -4.58 -31.58
C ARG A 362 -25.91 -3.13 -32.02
N PRO A 363 -24.97 -2.21 -31.74
CA PRO A 363 -25.23 -0.83 -32.10
C PRO A 363 -25.56 -0.53 -33.58
N ASP A 364 -25.07 -1.34 -34.52
CA ASP A 364 -25.38 -1.15 -35.93
C ASP A 364 -26.65 -1.88 -36.29
N GLY A 365 -27.35 -2.46 -35.32
CA GLY A 365 -28.65 -3.08 -35.56
C GLY A 365 -28.63 -4.56 -35.78
N THR A 366 -27.44 -5.13 -36.05
CA THR A 366 -27.28 -6.55 -36.33
C THR A 366 -27.44 -7.40 -35.07
N ILE A 367 -27.69 -8.68 -35.30
CA ILE A 367 -27.83 -9.69 -34.25
C ILE A 367 -26.72 -10.70 -34.42
N ALA A 368 -25.90 -10.86 -33.40
CA ALA A 368 -24.82 -11.82 -33.44
C ALA A 368 -25.43 -13.22 -33.48
N HIS A 369 -24.86 -14.07 -34.33
CA HIS A 369 -25.31 -15.46 -34.40
C HIS A 369 -24.94 -16.19 -33.11
N ALA A 370 -25.69 -17.24 -32.82
CA ALA A 370 -25.52 -18.04 -31.61
C ALA A 370 -24.23 -18.81 -31.60
N GLU A 371 -23.74 -19.11 -30.39
CA GLU A 371 -22.46 -19.81 -30.16
C GLU A 371 -22.51 -20.72 -28.92
N ASN A 372 -21.59 -21.70 -28.88
CA ASN A 372 -21.32 -22.58 -27.70
C ASN A 372 -19.82 -22.92 -27.76
N PRO A 373 -18.96 -21.94 -27.48
CA PRO A 373 -17.58 -22.01 -27.94
C PRO A 373 -16.86 -23.32 -27.56
N PRO A 374 -15.97 -23.84 -28.45
CA PRO A 374 -15.59 -23.27 -29.76
C PRO A 374 -16.55 -23.57 -30.91
N LYS A 375 -17.78 -24.01 -30.60
CA LYS A 375 -18.81 -24.25 -31.64
C LYS A 375 -19.58 -22.95 -31.99
N LYS A 376 -19.71 -22.66 -33.29
CA LYS A 376 -20.43 -21.49 -33.77
C LYS A 376 -21.65 -21.93 -34.56
N TYR A 377 -22.75 -21.21 -34.39
CA TYR A 377 -23.97 -21.52 -35.12
C TYR A 377 -24.36 -20.32 -35.98
N GLN A 378 -23.63 -20.15 -37.07
CA GLN A 378 -23.79 -19.00 -37.94
C GLN A 378 -25.18 -18.91 -38.54
N ASP A 379 -25.87 -20.05 -38.58
CA ASP A 379 -27.19 -20.15 -39.20
C ASP A 379 -28.38 -19.77 -38.32
N ILE A 380 -28.14 -19.35 -37.08
CA ILE A 380 -29.23 -19.00 -36.21
C ILE A 380 -28.89 -17.83 -35.30
N TYR A 381 -29.96 -17.19 -34.81
CA TYR A 381 -29.91 -16.13 -33.79
C TYR A 381 -30.42 -16.66 -32.47
N PRO A 382 -29.76 -16.31 -31.35
CA PRO A 382 -30.29 -16.62 -30.03
C PRO A 382 -31.35 -15.63 -29.58
N ILE A 383 -32.26 -16.07 -28.71
CA ILE A 383 -33.31 -15.22 -28.15
C ILE A 383 -32.75 -14.34 -27.00
N ALA A 384 -33.32 -13.13 -26.85
CA ALA A 384 -33.02 -12.24 -25.70
C ALA A 384 -34.31 -12.23 -24.92
N PHE A 385 -34.21 -12.30 -23.59
CA PHE A 385 -35.39 -12.58 -22.76
C PHE A 385 -35.81 -11.45 -21.87
N ASP A 386 -34.99 -10.42 -21.78
CA ASP A 386 -35.17 -9.42 -20.77
C ASP A 386 -35.92 -8.17 -21.18
N ALA A 387 -36.30 -8.07 -22.45
CA ALA A 387 -37.11 -6.91 -22.86
C ALA A 387 -38.57 -7.27 -22.83
N ASP A 388 -38.93 -8.52 -23.17
CA ASP A 388 -40.35 -8.92 -23.23
C ASP A 388 -40.58 -10.35 -22.70
N PRO A 389 -40.26 -10.58 -21.43
CA PRO A 389 -40.31 -11.94 -20.89
C PRO A 389 -41.72 -12.51 -20.89
N ASP A 390 -42.72 -11.64 -20.68
CA ASP A 390 -44.11 -12.09 -20.71
C ASP A 390 -44.58 -12.55 -22.11
N GLY A 391 -44.20 -11.77 -23.13
CA GLY A 391 -44.55 -12.12 -24.50
C GLY A 391 -43.88 -13.42 -24.91
N LEU A 392 -42.62 -13.61 -24.54
CA LEU A 392 -41.94 -14.86 -24.85
C LEU A 392 -42.59 -16.09 -24.17
N ALA A 393 -43.04 -15.92 -22.92
CA ALA A 393 -43.66 -17.01 -22.16
C ALA A 393 -44.99 -17.41 -22.82
N THR A 394 -45.84 -16.42 -23.06
CA THR A 394 -47.15 -16.60 -23.70
C THR A 394 -47.03 -17.35 -25.03
N GLU A 395 -46.07 -16.95 -25.86
CA GLU A 395 -45.91 -17.52 -27.18
C GLU A 395 -45.34 -18.94 -27.10
N THR A 396 -44.34 -19.11 -26.26
CA THR A 396 -43.75 -20.44 -26.03
C THR A 396 -44.81 -21.43 -25.64
N VAL A 397 -45.66 -21.09 -24.68
CA VAL A 397 -46.66 -22.09 -24.24
C VAL A 397 -47.79 -22.26 -25.24
N ARG A 398 -48.09 -21.24 -26.06
CA ARG A 398 -49.07 -21.39 -27.16
C ARG A 398 -48.53 -22.39 -28.18
N ILE A 399 -47.26 -22.24 -28.51
CA ILE A 399 -46.62 -23.17 -29.40
C ILE A 399 -46.72 -24.59 -28.85
N LEU A 400 -46.39 -24.77 -27.56
CA LEU A 400 -46.37 -26.12 -27.01
C LEU A 400 -47.77 -26.69 -27.00
N ARG A 401 -48.74 -25.89 -26.59
CA ARG A 401 -50.14 -26.31 -26.63
C ARG A 401 -50.66 -26.69 -28.02
N HIS A 402 -50.23 -25.98 -29.05
CA HIS A 402 -50.56 -26.32 -30.42
C HIS A 402 -50.14 -27.74 -30.70
N TRP A 403 -48.89 -28.07 -30.40
CA TRP A 403 -48.39 -29.39 -30.71
C TRP A 403 -49.04 -30.43 -29.81
N MET A 404 -49.33 -30.03 -28.59
CA MET A 404 -50.10 -30.87 -27.66
C MET A 404 -51.48 -31.22 -28.18
N ASP A 405 -52.15 -30.27 -28.82
CA ASP A 405 -53.47 -30.52 -29.37
C ASP A 405 -53.41 -31.50 -30.51
N HIS A 406 -52.21 -31.69 -31.07
CA HIS A 406 -52.01 -32.69 -32.10
C HIS A 406 -51.34 -33.99 -31.62
N GLY A 407 -51.34 -34.21 -30.31
CA GLY A 407 -50.91 -35.50 -29.72
C GLY A 407 -49.44 -35.61 -29.34
N VAL A 408 -48.72 -34.50 -29.34
CA VAL A 408 -47.36 -34.52 -28.86
C VAL A 408 -47.38 -34.18 -27.38
N ARG A 409 -47.04 -35.15 -26.54
CA ARG A 409 -47.10 -35.02 -25.10
C ARG A 409 -45.72 -35.07 -24.50
N ILE A 410 -44.69 -35.00 -25.34
CA ILE A 410 -43.30 -35.09 -24.88
C ILE A 410 -42.42 -34.15 -25.74
N PHE A 411 -41.66 -33.29 -25.07
CA PHE A 411 -40.85 -32.31 -25.79
C PHE A 411 -39.40 -32.48 -25.39
N ARG A 412 -38.55 -32.63 -26.40
CA ARG A 412 -37.11 -32.65 -26.20
C ARG A 412 -36.64 -31.22 -26.39
N VAL A 413 -36.19 -30.60 -25.31
CA VAL A 413 -35.82 -29.22 -25.32
C VAL A 413 -34.35 -29.03 -25.61
N ASP A 414 -34.10 -28.28 -26.68
CA ASP A 414 -32.78 -28.08 -27.18
C ASP A 414 -32.05 -27.07 -26.29
N ASN A 415 -30.81 -27.40 -25.94
CA ASN A 415 -29.91 -26.51 -25.20
C ASN A 415 -30.58 -25.59 -24.18
N PRO A 416 -31.38 -26.16 -23.27
CA PRO A 416 -32.16 -25.32 -22.35
C PRO A 416 -31.33 -24.38 -21.49
N HIS A 417 -30.09 -24.80 -21.21
CA HIS A 417 -29.13 -23.99 -20.45
C HIS A 417 -28.67 -22.69 -21.10
N THR A 418 -29.11 -22.40 -22.33
CA THR A 418 -28.78 -21.08 -22.96
C THR A 418 -29.97 -20.10 -22.88
N LYS A 419 -31.06 -20.55 -22.25
CA LYS A 419 -32.20 -19.69 -21.93
C LYS A 419 -32.29 -19.64 -20.39
N PRO A 420 -32.98 -18.65 -19.82
CA PRO A 420 -32.99 -18.53 -18.36
C PRO A 420 -33.66 -19.70 -17.63
N VAL A 421 -33.09 -20.09 -16.52
CA VAL A 421 -33.64 -21.15 -15.70
C VAL A 421 -35.09 -20.84 -15.31
N ALA A 422 -35.35 -19.59 -14.86
CA ALA A 422 -36.69 -19.18 -14.41
C ALA A 422 -37.69 -19.12 -15.52
N PHE A 423 -37.20 -18.97 -16.75
CA PHE A 423 -38.08 -19.07 -17.91
C PHE A 423 -38.61 -20.50 -18.04
N TRP A 424 -37.71 -21.48 -18.00
CA TRP A 424 -38.13 -22.88 -18.04
C TRP A 424 -39.03 -23.19 -16.85
N GLU A 425 -38.70 -22.70 -15.65
CA GLU A 425 -39.54 -23.00 -14.47
C GLU A 425 -40.99 -22.54 -14.67
N ARG A 426 -41.16 -21.33 -15.20
CA ARG A 426 -42.49 -20.77 -15.40
C ARG A 426 -43.22 -21.49 -16.52
N VAL A 427 -42.52 -21.75 -17.61
CA VAL A 427 -43.13 -22.44 -18.73
C VAL A 427 -43.64 -23.85 -18.37
N ILE A 428 -42.80 -24.62 -17.71
CA ILE A 428 -43.14 -25.99 -17.38
C ILE A 428 -44.30 -26.00 -16.41
N ALA A 429 -44.28 -25.03 -15.48
CA ALA A 429 -45.34 -24.94 -14.50
C ALA A 429 -46.62 -24.59 -15.17
N ASP A 430 -46.56 -23.69 -16.13
CA ASP A 430 -47.78 -23.31 -16.84
C ASP A 430 -48.36 -24.51 -17.60
N ILE A 431 -47.52 -25.21 -18.35
CA ILE A 431 -47.96 -26.39 -19.14
C ILE A 431 -48.41 -27.56 -18.30
N ASN A 432 -47.60 -27.95 -17.30
CA ASN A 432 -48.03 -29.02 -16.40
C ASN A 432 -49.22 -28.62 -15.49
N GLY A 433 -49.44 -27.33 -15.28
CA GLY A 433 -50.63 -26.88 -14.55
C GLY A 433 -51.93 -27.39 -15.15
N THR A 434 -52.07 -27.31 -16.46
CA THR A 434 -53.25 -27.82 -17.16
C THR A 434 -53.04 -29.26 -17.67
N ASP A 435 -51.78 -29.63 -17.93
CA ASP A 435 -51.47 -30.90 -18.56
C ASP A 435 -50.32 -31.63 -17.89
N PRO A 436 -50.60 -32.24 -16.72
CA PRO A 436 -49.47 -32.81 -15.94
C PRO A 436 -48.72 -33.98 -16.62
N ASP A 437 -49.34 -34.62 -17.61
CA ASP A 437 -48.75 -35.76 -18.28
C ASP A 437 -47.59 -35.37 -19.22
N VAL A 438 -47.49 -34.10 -19.62
CA VAL A 438 -46.46 -33.69 -20.54
C VAL A 438 -45.08 -33.78 -19.94
N ILE A 439 -44.15 -34.33 -20.74
CA ILE A 439 -42.80 -34.67 -20.28
C ILE A 439 -41.81 -33.82 -21.05
N PHE A 440 -40.84 -33.25 -20.32
CA PHE A 440 -39.80 -32.41 -20.91
C PHE A 440 -38.46 -33.04 -20.62
N LEU A 441 -37.66 -33.19 -21.66
CA LEU A 441 -36.30 -33.71 -21.59
C LEU A 441 -35.34 -32.58 -21.86
N ALA A 442 -34.40 -32.36 -20.94
CA ALA A 442 -33.42 -31.30 -21.03
C ALA A 442 -32.15 -31.70 -21.73
N GLU A 443 -31.87 -31.20 -22.91
CA GLU A 443 -30.59 -31.53 -23.49
C GLU A 443 -29.53 -30.55 -23.01
N ALA A 444 -29.11 -30.71 -21.76
CA ALA A 444 -28.15 -29.81 -21.17
C ALA A 444 -26.84 -30.52 -20.92
N PHE A 445 -25.96 -30.45 -21.89
CA PHE A 445 -24.60 -30.95 -21.74
C PHE A 445 -23.77 -29.76 -21.28
N THR A 446 -23.70 -29.59 -19.96
CA THR A 446 -23.14 -28.38 -19.33
C THR A 446 -22.57 -28.77 -17.98
N ARG A 447 -22.38 -27.81 -17.08
CA ARG A 447 -21.81 -28.11 -15.76
C ARG A 447 -22.85 -28.68 -14.80
N PRO A 448 -22.41 -29.43 -13.78
CA PRO A 448 -23.32 -29.98 -12.78
C PRO A 448 -24.40 -29.03 -12.23
N ALA A 449 -24.03 -27.81 -11.87
CA ALA A 449 -24.95 -26.96 -11.12
C ALA A 449 -26.18 -26.66 -11.99
N MET A 450 -25.92 -26.26 -13.24
CA MET A 450 -27.00 -25.95 -14.16
C MET A 450 -27.80 -27.21 -14.46
N MET A 451 -27.09 -28.31 -14.71
CA MET A 451 -27.74 -29.63 -14.99
C MET A 451 -28.69 -30.04 -13.86
N ALA A 452 -28.19 -29.98 -12.63
CA ALA A 452 -29.02 -30.31 -11.48
C ALA A 452 -30.24 -29.34 -11.39
N THR A 453 -29.96 -28.04 -11.48
CA THR A 453 -30.98 -27.04 -11.26
C THR A 453 -32.09 -27.14 -12.26
N LEU A 454 -31.74 -27.40 -13.53
CA LEU A 454 -32.76 -27.57 -14.57
C LEU A 454 -33.74 -28.68 -14.20
N ALA A 455 -33.24 -29.79 -13.70
CA ALA A 455 -34.11 -30.90 -13.30
C ALA A 455 -34.96 -30.48 -12.09
N GLN A 456 -34.35 -29.76 -11.16
CA GLN A 456 -35.03 -29.40 -9.92
C GLN A 456 -36.13 -28.39 -10.15
N ILE A 457 -36.00 -27.54 -11.16
CA ILE A 457 -37.09 -26.61 -11.45
C ILE A 457 -38.18 -27.16 -12.30
N GLY A 458 -38.02 -28.39 -12.79
CA GLY A 458 -39.18 -29.14 -13.30
C GLY A 458 -38.99 -30.04 -14.52
N PHE A 459 -37.79 -30.14 -15.07
CA PHE A 459 -37.55 -31.02 -16.24
C PHE A 459 -37.63 -32.46 -15.81
N GLN A 460 -38.52 -33.21 -16.45
CA GLN A 460 -38.80 -34.57 -16.05
C GLN A 460 -37.61 -35.49 -16.32
N GLN A 461 -36.82 -35.12 -17.30
CA GLN A 461 -35.72 -35.98 -17.68
C GLN A 461 -34.56 -35.13 -18.02
N SER A 462 -33.41 -35.72 -18.04
CA SER A 462 -32.19 -35.05 -18.41
C SER A 462 -31.27 -35.92 -19.25
N TYR A 463 -30.66 -35.32 -20.24
CA TYR A 463 -29.49 -35.94 -20.83
C TYR A 463 -28.37 -35.88 -19.81
N THR A 464 -27.37 -36.73 -20.01
CA THR A 464 -26.35 -37.03 -18.99
C THR A 464 -24.95 -37.06 -19.57
N TYR A 465 -23.98 -37.40 -18.72
CA TYR A 465 -22.59 -37.55 -19.14
C TYR A 465 -22.25 -38.98 -19.61
N PHE A 466 -23.28 -39.78 -19.82
CA PHE A 466 -23.10 -41.21 -20.12
C PHE A 466 -22.06 -41.49 -21.18
N THR A 467 -22.15 -40.77 -22.30
CA THR A 467 -21.29 -41.04 -23.43
C THR A 467 -19.83 -40.84 -23.11
N TRP A 468 -19.53 -40.09 -22.06
CA TRP A 468 -18.14 -39.81 -21.69
C TRP A 468 -17.74 -40.63 -20.44
N ARG A 469 -18.52 -41.68 -20.19
CA ARG A 469 -18.20 -42.67 -19.14
C ARG A 469 -18.05 -44.05 -19.77
N ASN A 470 -16.82 -44.43 -20.03
CA ASN A 470 -16.51 -45.68 -20.73
C ASN A 470 -15.67 -46.70 -19.95
N THR A 471 -14.90 -46.27 -18.96
CA THR A 471 -14.15 -47.23 -18.11
C THR A 471 -15.05 -47.75 -17.01
N LYS A 472 -14.62 -48.84 -16.38
CA LYS A 472 -15.30 -49.38 -15.25
C LYS A 472 -15.38 -48.37 -14.10
N GLN A 473 -14.31 -47.62 -13.86
CA GLN A 473 -14.28 -46.63 -12.77
C GLN A 473 -15.22 -45.46 -13.07
N GLU A 474 -15.17 -44.95 -14.30
CA GLU A 474 -16.08 -43.89 -14.75
C GLU A 474 -17.53 -44.34 -14.67
N LEU A 475 -17.81 -45.53 -15.16
CA LEU A 475 -19.18 -46.07 -15.18
C LEU A 475 -19.73 -46.31 -13.76
N THR A 476 -18.88 -46.86 -12.90
CA THR A 476 -19.31 -47.18 -11.54
C THR A 476 -19.54 -45.89 -10.76
N GLU A 477 -18.59 -45.00 -10.80
CA GLU A 477 -18.73 -43.69 -10.10
C GLU A 477 -19.99 -42.93 -10.56
N TYR A 478 -20.16 -42.79 -11.87
CA TYR A 478 -21.26 -42.01 -12.40
C TYR A 478 -22.64 -42.61 -12.09
N LEU A 479 -22.79 -43.90 -12.23
CA LEU A 479 -24.08 -44.51 -11.92
C LEU A 479 -24.38 -44.56 -10.42
N THR A 480 -23.34 -44.54 -9.57
CA THR A 480 -23.55 -44.46 -8.13
C THR A 480 -24.16 -43.08 -7.84
N GLU A 481 -23.60 -42.06 -8.48
CA GLU A 481 -24.14 -40.70 -8.37
C GLU A 481 -25.59 -40.65 -8.87
N LEU A 482 -25.84 -41.15 -10.07
CA LEU A 482 -27.18 -41.03 -10.65
C LEU A 482 -28.23 -41.84 -9.92
N SER A 483 -27.83 -42.99 -9.39
CA SER A 483 -28.77 -43.84 -8.65
C SER A 483 -28.89 -43.47 -7.16
N GLY A 484 -28.14 -42.47 -6.72
CA GLY A 484 -28.11 -42.06 -5.30
C GLY A 484 -29.09 -40.93 -5.04
N GLU A 485 -28.63 -39.87 -4.40
CA GLU A 485 -29.51 -38.75 -4.01
C GLU A 485 -30.05 -37.98 -5.20
N ALA A 486 -29.29 -37.92 -6.30
CA ALA A 486 -29.75 -37.23 -7.50
C ALA A 486 -31.07 -37.81 -8.04
N ALA A 487 -31.36 -39.09 -7.75
CA ALA A 487 -32.60 -39.68 -8.26
C ALA A 487 -33.85 -39.06 -7.63
N SER A 488 -33.69 -38.23 -6.59
CA SER A 488 -34.85 -37.54 -6.07
C SER A 488 -35.27 -36.33 -6.94
N TYR A 489 -34.43 -35.93 -7.88
CA TYR A 489 -34.82 -34.83 -8.75
C TYR A 489 -34.51 -35.01 -10.22
N MET A 490 -33.69 -35.98 -10.58
CA MET A 490 -33.26 -36.12 -11.99
C MET A 490 -33.52 -37.53 -12.50
N ARG A 491 -34.05 -37.63 -13.72
CA ARG A 491 -34.32 -38.92 -14.38
C ARG A 491 -33.53 -38.95 -15.69
N PRO A 492 -32.51 -39.83 -15.78
CA PRO A 492 -31.53 -39.81 -16.85
C PRO A 492 -31.93 -40.56 -18.12
N ASN A 493 -31.49 -40.04 -19.25
CA ASN A 493 -31.86 -40.62 -20.55
C ASN A 493 -30.53 -40.87 -21.23
N PHE A 494 -30.20 -42.16 -21.29
CA PHE A 494 -28.90 -42.59 -21.75
C PHE A 494 -28.99 -42.86 -23.26
N PHE A 495 -28.68 -41.84 -24.03
CA PHE A 495 -28.55 -42.00 -25.46
C PHE A 495 -27.12 -42.46 -25.70
N ALA A 496 -26.96 -43.62 -26.34
CA ALA A 496 -25.64 -44.21 -26.45
C ALA A 496 -24.90 -43.43 -27.48
N ASN A 497 -25.67 -42.85 -28.41
CA ASN A 497 -25.13 -41.87 -29.34
C ASN A 497 -26.15 -40.77 -29.61
N THR A 498 -25.68 -39.63 -30.13
CA THR A 498 -26.56 -38.59 -30.71
C THR A 498 -25.93 -38.13 -31.98
N PRO A 499 -26.65 -37.35 -32.81
CA PRO A 499 -26.03 -36.74 -34.00
C PRO A 499 -24.82 -35.89 -33.75
N ASP A 500 -24.66 -35.43 -32.52
CA ASP A 500 -23.58 -34.52 -32.16
C ASP A 500 -22.48 -35.22 -31.37
N ILE A 501 -22.73 -36.46 -31.01
CA ILE A 501 -21.81 -37.25 -30.16
C ILE A 501 -21.56 -38.67 -30.71
N LEU A 502 -20.44 -38.83 -31.42
CA LEU A 502 -19.90 -40.14 -31.75
C LEU A 502 -18.60 -40.34 -30.98
N HIS A 503 -18.65 -41.03 -29.84
CA HIS A 503 -17.47 -41.15 -28.97
C HIS A 503 -16.34 -41.97 -29.60
N ALA A 504 -15.11 -41.63 -29.21
CA ALA A 504 -13.89 -42.33 -29.66
C ALA A 504 -13.94 -43.82 -29.35
N TYR A 505 -14.62 -44.16 -28.27
CA TYR A 505 -14.77 -45.54 -27.89
C TYR A 505 -15.47 -46.31 -29.01
N LEU A 506 -16.46 -45.69 -29.65
CA LEU A 506 -17.16 -46.34 -30.73
C LEU A 506 -16.35 -46.25 -31.99
N GLN A 507 -15.66 -45.13 -32.18
CA GLN A 507 -14.85 -44.97 -33.38
C GLN A 507 -13.74 -46.03 -33.45
N HIS A 508 -13.10 -46.27 -32.32
CA HIS A 508 -11.98 -47.19 -32.24
C HIS A 508 -12.42 -48.64 -32.00
N GLY A 509 -13.63 -48.82 -31.46
CA GLY A 509 -14.14 -50.11 -31.07
C GLY A 509 -14.85 -50.94 -32.14
N GLY A 510 -15.49 -50.26 -33.10
CA GLY A 510 -16.30 -50.97 -34.09
C GLY A 510 -17.52 -51.65 -33.48
N ARG A 511 -18.09 -52.61 -34.21
CA ARG A 511 -19.35 -53.22 -33.83
C ARG A 511 -19.38 -53.75 -32.39
N PRO A 512 -18.32 -54.45 -31.96
CA PRO A 512 -18.30 -54.89 -30.54
C PRO A 512 -18.48 -53.74 -29.51
N ALA A 513 -18.02 -52.54 -29.84
CA ALA A 513 -18.18 -51.40 -28.95
C ALA A 513 -19.64 -50.93 -28.90
N PHE A 514 -20.29 -50.91 -30.07
CA PHE A 514 -21.71 -50.58 -30.19
C PHE A 514 -22.58 -51.54 -29.41
N GLU A 515 -22.18 -52.82 -29.40
CA GLU A 515 -22.87 -53.85 -28.65
C GLU A 515 -22.79 -53.67 -27.14
N VAL A 516 -21.59 -53.38 -26.65
CA VAL A 516 -21.35 -53.07 -25.22
C VAL A 516 -22.13 -51.85 -24.75
N ARG A 517 -22.00 -50.74 -25.47
CA ARG A 517 -22.68 -49.52 -25.08
C ARG A 517 -24.18 -49.70 -25.07
N ALA A 518 -24.70 -50.55 -25.93
CA ALA A 518 -26.15 -50.78 -26.01
C ALA A 518 -26.60 -51.58 -24.78
N VAL A 519 -25.83 -52.58 -24.41
CA VAL A 519 -26.13 -53.32 -23.20
C VAL A 519 -26.06 -52.45 -21.94
N LEU A 520 -25.02 -51.63 -21.84
CA LEU A 520 -24.85 -50.73 -20.70
C LEU A 520 -26.03 -49.77 -20.57
N ALA A 521 -26.33 -49.06 -21.64
CA ALA A 521 -27.34 -48.03 -21.61
C ALA A 521 -28.66 -48.62 -21.22
N ALA A 522 -28.96 -49.76 -21.82
CA ALA A 522 -30.26 -50.36 -21.70
C ALA A 522 -30.44 -51.06 -20.33
N THR A 523 -29.35 -51.51 -19.73
CA THR A 523 -29.44 -52.06 -18.40
C THR A 523 -29.16 -51.12 -17.22
N LEU A 524 -28.50 -49.99 -17.46
CA LEU A 524 -28.13 -49.11 -16.36
C LEU A 524 -29.15 -48.03 -16.13
N SER A 525 -29.82 -47.57 -17.19
CA SER A 525 -30.90 -46.60 -17.01
C SER A 525 -32.21 -47.18 -17.47
N PRO A 526 -33.31 -46.88 -16.79
CA PRO A 526 -34.61 -47.30 -17.28
C PRO A 526 -35.10 -46.46 -18.49
N THR A 527 -34.47 -45.33 -18.79
CA THR A 527 -34.66 -44.69 -20.09
C THR A 527 -33.31 -44.71 -20.83
N TRP A 528 -33.29 -45.28 -22.04
CA TRP A 528 -32.14 -45.14 -22.90
C TRP A 528 -32.55 -44.79 -24.32
N GLY A 529 -31.59 -44.51 -25.18
CA GLY A 529 -31.89 -44.17 -26.54
C GLY A 529 -30.76 -44.33 -27.52
N ILE A 530 -31.11 -44.45 -28.81
CA ILE A 530 -30.13 -44.40 -29.88
C ILE A 530 -30.60 -43.46 -31.01
N TYR A 531 -29.62 -42.93 -31.73
CA TYR A 531 -29.88 -42.15 -32.91
C TYR A 531 -29.63 -43.07 -34.13
N SER A 532 -30.64 -43.15 -35.01
CA SER A 532 -30.57 -43.93 -36.24
C SER A 532 -29.18 -44.01 -36.91
N GLY A 533 -28.76 -45.24 -37.22
CA GLY A 533 -27.42 -45.50 -37.75
C GLY A 533 -26.52 -46.16 -36.72
N TYR A 534 -26.92 -46.06 -35.45
CA TYR A 534 -26.20 -46.70 -34.36
C TYR A 534 -26.19 -48.20 -34.59
N GLU A 535 -27.38 -48.76 -34.84
CA GLU A 535 -27.56 -50.15 -35.27
C GLU A 535 -26.59 -50.63 -36.35
N LEU A 536 -26.24 -49.77 -37.27
CA LEU A 536 -25.40 -50.16 -38.41
C LEU A 536 -23.95 -49.93 -38.07
N CYS A 537 -23.68 -49.49 -36.84
CA CYS A 537 -22.33 -49.30 -36.37
C CYS A 537 -21.58 -48.24 -37.18
N GLU A 538 -22.29 -47.20 -37.59
CA GLU A 538 -21.68 -46.06 -38.24
C GLU A 538 -20.73 -45.38 -37.28
N ASN A 539 -19.45 -45.29 -37.62
CA ASN A 539 -18.45 -44.79 -36.70
C ASN A 539 -17.29 -44.06 -37.33
N THR A 540 -17.54 -43.45 -38.48
CA THR A 540 -16.54 -42.61 -39.12
C THR A 540 -16.65 -41.16 -38.68
N PRO A 541 -15.61 -40.65 -38.03
CA PRO A 541 -15.69 -39.32 -37.50
C PRO A 541 -15.39 -38.32 -38.56
N LEU A 542 -15.67 -37.05 -38.28
CA LEU A 542 -15.34 -35.95 -39.20
C LEU A 542 -13.83 -35.90 -39.43
N ARG A 543 -13.08 -36.15 -38.38
CA ARG A 543 -11.63 -36.28 -38.43
C ARG A 543 -11.16 -36.85 -37.11
N GLU A 544 -9.88 -37.20 -37.03
CA GLU A 544 -9.31 -37.74 -35.80
C GLU A 544 -9.54 -36.76 -34.64
N GLY A 545 -10.05 -37.26 -33.52
CA GLY A 545 -10.23 -36.47 -32.31
C GLY A 545 -11.48 -35.59 -32.32
N SER A 546 -12.45 -35.93 -33.15
CA SER A 546 -13.74 -35.24 -33.16
C SER A 546 -14.84 -36.21 -32.75
N GLU A 547 -15.93 -35.67 -32.26
CA GLU A 547 -17.09 -36.47 -31.92
C GLU A 547 -18.25 -36.20 -32.91
N GLU A 548 -17.99 -35.40 -33.93
CA GLU A 548 -18.87 -35.30 -35.07
C GLU A 548 -18.74 -36.51 -36.00
N TYR A 549 -19.87 -36.97 -36.54
CA TYR A 549 -19.84 -37.89 -37.66
C TYR A 549 -19.35 -37.21 -38.92
N LEU A 550 -18.76 -37.99 -39.82
CA LEU A 550 -18.44 -37.51 -41.14
C LEU A 550 -19.75 -37.55 -41.94
N ASP A 551 -19.93 -36.55 -42.82
CA ASP A 551 -21.13 -36.44 -43.63
C ASP A 551 -22.35 -36.53 -42.72
N SER A 552 -22.38 -35.67 -41.71
CA SER A 552 -23.43 -35.74 -40.71
C SER A 552 -24.83 -35.49 -41.29
N GLU A 553 -25.79 -36.28 -40.80
CA GLU A 553 -27.19 -36.15 -41.22
C GLU A 553 -27.83 -34.76 -40.90
N LYS A 554 -27.15 -33.98 -40.05
CA LYS A 554 -27.64 -32.66 -39.69
C LYS A 554 -27.62 -31.75 -40.91
N TYR A 555 -26.67 -31.98 -41.81
CA TYR A 555 -26.48 -31.13 -42.95
C TYR A 555 -26.80 -31.79 -44.29
N GLN A 556 -27.22 -33.07 -44.29
CA GLN A 556 -27.55 -33.75 -45.55
C GLN A 556 -28.52 -34.88 -45.32
N LEU A 557 -29.27 -35.21 -46.37
CA LEU A 557 -30.14 -36.38 -46.43
C LEU A 557 -29.22 -37.54 -46.38
N LYS A 558 -29.60 -38.55 -45.61
CA LYS A 558 -28.72 -39.69 -45.38
C LYS A 558 -29.50 -41.00 -45.52
N PRO A 559 -29.77 -41.41 -46.78
CA PRO A 559 -30.61 -42.60 -47.00
C PRO A 559 -29.83 -43.83 -46.58
N ARG A 560 -30.53 -44.82 -46.07
CA ARG A 560 -29.90 -46.04 -45.55
C ARG A 560 -30.53 -47.28 -46.16
N ASP A 561 -29.69 -48.22 -46.58
CA ASP A 561 -30.18 -49.47 -47.12
C ASP A 561 -30.47 -50.40 -45.94
N TRP A 562 -31.62 -50.19 -45.29
CA TRP A 562 -32.06 -50.98 -44.16
C TRP A 562 -32.23 -52.45 -44.51
N THR A 563 -32.73 -52.71 -45.71
CA THR A 563 -33.03 -54.07 -46.16
C THR A 563 -31.76 -54.89 -46.30
N ARG A 564 -30.81 -54.36 -47.04
CA ARG A 564 -29.53 -55.01 -47.19
C ARG A 564 -28.86 -55.27 -45.84
N ALA A 565 -28.80 -54.27 -44.98
CA ALA A 565 -28.15 -54.43 -43.69
C ALA A 565 -28.75 -55.61 -42.95
N ALA A 566 -30.09 -55.71 -43.00
CA ALA A 566 -30.82 -56.80 -42.33
C ALA A 566 -30.52 -58.18 -42.91
N ARG A 567 -30.50 -58.32 -44.24
CA ARG A 567 -30.23 -59.63 -44.83
C ARG A 567 -28.74 -60.03 -44.70
N GLU A 568 -27.84 -59.04 -44.68
CA GLU A 568 -26.41 -59.33 -44.59
C GLU A 568 -25.95 -59.39 -43.14
N GLY A 569 -26.88 -59.19 -42.21
CA GLY A 569 -26.56 -59.28 -40.79
C GLY A 569 -25.56 -58.24 -40.30
N THR A 570 -25.42 -57.10 -40.98
CA THR A 570 -24.42 -56.10 -40.59
C THR A 570 -25.04 -55.07 -39.62
N THR A 571 -26.19 -55.40 -39.05
CA THR A 571 -26.90 -54.51 -38.13
C THR A 571 -27.05 -55.19 -36.76
N ILE A 572 -26.91 -54.41 -35.69
CA ILE A 572 -27.14 -54.92 -34.36
C ILE A 572 -28.58 -54.71 -33.88
N ALA A 573 -29.49 -54.58 -34.85
CA ALA A 573 -30.91 -54.47 -34.57
C ALA A 573 -31.52 -55.61 -33.77
N PRO A 574 -31.11 -56.87 -34.05
CA PRO A 574 -31.57 -57.97 -33.19
C PRO A 574 -31.16 -57.88 -31.72
N LEU A 575 -29.94 -57.40 -31.46
CA LEU A 575 -29.48 -57.20 -30.07
C LEU A 575 -30.31 -56.11 -29.41
N VAL A 576 -30.46 -54.99 -30.12
CA VAL A 576 -31.28 -53.92 -29.63
C VAL A 576 -32.68 -54.41 -29.28
N THR A 577 -33.30 -55.16 -30.18
CA THR A 577 -34.66 -55.66 -29.95
C THR A 577 -34.72 -56.52 -28.70
N ARG A 578 -33.73 -57.39 -28.55
CA ARG A 578 -33.69 -58.32 -27.41
C ARG A 578 -33.57 -57.52 -26.12
N LEU A 579 -32.74 -56.50 -26.13
CA LEU A 579 -32.58 -55.64 -24.93
C LEU A 579 -33.89 -55.02 -24.48
N ASN A 580 -34.69 -54.58 -25.43
CA ASN A 580 -35.93 -53.92 -25.07
C ASN A 580 -36.97 -54.90 -24.58
N THR A 581 -36.92 -56.11 -25.09
CA THR A 581 -37.80 -57.21 -24.69
C THR A 581 -37.44 -57.58 -23.25
N ILE A 582 -36.16 -57.75 -22.98
CA ILE A 582 -35.71 -58.08 -21.64
C ILE A 582 -36.19 -56.99 -20.64
N ARG A 583 -36.03 -55.70 -21.01
CA ARG A 583 -36.52 -54.58 -20.20
C ARG A 583 -38.03 -54.64 -19.98
N ARG A 584 -38.79 -54.97 -21.03
CA ARG A 584 -40.26 -55.12 -20.91
C ARG A 584 -40.65 -56.33 -20.06
N GLU A 585 -39.76 -57.30 -19.94
CA GLU A 585 -40.05 -58.56 -19.21
C GLU A 585 -39.55 -58.56 -17.77
N ASN A 586 -38.76 -57.54 -17.43
CA ASN A 586 -38.10 -57.48 -16.13
C ASN A 586 -38.23 -56.13 -15.42
N PRO A 587 -39.19 -56.03 -14.48
CA PRO A 587 -39.34 -54.85 -13.61
C PRO A 587 -38.03 -54.25 -13.07
N ALA A 588 -37.04 -55.06 -12.73
CA ALA A 588 -35.79 -54.52 -12.19
C ALA A 588 -35.11 -53.50 -13.10
N LEU A 589 -35.23 -53.70 -14.40
CA LEU A 589 -34.62 -52.79 -15.40
C LEU A 589 -35.47 -51.55 -15.71
N ARG A 590 -36.67 -51.48 -15.12
CA ARG A 590 -37.56 -50.35 -15.29
C ARG A 590 -37.54 -49.42 -14.09
N GLN A 591 -36.50 -49.53 -13.27
CA GLN A 591 -36.27 -48.59 -12.20
C GLN A 591 -34.79 -48.21 -12.19
N LEU A 592 -34.47 -47.20 -11.42
CA LEU A 592 -33.14 -46.58 -11.44
C LEU A 592 -32.40 -46.81 -10.12
N ARG A 593 -33.09 -46.59 -9.01
CA ARG A 593 -32.43 -46.46 -7.72
C ARG A 593 -31.79 -47.73 -7.15
N ASP A 594 -32.37 -48.91 -7.42
CA ASP A 594 -31.80 -50.14 -6.92
C ASP A 594 -30.74 -50.64 -7.91
N LEU A 595 -29.49 -50.53 -7.50
CA LEU A 595 -28.36 -50.84 -8.36
C LEU A 595 -27.20 -51.13 -7.45
N HIS A 596 -26.49 -52.22 -7.68
CA HIS A 596 -25.26 -52.51 -6.95
C HIS A 596 -24.14 -53.08 -7.83
N PHE A 597 -22.91 -52.57 -7.64
CA PHE A 597 -21.74 -53.05 -8.36
C PHE A 597 -20.98 -54.12 -7.55
N HIS A 598 -20.85 -55.30 -8.16
CA HIS A 598 -20.14 -56.45 -7.60
C HIS A 598 -18.74 -56.48 -8.14
N PRO A 599 -17.75 -56.82 -7.29
CA PRO A 599 -16.33 -56.76 -7.73
C PRO A 599 -15.89 -57.87 -8.67
N THR A 600 -14.83 -57.60 -9.42
CA THR A 600 -14.20 -58.58 -10.30
C THR A 600 -12.69 -58.34 -10.25
N ASP A 601 -11.91 -59.35 -10.64
CA ASP A 601 -10.43 -59.25 -10.64
C ASP A 601 -9.85 -58.69 -11.95
N LYS A 602 -10.71 -58.24 -12.86
CA LYS A 602 -10.28 -57.65 -14.12
C LYS A 602 -10.83 -56.24 -14.29
N GLU A 603 -9.93 -55.34 -14.65
CA GLU A 603 -10.24 -53.93 -14.79
C GLU A 603 -11.17 -53.67 -16.00
N GLU A 604 -11.11 -54.53 -17.01
CA GLU A 604 -11.94 -54.39 -18.21
C GLU A 604 -13.33 -54.98 -17.99
N VAL A 605 -13.52 -55.74 -16.92
CA VAL A 605 -14.79 -56.46 -16.73
C VAL A 605 -15.60 -55.93 -15.55
N ILE A 606 -16.88 -55.63 -15.82
CA ILE A 606 -17.70 -54.89 -14.85
C ILE A 606 -18.93 -55.70 -14.58
N ALA A 607 -19.41 -55.67 -13.35
CA ALA A 607 -20.59 -56.43 -12.95
C ALA A 607 -21.51 -55.64 -12.08
N TYR A 608 -22.81 -55.84 -12.25
CA TYR A 608 -23.81 -55.18 -11.41
C TYR A 608 -25.15 -55.89 -11.36
N SER A 609 -26.00 -55.51 -10.40
CA SER A 609 -27.29 -56.12 -10.20
C SER A 609 -28.32 -55.07 -9.90
N LYS A 610 -29.57 -55.34 -10.24
CA LYS A 610 -30.71 -54.44 -10.02
C LYS A 610 -31.89 -55.27 -9.59
N ARG A 611 -32.72 -54.76 -8.70
CA ARG A 611 -33.84 -55.56 -8.19
C ARG A 611 -35.11 -54.80 -8.07
N GLN A 612 -36.22 -55.50 -8.25
CA GLN A 612 -37.55 -54.94 -8.07
C GLN A 612 -38.41 -56.13 -7.70
N GLY A 613 -38.96 -56.10 -6.47
CA GLY A 613 -39.60 -57.27 -5.86
C GLY A 613 -38.74 -58.52 -5.97
N SER A 614 -39.32 -59.59 -6.50
CA SER A 614 -38.62 -60.86 -6.65
C SER A 614 -37.80 -60.94 -7.94
N ASN A 615 -37.87 -59.92 -8.78
CA ASN A 615 -37.08 -59.89 -10.00
C ASN A 615 -35.70 -59.33 -9.69
N THR A 616 -34.68 -60.07 -10.09
CA THR A 616 -33.29 -59.64 -9.96
C THR A 616 -32.60 -59.85 -11.30
N VAL A 617 -31.92 -58.82 -11.80
CA VAL A 617 -31.13 -58.97 -13.02
C VAL A 617 -29.68 -58.72 -12.70
N LEU A 618 -28.82 -59.56 -13.25
CA LEU A 618 -27.40 -59.50 -13.02
C LEU A 618 -26.65 -59.41 -14.34
N VAL A 619 -25.75 -58.44 -14.45
CA VAL A 619 -25.12 -58.19 -15.71
C VAL A 619 -23.66 -58.16 -15.54
N VAL A 620 -22.94 -58.80 -16.48
CA VAL A 620 -21.47 -58.78 -16.55
C VAL A 620 -21.04 -58.37 -17.95
N VAL A 621 -20.31 -57.25 -18.04
CA VAL A 621 -19.86 -56.70 -19.33
C VAL A 621 -18.35 -56.64 -19.47
N ASN A 622 -17.86 -57.09 -20.62
CA ASN A 622 -16.49 -56.86 -21.04
C ASN A 622 -16.39 -55.49 -21.72
N LEU A 623 -15.79 -54.51 -21.06
CA LEU A 623 -15.64 -53.17 -21.66
C LEU A 623 -14.52 -53.10 -22.72
N ASP A 624 -13.79 -54.18 -22.89
CA ASP A 624 -12.76 -54.27 -23.92
C ASP A 624 -13.43 -54.76 -25.21
N PRO A 625 -13.42 -53.93 -26.27
CA PRO A 625 -14.00 -54.33 -27.56
C PRO A 625 -13.05 -55.10 -28.48
N ARG A 626 -11.75 -55.15 -28.16
CA ARG A 626 -10.76 -55.75 -29.03
C ARG A 626 -10.28 -57.11 -28.55
N HIS A 627 -10.22 -57.34 -27.23
CA HIS A 627 -9.66 -58.57 -26.68
C HIS A 627 -10.61 -59.34 -25.77
N THR A 628 -10.61 -60.66 -25.92
CA THR A 628 -11.31 -61.54 -25.00
C THR A 628 -10.76 -61.29 -23.61
N GLN A 629 -11.65 -61.34 -22.62
CA GLN A 629 -11.29 -61.12 -21.22
C GLN A 629 -11.92 -62.22 -20.42
N GLU A 630 -11.10 -62.82 -19.55
CA GLU A 630 -11.61 -63.77 -18.59
C GLU A 630 -11.40 -63.24 -17.18
N ALA A 631 -12.42 -63.40 -16.35
CA ALA A 631 -12.36 -62.86 -15.03
C ALA A 631 -13.18 -63.66 -14.06
N THR A 632 -12.91 -63.41 -12.80
CA THR A 632 -13.66 -63.99 -11.71
C THR A 632 -14.55 -62.91 -11.13
N VAL A 633 -15.86 -63.17 -11.07
CA VAL A 633 -16.84 -62.22 -10.53
C VAL A 633 -17.26 -62.64 -9.13
N SER A 634 -17.01 -61.78 -8.15
CA SER A 634 -17.29 -62.09 -6.76
C SER A 634 -18.56 -61.40 -6.31
N LEU A 635 -19.65 -62.13 -6.28
CA LEU A 635 -20.94 -61.54 -5.96
C LEU A 635 -21.10 -61.24 -4.46
N ASP A 636 -21.52 -60.01 -4.15
CA ASP A 636 -22.10 -59.67 -2.84
C ASP A 636 -23.42 -60.38 -2.67
N MET A 637 -23.38 -61.55 -2.05
CA MET A 637 -24.57 -62.40 -2.01
C MET A 637 -25.71 -61.84 -1.16
N PRO A 638 -25.40 -61.25 0.01
CA PRO A 638 -26.46 -60.59 0.78
C PRO A 638 -27.13 -59.45 0.02
N GLN A 639 -26.35 -58.77 -0.80
CA GLN A 639 -26.92 -57.68 -1.59
C GLN A 639 -27.87 -58.25 -2.66
N LEU A 640 -27.73 -59.53 -2.98
CA LEU A 640 -28.71 -60.25 -3.81
C LEU A 640 -29.84 -60.86 -2.99
N GLY A 641 -29.76 -60.81 -1.66
CA GLY A 641 -30.76 -61.45 -0.79
C GLY A 641 -30.52 -62.94 -0.60
N LEU A 642 -29.25 -63.33 -0.59
CA LEU A 642 -28.86 -64.72 -0.46
C LEU A 642 -27.80 -64.86 0.63
N ASP A 643 -27.57 -66.09 1.08
CA ASP A 643 -26.43 -66.39 1.95
C ASP A 643 -25.19 -66.67 1.13
N TRP A 644 -24.02 -66.50 1.75
CA TRP A 644 -22.73 -66.52 1.06
C TRP A 644 -22.42 -67.82 0.36
N HIS A 645 -22.89 -68.91 0.96
CA HIS A 645 -22.61 -70.27 0.50
C HIS A 645 -23.62 -70.74 -0.54
N GLU A 646 -24.73 -70.02 -0.68
CA GLU A 646 -25.76 -70.37 -1.66
C GLU A 646 -25.20 -70.39 -3.09
N SER A 647 -25.84 -71.18 -3.94
CA SER A 647 -25.50 -71.28 -5.35
C SER A 647 -26.83 -71.30 -6.06
N VAL A 648 -27.12 -70.23 -6.81
CA VAL A 648 -28.44 -70.09 -7.44
C VAL A 648 -28.40 -69.99 -9.00
N PRO A 649 -29.51 -70.42 -9.65
CA PRO A 649 -29.46 -70.55 -11.08
C PRO A 649 -29.77 -69.22 -11.76
N VAL A 650 -29.12 -68.99 -12.89
CA VAL A 650 -29.35 -67.80 -13.69
C VAL A 650 -29.55 -68.22 -15.15
N ARG A 651 -30.13 -67.33 -15.95
CA ARG A 651 -30.22 -67.51 -17.41
C ARG A 651 -29.68 -66.29 -18.11
N ASP A 652 -28.70 -66.47 -19.00
CA ASP A 652 -28.20 -65.37 -19.82
C ASP A 652 -29.25 -65.09 -20.90
N GLU A 653 -29.97 -63.98 -20.75
CA GLU A 653 -31.14 -63.71 -21.59
C GLU A 653 -30.78 -63.34 -23.01
N LEU A 654 -29.52 -63.00 -23.24
CA LEU A 654 -28.99 -62.80 -24.59
C LEU A 654 -28.88 -64.08 -25.41
N THR A 655 -28.60 -65.23 -24.76
CA THR A 655 -28.35 -66.51 -25.43
C THR A 655 -29.36 -67.61 -25.09
N GLY A 656 -30.01 -67.52 -23.94
CA GLY A 656 -30.89 -68.59 -23.46
C GLY A 656 -30.15 -69.62 -22.61
N GLU A 657 -28.82 -69.53 -22.60
CA GLU A 657 -27.98 -70.47 -21.89
C GLU A 657 -28.18 -70.26 -20.39
N THR A 658 -27.99 -71.32 -19.63
CA THR A 658 -28.19 -71.33 -18.18
C THR A 658 -26.85 -71.57 -17.49
N TYR A 659 -26.67 -70.96 -16.33
CA TYR A 659 -25.53 -71.23 -15.47
C TYR A 659 -26.04 -71.34 -14.03
N HIS A 660 -25.19 -71.87 -13.17
CA HIS A 660 -25.43 -71.89 -11.72
C HIS A 660 -24.32 -71.06 -11.13
N TRP A 661 -24.69 -69.97 -10.48
CA TRP A 661 -23.70 -69.02 -9.99
C TRP A 661 -23.80 -68.84 -8.48
N GLY A 662 -22.67 -68.45 -7.90
CA GLY A 662 -22.60 -68.13 -6.48
C GLY A 662 -21.50 -67.16 -6.18
N ARG A 663 -20.95 -67.27 -4.98
CA ARG A 663 -19.93 -66.36 -4.45
C ARG A 663 -18.82 -65.95 -5.41
N ALA A 664 -18.31 -66.90 -6.18
CA ALA A 664 -17.23 -66.63 -7.14
C ALA A 664 -17.52 -67.37 -8.44
N ASN A 665 -17.36 -66.69 -9.58
CA ASN A 665 -17.73 -67.27 -10.87
C ASN A 665 -16.78 -66.86 -11.98
N TYR A 666 -16.27 -67.86 -12.69
CA TYR A 666 -15.48 -67.62 -13.90
C TYR A 666 -16.42 -67.17 -15.01
N VAL A 667 -16.01 -66.11 -15.72
CA VAL A 667 -16.65 -65.74 -16.98
C VAL A 667 -15.54 -65.53 -18.04
N ARG A 668 -15.93 -65.74 -19.28
CA ARG A 668 -15.04 -65.58 -20.42
C ARG A 668 -15.85 -64.91 -21.51
N LEU A 669 -15.46 -63.69 -21.88
CA LEU A 669 -16.24 -62.87 -22.83
C LEU A 669 -15.42 -62.48 -24.05
N GLU A 670 -15.84 -62.98 -25.21
CA GLU A 670 -15.13 -62.79 -26.46
C GLU A 670 -15.86 -61.71 -27.29
N PRO A 671 -15.16 -60.62 -27.61
CA PRO A 671 -15.78 -59.53 -28.34
C PRO A 671 -16.15 -59.98 -29.74
N GLY A 672 -17.39 -59.69 -30.14
CA GLY A 672 -17.95 -60.12 -31.41
C GLY A 672 -18.91 -61.27 -31.13
N ARG A 673 -18.54 -62.14 -30.19
CA ARG A 673 -19.37 -63.29 -29.91
C ARG A 673 -20.29 -62.94 -28.75
N THR A 674 -19.72 -62.52 -27.63
CA THR A 674 -20.51 -61.98 -26.52
C THR A 674 -19.89 -60.71 -25.99
N PRO A 675 -20.66 -59.60 -26.01
CA PRO A 675 -20.27 -58.42 -25.26
C PRO A 675 -20.44 -58.58 -23.75
N ALA A 676 -21.52 -59.27 -23.35
CA ALA A 676 -21.92 -59.32 -21.95
C ALA A 676 -22.78 -60.53 -21.66
N HIS A 677 -22.94 -60.82 -20.38
CA HIS A 677 -23.99 -61.69 -19.90
C HIS A 677 -25.04 -60.82 -19.25
N VAL A 678 -26.28 -60.93 -19.69
CA VAL A 678 -27.39 -60.22 -19.02
C VAL A 678 -28.29 -61.29 -18.47
N CYS A 679 -28.13 -61.57 -17.21
CA CYS A 679 -28.75 -62.73 -16.59
C CYS A 679 -29.88 -62.30 -15.69
N THR A 680 -30.97 -63.06 -15.74
CA THR A 680 -32.02 -62.98 -14.74
C THR A 680 -31.79 -64.15 -13.74
N VAL A 681 -32.02 -63.89 -12.44
CA VAL A 681 -31.93 -64.94 -11.40
C VAL A 681 -33.25 -65.71 -11.39
N LEU A 682 -33.19 -67.04 -11.54
CA LEU A 682 -34.37 -67.86 -11.84
C LEU A 682 -35.14 -68.31 -10.60
N ARG A 683 -36.46 -68.11 -10.65
CA ARG A 683 -37.38 -68.35 -9.57
C ARG A 683 -37.97 -69.78 -9.75
N PRO B 35 -45.13 -16.99 -9.68
CA PRO B 35 -43.90 -16.48 -9.03
C PRO B 35 -42.91 -17.61 -8.71
N THR B 36 -41.66 -17.48 -9.21
CA THR B 36 -40.75 -18.63 -9.32
C THR B 36 -39.85 -18.80 -8.09
N VAL B 37 -39.33 -20.01 -7.91
CA VAL B 37 -38.37 -20.28 -6.84
C VAL B 37 -36.96 -19.76 -7.21
N VAL B 38 -36.56 -19.86 -8.48
CA VAL B 38 -35.24 -19.44 -8.93
C VAL B 38 -35.35 -18.06 -9.53
N GLY B 39 -34.37 -17.22 -9.22
CA GLY B 39 -34.40 -15.83 -9.68
C GLY B 39 -33.74 -15.70 -11.05
N ARG B 40 -33.62 -14.46 -11.50
CA ARG B 40 -33.12 -14.21 -12.83
C ARG B 40 -31.69 -14.70 -13.01
N ILE B 41 -30.84 -14.41 -12.01
CA ILE B 41 -29.52 -15.01 -11.91
C ILE B 41 -29.50 -16.00 -10.71
N PRO B 42 -29.44 -17.31 -11.00
CA PRO B 42 -29.48 -18.35 -9.97
C PRO B 42 -28.47 -18.14 -8.86
N VAL B 43 -28.98 -18.08 -7.65
CA VAL B 43 -28.15 -18.06 -6.46
C VAL B 43 -28.76 -19.08 -5.51
N LEU B 44 -28.02 -20.16 -5.30
CA LEU B 44 -28.55 -21.35 -4.68
C LEU B 44 -27.65 -21.86 -3.54
N ASP B 45 -28.31 -22.45 -2.55
CA ASP B 45 -27.60 -23.18 -1.50
C ASP B 45 -26.56 -22.32 -0.77
N VAL B 46 -27.04 -21.23 -0.21
CA VAL B 46 -26.17 -20.32 0.50
C VAL B 46 -25.78 -21.01 1.81
N ARG B 47 -24.49 -20.88 2.14
CA ARG B 47 -23.97 -21.39 3.39
C ARG B 47 -23.16 -20.30 4.09
N PRO B 48 -23.10 -20.37 5.41
CA PRO B 48 -23.66 -21.43 6.29
C PRO B 48 -25.19 -21.45 6.45
N VAL B 49 -25.74 -22.64 6.70
CA VAL B 49 -27.16 -22.81 6.96
C VAL B 49 -27.34 -23.87 8.02
N VAL B 50 -28.25 -23.62 8.96
CA VAL B 50 -28.44 -24.52 10.12
C VAL B 50 -29.90 -24.86 10.17
N GLN B 51 -30.22 -26.15 10.06
CA GLN B 51 -31.60 -26.57 10.24
C GLN B 51 -32.44 -25.94 9.11
N ARG B 52 -31.87 -25.82 7.93
CA ARG B 52 -32.56 -25.24 6.78
C ARG B 52 -32.99 -23.79 6.94
N GLY B 53 -32.32 -23.08 7.84
CA GLY B 53 -32.63 -21.70 8.11
C GLY B 53 -33.54 -21.47 9.30
N ARG B 54 -33.87 -22.53 10.02
CA ARG B 54 -34.82 -22.44 11.11
C ARG B 54 -34.11 -22.08 12.40
N ARG B 55 -32.79 -22.19 12.40
CA ARG B 55 -31.96 -21.80 13.54
C ARG B 55 -30.81 -21.00 12.96
N PRO B 56 -30.23 -20.06 13.75
CA PRO B 56 -29.18 -19.20 13.22
C PRO B 56 -27.81 -19.86 13.16
N ALA B 57 -27.02 -19.46 12.17
CA ALA B 57 -25.58 -19.74 12.15
C ALA B 57 -24.97 -18.83 13.19
N LYS B 58 -23.74 -19.14 13.59
CA LYS B 58 -23.14 -18.48 14.75
C LYS B 58 -21.85 -17.71 14.43
N ALA B 59 -21.64 -16.61 15.14
CA ALA B 59 -20.35 -15.96 15.23
C ALA B 59 -20.19 -15.30 16.59
N VAL B 60 -19.02 -14.74 16.85
CA VAL B 60 -18.82 -13.78 17.93
C VAL B 60 -18.25 -12.45 17.36
N THR B 61 -18.21 -11.43 18.19
CA THR B 61 -17.72 -10.14 17.77
C THR B 61 -16.30 -10.29 17.25
N GLY B 62 -16.05 -9.69 16.10
CA GLY B 62 -14.72 -9.72 15.47
C GLY B 62 -14.33 -11.03 14.83
N GLU B 63 -15.24 -11.99 14.77
CA GLU B 63 -14.91 -13.28 14.18
C GLU B 63 -15.20 -13.23 12.68
N SER B 64 -14.31 -13.80 11.88
CA SER B 64 -14.48 -13.90 10.42
C SER B 64 -14.83 -15.31 9.97
N PHE B 65 -15.66 -15.39 8.94
CA PHE B 65 -16.03 -16.66 8.35
C PHE B 65 -16.48 -16.48 6.94
N GLU B 66 -16.54 -17.60 6.25
CA GLU B 66 -16.81 -17.59 4.82
C GLU B 66 -18.27 -17.81 4.57
N VAL B 67 -18.88 -16.91 3.83
CA VAL B 67 -20.21 -17.14 3.27
C VAL B 67 -20.00 -17.59 1.85
N SER B 68 -20.75 -18.62 1.44
CA SER B 68 -20.64 -19.19 0.12
C SER B 68 -22.01 -19.40 -0.50
N ALA B 69 -22.03 -19.59 -1.81
CA ALA B 69 -23.26 -19.90 -2.51
C ALA B 69 -22.94 -20.50 -3.88
N THR B 70 -23.94 -21.04 -4.55
CA THR B 70 -23.72 -21.59 -5.92
C THR B 70 -24.38 -20.62 -6.87
N VAL B 71 -23.56 -19.97 -7.69
CA VAL B 71 -24.01 -18.90 -8.57
C VAL B 71 -23.55 -19.17 -10.01
N PHE B 72 -24.46 -19.00 -10.96
CA PHE B 72 -24.15 -19.21 -12.38
C PHE B 72 -25.28 -18.57 -13.17
N ARG B 73 -25.18 -18.59 -14.50
CA ARG B 73 -26.29 -18.11 -15.35
C ARG B 73 -26.41 -18.88 -16.63
N GLU B 74 -27.49 -18.62 -17.34
CA GLU B 74 -27.68 -19.20 -18.68
C GLU B 74 -26.68 -18.60 -19.65
N GLY B 75 -26.28 -19.39 -20.63
CA GLY B 75 -25.38 -18.93 -21.67
C GLY B 75 -23.98 -18.91 -21.11
N HIS B 76 -23.14 -18.14 -21.77
CA HIS B 76 -21.69 -18.26 -21.58
C HIS B 76 -21.07 -17.03 -20.96
N ASP B 77 -21.87 -16.03 -20.63
CA ASP B 77 -21.31 -14.77 -20.12
C ASP B 77 -21.00 -14.89 -18.63
N ALA B 78 -20.20 -13.97 -18.13
CA ALA B 78 -19.70 -14.05 -16.76
C ALA B 78 -20.77 -13.61 -15.74
N VAL B 79 -20.60 -14.11 -14.52
CA VAL B 79 -21.35 -13.59 -13.39
C VAL B 79 -20.42 -13.01 -12.35
N GLY B 80 -21.01 -12.24 -11.45
CA GLY B 80 -20.36 -11.86 -10.24
C GLY B 80 -21.31 -12.05 -9.10
N ALA B 81 -20.79 -11.90 -7.88
CA ALA B 81 -21.59 -12.09 -6.65
C ALA B 81 -20.89 -11.37 -5.50
N ASN B 82 -21.69 -10.91 -4.53
CA ASN B 82 -21.17 -10.22 -3.34
C ASN B 82 -22.02 -10.62 -2.15
N VAL B 83 -21.46 -10.48 -0.94
CA VAL B 83 -22.21 -10.75 0.30
C VAL B 83 -22.71 -9.48 0.97
N VAL B 84 -24.00 -9.45 1.32
CA VAL B 84 -24.59 -8.30 2.01
C VAL B 84 -24.97 -8.78 3.39
N LEU B 85 -24.15 -8.34 4.34
CA LEU B 85 -24.33 -8.61 5.76
C LEU B 85 -25.12 -7.46 6.40
N ARG B 86 -26.21 -7.78 7.10
CA ARG B 86 -27.08 -6.75 7.71
C ARG B 86 -27.13 -6.89 9.23
N ASP B 87 -26.91 -5.77 9.92
CA ASP B 87 -26.84 -5.80 11.39
C ASP B 87 -28.24 -5.86 12.01
N PRO B 88 -28.32 -5.88 13.35
CA PRO B 88 -29.61 -5.99 14.02
C PRO B 88 -30.59 -4.86 13.74
N ARG B 89 -30.08 -3.67 13.40
CA ARG B 89 -30.91 -2.55 13.00
C ARG B 89 -31.13 -2.54 11.49
N GLY B 90 -30.62 -3.54 10.78
CA GLY B 90 -30.89 -3.70 9.36
C GLY B 90 -29.89 -3.04 8.41
N ARG B 91 -28.83 -2.47 8.94
CA ARG B 91 -27.90 -1.70 8.13
C ARG B 91 -26.90 -2.58 7.39
N PRO B 92 -26.73 -2.34 6.08
CA PRO B 92 -25.87 -3.16 5.25
C PRO B 92 -24.40 -2.92 5.53
N GLY B 93 -23.60 -3.97 5.46
CA GLY B 93 -22.16 -3.85 5.69
C GLY B 93 -21.51 -3.33 4.42
N PRO B 94 -20.18 -3.46 4.33
CA PRO B 94 -19.45 -2.98 3.18
C PRO B 94 -19.55 -3.88 1.95
N TRP B 95 -19.13 -3.33 0.81
CA TRP B 95 -18.98 -4.07 -0.44
C TRP B 95 -18.06 -5.28 -0.21
N THR B 96 -18.60 -6.49 -0.39
CA THR B 96 -17.85 -7.71 -0.08
C THR B 96 -17.92 -8.67 -1.25
N PRO B 97 -17.07 -8.46 -2.24
CA PRO B 97 -17.23 -9.21 -3.46
C PRO B 97 -16.75 -10.65 -3.26
N MET B 98 -17.43 -11.58 -3.91
CA MET B 98 -17.06 -13.00 -3.85
C MET B 98 -16.17 -13.40 -5.02
N ARG B 99 -15.50 -14.53 -4.88
CA ARG B 99 -14.77 -15.15 -5.97
C ARG B 99 -15.18 -16.62 -6.09
N GLU B 100 -15.11 -17.18 -7.30
CA GLU B 100 -15.36 -18.59 -7.49
C GLU B 100 -14.20 -19.31 -6.82
N LEU B 101 -14.51 -20.32 -6.03
CA LEU B 101 -13.51 -20.96 -5.16
C LEU B 101 -12.65 -21.99 -5.87
N ALA B 102 -13.19 -22.59 -6.93
CA ALA B 102 -12.44 -23.54 -7.73
C ALA B 102 -12.93 -23.35 -9.15
N PRO B 103 -12.03 -23.44 -10.14
CA PRO B 103 -12.47 -23.22 -11.52
C PRO B 103 -13.50 -24.26 -12.00
N GLY B 104 -14.55 -23.79 -12.68
CA GLY B 104 -15.58 -24.67 -13.23
C GLY B 104 -16.57 -25.26 -12.23
N THR B 105 -16.49 -24.84 -10.98
CA THR B 105 -17.35 -25.35 -9.92
C THR B 105 -18.63 -24.55 -9.71
N ASP B 106 -18.63 -23.27 -10.08
CA ASP B 106 -19.76 -22.36 -9.78
C ASP B 106 -20.02 -22.16 -8.27
N ARG B 107 -19.03 -22.46 -7.44
CA ARG B 107 -19.13 -22.20 -6.01
C ARG B 107 -18.34 -20.94 -5.66
N TRP B 108 -19.01 -19.97 -5.05
CA TRP B 108 -18.43 -18.66 -4.79
C TRP B 108 -18.37 -18.41 -3.28
N GLY B 109 -17.37 -17.64 -2.86
CA GLY B 109 -17.17 -17.37 -1.46
C GLY B 109 -16.50 -16.04 -1.20
N ALA B 110 -16.81 -15.48 -0.02
CA ALA B 110 -16.10 -14.32 0.49
C ALA B 110 -16.06 -14.39 2.00
N THR B 111 -15.11 -13.70 2.63
CA THR B 111 -15.04 -13.62 4.07
C THR B 111 -15.81 -12.39 4.57
N VAL B 112 -16.57 -12.55 5.65
CA VAL B 112 -17.25 -11.44 6.29
C VAL B 112 -16.81 -11.40 7.74
N THR B 113 -17.01 -10.28 8.44
CA THR B 113 -16.68 -10.20 9.88
C THR B 113 -17.84 -9.62 10.68
N ALA B 114 -18.15 -10.31 11.78
CA ALA B 114 -19.24 -9.98 12.66
C ALA B 114 -18.80 -8.78 13.48
N GLY B 115 -19.75 -7.91 13.82
CA GLY B 115 -19.49 -6.71 14.64
C GLY B 115 -20.09 -6.85 16.03
N GLU B 116 -20.97 -5.93 16.40
CA GLU B 116 -21.66 -5.99 17.68
C GLU B 116 -22.52 -7.24 17.77
N THR B 117 -22.94 -7.51 19.00
CA THR B 117 -23.70 -8.70 19.30
C THR B 117 -25.17 -8.51 18.91
N GLY B 118 -25.84 -9.61 18.62
CA GLY B 118 -27.25 -9.62 18.30
C GLY B 118 -27.59 -10.49 17.09
N THR B 119 -28.80 -10.28 16.55
CA THR B 119 -29.28 -11.12 15.44
C THR B 119 -29.11 -10.37 14.11
N TRP B 120 -28.28 -10.96 13.26
CA TRP B 120 -27.92 -10.38 12.00
C TRP B 120 -28.52 -11.22 10.88
N SER B 121 -28.32 -10.76 9.66
CA SER B 121 -28.78 -11.50 8.49
C SER B 121 -27.79 -11.35 7.34
N TYR B 122 -27.74 -12.37 6.48
CA TYR B 122 -26.86 -12.31 5.32
C TYR B 122 -27.54 -12.78 4.06
N THR B 123 -27.23 -12.06 3.00
CA THR B 123 -27.75 -12.28 1.69
C THR B 123 -26.59 -12.35 0.72
N VAL B 124 -26.75 -13.18 -0.29
CA VAL B 124 -25.82 -13.21 -1.41
C VAL B 124 -26.53 -12.63 -2.63
N GLU B 125 -25.91 -11.63 -3.24
CA GLU B 125 -26.44 -11.03 -4.48
C GLU B 125 -25.64 -11.57 -5.63
N ALA B 126 -26.35 -12.02 -6.67
CA ALA B 126 -25.70 -12.54 -7.91
C ALA B 126 -26.14 -11.65 -9.06
N TRP B 127 -25.29 -11.53 -10.06
CA TRP B 127 -25.58 -10.60 -11.16
C TRP B 127 -24.72 -10.96 -12.36
N GLY B 128 -25.18 -10.57 -13.55
CA GLY B 128 -24.39 -10.63 -14.74
C GLY B 128 -23.29 -9.62 -14.68
N ASP B 129 -22.10 -10.02 -15.13
CA ASP B 129 -20.92 -9.14 -15.15
C ASP B 129 -20.53 -8.85 -16.58
N PRO B 130 -21.22 -7.90 -17.22
CA PRO B 130 -21.07 -7.66 -18.66
C PRO B 130 -19.71 -7.10 -19.03
N VAL B 131 -19.06 -6.39 -18.12
CA VAL B 131 -17.75 -5.80 -18.40
C VAL B 131 -16.64 -6.84 -18.52
N THR B 132 -16.68 -7.87 -17.67
CA THR B 132 -15.70 -8.96 -17.73
C THR B 132 -15.89 -9.74 -19.01
N THR B 133 -17.15 -9.90 -19.37
CA THR B 133 -17.52 -10.58 -20.59
C THR B 133 -17.04 -9.84 -21.81
N TRP B 134 -17.38 -8.57 -21.89
CA TRP B 134 -16.95 -7.76 -23.00
C TRP B 134 -15.42 -7.80 -23.12
N ARG B 135 -14.74 -7.61 -22.00
CA ARG B 135 -13.28 -7.58 -22.00
C ARG B 135 -12.66 -8.83 -22.62
N HIS B 136 -13.22 -9.97 -22.24
CA HIS B 136 -12.74 -11.25 -22.71
C HIS B 136 -12.82 -11.27 -24.25
N HIS B 137 -13.99 -10.90 -24.79
CA HIS B 137 -14.19 -10.93 -26.23
C HIS B 137 -13.32 -9.89 -26.94
N ALA B 138 -13.17 -8.72 -26.33
CA ALA B 138 -12.38 -7.67 -26.96
C ALA B 138 -10.94 -8.09 -27.11
N ARG B 139 -10.36 -8.65 -26.05
CA ARG B 139 -8.95 -9.02 -26.05
C ARG B 139 -8.60 -9.95 -27.20
N ILE B 140 -9.57 -10.76 -27.62
CA ILE B 140 -9.39 -11.69 -28.72
C ILE B 140 -9.73 -11.06 -30.07
N LYS B 141 -10.89 -10.40 -30.15
CA LYS B 141 -11.35 -9.85 -31.43
C LYS B 141 -10.44 -8.73 -31.95
N ILE B 142 -10.00 -7.85 -31.07
CA ILE B 142 -9.24 -6.66 -31.47
C ILE B 142 -7.89 -6.99 -32.13
N PRO B 143 -7.11 -7.93 -31.55
CA PRO B 143 -5.93 -8.41 -32.30
C PRO B 143 -6.32 -9.13 -33.61
N ALA B 144 -7.40 -9.91 -33.57
CA ALA B 144 -7.90 -10.62 -34.75
C ALA B 144 -8.58 -9.70 -35.77
N GLY B 145 -8.69 -8.39 -35.50
CA GLY B 145 -9.26 -7.44 -36.46
C GLY B 145 -10.73 -7.63 -36.79
N LEU B 146 -11.42 -8.39 -35.93
CA LEU B 146 -12.84 -8.72 -36.14
C LEU B 146 -13.76 -7.64 -35.54
N ASP B 147 -14.46 -6.89 -36.41
CA ASP B 147 -15.49 -5.91 -36.01
C ASP B 147 -15.01 -4.86 -35.00
N THR B 148 -13.79 -4.38 -35.14
CA THR B 148 -13.18 -3.61 -34.06
C THR B 148 -14.01 -2.37 -33.65
N ASP B 149 -14.61 -1.67 -34.63
CA ASP B 149 -15.44 -0.49 -34.34
C ASP B 149 -16.69 -0.81 -33.53
N LEU B 150 -17.36 -1.89 -33.90
CA LEU B 150 -18.59 -2.29 -33.23
C LEU B 150 -18.26 -2.74 -31.80
N VAL B 151 -17.22 -3.55 -31.66
CA VAL B 151 -16.81 -4.03 -30.36
C VAL B 151 -16.46 -2.88 -29.43
N LEU B 152 -15.73 -1.89 -29.94
CA LEU B 152 -15.25 -0.83 -29.09
C LEU B 152 -16.38 0.10 -28.68
N GLU B 153 -17.35 0.26 -29.56
CA GLU B 153 -18.54 1.06 -29.24
C GLU B 153 -19.36 0.34 -28.15
N GLU B 154 -19.46 -0.98 -28.26
CA GLU B 154 -20.23 -1.76 -27.26
C GLU B 154 -19.64 -1.63 -25.86
N GLY B 155 -18.31 -1.52 -25.80
CA GLY B 155 -17.60 -1.35 -24.55
C GLY B 155 -17.78 0.06 -24.01
N ALA B 156 -17.78 1.03 -24.92
CA ALA B 156 -18.06 2.41 -24.56
C ALA B 156 -19.39 2.55 -23.84
N ARG B 157 -20.43 1.91 -24.39
CA ARG B 157 -21.76 2.05 -23.82
C ARG B 157 -21.85 1.32 -22.48
N LEU B 158 -21.10 0.23 -22.30
CA LEU B 158 -21.05 -0.46 -20.98
C LEU B 158 -20.40 0.45 -19.95
N TYR B 159 -19.28 1.06 -20.33
CA TYR B 159 -18.54 1.90 -19.42
C TYR B 159 -19.29 3.16 -19.05
N GLU B 160 -20.16 3.62 -19.94
CA GLU B 160 -20.98 4.80 -19.69
C GLU B 160 -22.01 4.51 -18.63
N ARG B 161 -22.66 3.36 -18.75
CA ARG B 161 -23.60 2.90 -17.74
C ARG B 161 -22.90 2.73 -16.39
N ALA B 162 -21.64 2.29 -16.42
CA ALA B 162 -20.85 2.10 -15.20
C ALA B 162 -20.58 3.44 -14.59
N ALA B 163 -20.30 4.41 -15.45
CA ALA B 163 -20.07 5.78 -14.98
C ALA B 163 -21.29 6.42 -14.28
N ALA B 164 -22.49 6.07 -14.73
CA ALA B 164 -23.71 6.65 -14.16
C ALA B 164 -24.03 6.16 -12.74
N ASP B 165 -23.34 5.12 -12.28
CA ASP B 165 -23.53 4.58 -10.92
C ASP B 165 -22.49 5.10 -9.92
N VAL B 166 -21.33 5.50 -10.44
CA VAL B 166 -20.19 5.85 -9.60
C VAL B 166 -20.40 7.20 -8.87
N PRO B 167 -20.48 7.17 -7.52
CA PRO B 167 -20.66 8.41 -6.75
C PRO B 167 -19.45 9.33 -6.77
N GLY B 168 -18.24 8.76 -6.74
CA GLY B 168 -17.01 9.55 -6.79
C GLY B 168 -16.92 10.35 -8.09
N ARG B 169 -16.59 11.63 -7.98
CA ARG B 169 -16.47 12.48 -9.17
C ARG B 169 -15.20 12.14 -9.94
N GLU B 170 -14.10 11.96 -9.21
CA GLU B 170 -12.81 11.60 -9.83
C GLU B 170 -12.90 10.25 -10.55
N ASP B 171 -13.54 9.29 -9.88
CA ASP B 171 -13.76 7.96 -10.44
C ASP B 171 -14.66 8.00 -11.69
N ARG B 172 -15.68 8.86 -11.66
CA ARG B 172 -16.57 9.04 -12.81
C ARG B 172 -15.78 9.64 -13.97
N ARG B 173 -15.02 10.71 -13.70
CA ARG B 173 -14.18 11.32 -14.72
C ARG B 173 -13.27 10.28 -15.36
N GLU B 174 -12.71 9.39 -14.55
CA GLU B 174 -11.75 8.37 -15.03
C GLU B 174 -12.40 7.40 -16.01
N LEU B 175 -13.64 6.99 -15.73
CA LEU B 175 -14.38 6.07 -16.61
C LEU B 175 -14.88 6.76 -17.91
N LEU B 176 -15.27 8.05 -17.82
CA LEU B 176 -15.68 8.81 -19.01
C LEU B 176 -14.47 9.09 -19.91
N ALA B 177 -13.30 9.20 -19.30
CA ALA B 177 -12.08 9.40 -20.09
C ALA B 177 -11.81 8.14 -20.92
N ALA B 178 -12.08 6.99 -20.34
CA ALA B 178 -11.93 5.73 -21.02
C ALA B 178 -12.97 5.56 -22.13
N VAL B 179 -14.19 6.01 -21.85
CA VAL B 179 -15.26 5.99 -22.84
C VAL B 179 -14.80 6.78 -24.06
N ASP B 180 -14.28 7.98 -23.82
CA ASP B 180 -13.82 8.85 -24.90
C ASP B 180 -12.74 8.13 -25.68
N ALA B 181 -11.76 7.57 -24.96
CA ALA B 181 -10.65 6.86 -25.61
C ALA B 181 -11.15 5.73 -26.48
N LEU B 182 -12.08 4.92 -25.94
CA LEU B 182 -12.67 3.80 -26.68
C LEU B 182 -13.39 4.24 -27.95
N ARG B 183 -13.93 5.46 -27.96
CA ARG B 183 -14.67 5.97 -29.11
C ARG B 183 -13.84 6.81 -30.05
N ASP B 184 -12.54 6.96 -29.76
CA ASP B 184 -11.72 7.82 -30.59
C ASP B 184 -11.31 7.09 -31.85
N GLU B 185 -12.10 7.28 -32.90
CA GLU B 185 -11.90 6.55 -34.13
C GLU B 185 -10.65 6.97 -34.91
N SER B 186 -9.93 8.00 -34.44
CA SER B 186 -8.65 8.37 -35.04
C SER B 186 -7.47 7.53 -34.53
N ARG B 187 -7.65 6.80 -33.44
CA ARG B 187 -6.57 6.01 -32.83
C ARG B 187 -6.59 4.53 -33.22
N PRO B 188 -5.42 3.86 -33.15
CA PRO B 188 -5.38 2.43 -33.44
C PRO B 188 -6.25 1.60 -32.49
N ALA B 189 -6.95 0.62 -33.04
CA ALA B 189 -7.84 -0.28 -32.27
C ALA B 189 -7.24 -0.78 -30.93
N ALA B 190 -6.05 -1.35 -30.99
CA ALA B 190 -5.39 -1.90 -29.79
C ALA B 190 -5.03 -0.83 -28.74
N SER B 191 -4.76 0.38 -29.21
CA SER B 191 -4.50 1.52 -28.33
C SER B 191 -5.80 1.95 -27.62
N ARG B 192 -6.86 2.12 -28.41
CA ARG B 192 -8.20 2.43 -27.89
C ARG B 192 -8.58 1.44 -26.80
N LEU B 193 -8.50 0.16 -27.11
CA LEU B 193 -8.80 -0.89 -26.13
C LEU B 193 -7.95 -0.77 -24.85
N ALA B 194 -6.64 -0.67 -25.00
CA ALA B 194 -5.73 -0.63 -23.83
C ALA B 194 -6.09 0.47 -22.80
N ALA B 195 -6.66 1.56 -23.29
CA ALA B 195 -7.04 2.68 -22.43
C ALA B 195 -8.24 2.35 -21.50
N ALA B 196 -8.99 1.29 -21.82
CA ALA B 196 -10.09 0.82 -20.97
C ALA B 196 -9.67 -0.35 -20.04
N LEU B 197 -8.40 -0.71 -20.07
CA LEU B 197 -7.92 -1.82 -19.28
C LEU B 197 -6.79 -1.42 -18.33
N THR B 198 -6.65 -0.13 -18.08
CA THR B 198 -5.60 0.38 -17.20
C THR B 198 -5.91 0.05 -15.74
N PRO B 199 -4.86 -0.11 -14.91
CA PRO B 199 -5.06 -0.35 -13.48
C PRO B 199 -6.06 0.58 -12.80
N GLN B 200 -6.04 1.85 -13.15
CA GLN B 200 -6.91 2.83 -12.48
C GLN B 200 -8.36 2.70 -12.94
N VAL B 201 -8.57 2.16 -14.13
CA VAL B 201 -9.92 1.83 -14.59
C VAL B 201 -10.43 0.59 -13.87
N ASP B 202 -9.60 -0.46 -13.82
CA ASP B 202 -9.85 -1.66 -12.99
C ASP B 202 -10.23 -1.34 -11.54
N ALA B 203 -9.51 -0.40 -10.93
CA ALA B 203 -9.70 -0.08 -9.51
C ALA B 203 -11.07 0.53 -9.27
N VAL B 204 -11.51 1.38 -10.17
CA VAL B 204 -12.83 1.99 -10.09
C VAL B 204 -13.88 0.91 -10.26
N LEU B 205 -13.67 0.04 -11.25
CA LEU B 205 -14.63 -1.00 -11.60
C LEU B 205 -14.70 -2.13 -10.55
N ALA B 206 -13.58 -2.40 -9.89
CA ALA B 206 -13.58 -3.34 -8.79
C ALA B 206 -14.44 -2.81 -7.64
N ARG B 207 -14.33 -1.51 -7.36
CA ARG B 207 -15.14 -0.91 -6.28
C ARG B 207 -16.61 -0.71 -6.68
N HIS B 208 -16.88 -0.31 -7.93
CA HIS B 208 -18.25 0.00 -8.38
C HIS B 208 -18.62 -0.69 -9.70
N PRO B 209 -18.79 -2.02 -9.65
CA PRO B 209 -19.00 -2.74 -10.89
C PRO B 209 -20.38 -2.54 -11.50
N LEU B 210 -20.46 -2.67 -12.82
CA LEU B 210 -21.74 -2.68 -13.51
C LEU B 210 -22.32 -4.10 -13.32
N ARG B 211 -23.46 -4.16 -12.63
CA ARG B 211 -24.10 -5.39 -12.26
C ARG B 211 -25.42 -5.46 -12.96
N ASP B 212 -25.58 -6.44 -13.84
CA ASP B 212 -26.85 -6.68 -14.53
C ASP B 212 -27.71 -7.66 -13.74
N LEU B 213 -29.01 -7.37 -13.68
CA LEU B 213 -30.01 -8.38 -13.31
C LEU B 213 -29.80 -8.94 -11.90
N VAL B 214 -29.52 -8.04 -10.98
CA VAL B 214 -29.21 -8.37 -9.60
C VAL B 214 -30.30 -9.29 -9.04
N THR B 215 -29.87 -10.39 -8.43
CA THR B 215 -30.78 -11.38 -7.85
C THR B 215 -30.23 -11.70 -6.47
N SER B 216 -31.12 -11.80 -5.48
CA SER B 216 -30.74 -12.11 -4.09
C SER B 216 -31.30 -13.40 -3.60
N SER B 217 -30.54 -14.05 -2.73
CA SER B 217 -31.06 -15.18 -1.97
C SER B 217 -31.98 -14.62 -0.90
N ASP B 218 -32.83 -15.48 -0.33
CA ASP B 218 -33.59 -15.10 0.87
C ASP B 218 -32.63 -14.95 2.05
N PRO B 219 -32.89 -13.98 2.94
CA PRO B 219 -31.95 -13.77 4.06
C PRO B 219 -31.80 -14.96 5.00
N LEU B 220 -30.57 -15.21 5.47
CA LEU B 220 -30.30 -16.24 6.49
C LEU B 220 -29.83 -15.59 7.74
N PRO B 221 -30.20 -16.18 8.89
CA PRO B 221 -29.91 -15.54 10.16
C PRO B 221 -28.55 -15.90 10.78
N LEU B 222 -27.96 -14.89 11.41
CA LEU B 222 -26.70 -15.01 12.12
C LEU B 222 -26.83 -14.45 13.54
N LEU B 223 -26.50 -15.28 14.56
CA LEU B 223 -26.54 -14.86 15.95
C LEU B 223 -25.11 -14.52 16.34
N VAL B 224 -24.82 -13.27 16.62
CA VAL B 224 -23.47 -12.88 16.98
C VAL B 224 -23.42 -12.63 18.48
N GLU B 225 -22.51 -13.32 19.15
CA GLU B 225 -22.41 -13.33 20.60
C GLU B 225 -21.04 -12.82 21.05
N ARG B 226 -20.86 -12.69 22.38
CA ARG B 226 -19.65 -12.09 22.93
C ARG B 226 -18.42 -12.99 22.79
N GLU B 227 -17.26 -12.34 22.87
CA GLU B 227 -15.96 -12.94 22.63
C GLU B 227 -15.79 -14.22 23.41
N ARG B 228 -16.15 -14.18 24.69
CA ARG B 228 -15.95 -15.32 25.59
C ARG B 228 -16.68 -16.60 25.17
N ALA B 229 -17.73 -16.46 24.37
CA ALA B 229 -18.42 -17.65 23.83
C ALA B 229 -17.45 -18.52 23.02
N LEU B 230 -16.52 -17.87 22.32
CA LEU B 230 -15.55 -18.56 21.47
C LEU B 230 -14.21 -18.73 22.13
N TYR B 231 -13.78 -17.69 22.83
CA TYR B 231 -12.40 -17.59 23.31
C TYR B 231 -12.32 -17.37 24.83
N GLY B 232 -11.50 -18.17 25.47
CA GLY B 232 -11.36 -18.14 26.90
C GLY B 232 -10.64 -19.35 27.42
N ALA B 233 -9.93 -19.20 28.52
CA ALA B 233 -9.24 -20.31 29.14
C ALA B 233 -9.88 -20.63 30.47
N TRP B 234 -10.19 -21.91 30.69
CA TRP B 234 -11.01 -22.36 31.82
C TRP B 234 -10.23 -23.20 32.84
N TYR B 235 -10.52 -22.95 34.11
CA TYR B 235 -9.92 -23.70 35.21
C TYR B 235 -10.99 -24.22 36.14
N GLU B 236 -11.05 -25.54 36.34
CA GLU B 236 -12.03 -26.15 37.22
C GLU B 236 -11.36 -26.57 38.54
N PHE B 237 -11.97 -26.17 39.64
CA PHE B 237 -11.58 -26.66 40.94
C PHE B 237 -12.71 -26.73 41.92
N PHE B 238 -12.52 -27.52 42.97
CA PHE B 238 -13.50 -27.67 44.05
C PHE B 238 -13.13 -26.80 45.24
N PRO B 239 -13.88 -25.76 45.47
CA PRO B 239 -13.58 -24.96 46.67
C PRO B 239 -13.40 -25.74 47.98
N ARG B 240 -14.15 -26.83 48.17
CA ARG B 240 -14.13 -27.52 49.44
C ARG B 240 -12.79 -28.15 49.76
N SER B 241 -11.98 -28.37 48.72
CA SER B 241 -10.68 -28.92 48.92
C SER B 241 -9.65 -27.90 49.43
N GLU B 242 -9.94 -26.61 49.29
CA GLU B 242 -9.02 -25.58 49.70
C GLU B 242 -9.43 -25.03 51.08
N GLY B 243 -9.17 -25.83 52.11
CA GLY B 243 -9.41 -25.44 53.48
C GLY B 243 -8.14 -25.24 54.30
N THR B 244 -8.25 -25.52 55.61
CA THR B 244 -7.19 -25.25 56.60
C THR B 244 -6.98 -26.48 57.47
N PRO B 245 -5.92 -26.49 58.27
CA PRO B 245 -5.76 -27.56 59.26
C PRO B 245 -6.91 -27.64 60.29
N HIS B 246 -7.41 -26.50 60.74
CA HIS B 246 -8.53 -26.48 61.71
C HIS B 246 -9.84 -26.88 61.02
N THR B 247 -10.07 -26.34 59.83
CA THR B 247 -11.30 -26.63 59.05
C THR B 247 -10.90 -27.14 57.66
N PRO B 248 -10.71 -28.46 57.55
CA PRO B 248 -10.31 -29.03 56.27
C PRO B 248 -11.27 -28.69 55.13
N HIS B 249 -12.57 -28.65 55.42
CA HIS B 249 -13.58 -28.37 54.41
C HIS B 249 -13.55 -26.90 54.13
N GLY B 250 -13.04 -26.57 52.97
CA GLY B 250 -12.83 -25.21 52.60
C GLY B 250 -14.12 -24.48 52.47
N THR B 251 -14.03 -23.16 52.56
CA THR B 251 -15.15 -22.30 52.41
C THR B 251 -14.90 -21.41 51.19
N PHE B 252 -15.89 -20.58 50.80
CA PHE B 252 -15.70 -19.59 49.73
C PHE B 252 -14.67 -18.55 50.15
N ARG B 253 -14.60 -18.28 51.45
CA ARG B 253 -13.62 -17.32 51.91
C ARG B 253 -12.21 -17.88 51.85
N THR B 254 -12.03 -19.14 52.22
CA THR B 254 -10.72 -19.76 52.09
C THR B 254 -10.42 -20.12 50.63
N ALA B 255 -11.41 -20.62 49.89
CA ALA B 255 -11.18 -20.97 48.49
C ALA B 255 -10.75 -19.77 47.66
N ALA B 256 -11.22 -18.57 48.02
CA ALA B 256 -10.81 -17.35 47.32
C ALA B 256 -9.31 -17.15 47.24
N ARG B 257 -8.58 -17.72 48.19
CA ARG B 257 -7.12 -17.56 48.19
C ARG B 257 -6.46 -18.25 47.01
N ARG B 258 -7.17 -19.16 46.34
CA ARG B 258 -6.61 -19.86 45.22
C ARG B 258 -6.69 -19.03 43.95
N LEU B 259 -7.64 -18.10 43.93
CA LEU B 259 -7.93 -17.28 42.75
C LEU B 259 -6.75 -16.51 42.18
N PRO B 260 -5.89 -15.94 43.06
CA PRO B 260 -4.80 -15.16 42.48
C PRO B 260 -3.86 -16.02 41.65
N ALA B 261 -3.56 -17.22 42.15
CA ALA B 261 -2.70 -18.10 41.41
C ALA B 261 -3.36 -18.57 40.08
N ILE B 262 -4.69 -18.67 40.07
CA ILE B 262 -5.39 -19.07 38.87
C ILE B 262 -5.34 -17.96 37.80
N ALA B 263 -5.58 -16.70 38.22
CA ALA B 263 -5.44 -15.56 37.33
C ALA B 263 -4.01 -15.41 36.79
N ALA B 264 -3.03 -15.75 37.63
CA ALA B 264 -1.62 -15.61 37.24
C ALA B 264 -1.19 -16.66 36.25
N MET B 265 -1.92 -17.77 36.17
CA MET B 265 -1.68 -18.77 35.14
C MET B 265 -2.36 -18.35 33.81
N GLY B 266 -3.05 -17.23 33.83
CA GLY B 266 -3.67 -16.71 32.63
C GLY B 266 -5.04 -17.28 32.26
N PHE B 267 -5.83 -17.71 33.26
CA PHE B 267 -7.17 -18.17 33.00
C PHE B 267 -8.15 -17.04 33.06
N ASP B 268 -9.29 -17.23 32.39
CA ASP B 268 -10.35 -16.24 32.32
C ASP B 268 -11.61 -16.69 33.01
N VAL B 269 -11.77 -18.00 33.17
CA VAL B 269 -13.00 -18.59 33.70
C VAL B 269 -12.71 -19.66 34.73
N VAL B 270 -13.38 -19.60 35.88
CA VAL B 270 -13.31 -20.61 36.91
C VAL B 270 -14.60 -21.32 36.92
N TYR B 271 -14.56 -22.63 36.67
CA TYR B 271 -15.77 -23.46 36.68
C TYR B 271 -15.81 -24.22 38.00
N LEU B 272 -16.91 -24.02 38.74
CA LEU B 272 -17.11 -24.66 40.03
C LEU B 272 -18.09 -25.83 39.88
N PRO B 273 -17.75 -26.96 40.50
CA PRO B 273 -18.77 -27.95 40.65
C PRO B 273 -19.94 -27.42 41.51
N PRO B 274 -21.08 -28.13 41.50
CA PRO B 274 -22.24 -27.74 42.30
C PRO B 274 -21.90 -27.27 43.73
N ILE B 275 -22.46 -26.12 44.10
CA ILE B 275 -22.14 -25.43 45.36
C ILE B 275 -23.27 -25.47 46.39
N HIS B 276 -24.19 -26.41 46.21
CA HIS B 276 -25.41 -26.47 46.96
C HIS B 276 -25.28 -27.52 48.05
N PRO B 277 -26.28 -27.64 48.93
CA PRO B 277 -26.18 -28.76 49.87
C PRO B 277 -26.23 -30.10 49.15
N ILE B 278 -25.67 -31.11 49.80
CA ILE B 278 -25.52 -32.42 49.25
C ILE B 278 -26.33 -33.35 50.11
N GLY B 279 -27.05 -34.27 49.49
CA GLY B 279 -27.92 -35.18 50.25
C GLY B 279 -27.18 -36.16 51.11
N THR B 280 -27.95 -36.80 52.01
CA THR B 280 -27.46 -37.84 52.92
C THR B 280 -27.91 -39.28 52.57
N THR B 281 -29.14 -39.44 52.09
CA THR B 281 -29.67 -40.74 51.69
C THR B 281 -28.93 -41.20 50.45
N HIS B 282 -28.31 -42.39 50.56
CA HIS B 282 -27.58 -43.05 49.47
C HIS B 282 -26.33 -42.28 49.06
N ARG B 283 -25.81 -41.49 50.00
CA ARG B 283 -24.63 -40.72 49.75
C ARG B 283 -23.49 -41.65 49.43
N LYS B 284 -22.65 -41.26 48.47
CA LYS B 284 -21.51 -42.08 48.10
C LYS B 284 -20.29 -41.78 48.99
N GLY B 285 -19.52 -42.83 49.26
CA GLY B 285 -18.28 -42.70 49.97
C GLY B 285 -17.11 -42.58 49.02
N ARG B 286 -15.91 -42.68 49.58
CA ARG B 286 -14.67 -42.44 48.85
C ARG B 286 -14.57 -43.41 47.67
N ASN B 287 -13.90 -43.01 46.60
CA ASN B 287 -13.73 -43.88 45.43
C ASN B 287 -15.03 -44.49 44.91
N ASN B 288 -16.11 -43.72 44.92
CA ASN B 288 -17.38 -44.17 44.37
C ASN B 288 -17.94 -45.40 45.07
N THR B 289 -17.72 -45.52 46.37
CA THR B 289 -18.32 -46.64 47.12
C THR B 289 -19.74 -46.24 47.44
N LEU B 290 -20.56 -47.25 47.68
CA LEU B 290 -22.01 -47.11 47.78
C LEU B 290 -22.45 -46.44 49.11
N SER B 291 -21.87 -46.86 50.23
CA SER B 291 -22.25 -46.35 51.56
C SER B 291 -21.21 -45.42 52.18
N ALA B 292 -21.59 -44.16 52.34
CA ALA B 292 -20.77 -43.17 53.01
C ALA B 292 -20.64 -43.45 54.52
N THR B 293 -19.50 -43.10 55.09
CA THR B 293 -19.31 -43.17 56.55
C THR B 293 -19.34 -41.77 57.14
N GLY B 294 -19.21 -41.70 58.46
CA GLY B 294 -19.47 -40.48 59.23
C GLY B 294 -18.92 -39.16 58.72
N ASP B 295 -17.72 -39.15 58.18
CA ASP B 295 -17.13 -37.86 57.74
C ASP B 295 -17.24 -37.62 56.25
N ASP B 296 -17.64 -38.64 55.49
CA ASP B 296 -17.58 -38.54 54.06
C ASP B 296 -18.37 -37.35 53.58
N VAL B 297 -17.82 -36.60 52.64
CA VAL B 297 -18.52 -35.39 52.21
C VAL B 297 -19.57 -35.63 51.12
N GLY B 298 -19.50 -36.76 50.43
CA GLY B 298 -20.41 -37.01 49.32
C GLY B 298 -20.03 -36.26 48.03
N VAL B 299 -20.89 -36.38 47.03
CA VAL B 299 -20.65 -35.85 45.67
C VAL B 299 -21.47 -34.62 45.46
N PRO B 300 -20.84 -33.52 44.98
CA PRO B 300 -21.56 -32.27 44.89
C PRO B 300 -22.78 -32.34 43.95
N TRP B 301 -22.72 -33.24 42.99
CA TRP B 301 -23.77 -33.41 42.02
C TRP B 301 -25.00 -34.05 42.62
N ALA B 302 -24.88 -34.61 43.84
CA ALA B 302 -26.04 -35.10 44.57
C ALA B 302 -26.68 -33.93 45.32
N ILE B 303 -27.40 -33.11 44.57
CA ILE B 303 -27.88 -31.83 45.05
C ILE B 303 -29.15 -31.89 45.89
N GLY B 304 -29.10 -31.27 47.06
CA GLY B 304 -30.29 -30.93 47.81
C GLY B 304 -30.49 -31.71 49.10
N SER B 305 -30.92 -30.99 50.14
CA SER B 305 -31.22 -31.58 51.44
C SER B 305 -32.20 -30.67 52.12
N PRO B 306 -32.64 -31.02 53.33
CA PRO B 306 -33.46 -30.06 54.07
C PRO B 306 -32.87 -28.66 54.20
N GLU B 307 -31.57 -28.52 54.01
CA GLU B 307 -30.90 -27.23 54.12
C GLU B 307 -31.12 -26.33 52.89
N GLY B 308 -31.48 -26.95 51.76
CA GLY B 308 -31.68 -26.19 50.51
C GLY B 308 -31.47 -27.01 49.24
N GLY B 309 -31.86 -26.44 48.10
CA GLY B 309 -31.67 -27.06 46.82
C GLY B 309 -30.74 -26.25 45.96
N HIS B 310 -31.11 -26.14 44.68
CA HIS B 310 -30.28 -25.46 43.70
C HIS B 310 -30.18 -23.95 43.86
N ASP B 311 -31.05 -23.32 44.65
CA ASP B 311 -30.94 -21.90 44.89
C ASP B 311 -30.21 -21.60 46.22
N SER B 312 -29.62 -22.64 46.85
CA SER B 312 -28.92 -22.50 48.15
C SER B 312 -27.45 -22.87 48.10
N ILE B 313 -26.75 -22.45 49.14
CA ILE B 313 -25.34 -22.72 49.31
C ILE B 313 -25.13 -23.78 50.37
N HIS B 314 -24.25 -24.74 50.08
CA HIS B 314 -23.83 -25.75 51.06
C HIS B 314 -23.37 -25.00 52.35
N PRO B 315 -23.96 -25.32 53.52
CA PRO B 315 -23.58 -24.54 54.73
C PRO B 315 -22.09 -24.60 55.10
N ALA B 316 -21.41 -25.68 54.74
CA ALA B 316 -19.98 -25.80 54.97
C ALA B 316 -19.11 -24.93 54.00
N LEU B 317 -19.73 -24.34 52.97
CA LEU B 317 -19.03 -23.37 52.12
C LEU B 317 -19.31 -21.98 52.60
N GLY B 318 -20.31 -21.84 53.45
CA GLY B 318 -20.71 -20.54 53.99
C GLY B 318 -22.07 -20.10 53.45
N THR B 319 -22.21 -18.81 53.21
CA THR B 319 -23.47 -18.19 52.82
C THR B 319 -23.38 -17.53 51.47
N LEU B 320 -24.54 -17.07 51.01
CA LEU B 320 -24.66 -16.32 49.77
C LEU B 320 -23.77 -15.07 49.76
N ASP B 321 -23.61 -14.44 50.93
CA ASP B 321 -22.76 -13.26 51.05
C ASP B 321 -21.32 -13.62 50.86
N ASP B 322 -20.93 -14.81 51.35
CA ASP B 322 -19.56 -15.30 51.14
C ASP B 322 -19.33 -15.56 49.64
N PHE B 323 -20.33 -16.14 48.99
CA PHE B 323 -20.26 -16.39 47.55
C PHE B 323 -20.10 -15.06 46.79
N ASP B 324 -20.93 -14.07 47.11
CA ASP B 324 -20.77 -12.75 46.50
C ASP B 324 -19.34 -12.27 46.64
N HIS B 325 -18.71 -12.53 47.78
CA HIS B 325 -17.34 -12.09 48.00
C HIS B 325 -16.41 -12.82 47.06
N PHE B 326 -16.62 -14.12 46.94
CA PHE B 326 -15.83 -14.94 46.05
C PHE B 326 -15.91 -14.38 44.60
N VAL B 327 -17.12 -14.07 44.15
CA VAL B 327 -17.37 -13.64 42.76
C VAL B 327 -16.78 -12.25 42.49
N THR B 328 -16.84 -11.39 43.52
CA THR B 328 -16.31 -10.05 43.45
C THR B 328 -14.81 -10.13 43.35
N GLU B 329 -14.18 -10.96 44.17
CA GLU B 329 -12.74 -11.09 44.14
C GLU B 329 -12.26 -11.72 42.83
N ALA B 330 -13.05 -12.65 42.31
CA ALA B 330 -12.75 -13.26 41.00
C ALA B 330 -12.76 -12.18 39.92
N GLY B 331 -13.80 -11.38 39.88
CA GLY B 331 -13.94 -10.28 38.93
C GLY B 331 -12.82 -9.27 38.93
N LYS B 332 -12.34 -8.90 40.11
CA LYS B 332 -11.21 -7.98 40.19
C LYS B 332 -9.94 -8.59 39.57
N LEU B 333 -9.84 -9.91 39.55
CA LEU B 333 -8.69 -10.59 38.92
C LEU B 333 -8.94 -10.93 37.46
N GLY B 334 -10.02 -10.43 36.89
CA GLY B 334 -10.40 -10.74 35.51
C GLY B 334 -10.89 -12.17 35.36
N LEU B 335 -11.49 -12.72 36.42
CA LEU B 335 -12.08 -14.06 36.35
C LEU B 335 -13.58 -14.01 36.44
N GLU B 336 -14.25 -14.60 35.44
CA GLU B 336 -15.68 -14.84 35.49
C GLU B 336 -15.86 -16.21 36.09
N ILE B 337 -17.00 -16.41 36.76
CA ILE B 337 -17.33 -17.70 37.31
C ILE B 337 -18.35 -18.42 36.41
N ALA B 338 -18.12 -19.71 36.19
CA ALA B 338 -19.15 -20.56 35.57
C ALA B 338 -19.66 -21.47 36.61
N LEU B 339 -20.96 -21.48 36.85
CA LEU B 339 -21.50 -22.45 37.78
C LEU B 339 -21.98 -23.69 37.06
N ASP B 340 -21.85 -24.82 37.74
CA ASP B 340 -22.46 -26.03 37.29
C ASP B 340 -24.00 -26.02 37.46
N PHE B 341 -24.74 -26.47 36.46
CA PHE B 341 -26.19 -26.59 36.58
C PHE B 341 -26.62 -28.02 36.22
N ALA B 342 -27.04 -28.74 37.24
CA ALA B 342 -27.32 -30.12 37.16
C ALA B 342 -28.77 -30.35 37.58
N LEU B 343 -29.63 -30.57 36.57
CA LEU B 343 -31.08 -30.72 36.77
C LEU B 343 -31.39 -32.16 37.15
N GLN B 344 -31.24 -32.41 38.45
CA GLN B 344 -31.37 -33.70 39.09
C GLN B 344 -31.36 -33.44 40.59
N CYS B 345 -31.74 -34.44 41.39
CA CYS B 345 -31.91 -34.24 42.85
C CYS B 345 -31.33 -35.37 43.63
N SER B 346 -30.87 -35.08 44.84
CA SER B 346 -30.69 -36.16 45.80
C SER B 346 -32.08 -36.55 46.25
N PRO B 347 -32.22 -37.74 46.89
CA PRO B 347 -33.51 -38.13 47.50
C PRO B 347 -34.01 -37.21 48.62
N ASP B 348 -33.15 -36.32 49.11
CA ASP B 348 -33.51 -35.42 50.20
C ASP B 348 -33.78 -34.01 49.71
N HIS B 349 -33.76 -33.79 48.41
CA HIS B 349 -34.08 -32.48 47.85
C HIS B 349 -35.52 -32.20 48.20
N PRO B 350 -35.83 -30.95 48.54
CA PRO B 350 -37.22 -30.59 48.79
C PRO B 350 -38.20 -30.91 47.64
N TRP B 351 -37.73 -30.82 46.39
CA TRP B 351 -38.56 -31.15 45.22
C TRP B 351 -39.20 -32.52 45.30
N VAL B 352 -38.56 -33.47 45.92
CA VAL B 352 -39.12 -34.80 46.02
C VAL B 352 -40.51 -34.82 46.69
N HIS B 353 -40.70 -34.03 47.75
CA HIS B 353 -42.04 -33.97 48.38
C HIS B 353 -42.86 -32.79 47.91
N LYS B 354 -42.21 -31.70 47.57
CA LYS B 354 -42.92 -30.55 46.99
C LYS B 354 -43.47 -30.73 45.56
N HIS B 355 -42.74 -31.44 44.69
CA HIS B 355 -43.18 -31.65 43.30
C HIS B 355 -42.96 -33.07 42.93
N PRO B 356 -43.77 -33.97 43.48
CA PRO B 356 -43.52 -35.39 43.18
C PRO B 356 -43.71 -35.72 41.70
N GLU B 357 -44.55 -34.96 41.02
CA GLU B 357 -44.79 -35.21 39.59
C GLU B 357 -43.60 -34.79 38.70
N TRP B 358 -42.54 -34.28 39.30
CA TRP B 358 -41.28 -34.10 38.59
C TRP B 358 -40.40 -35.36 38.59
N PHE B 359 -40.96 -36.47 39.02
CA PHE B 359 -40.21 -37.69 39.01
C PHE B 359 -41.13 -38.74 38.51
N HIS B 360 -40.57 -39.76 37.95
CA HIS B 360 -41.31 -40.93 37.56
C HIS B 360 -41.26 -41.88 38.74
N HIS B 361 -42.43 -42.32 39.17
CA HIS B 361 -42.54 -43.28 40.26
C HIS B 361 -42.96 -44.65 39.73
N ARG B 362 -42.33 -45.67 40.27
CA ARG B 362 -42.67 -47.03 39.90
C ARG B 362 -43.97 -47.39 40.62
N PRO B 363 -44.55 -48.54 40.29
CA PRO B 363 -45.86 -48.83 40.86
C PRO B 363 -45.92 -48.87 42.37
N ASP B 364 -44.80 -49.17 43.05
CA ASP B 364 -44.77 -49.18 44.50
C ASP B 364 -44.47 -47.80 45.05
N GLY B 365 -44.38 -46.78 44.20
CA GLY B 365 -44.14 -45.43 44.64
C GLY B 365 -42.71 -44.96 44.64
N THR B 366 -41.74 -45.88 44.55
CA THR B 366 -40.31 -45.56 44.55
C THR B 366 -39.87 -44.89 43.23
N ILE B 367 -38.72 -44.20 43.30
CA ILE B 367 -38.10 -43.54 42.16
C ILE B 367 -36.75 -44.22 41.87
N ALA B 368 -36.60 -44.75 40.66
CA ALA B 368 -35.36 -45.39 40.21
C ALA B 368 -34.26 -44.32 40.17
N HIS B 369 -33.11 -44.65 40.73
CA HIS B 369 -31.99 -43.75 40.73
C HIS B 369 -31.45 -43.60 39.30
N ALA B 370 -30.78 -42.49 39.03
CA ALA B 370 -30.31 -42.18 37.69
C ALA B 370 -29.12 -43.05 37.29
N GLU B 371 -28.91 -43.18 35.98
CA GLU B 371 -27.87 -44.04 35.38
C GLU B 371 -27.31 -43.46 34.08
N ASN B 372 -26.11 -43.92 33.69
CA ASN B 372 -25.46 -43.67 32.35
C ASN B 372 -24.64 -44.92 32.00
N PRO B 373 -25.32 -46.02 31.65
CA PRO B 373 -24.71 -47.37 31.83
C PRO B 373 -23.37 -47.52 31.13
N PRO B 374 -22.44 -48.30 31.73
CA PRO B 374 -22.58 -49.06 33.00
C PRO B 374 -22.37 -48.25 34.28
N LYS B 375 -22.40 -46.92 34.21
CA LYS B 375 -22.28 -46.05 35.39
C LYS B 375 -23.63 -45.84 36.07
N LYS B 376 -23.67 -46.03 37.39
CA LYS B 376 -24.89 -45.85 38.15
C LYS B 376 -24.72 -44.70 39.09
N TYR B 377 -25.78 -43.91 39.26
CA TYR B 377 -25.77 -42.80 40.20
C TYR B 377 -26.82 -43.02 41.30
N GLN B 378 -26.51 -43.91 42.23
CA GLN B 378 -27.45 -44.34 43.28
C GLN B 378 -27.87 -43.21 44.16
N ASP B 379 -27.04 -42.15 44.15
CA ASP B 379 -27.22 -41.01 45.02
C ASP B 379 -28.12 -39.92 44.50
N ILE B 380 -28.69 -40.09 43.32
CA ILE B 380 -29.54 -39.08 42.76
C ILE B 380 -30.75 -39.71 42.01
N TYR B 381 -31.80 -38.90 41.86
CA TYR B 381 -32.99 -39.19 41.09
C TYR B 381 -33.00 -38.30 39.85
N PRO B 382 -33.40 -38.85 38.71
CA PRO B 382 -33.51 -38.03 37.49
C PRO B 382 -34.85 -37.35 37.46
N ILE B 383 -34.94 -36.24 36.75
CA ILE B 383 -36.19 -35.49 36.58
C ILE B 383 -37.06 -36.09 35.47
N ALA B 384 -38.37 -35.99 35.62
CA ALA B 384 -39.31 -36.46 34.64
C ALA B 384 -39.95 -35.20 34.17
N PHE B 385 -40.13 -35.09 32.85
CA PHE B 385 -40.44 -33.80 32.25
C PHE B 385 -41.84 -33.72 31.68
N ASP B 386 -42.55 -34.83 31.60
CA ASP B 386 -43.77 -34.87 30.83
C ASP B 386 -45.07 -34.72 31.62
N ALA B 387 -44.98 -34.59 32.94
CA ALA B 387 -46.18 -34.35 33.73
C ALA B 387 -46.37 -32.87 33.97
N ASP B 388 -45.27 -32.14 34.16
CA ASP B 388 -45.36 -30.72 34.45
C ASP B 388 -44.23 -29.93 33.77
N PRO B 389 -44.21 -29.94 32.43
CA PRO B 389 -43.10 -29.31 31.73
C PRO B 389 -43.03 -27.83 32.03
N ASP B 390 -44.18 -27.19 32.18
CA ASP B 390 -44.22 -25.75 32.38
C ASP B 390 -43.65 -25.38 33.74
N GLY B 391 -44.02 -26.15 34.74
CA GLY B 391 -43.52 -25.91 36.08
C GLY B 391 -42.01 -26.12 36.14
N LEU B 392 -41.51 -27.16 35.47
CA LEU B 392 -40.05 -27.35 35.43
C LEU B 392 -39.30 -26.21 34.73
N ALA B 393 -39.89 -25.68 33.68
CA ALA B 393 -39.28 -24.60 32.92
C ALA B 393 -39.18 -23.34 33.78
N THR B 394 -40.32 -22.96 34.34
CA THR B 394 -40.44 -21.77 35.19
C THR B 394 -39.40 -21.79 36.32
N GLU B 395 -39.26 -22.93 36.97
CA GLU B 395 -38.37 -23.07 38.12
C GLU B 395 -36.91 -23.08 37.70
N THR B 396 -36.60 -23.83 36.63
CA THR B 396 -35.26 -23.82 36.07
C THR B 396 -34.79 -22.41 35.78
N VAL B 397 -35.60 -21.59 35.09
CA VAL B 397 -35.12 -20.26 34.73
C VAL B 397 -35.10 -19.29 35.92
N ARG B 398 -35.94 -19.51 36.91
CA ARG B 398 -35.86 -18.73 38.15
C ARG B 398 -34.52 -19.02 38.86
N ILE B 399 -34.15 -20.29 38.91
CA ILE B 399 -32.88 -20.68 39.49
C ILE B 399 -31.72 -20.03 38.75
N LEU B 400 -31.73 -20.10 37.42
CA LEU B 400 -30.63 -19.51 36.67
C LEU B 400 -30.56 -17.99 36.89
N ARG B 401 -31.71 -17.33 36.85
CA ARG B 401 -31.78 -15.89 37.11
C ARG B 401 -31.31 -15.48 38.52
N HIS B 402 -31.61 -16.29 39.51
CA HIS B 402 -31.07 -16.10 40.84
C HIS B 402 -29.55 -16.01 40.77
N TRP B 403 -28.91 -16.98 40.10
CA TRP B 403 -27.43 -17.02 40.12
C TRP B 403 -26.90 -15.90 39.25
N MET B 404 -27.64 -15.58 38.21
CA MET B 404 -27.35 -14.41 37.37
C MET B 404 -27.38 -13.09 38.15
N ASP B 405 -28.34 -12.92 39.04
CA ASP B 405 -28.41 -11.69 39.86
C ASP B 405 -27.20 -11.58 40.76
N HIS B 406 -26.51 -12.69 40.97
CA HIS B 406 -25.31 -12.68 41.78
C HIS B 406 -24.04 -12.72 40.97
N GLY B 407 -24.13 -12.42 39.67
CA GLY B 407 -22.95 -12.22 38.83
C GLY B 407 -22.43 -13.47 38.09
N VAL B 408 -23.19 -14.56 38.11
CA VAL B 408 -22.83 -15.76 37.37
C VAL B 408 -23.48 -15.63 35.98
N ARG B 409 -22.64 -15.42 34.96
CA ARG B 409 -23.11 -15.18 33.59
C ARG B 409 -22.75 -16.32 32.69
N ILE B 410 -22.29 -17.42 33.28
CA ILE B 410 -21.91 -18.63 32.51
C ILE B 410 -22.33 -19.88 33.27
N PHE B 411 -23.05 -20.78 32.61
CA PHE B 411 -23.50 -22.02 33.23
C PHE B 411 -22.98 -23.23 32.49
N ARG B 412 -22.30 -24.12 33.23
CA ARG B 412 -21.84 -25.39 32.72
C ARG B 412 -22.93 -26.40 33.02
N VAL B 413 -23.58 -26.89 31.96
CA VAL B 413 -24.77 -27.71 32.09
C VAL B 413 -24.41 -29.16 32.08
N ASP B 414 -24.78 -29.80 33.18
CA ASP B 414 -24.42 -31.17 33.44
C ASP B 414 -25.32 -32.08 32.62
N ASN B 415 -24.69 -33.03 31.93
CA ASN B 415 -25.39 -34.05 31.12
C ASN B 415 -26.67 -33.60 30.45
N PRO B 416 -26.63 -32.55 29.66
CA PRO B 416 -27.83 -31.99 29.09
C PRO B 416 -28.61 -32.98 28.22
N HIS B 417 -27.90 -33.90 27.60
CA HIS B 417 -28.50 -34.98 26.78
C HIS B 417 -29.44 -35.93 27.49
N THR B 418 -29.57 -35.82 28.82
CA THR B 418 -30.49 -36.71 29.57
C THR B 418 -31.74 -35.98 29.95
N LYS B 419 -31.85 -34.73 29.48
CA LYS B 419 -33.09 -33.95 29.56
C LYS B 419 -33.52 -33.60 28.12
N PRO B 420 -34.79 -33.26 27.90
CA PRO B 420 -35.26 -33.11 26.50
C PRO B 420 -34.60 -31.96 25.75
N VAL B 421 -34.35 -32.17 24.48
CA VAL B 421 -33.71 -31.17 23.66
C VAL B 421 -34.53 -29.90 23.57
N ALA B 422 -35.86 -30.05 23.42
CA ALA B 422 -36.77 -28.86 23.38
C ALA B 422 -36.83 -28.14 24.71
N PHE B 423 -36.55 -28.84 25.80
CA PHE B 423 -36.49 -28.18 27.12
C PHE B 423 -35.32 -27.21 27.14
N TRP B 424 -34.13 -27.67 26.74
CA TRP B 424 -32.98 -26.79 26.65
C TRP B 424 -33.24 -25.66 25.66
N GLU B 425 -33.87 -25.94 24.52
CA GLU B 425 -34.18 -24.86 23.57
C GLU B 425 -35.02 -23.73 24.19
N ARG B 426 -36.04 -24.10 24.94
CA ARG B 426 -36.94 -23.13 25.53
C ARG B 426 -36.25 -22.39 26.64
N VAL B 427 -35.47 -23.10 27.46
CA VAL B 427 -34.76 -22.43 28.58
C VAL B 427 -33.73 -21.40 28.13
N ILE B 428 -32.88 -21.82 27.20
CA ILE B 428 -31.83 -20.94 26.72
C ILE B 428 -32.44 -19.74 26.04
N ALA B 429 -33.52 -19.97 25.30
CA ALA B 429 -34.19 -18.87 24.58
C ALA B 429 -34.81 -17.90 25.59
N ASP B 430 -35.41 -18.43 26.64
CA ASP B 430 -36.00 -17.58 27.67
C ASP B 430 -34.89 -16.72 28.35
N ILE B 431 -33.79 -17.35 28.76
CA ILE B 431 -32.73 -16.63 29.44
C ILE B 431 -32.00 -15.64 28.54
N ASN B 432 -31.61 -16.06 27.34
CA ASN B 432 -30.95 -15.13 26.41
C ASN B 432 -31.91 -14.05 25.87
N GLY B 433 -33.22 -14.31 25.91
CA GLY B 433 -34.20 -13.29 25.54
C GLY B 433 -34.01 -11.99 26.35
N THR B 434 -33.79 -12.12 27.66
CA THR B 434 -33.59 -10.95 28.52
C THR B 434 -32.10 -10.69 28.77
N ASP B 435 -31.28 -11.73 28.68
CA ASP B 435 -29.86 -11.64 28.99
C ASP B 435 -28.98 -12.31 27.93
N PRO B 436 -28.79 -11.65 26.79
CA PRO B 436 -28.06 -12.31 25.71
C PRO B 436 -26.61 -12.65 25.99
N ASP B 437 -26.01 -12.02 27.01
CA ASP B 437 -24.60 -12.28 27.37
C ASP B 437 -24.34 -13.63 28.05
N VAL B 438 -25.38 -14.25 28.58
CA VAL B 438 -25.18 -15.51 29.28
C VAL B 438 -24.78 -16.65 28.35
N ILE B 439 -23.79 -17.43 28.80
CA ILE B 439 -23.17 -18.47 28.02
C ILE B 439 -23.44 -19.82 28.66
N PHE B 440 -23.84 -20.79 27.84
CA PHE B 440 -24.14 -22.14 28.29
C PHE B 440 -23.19 -23.09 27.58
N LEU B 441 -22.54 -23.94 28.38
CA LEU B 441 -21.63 -24.99 27.90
C LEU B 441 -22.32 -26.31 28.14
N ALA B 442 -22.45 -27.09 27.05
CA ALA B 442 -23.07 -28.43 27.11
C ALA B 442 -22.09 -29.53 27.46
N GLU B 443 -22.20 -30.17 28.61
CA GLU B 443 -21.35 -31.32 28.86
C GLU B 443 -22.05 -32.57 28.31
N ALA B 444 -22.10 -32.70 26.99
CA ALA B 444 -22.74 -33.84 26.38
C ALA B 444 -21.72 -34.68 25.72
N PHE B 445 -21.23 -35.67 26.46
CA PHE B 445 -20.38 -36.71 25.89
C PHE B 445 -21.30 -37.83 25.47
N THR B 446 -21.75 -37.73 24.22
CA THR B 446 -22.78 -38.57 23.69
C THR B 446 -22.53 -38.71 22.19
N ARG B 447 -23.54 -39.14 21.42
CA ARG B 447 -23.37 -39.35 20.02
C ARG B 447 -23.41 -38.03 19.23
N PRO B 448 -22.81 -38.02 18.04
CA PRO B 448 -22.83 -36.83 17.20
C PRO B 448 -24.20 -36.09 17.03
N ALA B 449 -25.30 -36.83 16.85
CA ALA B 449 -26.55 -36.19 16.50
C ALA B 449 -27.01 -35.31 17.63
N MET B 450 -26.99 -35.86 18.81
CA MET B 450 -27.41 -35.13 19.99
C MET B 450 -26.46 -33.99 20.25
N MET B 451 -25.15 -34.25 20.13
CA MET B 451 -24.12 -33.21 20.36
C MET B 451 -24.32 -32.03 19.43
N ALA B 452 -24.49 -32.34 18.15
CA ALA B 452 -24.73 -31.29 17.14
C ALA B 452 -26.03 -30.53 17.43
N THR B 453 -27.09 -31.27 17.73
CA THR B 453 -28.38 -30.64 17.92
C THR B 453 -28.39 -29.71 19.11
N LEU B 454 -27.74 -30.13 20.19
CA LEU B 454 -27.72 -29.32 21.41
C LEU B 454 -27.08 -27.95 21.15
N ALA B 455 -26.01 -27.93 20.34
CA ALA B 455 -25.44 -26.64 19.92
C ALA B 455 -26.39 -25.85 19.06
N GLN B 456 -27.05 -26.53 18.13
CA GLN B 456 -27.88 -25.86 17.16
C GLN B 456 -29.12 -25.27 17.78
N ILE B 457 -29.62 -25.87 18.87
CA ILE B 457 -30.77 -25.27 19.55
C ILE B 457 -30.40 -24.21 20.57
N GLY B 458 -29.12 -23.95 20.76
CA GLY B 458 -28.68 -22.67 21.39
C GLY B 458 -27.54 -22.69 22.37
N PHE B 459 -26.94 -23.85 22.62
CA PHE B 459 -25.78 -23.91 23.49
C PHE B 459 -24.59 -23.24 22.86
N GLN B 460 -24.02 -22.27 23.58
CA GLN B 460 -22.95 -21.47 23.04
C GLN B 460 -21.69 -22.28 22.89
N GLN B 461 -21.52 -23.30 23.74
CA GLN B 461 -20.28 -24.04 23.73
C GLN B 461 -20.58 -25.50 23.98
N SER B 462 -19.64 -26.34 23.59
CA SER B 462 -19.80 -27.75 23.78
C SER B 462 -18.52 -28.36 24.24
N TYR B 463 -18.64 -29.33 25.15
CA TYR B 463 -17.56 -30.27 25.36
C TYR B 463 -17.49 -31.18 24.15
N THR B 464 -16.36 -31.86 24.01
CA THR B 464 -15.98 -32.51 22.75
C THR B 464 -15.27 -33.81 22.99
N TYR B 465 -14.86 -34.46 21.88
CA TYR B 465 -14.19 -35.73 21.94
C TYR B 465 -12.70 -35.58 22.11
N PHE B 466 -12.26 -34.36 22.41
CA PHE B 466 -10.83 -34.03 22.39
C PHE B 466 -9.97 -35.03 23.14
N THR B 467 -10.42 -35.41 24.33
CA THR B 467 -9.61 -36.29 25.18
C THR B 467 -9.40 -37.66 24.54
N TRP B 468 -10.22 -38.03 23.57
CA TRP B 468 -10.09 -39.35 22.94
C TRP B 468 -9.51 -39.22 21.54
N ARG B 469 -8.89 -38.07 21.29
CA ARG B 469 -8.14 -37.82 20.07
C ARG B 469 -6.65 -37.53 20.39
N ASN B 470 -5.81 -38.56 20.30
CA ASN B 470 -4.41 -38.51 20.69
C ASN B 470 -3.39 -38.83 19.60
N THR B 471 -3.76 -39.55 18.56
CA THR B 471 -2.85 -39.76 17.42
C THR B 471 -2.95 -38.61 16.42
N LYS B 472 -1.97 -38.52 15.54
CA LYS B 472 -1.92 -37.47 14.56
C LYS B 472 -3.13 -37.59 13.66
N GLN B 473 -3.53 -38.82 13.33
CA GLN B 473 -4.68 -39.04 12.45
C GLN B 473 -5.99 -38.64 13.13
N GLU B 474 -6.16 -39.09 14.37
CA GLU B 474 -7.31 -38.67 15.19
C GLU B 474 -7.39 -37.15 15.37
N LEU B 475 -6.28 -36.54 15.74
CA LEU B 475 -6.24 -35.10 15.96
C LEU B 475 -6.53 -34.32 14.67
N THR B 476 -5.95 -34.75 13.57
CA THR B 476 -6.09 -34.03 12.30
C THR B 476 -7.53 -34.15 11.81
N GLU B 477 -8.05 -35.38 11.82
CA GLU B 477 -9.44 -35.62 11.41
C GLU B 477 -10.43 -34.80 12.22
N TYR B 478 -10.33 -34.90 13.54
CA TYR B 478 -11.29 -34.24 14.41
C TYR B 478 -11.24 -32.72 14.30
N LEU B 479 -10.05 -32.15 14.25
CA LEU B 479 -9.99 -30.68 14.15
C LEU B 479 -10.39 -30.16 12.79
N THR B 480 -10.25 -30.97 11.74
CA THR B 480 -10.72 -30.60 10.39
C THR B 480 -12.24 -30.51 10.48
N GLU B 481 -12.85 -31.48 11.16
CA GLU B 481 -14.31 -31.47 11.36
C GLU B 481 -14.71 -30.25 12.17
N LEU B 482 -14.07 -30.01 13.32
CA LEU B 482 -14.50 -28.91 14.18
C LEU B 482 -14.29 -27.55 13.54
N SER B 483 -13.22 -27.40 12.75
CA SER B 483 -12.90 -26.11 12.13
C SER B 483 -13.61 -25.91 10.79
N GLY B 484 -14.37 -26.89 10.35
CA GLY B 484 -15.06 -26.88 9.06
C GLY B 484 -16.47 -26.39 9.23
N GLU B 485 -17.45 -27.15 8.71
CA GLU B 485 -18.85 -26.70 8.75
C GLU B 485 -19.45 -26.62 10.17
N ALA B 486 -18.98 -27.50 11.06
CA ALA B 486 -19.47 -27.50 12.43
C ALA B 486 -19.24 -26.15 13.13
N ALA B 487 -18.25 -25.37 12.70
CA ALA B 487 -18.00 -24.07 13.36
C ALA B 487 -19.14 -23.08 13.13
N SER B 488 -20.09 -23.39 12.25
CA SER B 488 -21.23 -22.48 12.11
C SER B 488 -22.25 -22.62 13.26
N TYR B 489 -22.10 -23.68 14.06
CA TYR B 489 -23.03 -23.89 15.15
C TYR B 489 -22.44 -24.30 16.49
N MET B 490 -21.19 -24.75 16.49
CA MET B 490 -20.61 -25.35 17.68
C MET B 490 -19.31 -24.68 17.98
N ARG B 491 -19.15 -24.31 19.25
CA ARG B 491 -17.92 -23.72 19.73
C ARG B 491 -17.35 -24.66 20.78
N PRO B 492 -16.21 -25.26 20.47
CA PRO B 492 -15.62 -26.27 21.34
C PRO B 492 -14.82 -25.79 22.53
N ASN B 493 -14.88 -26.57 23.60
CA ASN B 493 -14.13 -26.26 24.80
C ASN B 493 -13.31 -27.46 25.15
N PHE B 494 -12.01 -27.30 24.94
CA PHE B 494 -11.07 -28.43 25.02
C PHE B 494 -10.54 -28.48 26.41
N PHE B 495 -11.18 -29.28 27.23
CA PHE B 495 -10.66 -29.59 28.55
C PHE B 495 -9.72 -30.77 28.36
N ALA B 496 -8.46 -30.60 28.71
CA ALA B 496 -7.46 -31.62 28.48
C ALA B 496 -7.72 -32.78 29.44
N ASN B 497 -8.30 -32.42 30.60
CA ASN B 497 -8.80 -33.41 31.52
C ASN B 497 -10.08 -32.93 32.16
N THR B 498 -10.86 -33.85 32.74
CA THR B 498 -11.99 -33.49 33.63
C THR B 498 -11.89 -34.46 34.83
N PRO B 499 -12.63 -34.23 35.93
CA PRO B 499 -12.69 -35.19 37.04
C PRO B 499 -13.16 -36.55 36.66
N ASP B 500 -13.81 -36.67 35.49
CA ASP B 500 -14.38 -37.93 35.03
C ASP B 500 -13.57 -38.57 33.93
N ILE B 501 -12.55 -37.85 33.47
CA ILE B 501 -11.72 -38.27 32.33
C ILE B 501 -10.23 -38.06 32.60
N LEU B 502 -9.56 -39.11 33.05
CA LEU B 502 -8.09 -39.19 33.00
C LEU B 502 -7.65 -40.18 31.92
N HIS B 503 -7.30 -39.70 30.72
CA HIS B 503 -7.02 -40.60 29.59
C HIS B 503 -5.77 -41.40 29.80
N ALA B 504 -5.76 -42.59 29.22
CA ALA B 504 -4.58 -43.47 29.20
C ALA B 504 -3.34 -42.83 28.69
N TYR B 505 -3.50 -41.94 27.73
CA TYR B 505 -2.38 -41.24 27.15
C TYR B 505 -1.64 -40.46 28.24
N LEU B 506 -2.37 -39.90 29.19
CA LEU B 506 -1.76 -39.21 30.31
C LEU B 506 -1.26 -40.20 31.38
N GLN B 507 -1.98 -41.30 31.56
CA GLN B 507 -1.60 -42.28 32.56
C GLN B 507 -0.25 -42.91 32.21
N HIS B 508 -0.10 -43.23 30.93
CA HIS B 508 1.11 -43.89 30.43
C HIS B 508 2.20 -42.90 30.05
N GLY B 509 1.81 -41.65 29.78
CA GLY B 509 2.76 -40.62 29.33
C GLY B 509 3.53 -39.83 30.40
N GLY B 510 2.95 -39.65 31.58
CA GLY B 510 3.57 -38.79 32.60
C GLY B 510 3.66 -37.35 32.17
N ARG B 511 4.54 -36.59 32.80
CA ARG B 511 4.58 -35.14 32.62
C ARG B 511 4.71 -34.69 31.16
N PRO B 512 5.61 -35.33 30.40
CA PRO B 512 5.68 -35.00 29.00
C PRO B 512 4.32 -35.09 28.23
N ALA B 513 3.46 -36.03 28.64
CA ALA B 513 2.13 -36.15 28.02
C ALA B 513 1.25 -34.94 28.36
N PHE B 514 1.31 -34.53 29.62
CA PHE B 514 0.56 -33.38 30.11
C PHE B 514 0.97 -32.12 29.37
N GLU B 515 2.27 -32.03 29.08
CA GLU B 515 2.81 -30.89 28.37
C GLU B 515 2.28 -30.84 26.95
N VAL B 516 2.30 -31.98 26.28
CA VAL B 516 1.78 -32.11 24.90
C VAL B 516 0.29 -31.74 24.83
N ARG B 517 -0.50 -32.35 25.67
CA ARG B 517 -1.95 -32.13 25.63
C ARG B 517 -2.31 -30.69 25.93
N ALA B 518 -1.52 -30.04 26.78
CA ALA B 518 -1.76 -28.66 27.05
C ALA B 518 -1.51 -27.83 25.82
N VAL B 519 -0.39 -28.09 25.17
CA VAL B 519 -0.03 -27.33 24.00
C VAL B 519 -1.11 -27.49 22.94
N LEU B 520 -1.55 -28.71 22.75
CA LEU B 520 -2.55 -29.00 21.73
C LEU B 520 -3.81 -28.21 22.02
N ALA B 521 -4.33 -28.39 23.23
CA ALA B 521 -5.64 -27.88 23.59
C ALA B 521 -5.64 -26.38 23.47
N ALA B 522 -4.54 -25.77 23.91
CA ALA B 522 -4.42 -24.33 23.90
C ALA B 522 -4.21 -23.74 22.53
N THR B 523 -3.59 -24.50 21.62
CA THR B 523 -3.37 -23.98 20.27
C THR B 523 -4.40 -24.40 19.24
N LEU B 524 -5.17 -25.46 19.51
CA LEU B 524 -6.13 -25.98 18.53
C LEU B 524 -7.51 -25.41 18.73
N SER B 525 -7.86 -25.06 19.96
CA SER B 525 -9.14 -24.38 20.20
C SER B 525 -8.91 -23.04 20.86
N PRO B 526 -9.74 -22.04 20.51
CA PRO B 526 -9.66 -20.78 21.19
C PRO B 526 -10.29 -20.82 22.59
N THR B 527 -11.02 -21.89 22.92
CA THR B 527 -11.32 -22.15 24.32
C THR B 527 -10.73 -23.49 24.74
N TRP B 528 -9.99 -23.50 25.84
CA TRP B 528 -9.51 -24.74 26.43
C TRP B 528 -9.66 -24.71 27.93
N GLY B 529 -9.42 -25.85 28.58
CA GLY B 529 -9.52 -25.90 30.02
C GLY B 529 -8.75 -27.03 30.67
N ILE B 530 -8.46 -26.86 31.95
CA ILE B 530 -7.95 -27.95 32.78
C ILE B 530 -8.69 -28.04 34.13
N TYR B 531 -8.68 -29.25 34.69
CA TYR B 531 -9.23 -29.53 36.02
C TYR B 531 -8.04 -29.65 37.00
N SER B 532 -8.08 -28.81 38.05
CA SER B 532 -7.04 -28.74 39.08
C SER B 532 -6.37 -30.05 39.40
N GLY B 533 -5.05 -30.04 39.38
CA GLY B 533 -4.24 -31.24 39.57
C GLY B 533 -3.60 -31.65 38.25
N TYR B 534 -4.12 -31.11 37.14
CA TYR B 534 -3.54 -31.37 35.83
C TYR B 534 -2.12 -30.85 35.82
N GLU B 535 -1.95 -29.59 36.25
CA GLU B 535 -0.63 -28.96 36.45
C GLU B 535 0.37 -29.82 37.21
N LEU B 536 -0.10 -30.64 38.14
CA LEU B 536 0.79 -31.45 38.99
C LEU B 536 1.01 -32.82 38.35
N CYS B 537 0.42 -33.02 37.17
CA CYS B 537 0.59 -34.23 36.42
C CYS B 537 0.05 -35.45 37.19
N GLU B 538 -1.04 -35.24 37.93
CA GLU B 538 -1.73 -36.33 38.61
C GLU B 538 -2.27 -37.30 37.58
N ASN B 539 -1.89 -38.56 37.65
CA ASN B 539 -2.25 -39.51 36.59
C ASN B 539 -2.45 -40.94 37.02
N THR B 540 -2.87 -41.13 38.27
CA THR B 540 -3.09 -42.47 38.82
C THR B 540 -4.54 -42.82 38.67
N PRO B 541 -4.82 -43.85 37.87
CA PRO B 541 -6.19 -44.22 37.63
C PRO B 541 -6.73 -45.05 38.77
N LEU B 542 -8.05 -45.23 38.78
CA LEU B 542 -8.71 -46.07 39.76
C LEU B 542 -8.22 -47.50 39.64
N ARG B 543 -8.00 -47.93 38.40
CA ARG B 543 -7.40 -49.23 38.09
C ARG B 543 -7.05 -49.23 36.60
N GLU B 544 -6.30 -50.27 36.18
CA GLU B 544 -5.91 -50.39 34.76
C GLU B 544 -7.16 -50.39 33.87
N GLY B 545 -7.14 -49.58 32.82
CA GLY B 545 -8.23 -49.51 31.85
C GLY B 545 -9.42 -48.69 32.31
N SER B 546 -9.23 -47.81 33.30
CA SER B 546 -10.27 -46.87 33.72
C SER B 546 -9.83 -45.43 33.42
N GLU B 547 -10.80 -44.55 33.29
CA GLU B 547 -10.52 -43.13 33.09
C GLU B 547 -10.87 -42.32 34.34
N GLU B 548 -11.26 -43.01 35.41
CA GLU B 548 -11.41 -42.39 36.72
C GLU B 548 -10.05 -42.22 37.43
N TYR B 549 -9.89 -41.11 38.16
CA TYR B 549 -8.77 -40.93 39.05
C TYR B 549 -8.95 -41.81 40.28
N LEU B 550 -7.82 -42.21 40.87
CA LEU B 550 -7.85 -42.94 42.12
C LEU B 550 -8.06 -41.89 43.17
N ASP B 551 -8.85 -42.22 44.19
CA ASP B 551 -9.17 -41.28 45.27
C ASP B 551 -9.71 -39.99 44.69
N SER B 552 -10.73 -40.11 43.83
CA SER B 552 -11.25 -38.97 43.11
C SER B 552 -11.81 -37.88 44.01
N GLU B 553 -11.52 -36.63 43.61
CA GLU B 553 -11.99 -35.45 44.36
C GLU B 553 -13.50 -35.33 44.41
N LYS B 554 -14.18 -36.10 43.57
CA LYS B 554 -15.64 -36.07 43.54
C LYS B 554 -16.17 -36.60 44.85
N TYR B 555 -15.44 -37.53 45.47
CA TYR B 555 -15.91 -38.21 46.67
C TYR B 555 -15.09 -37.93 47.92
N GLN B 556 -14.08 -37.05 47.82
CA GLN B 556 -13.30 -36.69 48.99
C GLN B 556 -12.65 -35.34 48.82
N LEU B 557 -12.32 -34.72 49.96
CA LEU B 557 -11.54 -33.49 50.01
C LEU B 557 -10.19 -33.89 49.54
N LYS B 558 -9.57 -33.05 48.72
CA LYS B 558 -8.30 -33.35 48.14
C LYS B 558 -7.36 -32.11 48.27
N PRO B 559 -6.83 -31.87 49.48
CA PRO B 559 -5.84 -30.80 49.66
C PRO B 559 -4.52 -31.04 48.88
N ARG B 560 -3.93 -29.95 48.39
CA ARG B 560 -2.74 -29.98 47.55
C ARG B 560 -1.70 -28.98 48.04
N ASP B 561 -0.43 -29.39 48.10
CA ASP B 561 0.67 -28.51 48.51
C ASP B 561 1.16 -27.74 47.27
N TRP B 562 0.41 -26.70 46.92
CA TRP B 562 0.75 -25.85 45.80
C TRP B 562 2.11 -25.17 45.93
N THR B 563 2.45 -24.74 47.13
CA THR B 563 3.71 -24.03 47.37
C THR B 563 4.94 -24.92 47.13
N ARG B 564 4.92 -26.08 47.75
CA ARG B 564 5.98 -27.04 47.53
C ARG B 564 6.15 -27.38 46.04
N ALA B 565 5.03 -27.69 45.36
CA ALA B 565 5.12 -28.05 43.94
C ALA B 565 5.83 -26.94 43.16
N ALA B 566 5.53 -25.68 43.48
CA ALA B 566 6.16 -24.50 42.82
C ALA B 566 7.65 -24.38 43.08
N ARG B 567 8.08 -24.55 44.32
CA ARG B 567 9.50 -24.42 44.62
C ARG B 567 10.29 -25.64 44.11
N GLU B 568 9.66 -26.79 44.05
CA GLU B 568 10.36 -28.01 43.63
C GLU B 568 10.22 -28.22 42.14
N GLY B 569 9.49 -27.35 41.48
CA GLY B 569 9.34 -27.41 40.01
C GLY B 569 8.62 -28.64 39.49
N THR B 570 7.77 -29.26 40.31
CA THR B 570 7.07 -30.50 39.94
C THR B 570 5.68 -30.13 39.36
N THR B 571 5.51 -28.89 38.93
CA THR B 571 4.25 -28.45 38.31
C THR B 571 4.51 -27.89 36.91
N ILE B 572 3.59 -28.11 35.99
CA ILE B 572 3.68 -27.52 34.67
C ILE B 572 2.91 -26.18 34.55
N ALA B 573 2.67 -25.53 35.70
CA ALA B 573 2.07 -24.22 35.76
C ALA B 573 2.79 -23.13 34.94
N PRO B 574 4.14 -23.14 34.88
CA PRO B 574 4.82 -22.15 34.02
C PRO B 574 4.55 -22.34 32.54
N LEU B 575 4.41 -23.58 32.11
CA LEU B 575 4.09 -23.87 30.71
C LEU B 575 2.67 -23.39 30.43
N VAL B 576 1.76 -23.76 31.32
CA VAL B 576 0.38 -23.35 31.20
C VAL B 576 0.30 -21.83 31.09
N THR B 577 1.03 -21.13 31.94
CA THR B 577 0.98 -19.66 31.96
C THR B 577 1.49 -19.06 30.63
N ARG B 578 2.57 -19.64 30.12
CA ARG B 578 3.16 -19.20 28.88
C ARG B 578 2.18 -19.41 27.74
N LEU B 579 1.50 -20.55 27.72
CA LEU B 579 0.51 -20.82 26.67
C LEU B 579 -0.60 -19.78 26.66
N ASN B 580 -1.05 -19.36 27.85
CA ASN B 580 -2.16 -18.40 27.89
C ASN B 580 -1.70 -16.99 27.49
N THR B 581 -0.45 -16.67 27.79
CA THR B 581 0.14 -15.41 27.37
C THR B 581 0.25 -15.40 25.86
N ILE B 582 0.79 -16.47 25.31
CA ILE B 582 0.90 -16.57 23.85
C ILE B 582 -0.48 -16.37 23.18
N ARG B 583 -1.50 -17.05 23.70
CA ARG B 583 -2.87 -16.85 23.23
C ARG B 583 -3.34 -15.40 23.33
N ARG B 584 -3.03 -14.76 24.45
CA ARG B 584 -3.43 -13.35 24.66
C ARG B 584 -2.69 -12.39 23.73
N GLU B 585 -1.51 -12.82 23.27
CA GLU B 585 -0.61 -11.99 22.45
C GLU B 585 -0.79 -12.23 20.94
N ASN B 586 -1.54 -13.28 20.59
CA ASN B 586 -1.69 -13.71 19.19
C ASN B 586 -3.11 -13.97 18.75
N PRO B 587 -3.73 -13.00 18.07
CA PRO B 587 -5.09 -13.12 17.50
C PRO B 587 -5.36 -14.46 16.81
N ALA B 588 -4.37 -15.01 16.13
CA ALA B 588 -4.57 -16.28 15.43
C ALA B 588 -5.10 -17.40 16.30
N LEU B 589 -4.67 -17.43 17.56
CA LEU B 589 -5.09 -18.49 18.52
C LEU B 589 -6.40 -18.18 19.26
N ARG B 590 -6.99 -17.02 18.97
CA ARG B 590 -8.29 -16.63 19.49
C ARG B 590 -9.38 -16.82 18.47
N GLN B 591 -9.12 -17.65 17.46
CA GLN B 591 -10.16 -18.05 16.53
C GLN B 591 -10.05 -19.53 16.25
N LEU B 592 -11.06 -20.09 15.63
CA LEU B 592 -11.18 -21.54 15.39
C LEU B 592 -11.00 -21.92 13.91
N ARG B 593 -11.67 -21.21 13.02
CA ARG B 593 -11.91 -21.68 11.65
C ARG B 593 -10.71 -21.68 10.76
N ASP B 594 -9.75 -20.79 10.99
CA ASP B 594 -8.54 -20.79 10.18
C ASP B 594 -7.50 -21.73 10.78
N LEU B 595 -7.25 -22.83 10.09
CA LEU B 595 -6.42 -23.87 10.61
C LEU B 595 -6.00 -24.72 9.47
N HIS B 596 -4.69 -25.00 9.38
CA HIS B 596 -4.24 -25.92 8.34
C HIS B 596 -3.13 -26.86 8.82
N PHE B 597 -3.25 -28.13 8.42
CA PHE B 597 -2.26 -29.14 8.76
C PHE B 597 -1.22 -29.35 7.66
N HIS B 598 0.03 -29.10 8.02
CA HIS B 598 1.16 -29.22 7.11
C HIS B 598 1.80 -30.57 7.31
N PRO B 599 2.18 -31.25 6.18
CA PRO B 599 2.73 -32.61 6.28
C PRO B 599 4.10 -32.74 6.92
N THR B 600 4.36 -33.92 7.47
CA THR B 600 5.65 -34.23 8.05
C THR B 600 5.94 -35.66 7.69
N ASP B 601 7.21 -36.04 7.74
CA ASP B 601 7.61 -37.41 7.40
C ASP B 601 7.56 -38.39 8.59
N LYS B 602 7.08 -37.92 9.74
CA LYS B 602 7.02 -38.73 10.95
C LYS B 602 5.59 -38.77 11.48
N GLU B 603 5.14 -39.97 11.76
CA GLU B 603 3.80 -40.22 12.21
C GLU B 603 3.56 -39.66 13.64
N GLU B 604 4.62 -39.55 14.45
CA GLU B 604 4.52 -39.07 15.81
C GLU B 604 4.56 -37.55 15.86
N VAL B 605 4.94 -36.91 14.75
CA VAL B 605 5.11 -35.46 14.74
C VAL B 605 4.04 -34.78 13.90
N ILE B 606 3.39 -33.77 14.48
CA ILE B 606 2.26 -33.12 13.83
C ILE B 606 2.58 -31.67 13.67
N ALA B 607 2.14 -31.07 12.57
CA ALA B 607 2.38 -29.65 12.31
C ALA B 607 1.13 -28.94 11.81
N TYR B 608 0.92 -27.69 12.25
CA TYR B 608 -0.24 -26.92 11.83
C TYR B 608 -0.02 -25.44 11.96
N SER B 609 -0.88 -24.67 11.30
CA SER B 609 -0.78 -23.19 11.32
C SER B 609 -2.19 -22.60 11.46
N LYS B 610 -2.26 -21.41 12.07
CA LYS B 610 -3.52 -20.67 12.23
C LYS B 610 -3.22 -19.21 11.93
N ARG B 611 -4.17 -18.49 11.33
CA ARG B 611 -3.92 -17.08 10.98
C ARG B 611 -5.10 -16.18 11.27
N GLN B 612 -4.78 -14.93 11.59
CA GLN B 612 -5.77 -13.90 11.81
C GLN B 612 -5.07 -12.60 11.45
N GLY B 613 -5.56 -11.91 10.42
CA GLY B 613 -4.86 -10.80 9.78
C GLY B 613 -3.41 -11.17 9.48
N SER B 614 -2.50 -10.32 9.93
CA SER B 614 -1.07 -10.51 9.70
C SER B 614 -0.40 -11.41 10.73
N ASN B 615 -1.17 -11.88 11.72
CA ASN B 615 -0.63 -12.79 12.75
C ASN B 615 -0.76 -14.24 12.26
N THR B 616 0.37 -14.94 12.26
CA THR B 616 0.41 -16.35 11.88
C THR B 616 1.15 -17.07 12.96
N VAL B 617 0.56 -18.16 13.43
CA VAL B 617 1.24 -19.00 14.39
C VAL B 617 1.39 -20.40 13.86
N LEU B 618 2.60 -20.95 13.99
CA LEU B 618 2.92 -22.26 13.49
C LEU B 618 3.36 -23.15 14.65
N VAL B 619 2.76 -24.34 14.73
CA VAL B 619 2.99 -25.24 15.86
C VAL B 619 3.45 -26.58 15.32
N VAL B 620 4.48 -27.14 15.94
CA VAL B 620 4.96 -28.48 15.67
C VAL B 620 5.05 -29.24 16.99
N VAL B 621 4.30 -30.32 17.09
CA VAL B 621 4.24 -31.12 18.34
C VAL B 621 4.74 -32.55 18.12
N ASN B 622 5.58 -33.01 19.05
CA ASN B 622 5.91 -34.42 19.18
C ASN B 622 4.85 -35.12 20.06
N LEU B 623 3.99 -35.91 19.46
CA LEU B 623 2.98 -36.65 20.22
C LEU B 623 3.54 -37.85 20.99
N ASP B 624 4.81 -38.17 20.79
CA ASP B 624 5.44 -39.28 21.50
C ASP B 624 5.98 -38.71 22.82
N PRO B 625 5.49 -39.22 23.96
CA PRO B 625 5.92 -38.72 25.27
C PRO B 625 7.13 -39.45 25.82
N ARG B 626 7.50 -40.58 25.20
CA ARG B 626 8.61 -41.42 25.69
C ARG B 626 9.91 -41.28 24.88
N HIS B 627 9.82 -41.05 23.57
CA HIS B 627 11.01 -41.00 22.72
C HIS B 627 11.21 -39.70 21.94
N THR B 628 12.46 -39.23 21.88
CA THR B 628 12.81 -38.13 21.02
C THR B 628 12.45 -38.49 19.59
N GLN B 629 11.99 -37.48 18.84
CA GLN B 629 11.58 -37.66 17.45
C GLN B 629 12.19 -36.55 16.63
N GLU B 630 12.81 -36.92 15.52
CA GLU B 630 13.30 -35.95 14.54
C GLU B 630 12.53 -36.12 13.24
N ALA B 631 12.15 -35.00 12.65
CA ALA B 631 11.35 -35.02 11.45
C ALA B 631 11.60 -33.83 10.56
N THR B 632 11.11 -33.96 9.33
CA THR B 632 11.14 -32.89 8.38
C THR B 632 9.73 -32.41 8.22
N VAL B 633 9.54 -31.11 8.43
CA VAL B 633 8.22 -30.49 8.32
C VAL B 633 8.15 -29.75 6.99
N SER B 634 7.21 -30.15 6.13
CA SER B 634 7.08 -29.58 4.78
C SER B 634 5.91 -28.60 4.71
N LEU B 635 6.22 -27.31 4.82
CA LEU B 635 5.20 -26.29 4.92
C LEU B 635 4.53 -26.03 3.57
N ASP B 636 3.20 -26.06 3.55
CA ASP B 636 2.38 -25.47 2.48
C ASP B 636 2.57 -23.96 2.50
N MET B 637 3.52 -23.46 1.73
CA MET B 637 3.89 -22.05 1.83
C MET B 637 2.78 -21.09 1.38
N PRO B 638 2.06 -21.44 0.30
CA PRO B 638 0.94 -20.58 -0.11
C PRO B 638 -0.13 -20.50 0.96
N GLN B 639 -0.31 -21.60 1.67
CA GLN B 639 -1.31 -21.62 2.72
C GLN B 639 -0.87 -20.70 3.85
N LEU B 640 0.42 -20.41 3.92
CA LEU B 640 0.92 -19.35 4.83
C LEU B 640 0.90 -17.95 4.20
N GLY B 641 0.58 -17.84 2.90
CA GLY B 641 0.61 -16.56 2.18
C GLY B 641 2.00 -16.17 1.68
N LEU B 642 2.79 -17.19 1.32
CA LEU B 642 4.17 -17.01 0.93
C LEU B 642 4.45 -17.77 -0.36
N ASP B 643 5.57 -17.45 -1.02
CA ASP B 643 6.03 -18.22 -2.17
C ASP B 643 6.88 -19.38 -1.70
N TRP B 644 6.98 -20.40 -2.54
CA TRP B 644 7.59 -21.68 -2.16
C TRP B 644 9.04 -21.58 -1.74
N HIS B 645 9.75 -20.65 -2.36
CA HIS B 645 11.17 -20.48 -2.16
C HIS B 645 11.48 -19.55 -0.97
N GLU B 646 10.48 -18.83 -0.49
CA GLU B 646 10.67 -17.89 0.62
C GLU B 646 11.19 -18.61 1.86
N SER B 647 11.87 -17.87 2.70
CA SER B 647 12.37 -18.37 3.98
C SER B 647 12.01 -17.30 4.98
N VAL B 648 11.08 -17.62 5.87
CA VAL B 648 10.56 -16.64 6.84
C VAL B 648 11.17 -16.86 8.21
N PRO B 649 11.46 -15.77 8.93
CA PRO B 649 11.94 -15.95 10.29
C PRO B 649 10.78 -16.25 11.25
N VAL B 650 11.07 -17.09 12.24
CA VAL B 650 10.10 -17.45 13.26
C VAL B 650 10.74 -17.34 14.63
N ARG B 651 9.93 -17.26 15.67
CA ARG B 651 10.41 -17.35 17.06
C ARG B 651 9.62 -18.41 17.78
N ASP B 652 10.33 -19.38 18.37
CA ASP B 652 9.68 -20.39 19.22
C ASP B 652 9.33 -19.70 20.56
N GLU B 653 8.05 -19.42 20.75
CA GLU B 653 7.61 -18.60 21.87
C GLU B 653 7.74 -19.30 23.21
N LEU B 654 7.94 -20.62 23.19
CA LEU B 654 8.20 -21.39 24.40
C LEU B 654 9.59 -21.17 24.95
N THR B 655 10.58 -20.91 24.08
CA THR B 655 11.97 -20.77 24.47
C THR B 655 12.55 -19.37 24.23
N GLY B 656 11.98 -18.62 23.29
CA GLY B 656 12.57 -17.33 22.88
C GLY B 656 13.55 -17.50 21.72
N GLU B 657 13.89 -18.74 21.38
CA GLU B 657 14.85 -19.00 20.31
C GLU B 657 14.26 -18.62 18.97
N THR B 658 15.14 -18.26 18.03
CA THR B 658 14.76 -17.84 16.68
C THR B 658 15.31 -18.83 15.67
N TYR B 659 14.51 -19.09 14.64
CA TYR B 659 14.94 -19.91 13.51
C TYR B 659 14.52 -19.20 12.22
N HIS B 660 15.08 -19.65 11.10
CA HIS B 660 14.64 -19.22 9.76
C HIS B 660 14.10 -20.46 9.10
N TRP B 661 12.80 -20.45 8.76
CA TRP B 661 12.15 -21.63 8.25
C TRP B 661 11.55 -21.38 6.88
N GLY B 662 11.43 -22.46 6.12
CA GLY B 662 10.82 -22.43 4.80
C GLY B 662 10.22 -23.76 4.41
N ARG B 663 10.23 -24.03 3.11
CA ARG B 663 9.63 -25.20 2.50
C ARG B 663 9.81 -26.52 3.24
N ALA B 664 11.01 -26.78 3.72
CA ALA B 664 11.32 -28.03 4.42
C ALA B 664 12.25 -27.74 5.58
N ASN B 665 11.90 -28.19 6.77
CA ASN B 665 12.63 -27.83 8.00
C ASN B 665 12.85 -29.05 8.90
N TYR B 666 14.09 -29.29 9.27
CA TYR B 666 14.43 -30.28 10.28
C TYR B 666 14.02 -29.75 11.65
N VAL B 667 13.36 -30.62 12.42
CA VAL B 667 13.15 -30.39 13.85
C VAL B 667 13.59 -31.61 14.61
N ARG B 668 13.94 -31.39 15.87
CA ARG B 668 14.32 -32.45 16.78
C ARG B 668 13.69 -32.14 18.16
N LEU B 669 12.79 -33.01 18.64
CA LEU B 669 11.97 -32.73 19.85
C LEU B 669 12.12 -33.79 20.91
N GLU B 670 12.74 -33.40 22.03
CA GLU B 670 13.07 -34.34 23.09
C GLU B 670 12.02 -34.21 24.23
N PRO B 671 11.25 -35.30 24.50
CA PRO B 671 10.26 -35.25 25.56
C PRO B 671 10.90 -34.99 26.92
N GLY B 672 10.33 -34.03 27.63
CA GLY B 672 10.86 -33.60 28.91
C GLY B 672 11.56 -32.29 28.74
N ARG B 673 12.23 -32.11 27.61
CA ARG B 673 12.92 -30.87 27.34
C ARG B 673 12.05 -29.96 26.51
N THR B 674 11.61 -30.43 25.34
CA THR B 674 10.59 -29.73 24.56
C THR B 674 9.49 -30.68 24.08
N PRO B 675 8.23 -30.37 24.42
CA PRO B 675 7.09 -31.04 23.79
C PRO B 675 6.84 -30.59 22.36
N ALA B 676 7.01 -29.29 22.10
CA ALA B 676 6.64 -28.68 20.85
C ALA B 676 7.46 -27.42 20.55
N HIS B 677 7.33 -26.97 19.31
CA HIS B 677 7.65 -25.61 18.94
C HIS B 677 6.34 -24.88 18.72
N VAL B 678 6.17 -23.75 19.39
CA VAL B 678 5.02 -22.91 19.18
C VAL B 678 5.57 -21.60 18.66
N CYS B 679 5.59 -21.47 17.34
CA CYS B 679 6.29 -20.37 16.71
C CYS B 679 5.32 -19.32 16.17
N THR B 680 5.69 -18.06 16.33
CA THR B 680 5.04 -16.97 15.60
C THR B 680 5.93 -16.59 14.42
N VAL B 681 5.33 -16.30 13.28
CA VAL B 681 6.06 -15.88 12.08
C VAL B 681 6.29 -14.36 12.16
N LEU B 682 7.56 -13.95 12.08
CA LEU B 682 7.96 -12.58 12.42
C LEU B 682 7.81 -11.65 11.20
N ARG B 683 7.13 -10.52 11.40
CA ARG B 683 6.63 -9.73 10.27
C ARG B 683 7.74 -8.86 9.66
N PRO C 35 8.28 44.60 15.82
CA PRO C 35 8.54 43.27 15.26
C PRO C 35 10.03 43.03 14.92
N THR C 36 10.58 41.87 15.33
CA THR C 36 11.96 41.48 14.98
C THR C 36 12.00 40.77 13.62
N VAL C 37 13.18 40.74 13.00
CA VAL C 37 13.37 39.99 11.76
C VAL C 37 13.45 38.49 12.00
N VAL C 38 14.07 38.05 13.10
CA VAL C 38 14.11 36.60 13.38
C VAL C 38 13.02 36.24 14.38
N GLY C 39 12.39 35.09 14.17
CA GLY C 39 11.24 34.67 15.00
C GLY C 39 11.68 33.83 16.16
N ARG C 40 10.72 33.23 16.85
CA ARG C 40 11.01 32.57 18.12
C ARG C 40 11.89 31.35 17.92
N ILE C 41 11.56 30.52 16.93
CA ILE C 41 12.43 29.46 16.46
C ILE C 41 12.94 29.88 15.06
N PRO C 42 14.21 30.32 14.99
CA PRO C 42 14.84 30.73 13.75
C PRO C 42 14.61 29.81 12.56
N VAL C 43 14.05 30.36 11.49
CA VAL C 43 13.89 29.66 10.23
C VAL C 43 14.33 30.65 9.13
N LEU C 44 15.48 30.34 8.52
CA LEU C 44 16.23 31.26 7.72
C LEU C 44 16.63 30.67 6.35
N ASP C 45 16.65 31.52 5.34
CA ASP C 45 17.22 31.22 4.05
C ASP C 45 16.53 30.03 3.41
N VAL C 46 15.24 30.16 3.25
CA VAL C 46 14.49 29.12 2.64
C VAL C 46 14.83 29.06 1.18
N ARG C 47 15.00 27.84 0.70
CA ARG C 47 15.20 27.61 -0.74
C ARG C 47 14.26 26.57 -1.28
N PRO C 48 13.96 26.63 -2.60
CA PRO C 48 14.49 27.56 -3.62
C PRO C 48 13.99 29.01 -3.54
N VAL C 49 14.83 29.94 -3.99
CA VAL C 49 14.48 31.33 -4.03
C VAL C 49 15.10 31.91 -5.31
N VAL C 50 14.35 32.77 -5.95
CA VAL C 50 14.78 33.35 -7.20
C VAL C 50 14.65 34.85 -7.07
N GLN C 51 15.74 35.56 -7.26
CA GLN C 51 15.68 37.00 -7.26
C GLN C 51 15.21 37.49 -5.88
N ARG C 52 15.63 36.80 -4.83
CA ARG C 52 15.26 37.18 -3.45
C ARG C 52 13.77 37.15 -3.21
N GLY C 53 13.05 36.38 -4.03
CA GLY C 53 11.61 36.21 -3.83
C GLY C 53 10.82 37.06 -4.75
N ARG C 54 11.48 37.80 -5.63
CA ARG C 54 10.79 38.76 -6.47
C ARG C 54 10.23 38.10 -7.72
N ARG C 55 10.74 36.91 -8.01
CA ARG C 55 10.27 36.10 -9.11
C ARG C 55 10.06 34.68 -8.57
N PRO C 56 9.13 33.91 -9.18
CA PRO C 56 8.82 32.60 -8.66
C PRO C 56 9.83 31.51 -9.03
N ALA C 57 9.96 30.53 -8.13
CA ALA C 57 10.62 29.28 -8.42
C ALA C 57 9.65 28.51 -9.29
N LYS C 58 10.15 27.51 -9.99
CA LYS C 58 9.34 26.82 -11.01
C LYS C 58 9.13 25.31 -10.76
N ALA C 59 7.96 24.82 -11.13
CA ALA C 59 7.76 23.37 -11.29
C ALA C 59 6.78 23.15 -12.44
N VAL C 60 6.54 21.88 -12.76
CA VAL C 60 5.39 21.49 -13.55
C VAL C 60 4.53 20.52 -12.80
N THR C 61 3.33 20.28 -13.30
CA THR C 61 2.42 19.33 -12.62
C THR C 61 3.11 17.98 -12.41
N GLY C 62 2.99 17.45 -11.19
CA GLY C 62 3.59 16.16 -10.83
C GLY C 62 5.11 16.13 -10.67
N GLU C 63 5.76 17.29 -10.70
CA GLU C 63 7.23 17.31 -10.50
C GLU C 63 7.60 17.46 -9.01
N SER C 64 8.63 16.75 -8.57
CA SER C 64 9.13 16.83 -7.20
C SER C 64 10.45 17.55 -7.07
N PHE C 65 10.63 18.25 -5.95
CA PHE C 65 11.87 18.96 -5.67
C PHE C 65 12.00 19.22 -4.18
N GLU C 66 13.21 19.61 -3.79
CA GLU C 66 13.53 19.77 -2.39
C GLU C 66 13.40 21.22 -1.93
N VAL C 67 12.59 21.43 -0.90
CA VAL C 67 12.52 22.66 -0.18
C VAL C 67 13.38 22.53 1.05
N SER C 68 14.22 23.54 1.30
CA SER C 68 15.18 23.51 2.39
C SER C 68 15.19 24.85 3.17
N ALA C 69 15.77 24.82 4.35
CA ALA C 69 15.94 26.03 5.16
C ALA C 69 16.97 25.80 6.21
N THR C 70 17.36 26.84 6.91
CA THR C 70 18.25 26.72 8.03
C THR C 70 17.45 26.96 9.30
N VAL C 71 17.36 25.92 10.14
CA VAL C 71 16.49 25.88 11.30
C VAL C 71 17.29 25.40 12.53
N PHE C 72 17.16 26.10 13.65
CA PHE C 72 17.89 25.76 14.91
C PHE C 72 17.22 26.54 16.01
N ARG C 73 17.68 26.37 17.24
CA ARG C 73 17.17 27.18 18.35
C ARG C 73 18.24 27.42 19.39
N GLU C 74 17.91 28.28 20.35
CA GLU C 74 18.80 28.55 21.47
C GLU C 74 18.86 27.34 22.33
N GLY C 75 20.00 27.12 22.97
CA GLY C 75 20.15 26.07 23.95
C GLY C 75 20.33 24.75 23.21
N HIS C 76 20.06 23.66 23.91
CA HIS C 76 20.49 22.34 23.48
C HIS C 76 19.33 21.41 23.14
N ASP C 77 18.09 21.88 23.25
CA ASP C 77 16.96 21.01 22.98
C ASP C 77 16.68 20.89 21.47
N ALA C 78 15.87 19.91 21.13
CA ALA C 78 15.65 19.51 19.72
C ALA C 78 14.68 20.43 19.01
N VAL C 79 14.83 20.54 17.68
CA VAL C 79 13.84 21.19 16.84
C VAL C 79 13.27 20.25 15.81
N GLY C 80 12.15 20.66 15.24
CA GLY C 80 11.62 20.04 14.06
C GLY C 80 11.16 21.10 13.09
N ALA C 81 10.75 20.66 11.91
CA ALA C 81 10.29 21.53 10.86
C ALA C 81 9.49 20.75 9.87
N ASN C 82 8.63 21.43 9.12
CA ASN C 82 7.84 20.84 8.07
C ASN C 82 7.57 21.87 6.99
N VAL C 83 7.21 21.41 5.78
CA VAL C 83 6.88 22.30 4.65
C VAL C 83 5.40 22.39 4.42
N VAL C 84 4.89 23.62 4.33
CA VAL C 84 3.49 23.82 4.06
C VAL C 84 3.40 24.42 2.65
N LEU C 85 2.93 23.59 1.73
CA LEU C 85 2.76 23.95 0.33
C LEU C 85 1.34 24.40 0.18
N ARG C 86 1.14 25.58 -0.36
CA ARG C 86 -0.21 26.10 -0.52
C ARG C 86 -0.57 26.28 -2.00
N ASP C 87 -1.75 25.79 -2.39
CA ASP C 87 -2.20 25.89 -3.76
C ASP C 87 -2.72 27.30 -4.13
N PRO C 88 -3.14 27.50 -5.40
CA PRO C 88 -3.60 28.82 -5.83
C PRO C 88 -4.79 29.38 -5.08
N ARG C 89 -5.62 28.50 -4.52
CA ARG C 89 -6.74 28.93 -3.69
C ARG C 89 -6.36 29.00 -2.23
N GLY C 90 -5.08 28.77 -1.93
CA GLY C 90 -4.57 28.95 -0.57
C GLY C 90 -4.63 27.72 0.32
N ARG C 91 -5.06 26.59 -0.21
CA ARG C 91 -5.26 25.40 0.60
C ARG C 91 -3.93 24.66 0.89
N PRO C 92 -3.69 24.28 2.15
CA PRO C 92 -2.44 23.63 2.53
C PRO C 92 -2.36 22.20 2.02
N GLY C 93 -1.17 21.78 1.63
CA GLY C 93 -0.97 20.41 1.20
C GLY C 93 -0.86 19.47 2.40
N PRO C 94 -0.27 18.30 2.20
CA PRO C 94 -0.11 17.32 3.28
C PRO C 94 1.04 17.61 4.22
N TRP C 95 1.00 16.91 5.35
CA TRP C 95 2.05 16.98 6.37
C TRP C 95 3.38 16.54 5.71
N THR C 96 4.38 17.42 5.72
CA THR C 96 5.62 17.15 5.01
C THR C 96 6.80 17.47 5.91
N PRO C 97 7.13 16.53 6.79
CA PRO C 97 8.16 16.81 7.78
C PRO C 97 9.55 16.82 7.18
N MET C 98 10.39 17.70 7.70
CA MET C 98 11.76 17.84 7.22
C MET C 98 12.72 17.08 8.10
N ARG C 99 13.90 16.82 7.56
CA ARG C 99 15.00 16.25 8.31
C ARG C 99 16.26 17.10 8.10
N GLU C 100 17.16 17.11 9.07
CA GLU C 100 18.45 17.76 8.91
C GLU C 100 19.21 16.98 7.87
N LEU C 101 19.83 17.66 6.91
CA LEU C 101 20.40 17.01 5.72
C LEU C 101 21.82 16.51 5.94
N ALA C 102 22.53 17.12 6.88
CA ALA C 102 23.83 16.61 7.28
C ALA C 102 24.02 16.98 8.73
N PRO C 103 24.76 16.14 9.49
CA PRO C 103 24.87 16.39 10.93
C PRO C 103 25.63 17.68 11.24
N GLY C 104 25.11 18.45 12.20
CA GLY C 104 25.74 19.67 12.68
C GLY C 104 25.62 20.86 11.76
N THR C 105 24.87 20.73 10.66
CA THR C 105 24.76 21.77 9.67
C THR C 105 23.56 22.68 9.90
N ASP C 106 22.52 22.22 10.59
CA ASP C 106 21.28 22.99 10.75
C ASP C 106 20.57 23.28 9.44
N ARG C 107 20.84 22.48 8.42
CA ARG C 107 20.13 22.59 7.15
C ARG C 107 19.13 21.47 7.04
N TRP C 108 17.86 21.84 6.85
CA TRP C 108 16.75 20.90 6.85
C TRP C 108 16.08 20.87 5.48
N GLY C 109 15.57 19.72 5.09
CA GLY C 109 14.99 19.52 3.75
C GLY C 109 13.88 18.48 3.75
N ALA C 110 12.95 18.67 2.81
CA ALA C 110 11.90 17.72 2.52
C ALA C 110 11.55 17.80 1.03
N THR C 111 10.97 16.74 0.48
CA THR C 111 10.56 16.74 -0.94
C THR C 111 9.10 17.13 -0.98
N VAL C 112 8.75 18.02 -1.90
CA VAL C 112 7.36 18.43 -2.13
C VAL C 112 7.02 18.12 -3.59
N THR C 113 5.73 17.98 -3.92
CA THR C 113 5.29 17.71 -5.30
C THR C 113 4.16 18.65 -5.73
N ALA C 114 4.37 19.25 -6.91
CA ALA C 114 3.44 20.22 -7.49
C ALA C 114 2.20 19.50 -7.97
N GLY C 115 1.05 20.17 -7.92
CA GLY C 115 -0.22 19.60 -8.40
C GLY C 115 -0.69 20.35 -9.64
N GLU C 116 -1.90 20.88 -9.58
CA GLU C 116 -2.47 21.64 -10.67
C GLU C 116 -1.64 22.89 -10.95
N THR C 117 -1.90 23.47 -12.11
CA THR C 117 -1.11 24.57 -12.63
C THR C 117 -1.58 25.85 -11.98
N GLY C 118 -0.66 26.82 -11.87
CA GLY C 118 -0.97 28.11 -11.28
C GLY C 118 0.06 28.59 -10.29
N THR C 119 -0.29 29.64 -9.55
CA THR C 119 0.66 30.26 -8.61
C THR C 119 0.47 29.74 -7.20
N TRP C 120 1.52 29.10 -6.70
CA TRP C 120 1.49 28.44 -5.40
C TRP C 120 2.43 29.18 -4.47
N SER C 121 2.48 28.70 -3.23
CA SER C 121 3.38 29.27 -2.26
C SER C 121 3.89 28.19 -1.32
N TYR C 122 5.06 28.41 -0.77
CA TYR C 122 5.57 27.48 0.22
C TYR C 122 6.14 28.18 1.41
N THR C 123 5.82 27.57 2.56
CA THR C 123 6.23 28.04 3.87
C THR C 123 6.91 26.91 4.62
N VAL C 124 7.93 27.27 5.38
CA VAL C 124 8.59 26.37 6.29
C VAL C 124 8.23 26.76 7.72
N GLU C 125 7.69 25.81 8.47
CA GLU C 125 7.39 25.99 9.85
C GLU C 125 8.46 25.27 10.67
N ALA C 126 9.00 25.98 11.69
CA ALA C 126 9.98 25.44 12.60
C ALA C 126 9.42 25.49 14.00
N TRP C 127 9.86 24.56 14.84
CA TRP C 127 9.26 24.41 16.15
C TRP C 127 10.21 23.65 17.07
N GLY C 128 10.07 23.87 18.37
CA GLY C 128 10.72 23.04 19.38
C GLY C 128 10.08 21.68 19.39
N ASP C 129 10.92 20.63 19.48
CA ASP C 129 10.47 19.27 19.54
C ASP C 129 10.72 18.68 20.93
N PRO C 130 9.84 19.01 21.90
CA PRO C 130 10.12 18.67 23.29
C PRO C 130 10.08 17.16 23.58
N VAL C 131 9.30 16.42 22.82
CA VAL C 131 9.15 15.01 23.01
C VAL C 131 10.44 14.24 22.67
N THR C 132 11.11 14.64 21.60
CA THR C 132 12.40 14.04 21.23
C THR C 132 13.41 14.31 22.33
N THR C 133 13.38 15.53 22.83
CA THR C 133 14.27 16.01 23.88
C THR C 133 14.08 15.23 25.15
N TRP C 134 12.84 15.16 25.59
CA TRP C 134 12.52 14.41 26.76
C TRP C 134 12.99 12.97 26.60
N ARG C 135 12.63 12.35 25.48
CA ARG C 135 12.98 10.94 25.25
C ARG C 135 14.45 10.67 25.42
N HIS C 136 15.24 11.54 24.86
CA HIS C 136 16.67 11.41 24.94
C HIS C 136 17.14 11.38 26.42
N HIS C 137 16.66 12.33 27.21
CA HIS C 137 17.02 12.40 28.61
C HIS C 137 16.49 11.25 29.45
N ALA C 138 15.27 10.83 29.18
CA ALA C 138 14.65 9.74 29.89
C ALA C 138 15.41 8.42 29.66
N ARG C 139 15.79 8.13 28.43
CA ARG C 139 16.54 6.89 28.13
C ARG C 139 17.83 6.76 28.94
N ILE C 140 18.45 7.88 29.28
CA ILE C 140 19.67 7.90 30.06
C ILE C 140 19.40 7.93 31.57
N LYS C 141 18.51 8.83 32.02
CA LYS C 141 18.25 9.01 33.44
C LYS C 141 17.59 7.77 34.09
N ILE C 142 16.64 7.15 33.39
CA ILE C 142 15.88 6.04 33.96
C ILE C 142 16.74 4.82 34.30
N PRO C 143 17.67 4.41 33.40
CA PRO C 143 18.59 3.35 33.79
C PRO C 143 19.51 3.80 34.91
N ALA C 144 19.93 5.06 34.88
CA ALA C 144 20.77 5.60 35.92
C ALA C 144 20.02 5.89 37.25
N GLY C 145 18.70 5.67 37.30
CA GLY C 145 17.94 5.87 38.53
C GLY C 145 17.85 7.31 39.03
N LEU C 146 18.13 8.25 38.12
CA LEU C 146 18.14 9.68 38.45
C LEU C 146 16.75 10.30 38.31
N ASP C 147 16.14 10.68 39.44
CA ASP C 147 14.84 11.39 39.48
C ASP C 147 13.73 10.70 38.69
N THR C 148 13.65 9.38 38.77
CA THR C 148 12.78 8.64 37.83
C THR C 148 11.31 9.11 37.88
N ASP C 149 10.77 9.37 39.08
CA ASP C 149 9.37 9.80 39.23
C ASP C 149 9.10 11.19 38.59
N LEU C 150 10.02 12.13 38.76
CA LEU C 150 9.92 13.44 38.18
C LEU C 150 10.01 13.37 36.64
N VAL C 151 11.00 12.65 36.13
CA VAL C 151 11.18 12.49 34.70
C VAL C 151 9.95 11.86 34.02
N LEU C 152 9.37 10.84 34.66
CA LEU C 152 8.28 10.11 34.04
C LEU C 152 7.03 10.97 34.07
N GLU C 153 6.88 11.79 35.13
CA GLU C 153 5.73 12.69 35.23
C GLU C 153 5.84 13.77 34.15
N GLU C 154 7.06 14.24 33.91
CA GLU C 154 7.28 15.28 32.91
C GLU C 154 6.90 14.79 31.55
N GLY C 155 7.17 13.51 31.30
CA GLY C 155 6.83 12.89 30.02
C GLY C 155 5.34 12.73 29.88
N ALA C 156 4.69 12.35 30.98
CA ALA C 156 3.25 12.24 30.99
C ALA C 156 2.60 13.53 30.57
N ARG C 157 3.08 14.65 31.12
CA ARG C 157 2.46 15.92 30.84
C ARG C 157 2.70 16.33 29.38
N LEU C 158 3.85 15.98 28.81
CA LEU C 158 4.14 16.28 27.41
C LEU C 158 3.19 15.52 26.54
N TYR C 159 3.01 14.25 26.88
CA TYR C 159 2.17 13.38 26.08
C TYR C 159 0.71 13.78 26.15
N GLU C 160 0.30 14.38 27.27
CA GLU C 160 -1.06 14.86 27.46
C GLU C 160 -1.35 16.04 26.55
N ARG C 161 -0.40 16.96 26.49
CA ARG C 161 -0.49 18.09 25.59
C ARG C 161 -0.53 17.65 24.15
N ALA C 162 0.20 16.58 23.82
CA ALA C 162 0.22 16.07 22.44
C ALA C 162 -1.13 15.47 22.15
N ALA C 163 -1.67 14.79 23.15
CA ALA C 163 -2.99 14.19 23.02
C ALA C 163 -4.11 15.22 22.82
N ALA C 164 -3.98 16.40 23.41
CA ALA C 164 -4.99 17.44 23.32
C ALA C 164 -5.14 18.06 21.91
N ASP C 165 -4.18 17.79 21.03
CA ASP C 165 -4.22 18.29 19.64
C ASP C 165 -4.66 17.25 18.61
N VAL C 166 -4.57 15.98 18.98
CA VAL C 166 -4.86 14.87 18.07
C VAL C 166 -6.37 14.75 17.78
N PRO C 167 -6.78 14.93 16.49
CA PRO C 167 -8.19 14.87 16.14
C PRO C 167 -8.73 13.45 16.18
N GLY C 168 -7.92 12.46 15.83
CA GLY C 168 -8.35 11.05 15.88
C GLY C 168 -8.66 10.61 17.31
N ARG C 169 -9.80 9.94 17.50
CA ARG C 169 -10.19 9.50 18.85
C ARG C 169 -9.38 8.30 19.28
N GLU C 170 -9.17 7.35 18.37
CA GLU C 170 -8.35 6.17 18.65
C GLU C 170 -6.90 6.59 18.94
N ASP C 171 -6.39 7.55 18.17
CA ASP C 171 -5.02 8.05 18.35
C ASP C 171 -4.85 8.80 19.67
N ARG C 172 -5.88 9.54 20.05
CA ARG C 172 -5.93 10.19 21.34
C ARG C 172 -5.92 9.16 22.47
N ARG C 173 -6.80 8.15 22.37
CA ARG C 173 -6.87 7.07 23.35
C ARG C 173 -5.49 6.44 23.51
N GLU C 174 -4.77 6.28 22.40
CA GLU C 174 -3.46 5.61 22.40
C GLU C 174 -2.43 6.42 23.19
N LEU C 175 -2.47 7.73 23.05
CA LEU C 175 -1.54 8.58 23.78
C LEU C 175 -1.88 8.71 25.26
N LEU C 176 -3.18 8.76 25.60
CA LEU C 176 -3.60 8.77 27.00
C LEU C 176 -3.27 7.44 27.68
N ALA C 177 -3.30 6.35 26.93
CA ALA C 177 -2.92 5.06 27.48
C ALA C 177 -1.47 5.10 27.92
N ALA C 178 -0.64 5.74 27.11
CA ALA C 178 0.79 5.89 27.45
C ALA C 178 1.00 6.83 28.64
N VAL C 179 0.19 7.88 28.71
CA VAL C 179 0.19 8.75 29.88
C VAL C 179 -0.10 7.94 31.14
N ASP C 180 -1.15 7.15 31.12
CA ASP C 180 -1.54 6.35 32.25
C ASP C 180 -0.41 5.42 32.64
N ALA C 181 0.16 4.72 31.65
CA ALA C 181 1.28 3.82 31.91
C ALA C 181 2.47 4.54 32.56
N LEU C 182 2.82 5.71 32.02
CA LEU C 182 3.91 6.52 32.53
C LEU C 182 3.70 6.93 33.98
N ARG C 183 2.43 7.08 34.37
CA ARG C 183 2.12 7.54 35.73
C ARG C 183 1.82 6.38 36.67
N ASP C 184 1.97 5.14 36.21
CA ASP C 184 1.62 4.01 37.07
C ASP C 184 2.78 3.70 37.99
N GLU C 185 2.72 4.25 39.18
CA GLU C 185 3.83 4.13 40.12
C GLU C 185 4.01 2.74 40.69
N SER C 186 3.10 1.82 40.40
CA SER C 186 3.24 0.41 40.83
C SER C 186 4.17 -0.40 39.92
N ARG C 187 4.47 0.10 38.74
CA ARG C 187 5.33 -0.61 37.78
C ARG C 187 6.76 -0.15 37.79
N PRO C 188 7.67 -1.02 37.36
CA PRO C 188 9.06 -0.64 37.32
C PRO C 188 9.29 0.56 36.37
N ALA C 189 10.16 1.48 36.79
CA ALA C 189 10.56 2.62 35.98
C ALA C 189 10.77 2.34 34.51
N ALA C 190 11.66 1.40 34.19
CA ALA C 190 12.01 1.12 32.78
C ALA C 190 10.81 0.58 31.98
N SER C 191 9.92 -0.10 32.67
CA SER C 191 8.70 -0.65 32.05
C SER C 191 7.73 0.50 31.73
N ARG C 192 7.52 1.38 32.70
CA ARG C 192 6.72 2.58 32.52
C ARG C 192 7.21 3.39 31.34
N LEU C 193 8.49 3.71 31.33
CA LEU C 193 9.10 4.41 30.22
C LEU C 193 8.87 3.70 28.85
N ALA C 194 9.17 2.39 28.78
CA ALA C 194 9.03 1.64 27.51
C ALA C 194 7.61 1.76 26.87
N ALA C 195 6.60 1.94 27.70
CA ALA C 195 5.22 2.06 27.25
C ALA C 195 4.94 3.37 26.52
N ALA C 196 5.81 4.36 26.68
CA ALA C 196 5.74 5.61 25.89
C ALA C 196 6.65 5.60 24.65
N LEU C 197 7.35 4.49 24.39
CA LEU C 197 8.25 4.41 23.26
C LEU C 197 7.89 3.29 22.28
N THR C 198 6.67 2.78 22.34
CA THR C 198 6.21 1.72 21.44
C THR C 198 5.98 2.22 20.01
N PRO C 199 6.10 1.32 19.02
CA PRO C 199 5.87 1.68 17.62
C PRO C 199 4.56 2.44 17.39
N GLN C 200 3.48 2.06 18.07
CA GLN C 200 2.16 2.65 17.82
C GLN C 200 2.03 4.02 18.46
N VAL C 201 2.86 4.29 19.48
CA VAL C 201 3.00 5.66 19.98
C VAL C 201 3.78 6.52 19.00
N ASP C 202 4.95 6.05 18.59
CA ASP C 202 5.76 6.66 17.52
C ASP C 202 4.96 7.01 16.28
N ALA C 203 4.10 6.10 15.84
CA ALA C 203 3.32 6.31 14.59
C ALA C 203 2.34 7.45 14.74
N VAL C 204 1.71 7.57 15.91
CA VAL C 204 0.83 8.71 16.17
C VAL C 204 1.62 9.99 16.18
N LEU C 205 2.76 9.94 16.86
CA LEU C 205 3.59 11.12 17.09
C LEU C 205 4.29 11.58 15.82
N ALA C 206 4.60 10.65 14.92
CA ALA C 206 5.14 11.05 13.62
C ALA C 206 4.08 11.82 12.83
N ARG C 207 2.82 11.37 12.88
CA ARG C 207 1.74 12.06 12.17
C ARG C 207 1.31 13.35 12.88
N HIS C 208 1.25 13.35 14.22
CA HIS C 208 0.77 14.51 14.97
C HIS C 208 1.70 14.92 16.10
N PRO C 209 2.91 15.39 15.73
CA PRO C 209 3.85 15.73 16.77
C PRO C 209 3.46 16.92 17.66
N LEU C 210 3.96 16.91 18.89
CA LEU C 210 3.86 18.07 19.73
C LEU C 210 4.94 19.05 19.30
N ARG C 211 4.47 20.21 18.82
CA ARG C 211 5.30 21.25 18.29
C ARG C 211 5.19 22.45 19.21
N ASP C 212 6.30 22.86 19.81
CA ASP C 212 6.38 24.11 20.59
C ASP C 212 6.76 25.31 19.73
N LEU C 213 6.11 26.44 19.95
CA LEU C 213 6.63 27.74 19.50
C LEU C 213 6.79 27.88 17.95
N VAL C 214 5.76 27.41 17.26
CA VAL C 214 5.77 27.32 15.78
C VAL C 214 6.12 28.66 15.20
N THR C 215 7.12 28.67 14.35
CA THR C 215 7.62 29.89 13.73
C THR C 215 7.69 29.62 12.23
N SER C 216 7.28 30.60 11.44
CA SER C 216 7.13 30.46 9.96
C SER C 216 8.02 31.41 9.20
N SER C 217 8.52 30.98 8.04
CA SER C 217 9.15 31.88 7.08
C SER C 217 8.07 32.65 6.33
N ASP C 218 8.46 33.76 5.68
CA ASP C 218 7.55 34.48 4.80
C ASP C 218 7.36 33.63 3.56
N PRO C 219 6.12 33.54 3.05
CA PRO C 219 5.88 32.68 1.88
C PRO C 219 6.75 33.00 0.66
N LEU C 220 7.19 31.94 -0.03
CA LEU C 220 7.85 32.11 -1.31
C LEU C 220 6.99 31.56 -2.42
N PRO C 221 7.10 32.15 -3.62
CA PRO C 221 6.17 31.80 -4.69
C PRO C 221 6.69 30.68 -5.59
N LEU C 222 5.74 29.87 -6.03
CA LEU C 222 5.99 28.80 -6.97
C LEU C 222 5.00 28.93 -8.13
N LEU C 223 5.53 28.97 -9.36
CA LEU C 223 4.70 28.95 -10.55
C LEU C 223 4.71 27.55 -11.04
N VAL C 224 3.55 26.89 -11.01
CA VAL C 224 3.46 25.51 -11.51
C VAL C 224 2.83 25.54 -12.91
N GLU C 225 3.53 25.00 -13.89
CA GLU C 225 3.11 25.04 -15.29
C GLU C 225 2.88 23.63 -15.86
N ARG C 226 2.40 23.54 -17.10
CA ARG C 226 2.04 22.23 -17.68
C ARG C 226 3.24 21.36 -18.04
N GLU C 227 2.95 20.07 -18.16
CA GLU C 227 3.95 19.04 -18.34
C GLU C 227 4.91 19.40 -19.49
N ARG C 228 4.36 19.86 -20.63
CA ARG C 228 5.17 20.11 -21.82
C ARG C 228 6.25 21.17 -21.62
N ALA C 229 6.10 22.04 -20.64
CA ALA C 229 7.16 23.00 -20.31
C ALA C 229 8.46 22.31 -19.98
N LEU C 230 8.37 21.16 -19.30
CA LEU C 230 9.53 20.39 -18.88
C LEU C 230 9.86 19.26 -19.84
N TYR C 231 8.82 18.57 -20.30
CA TYR C 231 8.99 17.29 -20.95
C TYR C 231 8.32 17.27 -22.34
N GLY C 232 9.09 16.85 -23.33
CA GLY C 232 8.62 16.85 -24.73
C GLY C 232 9.78 16.59 -25.67
N ALA C 233 9.47 16.00 -26.83
CA ALA C 233 10.48 15.79 -27.85
C ALA C 233 10.18 16.69 -29.04
N TRP C 234 11.21 17.35 -29.54
CA TRP C 234 11.07 18.39 -30.55
C TRP C 234 11.69 18.04 -31.89
N TYR C 235 11.00 18.40 -32.96
CA TYR C 235 11.49 18.19 -34.33
C TYR C 235 11.34 19.47 -35.14
N GLU C 236 12.44 19.95 -35.68
CA GLU C 236 12.44 21.16 -36.47
C GLU C 236 12.54 20.81 -37.95
N PHE C 237 11.68 21.40 -38.77
CA PHE C 237 11.83 21.32 -40.22
C PHE C 237 11.23 22.50 -40.93
N PHE C 238 11.66 22.70 -42.17
CA PHE C 238 11.18 23.84 -43.02
C PHE C 238 10.11 23.34 -43.94
N PRO C 239 8.86 23.70 -43.71
CA PRO C 239 7.83 23.31 -44.67
C PRO C 239 8.17 23.53 -46.16
N ARG C 240 8.89 24.60 -46.48
CA ARG C 240 9.11 24.95 -47.87
C ARG C 240 9.94 23.90 -48.60
N SER C 241 10.68 23.09 -47.84
CA SER C 241 11.53 22.07 -48.45
C SER C 241 10.75 20.84 -48.85
N GLU C 242 9.52 20.72 -48.36
CA GLU C 242 8.71 19.54 -48.62
C GLU C 242 7.67 19.88 -49.68
N GLY C 243 8.15 20.02 -50.91
CA GLY C 243 7.29 20.26 -52.06
C GLY C 243 7.26 19.10 -53.02
N THR C 244 7.05 19.40 -54.29
CA THR C 244 6.80 18.41 -55.33
C THR C 244 7.71 18.66 -56.52
N PRO C 245 7.77 17.71 -57.47
CA PRO C 245 8.50 17.98 -58.72
C PRO C 245 7.95 19.18 -59.49
N HIS C 246 6.62 19.32 -59.51
CA HIS C 246 6.00 20.44 -60.23
C HIS C 246 6.15 21.77 -59.48
N THR C 247 5.95 21.75 -58.17
CA THR C 247 6.09 22.95 -57.32
C THR C 247 7.10 22.66 -56.17
N PRO C 248 8.38 22.91 -56.44
CA PRO C 248 9.43 22.58 -55.47
C PRO C 248 9.21 23.27 -54.11
N HIS C 249 8.74 24.51 -54.12
CA HIS C 249 8.49 25.24 -52.89
C HIS C 249 7.24 24.70 -52.25
N GLY C 250 7.44 24.00 -51.13
CA GLY C 250 6.38 23.30 -50.48
C GLY C 250 5.38 24.25 -49.94
N THR C 251 4.18 23.73 -49.73
CA THR C 251 3.10 24.48 -49.11
C THR C 251 2.76 23.81 -47.77
N PHE C 252 1.84 24.42 -47.01
CA PHE C 252 1.39 23.81 -45.76
C PHE C 252 0.63 22.55 -46.07
N ARG C 253 -0.01 22.53 -47.23
CA ARG C 253 -0.78 21.35 -47.62
C ARG C 253 0.15 20.20 -47.99
N THR C 254 1.24 20.50 -48.72
CA THR C 254 2.22 19.47 -48.99
C THR C 254 3.08 19.17 -47.75
N ALA C 255 3.45 20.17 -46.98
CA ALA C 255 4.29 19.94 -45.80
C ALA C 255 3.60 19.04 -44.79
N ALA C 256 2.27 19.12 -44.70
CA ALA C 256 1.50 18.26 -43.78
C ALA C 256 1.75 16.76 -44.00
N ARG C 257 2.16 16.36 -45.20
CA ARG C 257 2.46 14.94 -45.47
C ARG C 257 3.68 14.42 -44.70
N ARG C 258 4.49 15.32 -44.14
CA ARG C 258 5.66 14.91 -43.37
C ARG C 258 5.30 14.59 -41.94
N LEU C 259 4.20 15.17 -41.47
CA LEU C 259 3.76 15.05 -40.09
C LEU C 259 3.60 13.59 -39.59
N PRO C 260 3.05 12.70 -40.42
CA PRO C 260 2.88 11.32 -39.93
C PRO C 260 4.20 10.63 -39.63
N ALA C 261 5.21 10.84 -40.48
CA ALA C 261 6.54 10.30 -40.18
C ALA C 261 7.20 10.95 -38.91
N ILE C 262 6.89 12.21 -38.65
CA ILE C 262 7.43 12.89 -37.46
C ILE C 262 6.79 12.38 -36.17
N ALA C 263 5.46 12.24 -36.17
CA ALA C 263 4.73 11.57 -35.09
C ALA C 263 5.15 10.12 -34.87
N ALA C 264 5.43 9.39 -35.96
CA ALA C 264 5.87 7.97 -35.90
C ALA C 264 7.27 7.81 -35.31
N MET C 265 8.09 8.85 -35.36
CA MET C 265 9.37 8.88 -34.68
C MET C 265 9.21 9.22 -33.17
N GLY C 266 7.98 9.46 -32.73
CA GLY C 266 7.70 9.73 -31.33
C GLY C 266 7.91 11.18 -30.90
N PHE C 267 7.77 12.17 -31.79
CA PHE C 267 7.92 13.58 -31.34
C PHE C 267 6.60 14.15 -30.91
N ASP C 268 6.67 15.19 -30.05
CA ASP C 268 5.47 15.84 -29.53
C ASP C 268 5.29 17.24 -30.05
N VAL C 269 6.39 17.82 -30.52
CA VAL C 269 6.40 19.21 -30.91
C VAL C 269 7.14 19.39 -32.22
N VAL C 270 6.52 20.12 -33.13
CA VAL C 270 7.14 20.51 -34.40
C VAL C 270 7.43 21.97 -34.35
N TYR C 271 8.71 22.33 -34.46
CA TYR C 271 9.11 23.72 -34.47
C TYR C 271 9.36 24.16 -35.90
N LEU C 272 8.62 25.20 -36.32
CA LEU C 272 8.75 25.77 -37.67
C LEU C 272 9.55 27.05 -37.67
N PRO C 273 10.47 27.16 -38.63
CA PRO C 273 11.06 28.47 -38.84
C PRO C 273 10.00 29.47 -39.31
N PRO C 274 10.33 30.76 -39.32
CA PRO C 274 9.36 31.76 -39.73
C PRO C 274 8.57 31.40 -40.98
N ILE C 275 7.24 31.57 -40.90
CA ILE C 275 6.30 31.23 -41.95
C ILE C 275 5.67 32.47 -42.66
N HIS C 276 6.32 33.62 -42.56
CA HIS C 276 5.79 34.88 -43.08
C HIS C 276 6.43 35.20 -44.42
N PRO C 277 5.99 36.30 -45.07
CA PRO C 277 6.72 36.66 -46.27
C PRO C 277 8.15 37.02 -45.96
N ILE C 278 9.01 36.90 -46.95
CA ILE C 278 10.42 37.13 -46.85
C ILE C 278 10.74 38.32 -47.75
N GLY C 279 11.57 39.24 -47.29
CA GLY C 279 11.90 40.44 -48.07
C GLY C 279 12.74 40.16 -49.32
N THR C 280 12.81 41.18 -50.20
CA THR C 280 13.58 41.12 -51.43
C THR C 280 14.89 41.93 -51.35
N THR C 281 14.85 43.11 -50.72
CA THR C 281 16.00 43.99 -50.59
C THR C 281 17.05 43.33 -49.71
N HIS C 282 18.26 43.17 -50.24
CA HIS C 282 19.41 42.60 -49.55
C HIS C 282 19.21 41.11 -49.21
N ARG C 283 18.33 40.46 -49.94
CA ARG C 283 18.04 39.07 -49.73
C ARG C 283 19.32 38.25 -49.93
N LYS C 284 19.52 37.24 -49.07
CA LYS C 284 20.70 36.42 -49.19
C LYS C 284 20.49 35.28 -50.18
N GLY C 285 21.55 34.94 -50.90
CA GLY C 285 21.53 33.78 -51.78
C GLY C 285 22.05 32.54 -51.08
N ARG C 286 22.28 31.50 -51.86
CA ARG C 286 22.67 30.19 -51.35
C ARG C 286 23.98 30.30 -50.56
N ASN C 287 24.15 29.44 -49.55
CA ASN C 287 25.38 29.44 -48.74
C ASN C 287 25.74 30.80 -48.14
N ASN C 288 24.74 31.56 -47.72
CA ASN C 288 24.98 32.85 -47.10
C ASN C 288 25.72 33.84 -48.01
N THR C 289 25.47 33.80 -49.31
CA THR C 289 26.04 34.80 -50.20
C THR C 289 25.17 36.07 -50.11
N LEU C 290 25.79 37.19 -50.47
CA LEU C 290 25.21 38.52 -50.23
C LEU C 290 24.05 38.85 -51.17
N SER C 291 24.23 38.55 -52.46
CA SER C 291 23.22 38.86 -53.48
C SER C 291 22.50 37.61 -53.99
N ALA C 292 21.20 37.55 -53.74
CA ALA C 292 20.34 36.52 -54.28
C ALA C 292 20.22 36.61 -55.81
N THR C 293 20.05 35.47 -56.47
CA THR C 293 19.78 35.44 -57.92
C THR C 293 18.30 35.09 -58.10
N GLY C 294 17.85 35.09 -59.35
CA GLY C 294 16.43 35.14 -59.66
C GLY C 294 15.50 34.23 -58.90
N ASP C 295 15.92 33.00 -58.65
CA ASP C 295 15.02 32.03 -58.04
C ASP C 295 15.25 31.87 -56.54
N ASP C 296 16.33 32.44 -56.03
CA ASP C 296 16.71 32.17 -54.64
C ASP C 296 15.56 32.50 -53.69
N VAL C 297 15.30 31.63 -52.70
CA VAL C 297 14.14 31.81 -51.81
C VAL C 297 14.44 32.70 -50.60
N GLY C 298 15.70 32.92 -50.27
CA GLY C 298 16.03 33.83 -49.13
C GLY C 298 15.88 33.12 -47.79
N VAL C 299 16.05 33.87 -46.72
CA VAL C 299 16.12 33.36 -45.32
C VAL C 299 14.83 33.69 -44.60
N PRO C 300 14.17 32.70 -44.00
CA PRO C 300 12.83 32.96 -43.48
C PRO C 300 12.82 33.99 -42.36
N TRP C 301 13.98 34.14 -41.72
CA TRP C 301 14.15 35.08 -40.62
C TRP C 301 14.21 36.54 -41.11
N ALA C 302 14.42 36.75 -42.42
CA ALA C 302 14.25 38.10 -43.03
C ALA C 302 12.77 38.34 -43.29
N ILE C 303 12.06 38.63 -42.20
CA ILE C 303 10.59 38.69 -42.24
C ILE C 303 10.03 40.03 -42.80
N GLY C 304 9.10 39.90 -43.73
CA GLY C 304 8.23 41.00 -44.13
C GLY C 304 8.46 41.54 -45.52
N SER C 305 7.35 41.82 -46.19
CA SER C 305 7.37 42.45 -47.52
C SER C 305 6.06 43.18 -47.69
N PRO C 306 5.87 43.87 -48.81
CA PRO C 306 4.53 44.44 -49.04
C PRO C 306 3.36 43.45 -48.88
N GLU C 307 3.64 42.15 -48.97
CA GLU C 307 2.61 41.11 -48.85
C GLU C 307 2.17 40.89 -47.41
N GLY C 308 3.01 41.28 -46.45
CA GLY C 308 2.68 41.07 -45.04
C GLY C 308 3.90 40.98 -44.15
N GLY C 309 3.65 41.03 -42.84
CA GLY C 309 4.69 40.92 -41.83
C GLY C 309 4.46 39.70 -40.99
N HIS C 310 4.65 39.86 -39.68
CA HIS C 310 4.60 38.79 -38.74
C HIS C 310 3.21 38.23 -38.50
N ASP C 311 2.16 38.94 -38.90
CA ASP C 311 0.82 38.39 -38.77
C ASP C 311 0.35 37.73 -40.06
N SER C 312 1.24 37.57 -41.03
CA SER C 312 0.88 37.03 -42.36
C SER C 312 1.62 35.74 -42.72
N ILE C 313 1.08 35.05 -43.72
CA ILE C 313 1.64 33.81 -44.25
C ILE C 313 2.33 34.11 -45.56
N HIS C 314 3.53 33.57 -45.72
CA HIS C 314 4.22 33.62 -47.00
C HIS C 314 3.28 33.09 -48.10
N PRO C 315 2.96 33.90 -49.13
CA PRO C 315 2.01 33.38 -50.15
C PRO C 315 2.36 32.03 -50.80
N ALA C 316 3.65 31.70 -50.91
CA ALA C 316 4.09 30.40 -51.46
C ALA C 316 3.82 29.23 -50.53
N LEU C 317 3.50 29.49 -49.28
CA LEU C 317 3.12 28.44 -48.33
C LEU C 317 1.61 28.31 -48.33
N GLY C 318 0.92 29.32 -48.89
CA GLY C 318 -0.54 29.29 -48.99
C GLY C 318 -1.18 30.35 -48.14
N THR C 319 -2.35 30.04 -47.58
CA THR C 319 -3.13 30.97 -46.79
C THR C 319 -3.26 30.54 -45.29
N LEU C 320 -3.86 31.42 -44.51
CA LEU C 320 -4.18 31.17 -43.11
C LEU C 320 -5.02 29.91 -42.97
N ASP C 321 -5.92 29.67 -43.94
CA ASP C 321 -6.78 28.49 -43.88
C ASP C 321 -5.98 27.22 -44.10
N ASP C 322 -4.95 27.30 -44.94
CA ASP C 322 -4.04 26.17 -45.15
C ASP C 322 -3.26 25.89 -43.87
N PHE C 323 -2.83 26.96 -43.22
CA PHE C 323 -2.13 26.85 -41.95
C PHE C 323 -3.04 26.17 -40.92
N ASP C 324 -4.26 26.66 -40.75
CA ASP C 324 -5.21 26.01 -39.85
C ASP C 324 -5.30 24.48 -40.13
N HIS C 325 -5.28 24.10 -41.41
CA HIS C 325 -5.33 22.68 -41.79
C HIS C 325 -4.07 21.96 -41.29
N PHE C 326 -2.92 22.57 -41.50
CA PHE C 326 -1.68 22.03 -40.99
C PHE C 326 -1.75 21.79 -39.47
N VAL C 327 -2.25 22.77 -38.72
CA VAL C 327 -2.29 22.69 -37.27
C VAL C 327 -3.26 21.65 -36.78
N THR C 328 -4.37 21.55 -37.48
CA THR C 328 -5.40 20.60 -37.14
C THR C 328 -4.85 19.22 -37.32
N GLU C 329 -4.18 19.00 -38.44
CA GLU C 329 -3.66 17.68 -38.75
C GLU C 329 -2.52 17.30 -37.80
N ALA C 330 -1.75 18.29 -37.37
CA ALA C 330 -0.72 18.08 -36.34
C ALA C 330 -1.37 17.56 -35.08
N GLY C 331 -2.40 18.27 -34.65
CA GLY C 331 -3.09 17.97 -33.41
C GLY C 331 -3.65 16.56 -33.37
N LYS C 332 -4.25 16.14 -34.48
CA LYS C 332 -4.78 14.78 -34.54
C LYS C 332 -3.70 13.71 -34.41
N LEU C 333 -2.45 14.07 -34.74
CA LEU C 333 -1.32 13.17 -34.54
C LEU C 333 -0.63 13.36 -33.16
N GLY C 334 -1.21 14.17 -32.28
CA GLY C 334 -0.61 14.48 -30.97
C GLY C 334 0.62 15.37 -31.11
N LEU C 335 0.61 16.22 -32.14
CA LEU C 335 1.69 17.16 -32.33
C LEU C 335 1.20 18.58 -32.10
N GLU C 336 1.87 19.28 -31.19
CA GLU C 336 1.67 20.71 -31.03
C GLU C 336 2.64 21.39 -31.93
N ILE C 337 2.29 22.59 -32.37
CA ILE C 337 3.17 23.40 -33.18
C ILE C 337 3.84 24.47 -32.33
N ALA C 338 5.13 24.68 -32.53
CA ALA C 338 5.81 25.82 -31.95
C ALA C 338 6.24 26.74 -33.09
N LEU C 339 5.77 27.98 -33.07
CA LEU C 339 6.19 28.93 -34.10
C LEU C 339 7.39 29.73 -33.67
N ASP C 340 8.23 30.06 -34.64
CA ASP C 340 9.33 30.96 -34.42
C ASP C 340 8.81 32.42 -34.32
N PHE C 341 9.32 33.18 -33.36
CA PHE C 341 8.99 34.59 -33.22
C PHE C 341 10.26 35.42 -33.20
N ALA C 342 10.48 36.13 -34.30
CA ALA C 342 11.69 36.87 -34.52
C ALA C 342 11.32 38.29 -34.64
N LEU C 343 11.60 39.04 -33.56
CA LEU C 343 11.35 40.46 -33.53
C LEU C 343 12.49 41.21 -34.22
N GLN C 344 12.37 41.27 -35.53
CA GLN C 344 13.27 41.97 -36.45
C GLN C 344 12.53 42.04 -37.82
N CYS C 345 13.04 42.84 -38.76
CA CYS C 345 12.35 43.07 -40.07
C CYS C 345 13.29 42.97 -41.24
N SER C 346 12.79 42.54 -42.40
CA SER C 346 13.49 42.87 -43.64
C SER C 346 13.29 44.37 -43.90
N PRO C 347 14.14 44.99 -44.78
CA PRO C 347 13.93 46.38 -45.19
C PRO C 347 12.61 46.66 -45.90
N ASP C 348 11.89 45.64 -46.31
CA ASP C 348 10.62 45.81 -46.99
C ASP C 348 9.44 45.55 -46.07
N HIS C 349 9.70 45.28 -44.79
CA HIS C 349 8.61 45.10 -43.84
C HIS C 349 7.84 46.41 -43.79
N PRO C 350 6.51 46.33 -43.72
CA PRO C 350 5.71 47.56 -43.60
C PRO C 350 6.13 48.44 -42.41
N TRP C 351 6.58 47.84 -41.32
CA TRP C 351 6.99 48.62 -40.13
C TRP C 351 8.00 49.70 -40.46
N VAL C 352 8.84 49.48 -41.45
CA VAL C 352 9.93 50.42 -41.73
C VAL C 352 9.41 51.80 -42.09
N HIS C 353 8.31 51.84 -42.83
CA HIS C 353 7.69 53.13 -43.09
C HIS C 353 6.57 53.46 -42.13
N LYS C 354 5.82 52.45 -41.67
CA LYS C 354 4.73 52.70 -40.72
C LYS C 354 5.15 53.07 -39.30
N HIS C 355 6.28 52.53 -38.83
CA HIS C 355 6.80 52.86 -37.49
C HIS C 355 8.28 53.06 -37.56
N PRO C 356 8.71 54.14 -38.20
CA PRO C 356 10.16 54.37 -38.26
C PRO C 356 10.86 54.46 -36.88
N GLU C 357 10.15 54.91 -35.86
CA GLU C 357 10.76 55.10 -34.53
C GLU C 357 10.99 53.76 -33.81
N TRP C 358 10.61 52.66 -34.47
CA TRP C 358 11.04 51.32 -34.03
C TRP C 358 12.41 50.96 -34.56
N PHE C 359 13.14 51.91 -35.09
CA PHE C 359 14.47 51.60 -35.62
C PHE C 359 15.36 52.73 -35.30
N HIS C 360 16.65 52.45 -35.18
CA HIS C 360 17.64 53.48 -34.96
C HIS C 360 18.14 53.92 -36.30
N HIS C 361 18.07 55.22 -36.57
CA HIS C 361 18.53 55.76 -37.83
C HIS C 361 19.81 56.53 -37.64
N ARG C 362 20.72 56.35 -38.60
CA ARG C 362 21.94 57.10 -38.61
C ARG C 362 21.63 58.53 -39.07
N PRO C 363 22.61 59.44 -38.98
CA PRO C 363 22.29 60.85 -39.25
C PRO C 363 21.82 61.12 -40.68
N ASP C 364 22.17 60.25 -41.62
CA ASP C 364 21.68 60.40 -43.01
C ASP C 364 20.34 59.70 -43.20
N GLY C 365 19.76 59.16 -42.13
CA GLY C 365 18.43 58.54 -42.22
C GLY C 365 18.40 57.05 -42.46
N THR C 366 19.53 56.45 -42.86
CA THR C 366 19.63 54.98 -43.05
C THR C 366 19.59 54.20 -41.72
N ILE C 367 19.24 52.91 -41.83
CA ILE C 367 19.23 51.97 -40.69
C ILE C 367 20.29 50.88 -40.92
N ALA C 368 21.23 50.75 -39.98
CA ALA C 368 22.25 49.71 -40.04
C ALA C 368 21.58 48.37 -39.93
N HIS C 369 22.01 47.46 -40.78
CA HIS C 369 21.55 46.08 -40.71
C HIS C 369 22.03 45.44 -39.40
N ALA C 370 21.30 44.43 -38.95
CA ALA C 370 21.59 43.73 -37.70
C ALA C 370 22.85 42.89 -37.80
N GLU C 371 23.47 42.65 -36.63
CA GLU C 371 24.74 41.95 -36.48
C GLU C 371 24.81 41.12 -35.20
N ASN C 372 25.72 40.13 -35.18
CA ASN C 372 26.10 39.34 -33.98
C ASN C 372 27.59 39.02 -34.17
N PRO C 373 28.46 40.02 -34.06
CA PRO C 373 29.81 39.91 -34.64
C PRO C 373 30.56 38.64 -34.25
N PRO C 374 31.36 38.09 -35.18
CA PRO C 374 31.62 38.56 -36.56
C PRO C 374 30.53 38.18 -37.61
N LYS C 375 29.35 37.75 -37.16
CA LYS C 375 28.25 37.42 -38.05
C LYS C 375 27.43 38.66 -38.41
N LYS C 376 27.17 38.86 -39.71
CA LYS C 376 26.40 40.00 -40.18
C LYS C 376 25.09 39.55 -40.80
N TYR C 377 24.02 40.28 -40.55
CA TYR C 377 22.72 39.93 -41.11
C TYR C 377 22.25 41.08 -42.01
N GLN C 378 22.86 41.16 -43.19
CA GLN C 378 22.60 42.25 -44.13
C GLN C 378 21.15 42.29 -44.57
N ASP C 379 20.45 41.17 -44.44
CA ASP C 379 19.08 41.04 -44.88
C ASP C 379 17.99 41.51 -43.90
N ILE C 380 18.37 42.02 -42.74
CA ILE C 380 17.39 42.47 -41.78
C ILE C 380 17.86 43.73 -41.03
N TYR C 381 16.88 44.40 -40.46
CA TYR C 381 17.07 45.53 -39.55
C TYR C 381 16.71 45.08 -38.12
N PRO C 382 17.48 45.52 -37.12
CA PRO C 382 17.09 45.27 -35.72
C PRO C 382 16.11 46.30 -35.23
N ILE C 383 15.30 45.93 -34.22
CA ILE C 383 14.34 46.85 -33.62
C ILE C 383 15.05 47.75 -32.60
N ALA C 384 14.57 49.00 -32.45
CA ALA C 384 15.04 49.94 -31.40
C ALA C 384 13.84 50.05 -30.48
N PHE C 385 14.08 50.05 -29.18
CA PHE C 385 12.97 49.88 -28.22
C PHE C 385 12.66 51.08 -27.38
N ASP C 386 13.54 52.07 -27.41
CA ASP C 386 13.47 53.13 -26.43
C ASP C 386 12.71 54.38 -26.84
N ALA C 387 12.21 54.40 -28.07
CA ALA C 387 11.45 55.56 -28.56
C ALA C 387 9.96 55.28 -28.42
N ASP C 388 9.55 54.02 -28.58
CA ASP C 388 8.11 53.66 -28.43
C ASP C 388 7.93 52.25 -27.79
N PRO C 389 8.39 52.10 -26.55
CA PRO C 389 8.32 50.79 -25.92
C PRO C 389 6.88 50.28 -25.77
N ASP C 390 5.94 51.18 -25.51
CA ASP C 390 4.54 50.79 -25.33
C ASP C 390 3.92 50.27 -26.65
N GLY C 391 4.21 50.95 -27.74
CA GLY C 391 3.74 50.54 -29.05
C GLY C 391 4.30 49.20 -29.43
N LEU C 392 5.59 48.99 -29.19
CA LEU C 392 6.18 47.67 -29.48
C LEU C 392 5.58 46.52 -28.66
N ALA C 393 5.29 46.80 -27.40
CA ALA C 393 4.72 45.79 -26.51
C ALA C 393 3.32 45.40 -26.97
N THR C 394 2.48 46.42 -27.16
CA THR C 394 1.11 46.23 -27.67
C THR C 394 1.04 45.39 -28.97
N GLU C 395 1.90 45.72 -29.93
CA GLU C 395 1.93 45.01 -31.23
C GLU C 395 2.46 43.58 -31.07
N THR C 396 3.52 43.43 -30.30
CA THR C 396 4.07 42.10 -30.04
C THR C 396 3.03 41.16 -29.50
N VAL C 397 2.24 41.59 -28.53
CA VAL C 397 1.28 40.66 -27.93
C VAL C 397 0.06 40.45 -28.80
N ARG C 398 -0.28 41.45 -29.63
CA ARG C 398 -1.35 41.25 -30.60
C ARG C 398 -0.95 40.15 -31.59
N ILE C 399 0.30 40.21 -32.04
CA ILE C 399 0.83 39.21 -32.94
C ILE C 399 0.77 37.83 -32.31
N LEU C 400 1.22 37.72 -31.07
CA LEU C 400 1.25 36.42 -30.42
C LEU C 400 -0.16 35.90 -30.26
N ARG C 401 -1.07 36.76 -29.81
CA ARG C 401 -2.48 36.38 -29.64
C ARG C 401 -3.12 35.90 -30.93
N HIS C 402 -2.78 36.54 -32.04
CA HIS C 402 -3.28 36.13 -33.34
C HIS C 402 -2.95 34.68 -33.55
N TRP C 403 -1.68 34.32 -33.39
CA TRP C 403 -1.26 32.97 -33.67
C TRP C 403 -1.83 32.01 -32.64
N MET C 404 -1.98 32.48 -31.40
CA MET C 404 -2.67 31.75 -30.34
C MET C 404 -4.13 31.44 -30.65
N ASP C 405 -4.83 32.37 -31.27
CA ASP C 405 -6.21 32.11 -31.70
C ASP C 405 -6.29 31.07 -32.77
N HIS C 406 -5.16 30.80 -33.43
CA HIS C 406 -5.11 29.74 -34.44
C HIS C 406 -4.44 28.45 -33.97
N GLY C 407 -4.29 28.30 -32.65
CA GLY C 407 -3.83 27.03 -32.05
C GLY C 407 -2.33 26.89 -31.82
N VAL C 408 -1.59 27.98 -31.93
CA VAL C 408 -0.17 27.94 -31.62
C VAL C 408 -0.01 28.38 -30.18
N ARG C 409 0.35 27.43 -29.32
CA ARG C 409 0.45 27.66 -27.87
C ARG C 409 1.91 27.62 -27.40
N ILE C 410 2.85 27.57 -28.34
CA ILE C 410 4.28 27.47 -28.03
C ILE C 410 5.06 28.33 -28.99
N PHE C 411 5.90 29.22 -28.45
CA PHE C 411 6.68 30.14 -29.29
C PHE C 411 8.17 29.94 -29.02
N ARG C 412 8.92 29.69 -30.09
CA ARG C 412 10.35 29.66 -30.05
C ARG C 412 10.83 31.06 -30.39
N VAL C 413 11.41 31.74 -29.41
CA VAL C 413 11.81 33.13 -29.56
C VAL C 413 13.23 33.26 -30.00
N ASP C 414 13.36 33.95 -31.13
CA ASP C 414 14.64 34.07 -31.77
C ASP C 414 15.47 35.12 -31.05
N ASN C 415 16.73 34.78 -30.79
CA ASN C 415 17.74 35.70 -30.20
C ASN C 415 17.17 36.69 -29.18
N PRO C 416 16.47 36.23 -28.15
CA PRO C 416 15.78 37.11 -27.21
C PRO C 416 16.73 38.06 -26.48
N HIS C 417 17.96 37.63 -26.29
CA HIS C 417 19.00 38.43 -25.68
C HIS C 417 19.45 39.68 -26.44
N THR C 418 18.93 39.91 -27.65
CA THR C 418 19.25 41.14 -28.38
C THR C 418 18.14 42.14 -28.27
N LYS C 419 17.09 41.79 -27.54
CA LYS C 419 16.00 42.71 -27.20
C LYS C 419 16.04 42.85 -25.67
N PRO C 420 15.44 43.91 -25.10
CA PRO C 420 15.58 44.13 -23.66
C PRO C 420 14.95 43.06 -22.78
N VAL C 421 15.61 42.76 -21.67
CA VAL C 421 15.12 41.75 -20.76
C VAL C 421 13.76 42.09 -20.20
N ALA C 422 13.57 43.34 -19.82
CA ALA C 422 12.27 43.78 -19.31
C ALA C 422 11.19 43.70 -20.34
N PHE C 423 11.57 43.78 -21.60
CA PHE C 423 10.57 43.72 -22.67
C PHE C 423 10.00 42.34 -22.64
N TRP C 424 10.89 41.34 -22.62
CA TRP C 424 10.43 39.97 -22.53
C TRP C 424 9.65 39.73 -21.25
N GLU C 425 10.11 40.27 -20.11
CA GLU C 425 9.34 40.14 -18.87
C GLU C 425 7.90 40.61 -18.97
N ARG C 426 7.71 41.77 -19.59
CA ARG C 426 6.39 42.36 -19.68
C ARG C 426 5.54 41.57 -20.66
N VAL C 427 6.11 41.23 -21.79
CA VAL C 427 5.35 40.44 -22.78
C VAL C 427 4.86 39.11 -22.28
N ILE C 428 5.77 38.35 -21.68
CA ILE C 428 5.42 37.02 -21.22
C ILE C 428 4.36 37.13 -20.16
N ALA C 429 4.49 38.14 -19.30
CA ALA C 429 3.56 38.32 -18.22
C ALA C 429 2.21 38.69 -18.77
N ASP C 430 2.19 39.56 -19.76
CA ASP C 430 0.93 39.93 -20.38
C ASP C 430 0.27 38.68 -21.00
N ILE C 431 1.03 37.90 -21.77
CA ILE C 431 0.45 36.70 -22.46
C ILE C 431 0.06 35.59 -21.52
N ASN C 432 0.95 35.19 -20.62
CA ASN C 432 0.58 34.20 -19.60
C ASN C 432 -0.52 34.73 -18.60
N GLY C 433 -0.66 36.05 -18.45
CA GLY C 433 -1.75 36.59 -17.61
C GLY C 433 -3.13 36.06 -18.03
N THR C 434 -3.39 36.08 -19.34
CA THR C 434 -4.66 35.60 -19.89
C THR C 434 -4.56 34.12 -20.32
N ASP C 435 -3.36 33.68 -20.68
CA ASP C 435 -3.15 32.33 -21.26
C ASP C 435 -1.97 31.57 -20.65
N PRO C 436 -2.16 31.03 -19.43
CA PRO C 436 -0.98 30.54 -18.71
C PRO C 436 -0.34 29.32 -19.34
N ASP C 437 -1.05 28.65 -20.24
CA ASP C 437 -0.55 27.44 -20.92
C ASP C 437 0.52 27.72 -21.97
N VAL C 438 0.61 28.95 -22.46
CA VAL C 438 1.57 29.24 -23.51
C VAL C 438 2.99 29.12 -23.01
N ILE C 439 3.82 28.50 -23.84
CA ILE C 439 5.20 28.19 -23.50
C ILE C 439 6.16 28.91 -24.42
N PHE C 440 7.20 29.50 -23.83
CA PHE C 440 8.20 30.28 -24.54
C PHE C 440 9.55 29.64 -24.35
N LEU C 441 10.25 29.42 -25.45
CA LEU C 441 11.60 28.85 -25.48
C LEU C 441 12.57 29.90 -25.96
N ALA C 442 13.59 30.13 -25.16
CA ALA C 442 14.55 31.18 -25.39
C ALA C 442 15.73 30.70 -26.16
N GLU C 443 15.91 31.17 -27.40
CA GLU C 443 17.12 30.82 -28.09
C GLU C 443 18.21 31.80 -27.77
N ALA C 444 18.76 31.72 -26.57
CA ALA C 444 19.83 32.65 -26.15
C ALA C 444 21.14 31.94 -25.95
N PHE C 445 21.93 31.94 -27.00
CA PHE C 445 23.29 31.45 -26.96
C PHE C 445 24.14 32.65 -26.71
N THR C 446 24.39 32.91 -25.42
CA THR C 446 25.02 34.12 -24.96
C THR C 446 25.71 33.81 -23.62
N ARG C 447 25.96 34.83 -22.79
CA ARG C 447 26.67 34.61 -21.53
C ARG C 447 25.74 34.11 -20.41
N PRO C 448 26.31 33.43 -19.37
CA PRO C 448 25.49 32.91 -18.28
C PRO C 448 24.46 33.89 -17.67
N ALA C 449 24.86 35.15 -17.46
CA ALA C 449 23.98 36.04 -16.68
C ALA C 449 22.68 36.28 -17.40
N MET C 450 22.81 36.57 -18.69
CA MET C 450 21.66 36.81 -19.54
C MET C 450 20.84 35.56 -19.66
N MET C 451 21.52 34.42 -19.88
CA MET C 451 20.85 33.10 -20.00
C MET C 451 20.02 32.76 -18.77
N ALA C 452 20.63 32.93 -17.60
CA ALA C 452 19.85 32.69 -16.33
C ALA C 452 18.71 33.69 -16.19
N THR C 453 19.01 34.96 -16.47
CA THR C 453 17.99 35.99 -16.28
C THR C 453 16.77 35.85 -17.12
N LEU C 454 16.99 35.48 -18.36
CA LEU C 454 15.88 35.25 -19.25
C LEU C 454 14.91 34.20 -18.72
N ALA C 455 15.42 33.11 -18.20
CA ALA C 455 14.55 32.09 -17.61
C ALA C 455 13.85 32.63 -16.38
N GLN C 456 14.58 33.38 -15.57
CA GLN C 456 14.03 33.89 -14.31
C GLN C 456 12.93 34.93 -14.52
N ILE C 457 13.00 35.70 -15.61
CA ILE C 457 11.92 36.66 -15.88
C ILE C 457 10.73 36.05 -16.62
N GLY C 458 10.83 34.77 -16.97
CA GLY C 458 9.61 34.02 -17.33
C GLY C 458 9.66 33.03 -18.47
N PHE C 459 10.81 32.88 -19.11
CA PHE C 459 10.90 31.90 -20.19
C PHE C 459 10.82 30.48 -19.67
N GLN C 460 9.84 29.72 -20.19
CA GLN C 460 9.56 28.42 -19.67
C GLN C 460 10.68 27.48 -20.02
N GLN C 461 11.37 27.75 -21.13
CA GLN C 461 12.42 26.84 -21.56
C GLN C 461 13.59 27.64 -22.05
N SER C 462 14.74 26.99 -22.10
CA SER C 462 15.93 27.61 -22.64
C SER C 462 16.74 26.66 -23.49
N TYR C 463 17.30 27.17 -24.58
CA TYR C 463 18.39 26.52 -25.26
C TYR C 463 19.63 26.64 -24.36
N THR C 464 20.61 25.78 -24.63
CA THR C 464 21.70 25.54 -23.69
C THR C 464 23.02 25.41 -24.41
N TYR C 465 24.06 25.09 -23.64
CA TYR C 465 25.39 24.90 -24.19
C TYR C 465 25.64 23.44 -24.60
N PHE C 466 24.57 22.65 -24.69
CA PHE C 466 24.68 21.21 -24.87
C PHE C 466 25.63 20.85 -25.99
N THR C 467 25.46 21.49 -27.14
CA THR C 467 26.17 21.09 -28.33
C THR C 467 27.66 21.31 -28.18
N TRP C 468 28.09 22.13 -27.21
CA TRP C 468 29.52 22.37 -26.98
C TRP C 468 30.02 21.61 -25.73
N ARG C 469 29.25 20.60 -25.33
CA ARG C 469 29.61 19.68 -24.24
C ARG C 469 29.67 18.22 -24.75
N ASN C 470 30.86 17.79 -25.15
CA ASN C 470 31.08 16.48 -25.77
C ASN C 470 31.99 15.50 -25.04
N THR C 471 32.88 15.99 -24.17
CA THR C 471 33.67 15.10 -23.33
C THR C 471 32.88 14.69 -22.11
N LYS C 472 33.35 13.62 -21.46
CA LYS C 472 32.75 13.15 -20.22
C LYS C 472 32.82 14.26 -19.14
N GLN C 473 33.94 14.98 -19.06
CA GLN C 473 34.09 16.07 -18.05
C GLN C 473 33.16 17.26 -18.33
N GLU C 474 33.11 17.68 -19.58
CA GLU C 474 32.16 18.72 -20.02
C GLU C 474 30.72 18.31 -19.75
N LEU C 475 30.37 17.09 -20.14
CA LEU C 475 28.99 16.61 -19.96
C LEU C 475 28.59 16.50 -18.50
N THR C 476 29.51 15.98 -17.68
CA THR C 476 29.23 15.74 -16.28
C THR C 476 29.09 17.10 -15.57
N GLU C 477 30.04 17.98 -15.78
CA GLU C 477 29.98 19.32 -15.20
C GLU C 477 28.70 20.04 -15.57
N TYR C 478 28.40 20.12 -16.87
CA TYR C 478 27.26 20.90 -17.33
C TYR C 478 25.93 20.35 -16.81
N LEU C 479 25.75 19.04 -16.84
CA LEU C 479 24.47 18.47 -16.38
C LEU C 479 24.32 18.52 -14.85
N THR C 480 25.45 18.61 -14.14
CA THR C 480 25.41 18.83 -12.68
C THR C 480 24.86 20.22 -12.41
N GLU C 481 25.40 21.21 -13.15
CA GLU C 481 24.90 22.58 -13.09
C GLU C 481 23.39 22.62 -13.44
N LEU C 482 23.00 22.06 -14.57
CA LEU C 482 21.60 22.18 -15.02
C LEU C 482 20.61 21.45 -14.10
N SER C 483 21.03 20.33 -13.55
CA SER C 483 20.16 19.50 -12.67
C SER C 483 20.25 19.92 -11.20
N GLY C 484 21.07 20.92 -10.91
CA GLY C 484 21.22 21.49 -9.57
C GLY C 484 20.27 22.63 -9.33
N GLU C 485 20.77 23.72 -8.76
CA GLU C 485 19.89 24.84 -8.37
C GLU C 485 19.21 25.54 -9.55
N ALA C 486 19.88 25.53 -10.71
CA ALA C 486 19.29 26.15 -11.91
C ALA C 486 17.94 25.54 -12.24
N ALA C 487 17.67 24.30 -11.82
CA ALA C 487 16.36 23.70 -12.15
C ALA C 487 15.19 24.40 -11.48
N SER C 488 15.45 25.32 -10.52
CA SER C 488 14.34 26.06 -9.90
C SER C 488 13.84 27.17 -10.81
N TYR C 489 14.59 27.46 -11.85
CA TYR C 489 14.17 28.53 -12.80
C TYR C 489 14.36 28.27 -14.25
N MET C 490 15.14 27.24 -14.62
CA MET C 490 15.43 26.99 -16.07
C MET C 490 15.07 25.59 -16.47
N ARG C 491 14.44 25.44 -17.64
CA ARG C 491 14.10 24.13 -18.18
C ARG C 491 14.80 24.01 -19.54
N PRO C 492 15.80 23.13 -19.65
CA PRO C 492 16.61 23.01 -20.82
C PRO C 492 16.04 22.21 -21.97
N ASN C 493 16.34 22.66 -23.17
CA ASN C 493 15.90 21.95 -24.38
C ASN C 493 17.17 21.61 -25.14
N PHE C 494 17.49 20.33 -25.13
CA PHE C 494 18.71 19.83 -25.72
C PHE C 494 18.46 19.47 -27.17
N PHE C 495 18.71 20.43 -28.06
CA PHE C 495 18.72 20.16 -29.48
C PHE C 495 20.09 19.65 -29.82
N ALA C 496 20.18 18.45 -30.42
CA ALA C 496 21.49 17.84 -30.66
C ALA C 496 22.14 18.56 -31.81
N ASN C 497 21.30 19.10 -32.69
CA ASN C 497 21.78 19.99 -33.74
C ASN C 497 20.77 21.10 -33.97
N THR C 498 21.23 22.16 -34.61
CA THR C 498 20.30 23.22 -35.14
C THR C 498 20.80 23.56 -36.49
N PRO C 499 20.01 24.27 -37.31
CA PRO C 499 20.50 24.78 -38.60
C PRO C 499 21.73 25.62 -38.53
N ASP C 500 22.02 26.20 -37.37
CA ASP C 500 23.18 27.11 -37.17
C ASP C 500 24.32 26.44 -36.44
N ILE C 501 24.09 25.22 -35.98
CA ILE C 501 25.08 24.48 -35.18
C ILE C 501 25.23 22.99 -35.69
N LEU C 502 26.25 22.76 -36.48
CA LEU C 502 26.74 21.40 -36.78
C LEU C 502 28.09 21.25 -36.13
N HIS C 503 28.14 20.66 -34.94
CA HIS C 503 29.38 20.58 -34.20
C HIS C 503 30.40 19.67 -34.88
N ALA C 504 31.67 20.00 -34.64
CA ALA C 504 32.81 19.23 -35.14
C ALA C 504 32.79 17.76 -34.70
N TYR C 505 32.21 17.50 -33.54
CA TYR C 505 32.06 16.16 -33.05
C TYR C 505 31.25 15.35 -34.01
N LEU C 506 30.21 15.93 -34.61
CA LEU C 506 29.40 15.22 -35.57
C LEU C 506 30.08 15.20 -36.93
N GLN C 507 30.79 16.28 -37.27
CA GLN C 507 31.48 16.34 -38.55
C GLN C 507 32.52 15.27 -38.68
N HIS C 508 33.27 15.08 -37.60
CA HIS C 508 34.37 14.14 -37.58
C HIS C 508 33.93 12.71 -37.19
N GLY C 509 32.80 12.61 -36.49
CA GLY C 509 32.33 11.35 -35.94
C GLY C 509 31.50 10.48 -36.86
N GLY C 510 30.77 11.09 -37.78
CA GLY C 510 29.85 10.35 -38.65
C GLY C 510 28.71 9.71 -37.90
N ARG C 511 28.07 8.72 -38.52
CA ARG C 511 26.83 8.19 -37.97
C ARG C 511 26.94 7.78 -36.50
N PRO C 512 28.06 7.17 -36.10
CA PRO C 512 28.16 6.75 -34.68
C PRO C 512 28.10 7.93 -33.71
N ALA C 513 28.59 9.09 -34.16
CA ALA C 513 28.50 10.32 -33.37
C ALA C 513 27.05 10.82 -33.23
N PHE C 514 26.28 10.75 -34.31
CA PHE C 514 24.86 11.09 -34.31
C PHE C 514 24.05 10.20 -33.37
N GLU C 515 24.43 8.92 -33.32
CA GLU C 515 23.80 7.97 -32.45
C GLU C 515 24.04 8.26 -30.97
N VAL C 516 25.30 8.55 -30.61
CA VAL C 516 25.68 8.96 -29.27
C VAL C 516 24.96 10.22 -28.82
N ARG C 517 25.03 11.29 -29.63
CA ARG C 517 24.45 12.58 -29.24
C ARG C 517 22.94 12.47 -29.07
N ALA C 518 22.33 11.58 -29.83
CA ALA C 518 20.91 11.35 -29.69
C ALA C 518 20.59 10.65 -28.35
N VAL C 519 21.35 9.61 -28.00
CA VAL C 519 21.16 8.91 -26.72
C VAL C 519 21.37 9.86 -25.54
N LEU C 520 22.45 10.63 -25.60
CA LEU C 520 22.70 11.64 -24.57
C LEU C 520 21.56 12.61 -24.38
N ALA C 521 21.17 13.29 -25.46
CA ALA C 521 20.20 14.36 -25.36
C ALA C 521 18.88 13.84 -24.81
N ALA C 522 18.50 12.68 -25.33
CA ALA C 522 17.22 12.09 -25.00
C ALA C 522 17.20 11.57 -23.54
N THR C 523 18.34 11.16 -23.03
CA THR C 523 18.38 10.62 -21.67
C THR C 523 18.83 11.60 -20.60
N LEU C 524 19.48 12.69 -20.97
CA LEU C 524 19.95 13.64 -19.99
C LEU C 524 18.97 14.77 -19.74
N SER C 525 18.17 15.14 -20.74
CA SER C 525 17.14 16.15 -20.50
C SER C 525 15.78 15.56 -20.79
N PRO C 526 14.75 15.97 -20.02
CA PRO C 526 13.38 15.57 -20.37
C PRO C 526 12.81 16.30 -21.59
N THR C 527 13.46 17.38 -22.05
CA THR C 527 13.14 17.92 -23.39
C THR C 527 14.40 17.86 -24.27
N TRP C 528 14.28 17.21 -25.42
CA TRP C 528 15.35 17.24 -26.39
C TRP C 528 14.79 17.49 -27.78
N GLY C 529 15.69 17.70 -28.74
CA GLY C 529 15.24 17.96 -30.11
C GLY C 529 16.28 17.76 -31.18
N ILE C 530 15.79 17.57 -32.43
CA ILE C 530 16.67 17.52 -33.59
C ILE C 530 16.10 18.38 -34.73
N TYR C 531 17.02 18.83 -35.58
CA TYR C 531 16.67 19.58 -36.76
C TYR C 531 16.80 18.61 -37.96
N SER C 532 15.72 18.53 -38.74
CA SER C 532 15.63 17.62 -39.89
C SER C 532 16.94 17.46 -40.64
N GLY C 533 17.31 16.19 -40.90
CA GLY C 533 18.55 15.83 -41.61
C GLY C 533 19.51 15.19 -40.63
N TYR C 534 19.24 15.41 -39.34
CA TYR C 534 20.08 14.84 -38.29
C TYR C 534 20.02 13.34 -38.43
N GLU C 535 18.81 12.81 -38.51
CA GLU C 535 18.56 11.38 -38.77
C GLU C 535 19.41 10.80 -39.90
N LEU C 536 19.69 11.61 -40.93
CA LEU C 536 20.35 11.13 -42.12
C LEU C 536 21.84 11.34 -41.94
N CYS C 537 22.23 11.88 -40.79
CA CYS C 537 23.63 12.03 -40.47
C CYS C 537 24.33 12.97 -41.44
N GLU C 538 23.60 14.02 -41.84
CA GLU C 538 24.17 15.08 -42.63
C GLU C 538 25.24 15.80 -41.82
N ASN C 539 26.48 15.81 -42.31
CA ASN C 539 27.58 16.35 -41.51
C ASN C 539 28.71 16.99 -42.31
N THR C 540 28.37 17.54 -43.48
CA THR C 540 29.30 18.34 -44.26
C THR C 540 29.24 19.82 -43.92
N PRO C 541 30.35 20.38 -43.41
CA PRO C 541 30.31 21.75 -42.95
C PRO C 541 30.51 22.67 -44.12
N LEU C 542 30.30 23.97 -43.89
CA LEU C 542 30.55 24.99 -44.93
C LEU C 542 32.03 25.00 -45.34
N ARG C 543 32.89 24.83 -44.34
CA ARG C 543 34.32 24.69 -44.53
C ARG C 543 34.92 24.23 -43.21
N GLU C 544 36.20 23.88 -43.24
CA GLU C 544 36.89 23.41 -42.04
C GLU C 544 36.77 24.46 -40.93
N GLY C 545 36.38 24.03 -39.74
CA GLY C 545 36.33 24.92 -38.57
C GLY C 545 35.11 25.81 -38.51
N SER C 546 34.06 25.42 -39.22
CA SER C 546 32.78 26.12 -39.13
C SER C 546 31.73 25.21 -38.56
N GLU C 547 30.69 25.80 -38.02
CA GLU C 547 29.56 25.04 -37.51
C GLU C 547 28.33 25.22 -38.39
N GLU C 548 28.50 25.93 -39.49
CA GLU C 548 27.49 25.98 -40.55
C GLU C 548 27.51 24.72 -41.43
N TYR C 549 26.34 24.23 -41.81
CA TYR C 549 26.22 23.21 -42.83
C TYR C 549 26.57 23.80 -44.19
N LEU C 550 27.05 22.96 -45.09
CA LEU C 550 27.27 23.39 -46.45
C LEU C 550 25.89 23.33 -47.09
N ASP C 551 25.63 24.26 -47.99
CA ASP C 551 24.34 24.36 -48.70
C ASP C 551 23.21 24.39 -47.73
N SER C 552 23.30 25.31 -46.78
CA SER C 552 22.37 25.33 -45.66
C SER C 552 20.94 25.54 -46.11
N GLU C 553 20.02 24.82 -45.47
CA GLU C 553 18.58 24.98 -45.71
C GLU C 553 18.01 26.39 -45.40
N LYS C 554 18.78 27.19 -44.67
CA LYS C 554 18.39 28.55 -44.36
C LYS C 554 18.31 29.37 -45.65
N TYR C 555 19.15 29.03 -46.63
CA TYR C 555 19.22 29.80 -47.88
C TYR C 555 18.79 29.06 -49.13
N GLN C 556 18.33 27.82 -49.00
CA GLN C 556 17.85 27.08 -50.15
C GLN C 556 16.88 25.98 -49.73
N LEU C 557 16.04 25.59 -50.69
CA LEU C 557 15.11 24.48 -50.55
C LEU C 557 16.00 23.30 -50.51
N LYS C 558 15.67 22.34 -49.66
CA LYS C 558 16.54 21.20 -49.44
C LYS C 558 15.70 19.91 -49.41
N PRO C 559 15.25 19.47 -50.60
CA PRO C 559 14.41 18.30 -50.66
C PRO C 559 15.18 17.06 -50.25
N ARG C 560 14.49 16.12 -49.62
CA ARG C 560 15.12 14.91 -49.09
C ARG C 560 14.30 13.72 -49.51
N ASP C 561 14.99 12.69 -49.99
CA ASP C 561 14.34 11.44 -50.35
C ASP C 561 14.22 10.60 -49.08
N TRP C 562 13.20 10.90 -48.29
CA TRP C 562 12.92 10.17 -47.03
C TRP C 562 12.66 8.69 -47.25
N THR C 563 12.00 8.34 -48.36
CA THR C 563 11.63 6.96 -48.65
C THR C 563 12.85 6.11 -48.93
N ARG C 564 13.68 6.60 -49.84
CA ARG C 564 14.94 5.95 -50.10
C ARG C 564 15.75 5.74 -48.81
N ALA C 565 15.93 6.79 -48.02
CA ALA C 565 16.73 6.68 -46.80
C ALA C 565 16.24 5.51 -45.91
N ALA C 566 14.92 5.39 -45.79
CA ALA C 566 14.27 4.34 -45.04
C ALA C 566 14.54 2.95 -45.58
N ARG C 567 14.38 2.76 -46.89
CA ARG C 567 14.58 1.44 -47.46
C ARG C 567 16.06 1.07 -47.51
N GLU C 568 16.94 2.06 -47.60
CA GLU C 568 18.39 1.76 -47.65
C GLU C 568 19.00 1.77 -46.26
N GLY C 569 18.20 2.03 -45.24
CA GLY C 569 18.68 1.99 -43.83
C GLY C 569 19.75 3.00 -43.49
N THR C 570 19.81 4.11 -44.22
CA THR C 570 20.89 5.07 -44.07
C THR C 570 20.44 6.15 -43.09
N THR C 571 19.37 5.89 -42.35
CA THR C 571 18.82 6.85 -41.38
C THR C 571 18.85 6.24 -39.96
N ILE C 572 19.10 7.09 -38.96
CA ILE C 572 18.99 6.66 -37.57
C ILE C 572 17.60 6.92 -36.98
N ALA C 573 16.58 7.02 -37.84
CA ALA C 573 15.19 7.20 -37.38
C ALA C 573 14.67 6.08 -36.47
N PRO C 574 15.01 4.82 -36.76
CA PRO C 574 14.58 3.78 -35.82
C PRO C 574 15.12 3.93 -34.40
N LEU C 575 16.36 4.41 -34.28
CA LEU C 575 16.94 4.64 -32.96
C LEU C 575 16.15 5.77 -32.33
N VAL C 576 15.93 6.83 -33.10
CA VAL C 576 15.22 8.02 -32.57
C VAL C 576 13.87 7.60 -32.07
N THR C 577 13.18 6.77 -32.85
CA THR C 577 11.87 6.30 -32.47
C THR C 577 11.89 5.53 -31.14
N ARG C 578 12.87 4.66 -31.01
CA ARG C 578 12.97 3.81 -29.84
C ARG C 578 13.26 4.66 -28.62
N LEU C 579 14.13 5.66 -28.78
CA LEU C 579 14.43 6.58 -27.67
C LEU C 579 13.15 7.28 -27.13
N ASN C 580 12.27 7.69 -28.02
CA ASN C 580 11.11 8.44 -27.58
C ASN C 580 10.06 7.54 -26.95
N THR C 581 10.02 6.29 -27.37
CA THR C 581 9.17 5.25 -26.79
C THR C 581 9.67 4.96 -25.36
N ILE C 582 10.97 4.79 -25.21
CA ILE C 582 11.54 4.55 -23.91
C ILE C 582 11.18 5.70 -22.95
N ARG C 583 11.35 6.95 -23.43
CA ARG C 583 10.98 8.15 -22.64
C ARG C 583 9.51 8.14 -22.25
N ARG C 584 8.65 7.74 -23.18
CA ARG C 584 7.20 7.67 -22.92
C ARG C 584 6.83 6.59 -21.95
N GLU C 585 7.68 5.57 -21.85
CA GLU C 585 7.43 4.40 -21.02
C GLU C 585 8.06 4.49 -19.63
N ASN C 586 8.92 5.50 -19.43
CA ASN C 586 9.73 5.61 -18.22
C ASN C 586 9.74 7.00 -17.59
N PRO C 587 8.92 7.17 -16.52
CA PRO C 587 8.87 8.42 -15.77
C PRO C 587 10.23 9.03 -15.42
N ALA C 588 11.23 8.23 -15.13
CA ALA C 588 12.54 8.77 -14.75
C ALA C 588 13.15 9.71 -15.77
N LEU C 589 12.86 9.45 -17.05
CA LEU C 589 13.42 10.25 -18.16
C LEU C 589 12.60 11.49 -18.51
N ARG C 590 11.46 11.64 -17.83
CA ARG C 590 10.57 12.78 -17.98
C ARG C 590 10.74 13.79 -16.83
N GLN C 591 11.86 13.70 -16.12
CA GLN C 591 12.21 14.70 -15.16
C GLN C 591 13.67 15.06 -15.34
N LEU C 592 14.08 16.12 -14.66
CA LEU C 592 15.42 16.68 -14.80
C LEU C 592 16.30 16.50 -13.57
N ARG C 593 15.73 16.82 -12.41
CA ARG C 593 16.55 17.04 -11.20
C ARG C 593 17.22 15.81 -10.63
N ASP C 594 16.61 14.64 -10.76
CA ASP C 594 17.21 13.42 -10.24
C ASP C 594 18.15 12.77 -11.27
N LEU C 595 19.44 12.87 -10.99
CA LEU C 595 20.45 12.51 -11.95
C LEU C 595 21.73 12.29 -11.21
N HIS C 596 22.37 11.14 -11.43
CA HIS C 596 23.66 10.89 -10.80
C HIS C 596 24.65 10.20 -11.69
N PHE C 597 25.89 10.67 -11.66
CA PHE C 597 26.97 10.11 -12.46
C PHE C 597 27.81 9.07 -11.69
N HIS C 598 27.79 7.82 -12.19
CA HIS C 598 28.51 6.70 -11.60
C HIS C 598 29.84 6.55 -12.31
N PRO C 599 30.91 6.28 -11.55
CA PRO C 599 32.26 6.27 -12.13
C PRO C 599 32.52 5.08 -13.04
N THR C 600 33.47 5.27 -13.94
CA THR C 600 33.95 4.21 -14.80
C THR C 600 35.46 4.37 -14.88
N ASP C 601 36.14 3.30 -15.28
CA ASP C 601 37.61 3.35 -15.39
C ASP C 601 38.13 3.87 -16.73
N LYS C 602 37.21 4.28 -17.63
CA LYS C 602 37.59 4.78 -18.97
C LYS C 602 37.03 6.18 -19.22
N GLU C 603 37.90 7.04 -19.73
CA GLU C 603 37.62 8.45 -19.94
C GLU C 603 36.59 8.66 -21.07
N GLU C 604 36.54 7.73 -22.01
CA GLU C 604 35.60 7.79 -23.13
C GLU C 604 34.22 7.27 -22.75
N VAL C 605 34.10 6.60 -21.61
CA VAL C 605 32.85 5.95 -21.28
C VAL C 605 32.21 6.61 -20.07
N ILE C 606 30.93 6.92 -20.19
CA ILE C 606 30.26 7.71 -19.18
C ILE C 606 29.04 6.93 -18.74
N ALA C 607 28.69 7.04 -17.47
CA ALA C 607 27.52 6.34 -16.91
C ALA C 607 26.74 7.23 -16.00
N TYR C 608 25.42 7.03 -16.00
CA TYR C 608 24.53 7.80 -15.13
C TYR C 608 23.21 7.14 -14.90
N SER C 609 22.49 7.62 -13.91
CA SER C 609 21.20 7.05 -13.52
C SER C 609 20.23 8.18 -13.22
N LYS C 610 18.95 7.92 -13.43
CA LYS C 610 17.88 8.85 -13.15
C LYS C 610 16.74 8.08 -12.52
N ARG C 611 15.99 8.70 -11.59
CA ARG C 611 14.91 7.97 -10.94
C ARG C 611 13.65 8.78 -10.76
N GLN C 612 12.51 8.09 -10.76
CA GLN C 612 11.22 8.69 -10.49
C GLN C 612 10.34 7.58 -9.95
N GLY C 613 9.94 7.70 -8.67
CA GLY C 613 9.36 6.58 -7.90
C GLY C 613 10.18 5.32 -7.99
N SER C 614 9.53 4.22 -8.36
CA SER C 614 10.19 2.93 -8.51
C SER C 614 10.90 2.75 -9.86
N ASN C 615 10.75 3.69 -10.78
CA ASN C 615 11.38 3.59 -12.10
C ASN C 615 12.80 4.16 -11.98
N THR C 616 13.76 3.35 -12.38
CA THR C 616 15.17 3.72 -12.42
C THR C 616 15.68 3.41 -13.81
N VAL C 617 16.32 4.37 -14.44
CA VAL C 617 16.98 4.14 -15.71
C VAL C 617 18.47 4.36 -15.58
N LEU C 618 19.25 3.43 -16.13
CA LEU C 618 20.68 3.47 -16.05
C LEU C 618 21.24 3.47 -17.46
N VAL C 619 22.11 4.44 -17.76
CA VAL C 619 22.60 4.64 -19.11
C VAL C 619 24.13 4.64 -19.10
N VAL C 620 24.72 3.92 -20.06
CA VAL C 620 26.17 3.88 -20.24
C VAL C 620 26.47 4.14 -21.69
N VAL C 621 27.26 5.18 -21.94
CA VAL C 621 27.57 5.65 -23.31
C VAL C 621 29.05 5.65 -23.61
N ASN C 622 29.41 5.09 -24.77
CA ASN C 622 30.75 5.25 -25.32
C ASN C 622 30.83 6.56 -26.13
N LEU C 623 31.52 7.58 -25.59
CA LEU C 623 31.66 8.87 -26.29
C LEU C 623 32.69 8.84 -27.44
N ASP C 624 33.37 7.70 -27.60
CA ASP C 624 34.30 7.51 -28.70
C ASP C 624 33.50 6.98 -29.89
N PRO C 625 33.45 7.75 -31.00
CA PRO C 625 32.74 7.31 -32.19
C PRO C 625 33.58 6.44 -33.14
N ARG C 626 34.91 6.37 -32.92
CA ARG C 626 35.82 5.66 -33.83
C ARG C 626 36.28 4.28 -33.28
N HIS C 627 36.46 4.16 -31.97
CA HIS C 627 37.03 2.93 -31.39
C HIS C 627 36.12 2.26 -30.36
N THR C 628 36.05 0.93 -30.42
CA THR C 628 35.42 0.15 -29.37
C THR C 628 36.10 0.44 -28.05
N GLN C 629 35.29 0.49 -27.00
CA GLN C 629 35.77 0.79 -25.65
C GLN C 629 35.15 -0.22 -24.71
N GLU C 630 36.00 -0.81 -23.87
CA GLU C 630 35.53 -1.70 -22.81
C GLU C 630 35.89 -1.08 -21.47
N ALA C 631 34.97 -1.17 -20.53
CA ALA C 631 35.23 -0.55 -19.24
C ALA C 631 34.45 -1.23 -18.15
N THR C 632 34.83 -0.88 -16.93
CA THR C 632 34.13 -1.33 -15.75
C THR C 632 33.35 -0.16 -15.22
N VAL C 633 32.05 -0.36 -15.02
CA VAL C 633 31.18 0.67 -14.47
C VAL C 633 30.91 0.35 -13.00
N SER C 634 31.33 1.24 -12.11
CA SER C 634 31.20 1.04 -10.67
C SER C 634 30.02 1.81 -10.14
N LEU C 635 28.91 1.12 -9.93
CA LEU C 635 27.69 1.78 -9.53
C LEU C 635 27.70 2.17 -8.05
N ASP C 636 27.38 3.42 -7.78
CA ASP C 636 26.97 3.88 -6.44
C ASP C 636 25.65 3.23 -6.07
N MET C 637 25.70 2.09 -5.40
CA MET C 637 24.50 1.30 -5.20
C MET C 637 23.47 1.97 -4.28
N PRO C 638 23.94 2.66 -3.22
CA PRO C 638 22.99 3.40 -2.37
C PRO C 638 22.28 4.50 -3.13
N GLN C 639 22.98 5.10 -4.08
CA GLN C 639 22.39 6.16 -4.86
C GLN C 639 21.32 5.56 -5.76
N LEU C 640 21.39 4.24 -5.99
CA LEU C 640 20.30 3.53 -6.65
C LEU C 640 19.22 3.03 -5.69
N GLY C 641 19.44 3.16 -4.39
CA GLY C 641 18.52 2.63 -3.38
C GLY C 641 18.72 1.13 -3.10
N LEU C 642 19.96 0.69 -3.19
CA LEU C 642 20.31 -0.73 -3.03
C LEU C 642 21.48 -0.87 -2.08
N ASP C 643 21.71 -2.08 -1.57
CA ASP C 643 22.91 -2.39 -0.79
C ASP C 643 24.05 -2.76 -1.74
N TRP C 644 25.27 -2.62 -1.25
CA TRP C 644 26.48 -2.73 -2.09
C TRP C 644 26.65 -4.09 -2.74
N HIS C 645 26.20 -5.12 -2.05
CA HIS C 645 26.37 -6.50 -2.46
C HIS C 645 25.24 -6.98 -3.36
N GLU C 646 24.15 -6.21 -3.43
CA GLU C 646 22.99 -6.58 -4.26
C GLU C 646 23.40 -6.71 -5.74
N SER C 647 22.61 -7.48 -6.47
CA SER C 647 22.74 -7.63 -7.92
C SER C 647 21.33 -7.51 -8.48
N VAL C 648 21.07 -6.43 -9.22
CA VAL C 648 19.74 -6.15 -9.74
C VAL C 648 19.64 -6.49 -11.24
N PRO C 649 18.47 -7.02 -11.67
CA PRO C 649 18.34 -7.33 -13.09
C PRO C 649 17.98 -6.07 -13.87
N VAL C 650 18.50 -5.98 -15.09
CA VAL C 650 18.27 -4.84 -15.93
C VAL C 650 17.92 -5.32 -17.33
N ARG C 651 17.33 -4.45 -18.14
CA ARG C 651 17.08 -4.73 -19.55
C ARG C 651 17.60 -3.57 -20.37
N ASP C 652 18.48 -3.86 -21.34
CA ASP C 652 18.95 -2.85 -22.28
C ASP C 652 17.81 -2.61 -23.27
N GLU C 653 17.15 -1.45 -23.13
CA GLU C 653 15.91 -1.19 -23.87
C GLU C 653 16.15 -0.96 -25.33
N LEU C 654 17.40 -0.72 -25.72
CA LEU C 654 17.78 -0.62 -27.12
C LEU C 654 17.75 -1.96 -27.87
N THR C 655 18.08 -3.06 -27.17
CA THR C 655 18.19 -4.41 -27.76
C THR C 655 17.16 -5.41 -27.26
N GLY C 656 16.64 -5.20 -26.06
CA GLY C 656 15.77 -6.19 -25.43
C GLY C 656 16.53 -7.19 -24.58
N GLU C 657 17.87 -7.17 -24.69
CA GLU C 657 18.71 -8.10 -23.95
C GLU C 657 18.61 -7.80 -22.47
N THR C 658 18.83 -8.84 -21.66
CA THR C 658 18.78 -8.72 -20.21
C THR C 658 20.17 -9.00 -19.62
N TYR C 659 20.51 -8.27 -18.56
CA TYR C 659 21.73 -8.51 -17.79
C TYR C 659 21.39 -8.50 -16.31
N HIS C 660 22.32 -8.95 -15.51
CA HIS C 660 22.24 -8.84 -14.06
C HIS C 660 23.43 -8.00 -13.65
N TRP C 661 23.17 -6.82 -13.09
CA TRP C 661 24.24 -5.90 -12.77
C TRP C 661 24.30 -5.57 -11.29
N GLY C 662 25.51 -5.20 -10.86
CA GLY C 662 25.76 -4.77 -9.49
C GLY C 662 26.94 -3.83 -9.39
N ARG C 663 27.61 -3.89 -8.25
CA ARG C 663 28.70 -2.99 -7.86
C ARG C 663 29.70 -2.67 -8.95
N ALA C 664 30.11 -3.67 -9.71
CA ALA C 664 31.13 -3.49 -10.75
C ALA C 664 30.76 -4.35 -11.96
N ASN C 665 30.67 -3.73 -13.14
CA ASN C 665 30.13 -4.39 -14.33
C ASN C 665 30.96 -4.08 -15.54
N TYR C 666 31.38 -5.16 -16.22
CA TYR C 666 32.04 -5.05 -17.50
C TYR C 666 31.01 -4.67 -18.57
N VAL C 667 31.38 -3.68 -19.40
CA VAL C 667 30.63 -3.35 -20.62
C VAL C 667 31.63 -3.30 -21.78
N ARG C 668 31.11 -3.56 -22.98
CA ARG C 668 31.90 -3.49 -24.19
C ARG C 668 31.03 -2.86 -25.29
N LEU C 669 31.44 -1.70 -25.82
CA LEU C 669 30.60 -0.92 -26.74
C LEU C 669 31.32 -0.63 -28.05
N GLU C 670 30.79 -1.20 -29.13
CA GLU C 670 31.43 -1.07 -30.45
C GLU C 670 30.68 -0.01 -31.30
N PRO C 671 31.39 1.05 -31.72
CA PRO C 671 30.74 2.14 -32.47
C PRO C 671 30.25 1.63 -33.81
N GLY C 672 29.01 1.95 -34.13
CA GLY C 672 28.36 1.44 -35.33
C GLY C 672 27.39 0.34 -34.96
N ARG C 673 27.77 -0.47 -33.97
CA ARG C 673 26.93 -1.56 -33.56
C ARG C 673 26.12 -1.14 -32.34
N THR C 674 26.80 -0.74 -31.25
CA THR C 674 26.11 -0.13 -30.09
C THR C 674 26.79 1.15 -29.64
N PRO C 675 26.03 2.26 -29.60
CA PRO C 675 26.57 3.49 -28.99
C PRO C 675 26.53 3.45 -27.48
N ALA C 676 25.47 2.86 -26.95
CA ALA C 676 25.22 2.90 -25.52
C ALA C 676 24.34 1.72 -25.04
N HIS C 677 24.28 1.55 -23.73
CA HIS C 677 23.22 0.78 -23.08
C HIS C 677 22.29 1.73 -22.43
N VAL C 678 21.00 1.56 -22.69
CA VAL C 678 20.01 2.32 -21.96
C VAL C 678 19.16 1.31 -21.24
N CYS C 679 19.48 1.10 -19.97
CA CYS C 679 18.87 0.02 -19.22
C CYS C 679 17.84 0.56 -18.26
N THR C 680 16.73 -0.17 -18.13
CA THR C 680 15.81 0.04 -17.05
C THR C 680 16.07 -1.06 -16.01
N VAL C 681 15.98 -0.72 -14.73
CA VAL C 681 16.10 -1.70 -13.65
C VAL C 681 14.75 -2.37 -13.41
N LEU C 682 14.72 -3.71 -13.46
CA LEU C 682 13.47 -4.48 -13.51
C LEU C 682 12.87 -4.82 -12.13
N ARG C 683 11.56 -4.65 -12.01
CA ARG C 683 10.81 -5.03 -10.79
C ARG C 683 10.63 -6.55 -10.73
N PRO D 35 4.52 46.84 -13.46
CA PRO D 35 5.96 47.07 -13.20
C PRO D 35 6.81 45.79 -13.31
N THR D 36 7.92 45.86 -14.04
CA THR D 36 8.84 44.72 -14.15
C THR D 36 9.80 44.69 -12.97
N VAL D 37 10.33 43.50 -12.68
CA VAL D 37 11.37 43.31 -11.63
C VAL D 37 12.76 43.74 -12.13
N VAL D 38 13.06 43.52 -13.41
CA VAL D 38 14.32 43.97 -13.98
C VAL D 38 14.13 45.34 -14.64
N GLY D 39 15.14 46.20 -14.53
CA GLY D 39 15.12 47.52 -15.15
C GLY D 39 15.68 47.50 -16.57
N ARG D 40 15.79 48.67 -17.18
CA ARG D 40 16.19 48.80 -18.56
C ARG D 40 17.59 48.28 -18.80
N ILE D 41 18.52 48.69 -17.95
CA ILE D 41 19.84 48.07 -17.90
C ILE D 41 19.85 47.18 -16.64
N PRO D 42 19.78 45.85 -16.84
CA PRO D 42 19.89 44.89 -15.70
C PRO D 42 20.99 45.19 -14.71
N VAL D 43 20.60 45.35 -13.44
CA VAL D 43 21.54 45.39 -12.31
C VAL D 43 21.02 44.41 -11.21
N LEU D 44 21.75 43.34 -11.00
CA LEU D 44 21.24 42.19 -10.26
C LEU D 44 22.21 41.75 -9.19
N ASP D 45 21.65 41.24 -8.08
CA ASP D 45 22.45 40.58 -7.04
C ASP D 45 23.57 41.47 -6.53
N VAL D 46 23.16 42.62 -6.06
CA VAL D 46 24.08 43.56 -5.47
C VAL D 46 24.63 42.94 -4.15
N ARG D 47 25.94 43.06 -3.93
CA ARG D 47 26.57 42.65 -2.69
C ARG D 47 27.50 43.73 -2.15
N PRO D 48 27.69 43.76 -0.81
CA PRO D 48 27.19 42.78 0.18
C PRO D 48 25.67 42.83 0.51
N VAL D 49 25.12 41.70 0.91
CA VAL D 49 23.72 41.61 1.33
C VAL D 49 23.62 40.64 2.51
N VAL D 50 22.78 40.97 3.48
CA VAL D 50 22.61 40.17 4.66
C VAL D 50 21.13 39.86 4.82
N GLN D 51 20.78 38.58 4.89
CA GLN D 51 19.40 38.23 5.16
C GLN D 51 18.49 38.76 4.02
N ARG D 52 18.99 38.73 2.79
CA ARG D 52 18.25 39.23 1.62
C ARG D 52 17.88 40.73 1.69
N GLY D 53 18.62 41.49 2.48
CA GLY D 53 18.37 42.92 2.66
C GLY D 53 17.59 43.28 3.90
N ARG D 54 17.24 42.29 4.71
CA ARG D 54 16.35 42.51 5.84
C ARG D 54 17.13 43.00 7.07
N ARG D 55 18.45 42.85 7.00
CA ARG D 55 19.38 43.31 8.02
C ARG D 55 20.54 43.99 7.31
N PRO D 56 21.25 44.94 7.99
CA PRO D 56 22.27 45.72 7.30
C PRO D 56 23.59 45.01 7.17
N ALA D 57 24.32 45.35 6.09
CA ALA D 57 25.73 45.00 5.97
C ALA D 57 26.47 45.98 6.88
N LYS D 58 27.70 45.66 7.28
CA LYS D 58 28.41 46.41 8.35
C LYS D 58 29.67 47.09 7.90
N ALA D 59 29.97 48.23 8.52
CA ALA D 59 31.26 48.85 8.39
C ALA D 59 31.56 49.64 9.65
N VAL D 60 32.76 50.16 9.79
CA VAL D 60 33.05 51.25 10.80
C VAL D 60 33.63 52.49 10.08
N THR D 61 33.73 53.62 10.78
CA THR D 61 34.26 54.87 10.18
C THR D 61 35.63 54.63 9.60
N GLY D 62 35.83 55.10 8.37
CA GLY D 62 37.10 54.92 7.66
C GLY D 62 37.40 53.50 7.16
N GLU D 63 36.44 52.59 7.20
CA GLU D 63 36.68 51.23 6.69
C GLU D 63 36.26 51.16 5.24
N SER D 64 37.08 50.47 4.42
CA SER D 64 36.82 50.27 3.00
C SER D 64 36.40 48.87 2.70
N PHE D 65 35.51 48.72 1.73
CA PHE D 65 35.10 47.40 1.26
C PHE D 65 34.56 47.52 -0.16
N GLU D 66 34.38 46.35 -0.78
CA GLU D 66 33.96 46.28 -2.15
C GLU D 66 32.48 46.08 -2.25
N VAL D 67 31.85 46.96 -2.99
CA VAL D 67 30.48 46.72 -3.44
C VAL D 67 30.51 46.16 -4.86
N SER D 68 29.72 45.11 -5.12
CA SER D 68 29.66 44.46 -6.39
C SER D 68 28.22 44.24 -6.86
N ALA D 69 28.06 43.96 -8.14
CA ALA D 69 26.74 43.61 -8.71
C ALA D 69 26.95 42.92 -10.05
N THR D 70 25.87 42.36 -10.61
CA THR D 70 25.96 41.75 -11.91
C THR D 70 25.22 42.68 -12.86
N VAL D 71 25.96 43.18 -13.84
CA VAL D 71 25.50 44.22 -14.74
C VAL D 71 25.82 43.84 -16.19
N PHE D 72 24.84 43.96 -17.07
CA PHE D 72 25.02 43.64 -18.49
C PHE D 72 23.84 44.23 -19.20
N ARG D 73 23.83 44.10 -20.53
CA ARG D 73 22.67 44.58 -21.33
C ARG D 73 22.45 43.70 -22.56
N GLU D 74 21.34 43.96 -23.25
CA GLU D 74 21.04 43.29 -24.50
C GLU D 74 21.99 43.78 -25.56
N GLY D 75 22.30 42.90 -26.52
CA GLY D 75 23.10 43.27 -27.67
C GLY D 75 24.54 43.29 -27.23
N HIS D 76 25.34 43.97 -28.01
CA HIS D 76 26.79 43.84 -27.94
C HIS D 76 27.49 45.11 -27.50
N ASP D 77 26.75 46.17 -27.22
CA ASP D 77 27.42 47.40 -26.83
C ASP D 77 27.86 47.37 -25.36
N ALA D 78 28.74 48.31 -25.02
CA ALA D 78 29.36 48.35 -23.70
C ALA D 78 28.40 48.91 -22.63
N VAL D 79 28.65 48.49 -21.38
CA VAL D 79 27.98 49.10 -20.23
C VAL D 79 29.00 49.73 -19.32
N GLY D 80 28.49 50.57 -18.44
CA GLY D 80 29.22 51.02 -17.27
C GLY D 80 28.33 50.97 -16.05
N ALA D 81 28.93 51.17 -14.91
CA ALA D 81 28.27 51.09 -13.62
C ALA D 81 29.07 51.92 -12.62
N ASN D 82 28.38 52.44 -11.61
CA ASN D 82 29.01 53.20 -10.53
C ASN D 82 28.26 52.93 -9.25
N VAL D 83 28.91 53.18 -8.11
CA VAL D 83 28.26 53.00 -6.79
C VAL D 83 27.84 54.34 -6.19
N VAL D 84 26.58 54.45 -5.76
CA VAL D 84 26.10 55.67 -5.10
C VAL D 84 25.85 55.30 -3.62
N LEU D 85 26.74 55.78 -2.78
CA LEU D 85 26.70 55.63 -1.34
C LEU D 85 25.98 56.81 -0.74
N ARG D 86 24.94 56.57 0.07
CA ARG D 86 24.20 57.66 0.68
C ARG D 86 24.31 57.65 2.20
N ASP D 87 24.62 58.82 2.78
CA ASP D 87 24.80 58.93 4.20
C ASP D 87 23.44 59.02 4.95
N PRO D 88 23.48 59.14 6.30
CA PRO D 88 22.25 59.08 7.09
C PRO D 88 21.28 60.20 6.81
N ARG D 89 21.80 61.33 6.32
CA ARG D 89 20.96 62.45 5.92
C ARG D 89 20.62 62.37 4.45
N GLY D 90 21.03 61.29 3.79
CA GLY D 90 20.64 61.04 2.40
C GLY D 90 21.59 61.58 1.33
N ARG D 91 22.71 62.17 1.74
CA ARG D 91 23.59 62.85 0.80
C ARG D 91 24.47 61.86 0.05
N PRO D 92 24.54 62.01 -1.29
CA PRO D 92 25.29 61.05 -2.11
C PRO D 92 26.79 61.26 -1.96
N GLY D 93 27.56 60.18 -2.01
CA GLY D 93 28.99 60.29 -1.93
C GLY D 93 29.55 60.73 -3.28
N PRO D 94 30.85 60.52 -3.51
CA PRO D 94 31.47 60.87 -4.76
C PRO D 94 31.23 59.86 -5.90
N TRP D 95 31.57 60.29 -7.11
CA TRP D 95 31.55 59.47 -8.30
C TRP D 95 32.47 58.25 -8.05
N THR D 96 31.88 57.05 -8.05
CA THR D 96 32.62 55.84 -7.72
C THR D 96 32.43 54.79 -8.80
N PRO D 97 33.23 54.89 -9.88
CA PRO D 97 32.94 54.06 -11.03
C PRO D 97 33.39 52.64 -10.79
N MET D 98 32.65 51.69 -11.35
CA MET D 98 32.99 50.28 -11.19
C MET D 98 33.74 49.75 -12.40
N ARG D 99 34.41 48.63 -12.24
CA ARG D 99 35.04 47.91 -13.33
C ARG D 99 34.59 46.44 -13.29
N GLU D 100 34.54 45.79 -14.45
CA GLU D 100 34.26 44.36 -14.50
C GLU D 100 35.44 43.66 -13.88
N LEU D 101 35.18 42.69 -12.99
CA LEU D 101 36.23 42.14 -12.15
C LEU D 101 37.02 41.04 -12.85
N ALA D 102 36.38 40.40 -13.82
CA ALA D 102 37.09 39.44 -14.64
C ALA D 102 36.43 39.48 -16.00
N PRO D 103 37.22 39.26 -17.06
CA PRO D 103 36.64 39.34 -18.41
C PRO D 103 35.56 38.29 -18.69
N GLY D 104 34.46 38.73 -19.30
CA GLY D 104 33.35 37.86 -19.68
C GLY D 104 32.42 37.43 -18.56
N THR D 105 32.64 37.94 -17.35
CA THR D 105 31.87 37.50 -16.16
C THR D 105 30.64 38.37 -15.89
N ASP D 106 30.64 39.61 -16.37
CA ASP D 106 29.56 40.57 -16.05
C ASP D 106 29.43 40.87 -14.56
N ARG D 107 30.50 40.64 -13.80
CA ARG D 107 30.53 41.01 -12.40
C ARG D 107 31.37 42.25 -12.23
N TRP D 108 30.78 43.28 -11.64
CA TRP D 108 31.42 44.59 -11.51
C TRP D 108 31.64 44.94 -10.05
N GLY D 109 32.71 45.68 -9.77
CA GLY D 109 33.03 46.08 -8.42
C GLY D 109 33.69 47.46 -8.33
N ALA D 110 33.49 48.13 -7.19
CA ALA D 110 34.25 49.33 -6.83
C ALA D 110 34.44 49.34 -5.29
N THR D 111 35.49 50.01 -4.80
CA THR D 111 35.69 50.17 -3.39
C THR D 111 35.00 51.45 -2.89
N VAL D 112 34.34 51.37 -1.74
CA VAL D 112 33.74 52.51 -1.08
C VAL D 112 34.30 52.61 0.31
N THR D 113 34.25 53.81 0.89
CA THR D 113 34.73 54.01 2.26
C THR D 113 33.66 54.72 3.07
N ALA D 114 33.38 54.12 4.22
CA ALA D 114 32.39 54.62 5.14
C ALA D 114 32.92 55.86 5.80
N GLY D 115 32.02 56.78 6.17
CA GLY D 115 32.38 58.03 6.87
C GLY D 115 31.86 58.02 8.30
N GLU D 116 31.04 59.00 8.66
CA GLU D 116 30.47 59.09 10.00
C GLU D 116 29.58 57.90 10.29
N THR D 117 29.25 57.75 11.56
CA THR D 117 28.50 56.63 12.01
C THR D 117 27.04 56.83 11.71
N GLY D 118 26.33 55.70 11.53
CA GLY D 118 24.89 55.74 11.35
C GLY D 118 24.43 54.80 10.25
N THR D 119 23.18 54.96 9.83
CA THR D 119 22.58 54.05 8.88
C THR D 119 22.66 54.65 7.49
N TRP D 120 23.38 53.94 6.63
CA TRP D 120 23.65 54.39 5.28
C TRP D 120 22.92 53.50 4.32
N SER D 121 23.02 53.86 3.03
CA SER D 121 22.44 53.05 1.99
C SER D 121 23.34 53.07 0.75
N TYR D 122 23.28 52.01 -0.03
CA TYR D 122 24.04 51.97 -1.26
C TYR D 122 23.22 51.46 -2.42
N THR D 123 23.46 52.11 -3.55
CA THR D 123 22.85 51.80 -4.81
C THR D 123 23.92 51.57 -5.86
N VAL D 124 23.64 50.63 -6.77
CA VAL D 124 24.43 50.50 -7.98
C VAL D 124 23.62 51.07 -9.14
N GLU D 125 24.22 52.00 -9.88
CA GLU D 125 23.62 52.49 -11.11
C GLU D 125 24.32 51.83 -12.27
N ALA D 126 23.54 51.31 -13.21
CA ALA D 126 24.06 50.69 -14.44
C ALA D 126 23.56 51.48 -15.65
N TRP D 127 24.35 51.50 -16.72
CA TRP D 127 24.01 52.35 -17.88
C TRP D 127 24.74 51.88 -19.11
N GLY D 128 24.19 52.19 -20.27
CA GLY D 128 24.90 52.03 -21.55
C GLY D 128 26.01 53.02 -21.66
N ASP D 129 27.16 52.55 -22.18
CA ASP D 129 28.34 53.38 -22.37
C ASP D 129 28.63 53.54 -23.87
N PRO D 130 27.88 54.43 -24.52
CA PRO D 130 27.93 54.54 -25.98
C PRO D 130 29.28 55.05 -26.53
N VAL D 131 30.00 55.82 -25.72
CA VAL D 131 31.25 56.40 -26.17
C VAL D 131 32.35 55.35 -26.31
N THR D 132 32.40 54.40 -25.39
CA THR D 132 33.35 53.28 -25.46
C THR D 132 33.05 52.43 -26.70
N THR D 133 31.75 52.26 -26.93
CA THR D 133 31.25 51.48 -28.05
C THR D 133 31.62 52.15 -29.38
N TRP D 134 31.28 53.43 -29.49
CA TRP D 134 31.61 54.18 -30.69
C TRP D 134 33.11 54.13 -30.97
N ARG D 135 33.90 54.39 -29.93
CA ARG D 135 35.37 54.38 -30.06
C ARG D 135 35.91 53.11 -30.68
N HIS D 136 35.39 51.99 -30.18
CA HIS D 136 35.81 50.70 -30.64
C HIS D 136 35.58 50.59 -32.17
N HIS D 137 34.36 50.95 -32.60
CA HIS D 137 34.03 50.86 -34.02
C HIS D 137 34.81 51.85 -34.87
N ALA D 138 35.03 53.05 -34.34
CA ALA D 138 35.74 54.07 -35.07
C ALA D 138 37.15 53.63 -35.37
N ARG D 139 37.83 53.09 -34.35
CA ARG D 139 39.24 52.72 -34.50
C ARG D 139 39.47 51.75 -35.63
N ILE D 140 38.45 50.94 -35.90
CA ILE D 140 38.51 49.95 -36.97
C ILE D 140 38.05 50.53 -38.31
N LYS D 141 36.90 51.20 -38.30
CA LYS D 141 36.30 51.70 -39.54
C LYS D 141 37.13 52.79 -40.22
N ILE D 142 37.67 53.71 -39.43
CA ILE D 142 38.42 54.84 -39.97
C ILE D 142 39.69 54.46 -40.76
N PRO D 143 40.52 53.53 -40.23
CA PRO D 143 41.63 53.04 -41.05
C PRO D 143 41.12 52.28 -42.25
N ALA D 144 40.03 51.53 -42.08
CA ALA D 144 39.47 50.76 -43.19
C ALA D 144 38.67 51.63 -44.18
N GLY D 145 38.59 52.95 -43.94
CA GLY D 145 37.93 53.86 -44.89
C GLY D 145 36.43 53.64 -45.08
N LEU D 146 35.81 52.92 -44.14
CA LEU D 146 34.40 52.57 -44.23
C LEU D 146 33.50 53.66 -43.58
N ASP D 147 32.75 54.39 -44.43
CA ASP D 147 31.77 55.43 -44.00
C ASP D 147 32.35 56.50 -43.08
N THR D 148 33.57 56.95 -43.35
CA THR D 148 34.29 57.76 -42.36
C THR D 148 33.52 59.03 -41.93
N ASP D 149 32.84 59.69 -42.86
CA ASP D 149 32.07 60.90 -42.55
C ASP D 149 30.89 60.64 -41.62
N LEU D 150 30.17 59.55 -41.87
CA LEU D 150 29.00 59.20 -41.06
C LEU D 150 29.46 58.80 -39.64
N VAL D 151 30.50 57.98 -39.57
CA VAL D 151 31.04 57.55 -38.29
C VAL D 151 31.53 58.73 -37.44
N LEU D 152 32.22 59.68 -38.07
CA LEU D 152 32.81 60.79 -37.33
C LEU D 152 31.74 61.76 -36.86
N GLU D 153 30.68 61.91 -37.66
CA GLU D 153 29.54 62.72 -37.25
C GLU D 153 28.84 62.08 -36.05
N GLU D 154 28.70 60.77 -36.05
CA GLU D 154 28.02 60.05 -34.96
C GLU D 154 28.75 60.24 -33.64
N GLY D 155 30.07 60.32 -33.72
CA GLY D 155 30.91 60.53 -32.55
C GLY D 155 30.83 61.95 -32.10
N ALA D 156 30.76 62.86 -33.06
CA ALA D 156 30.59 64.28 -32.74
C ALA D 156 29.32 64.50 -31.91
N ARG D 157 28.22 63.90 -32.32
CA ARG D 157 26.93 64.09 -31.63
C ARG D 157 26.93 63.42 -30.24
N LEU D 158 27.65 62.30 -30.09
CA LEU D 158 27.84 61.69 -28.76
C LEU D 158 28.60 62.65 -27.84
N TYR D 159 29.70 63.21 -28.37
CA TYR D 159 30.54 64.08 -27.57
C TYR D 159 29.83 65.37 -27.19
N GLU D 160 28.88 65.79 -28.03
CA GLU D 160 28.11 67.01 -27.76
C GLU D 160 27.13 66.80 -26.61
N ARG D 161 26.46 65.67 -26.62
CA ARG D 161 25.61 65.26 -25.48
C ARG D 161 26.41 65.12 -24.18
N ALA D 162 27.64 64.62 -24.28
CA ALA D 162 28.50 64.48 -23.11
C ALA D 162 28.88 65.88 -22.61
N ALA D 163 29.14 66.78 -23.55
CA ALA D 163 29.46 68.17 -23.22
C ALA D 163 28.33 68.89 -22.45
N ALA D 164 27.07 68.57 -22.76
CA ALA D 164 25.94 69.29 -22.17
C ALA D 164 25.75 68.96 -20.68
N ASP D 165 26.41 67.91 -20.21
CA ASP D 165 26.32 67.49 -18.81
C ASP D 165 27.50 67.96 -17.96
N VAL D 166 28.61 68.29 -18.60
CA VAL D 166 29.85 68.66 -17.93
C VAL D 166 29.70 70.04 -17.25
N PRO D 167 29.76 70.09 -15.89
CA PRO D 167 29.64 71.37 -15.20
C PRO D 167 30.84 72.27 -15.41
N GLY D 168 32.05 71.71 -15.48
CA GLY D 168 33.27 72.51 -15.69
C GLY D 168 33.25 73.23 -17.04
N ARG D 169 33.58 74.52 -17.06
CA ARG D 169 33.59 75.28 -18.32
C ARG D 169 34.77 74.87 -19.17
N GLU D 170 35.94 74.73 -18.53
CA GLU D 170 37.15 74.33 -19.23
C GLU D 170 37.01 72.93 -19.83
N ASP D 171 36.43 72.02 -19.04
CA ASP D 171 36.17 70.66 -19.49
C ASP D 171 35.17 70.62 -20.64
N ARG D 172 34.15 71.48 -20.58
CA ARG D 172 33.18 71.61 -21.66
C ARG D 172 33.87 72.11 -22.93
N ARG D 173 34.66 73.18 -22.80
CA ARG D 173 35.43 73.72 -23.92
C ARG D 173 36.26 72.63 -24.59
N GLU D 174 36.87 71.77 -23.78
CA GLU D 174 37.73 70.71 -24.26
C GLU D 174 36.96 69.68 -25.12
N LEU D 175 35.74 69.35 -24.71
CA LEU D 175 34.91 68.40 -25.46
C LEU D 175 34.32 69.00 -26.73
N LEU D 176 33.97 70.29 -26.70
CA LEU D 176 33.50 70.99 -27.90
C LEU D 176 34.64 71.17 -28.91
N ALA D 177 35.88 71.32 -28.43
CA ALA D 177 37.03 71.42 -29.34
C ALA D 177 37.23 70.11 -30.08
N ALA D 178 37.01 68.98 -29.38
CA ALA D 178 37.07 67.68 -30.03
C ALA D 178 35.88 67.47 -31.00
N VAL D 179 34.70 67.99 -30.66
CA VAL D 179 33.54 67.96 -31.53
C VAL D 179 33.87 68.68 -32.85
N ASP D 180 34.46 69.87 -32.74
CA ASP D 180 34.83 70.64 -33.89
C ASP D 180 35.80 69.85 -34.73
N ALA D 181 36.85 69.33 -34.08
CA ALA D 181 37.89 68.61 -34.81
C ALA D 181 37.28 67.42 -35.55
N LEU D 182 36.39 66.67 -34.87
CA LEU D 182 35.69 65.51 -35.48
C LEU D 182 34.86 65.89 -36.71
N ARG D 183 34.34 67.11 -36.72
CA ARG D 183 33.50 67.59 -37.83
C ARG D 183 34.25 68.37 -38.88
N ASP D 184 35.57 68.51 -38.75
CA ASP D 184 36.31 69.31 -39.71
C ASP D 184 36.59 68.48 -40.95
N GLU D 185 35.72 68.62 -41.93
CA GLU D 185 35.80 67.79 -43.13
C GLU D 185 36.97 68.10 -44.03
N SER D 186 37.73 69.15 -43.71
CA SER D 186 38.93 69.48 -44.47
C SER D 186 40.15 68.65 -44.04
N ARG D 187 40.06 67.98 -42.89
CA ARG D 187 41.18 67.23 -42.33
C ARG D 187 41.11 65.74 -42.63
N PRO D 188 42.26 65.06 -42.66
CA PRO D 188 42.25 63.60 -42.85
C PRO D 188 41.48 62.86 -41.76
N ALA D 189 40.70 61.85 -42.16
CA ALA D 189 39.91 61.02 -41.25
C ALA D 189 40.65 60.60 -39.94
N ALA D 190 41.84 60.01 -40.06
CA ALA D 190 42.59 59.52 -38.88
C ALA D 190 43.04 60.66 -37.94
N SER D 191 43.28 61.83 -38.52
CA SER D 191 43.63 63.02 -37.77
C SER D 191 42.43 63.53 -36.99
N ARG D 192 41.29 63.66 -37.68
CA ARG D 192 40.02 64.00 -37.02
C ARG D 192 39.72 63.09 -35.83
N LEU D 193 39.76 61.79 -36.06
CA LEU D 193 39.53 60.80 -35.01
C LEU D 193 40.49 60.96 -33.83
N ALA D 194 41.79 61.03 -34.10
CA ALA D 194 42.81 61.13 -33.05
C ALA D 194 42.55 62.31 -32.04
N ALA D 195 41.92 63.39 -32.53
CA ALA D 195 41.61 64.57 -31.70
C ALA D 195 40.52 64.30 -30.64
N ALA D 196 39.74 63.25 -30.83
CA ALA D 196 38.76 62.80 -29.84
C ALA D 196 39.28 61.69 -28.89
N LEU D 197 40.54 61.30 -29.02
CA LEU D 197 41.09 60.19 -28.24
C LEU D 197 42.30 60.60 -27.43
N THR D 198 42.50 61.91 -27.28
CA THR D 198 43.64 62.43 -26.53
C THR D 198 43.45 62.21 -25.02
N PRO D 199 44.55 62.12 -24.27
CA PRO D 199 44.48 61.95 -22.81
C PRO D 199 43.55 62.94 -22.09
N GLN D 200 43.56 64.21 -22.51
CA GLN D 200 42.75 65.23 -21.84
C GLN D 200 41.26 65.11 -22.16
N VAL D 201 40.94 64.50 -23.30
CA VAL D 201 39.55 64.16 -23.64
C VAL D 201 39.08 62.96 -22.78
N ASP D 202 39.88 61.90 -22.74
CA ASP D 202 39.70 60.76 -21.81
C ASP D 202 39.45 61.18 -20.35
N ALA D 203 40.24 62.13 -19.87
CA ALA D 203 40.21 62.54 -18.46
C ALA D 203 38.88 63.20 -18.13
N VAL D 204 38.37 64.01 -19.06
CA VAL D 204 37.04 64.62 -18.88
C VAL D 204 35.95 63.54 -18.89
N LEU D 205 36.08 62.60 -19.81
CA LEU D 205 35.07 61.56 -20.01
C LEU D 205 35.09 60.49 -18.90
N ALA D 206 36.24 60.22 -18.32
CA ALA D 206 36.29 59.34 -17.16
C ALA D 206 35.55 60.01 -15.97
N ARG D 207 35.71 61.33 -15.79
CA ARG D 207 35.03 62.05 -14.73
C ARG D 207 33.54 62.24 -15.00
N HIS D 208 33.18 62.56 -16.24
CA HIS D 208 31.78 62.90 -16.59
C HIS D 208 31.27 62.12 -17.82
N PRO D 209 31.07 60.83 -17.65
CA PRO D 209 30.73 60.02 -18.81
C PRO D 209 29.29 60.20 -19.32
N LEU D 210 29.10 59.93 -20.59
CA LEU D 210 27.76 59.91 -21.17
C LEU D 210 27.21 58.56 -20.84
N ARG D 211 26.13 58.58 -20.07
CA ARG D 211 25.51 57.40 -19.53
C ARG D 211 24.13 57.33 -20.12
N ASP D 212 23.86 56.26 -20.87
CA ASP D 212 22.53 55.99 -21.41
C ASP D 212 21.71 55.12 -20.45
N LEU D 213 20.44 55.45 -20.30
CA LEU D 213 19.43 54.51 -19.82
C LEU D 213 19.74 54.04 -18.38
N VAL D 214 20.09 55.02 -17.55
CA VAL D 214 20.55 54.78 -16.18
C VAL D 214 19.49 53.99 -15.42
N THR D 215 19.91 52.91 -14.81
CA THR D 215 19.01 52.03 -14.11
C THR D 215 19.65 51.80 -12.74
N SER D 216 18.82 51.77 -11.67
CA SER D 216 19.30 51.59 -10.28
C SER D 216 18.75 50.37 -9.63
N SER D 217 19.56 49.75 -8.78
CA SER D 217 19.07 48.71 -7.87
C SER D 217 18.31 49.37 -6.73
N ASP D 218 17.50 48.60 -6.02
CA ASP D 218 16.83 49.12 -4.82
C ASP D 218 17.90 49.26 -3.74
N PRO D 219 17.82 50.33 -2.93
CA PRO D 219 18.85 50.57 -1.94
C PRO D 219 19.04 49.41 -0.94
N LEU D 220 20.31 49.13 -0.61
CA LEU D 220 20.67 48.19 0.46
C LEU D 220 21.25 48.93 1.64
N PRO D 221 21.00 48.42 2.84
CA PRO D 221 21.38 49.17 4.04
C PRO D 221 22.78 48.85 4.58
N LEU D 222 23.46 49.89 5.05
CA LEU D 222 24.77 49.79 5.68
C LEU D 222 24.77 50.49 7.04
N LEU D 223 25.13 49.75 8.08
CA LEU D 223 25.21 50.29 9.42
C LEU D 223 26.65 50.57 9.67
N VAL D 224 27.01 51.84 9.81
CA VAL D 224 28.41 52.21 10.05
C VAL D 224 28.57 52.57 11.51
N GLU D 225 29.48 51.89 12.17
CA GLU D 225 29.66 52.03 13.62
C GLU D 225 31.02 52.61 13.91
N ARG D 226 31.26 52.91 15.18
CA ARG D 226 32.53 53.51 15.59
C ARG D 226 33.73 52.58 15.47
N GLU D 227 34.90 53.19 15.41
CA GLU D 227 36.17 52.50 15.18
C GLU D 227 36.34 51.27 16.08
N ARG D 228 36.06 51.43 17.37
CA ARG D 228 36.30 50.37 18.36
C ARG D 228 35.50 49.08 18.10
N ALA D 229 34.40 49.18 17.35
CA ALA D 229 33.66 47.97 16.99
C ALA D 229 34.57 47.00 16.22
N LEU D 230 35.50 47.57 15.41
CA LEU D 230 36.40 46.78 14.58
C LEU D 230 37.77 46.63 15.17
N TYR D 231 38.29 47.71 15.72
CA TYR D 231 39.66 47.77 16.10
C TYR D 231 39.84 48.14 17.59
N GLY D 232 40.69 47.38 18.27
CA GLY D 232 40.90 47.55 19.71
C GLY D 232 41.61 46.36 20.33
N ALA D 233 42.37 46.62 21.38
CA ALA D 233 43.09 45.59 22.05
C ALA D 233 42.54 45.43 23.45
N TRP D 234 42.23 44.18 23.81
CA TRP D 234 41.48 43.86 25.01
C TRP D 234 42.31 43.13 26.07
N TYR D 235 42.10 43.53 27.32
CA TYR D 235 42.72 42.87 28.43
C TYR D 235 41.65 42.49 29.46
N GLU D 236 41.57 41.21 29.80
CA GLU D 236 40.64 40.71 30.79
C GLU D 236 41.37 40.46 32.11
N PHE D 237 40.83 40.98 33.20
CA PHE D 237 41.28 40.63 34.53
C PHE D 237 40.19 40.71 35.59
N PHE D 238 40.40 40.01 36.69
CA PHE D 238 39.46 40.03 37.83
C PHE D 238 39.91 41.03 38.88
N PRO D 239 39.15 42.09 39.07
CA PRO D 239 39.54 43.03 40.11
C PRO D 239 39.82 42.37 41.47
N ARG D 240 39.10 41.31 41.81
CA ARG D 240 39.18 40.79 43.17
C ARG D 240 40.54 40.20 43.46
N SER D 241 41.28 39.87 42.40
CA SER D 241 42.59 39.25 42.58
C SER D 241 43.68 40.28 42.85
N GLU D 242 43.38 41.54 42.63
CA GLU D 242 44.35 42.61 42.88
C GLU D 242 44.09 43.34 44.20
N GLY D 243 44.40 42.65 45.29
CA GLY D 243 44.24 43.18 46.63
C GLY D 243 45.59 43.40 47.30
N THR D 244 45.61 43.28 48.63
CA THR D 244 46.79 43.60 49.44
C THR D 244 47.01 42.48 50.45
N PRO D 245 48.15 42.53 51.15
CA PRO D 245 48.36 41.55 52.23
C PRO D 245 47.31 41.68 53.34
N HIS D 246 46.92 42.91 53.66
CA HIS D 246 45.93 43.12 54.70
C HIS D 246 44.52 42.76 54.24
N THR D 247 44.19 43.15 53.01
CA THR D 247 42.86 42.85 52.41
C THR D 247 43.07 42.11 51.06
N PRO D 248 43.16 40.78 51.11
CA PRO D 248 43.42 39.99 49.91
C PRO D 248 42.40 40.21 48.80
N HIS D 249 41.13 40.32 49.17
CA HIS D 249 40.06 40.51 48.19
C HIS D 249 40.12 41.94 47.74
N GLY D 250 40.53 42.09 46.50
CA GLY D 250 40.73 43.40 45.95
C GLY D 250 39.45 44.17 45.85
N THR D 251 39.60 45.49 45.81
CA THR D 251 38.48 46.39 45.64
C THR D 251 38.68 47.15 44.36
N PHE D 252 37.70 47.97 43.96
CA PHE D 252 37.83 48.77 42.74
C PHE D 252 38.90 49.81 42.96
N ARG D 253 39.07 50.21 44.21
CA ARG D 253 40.10 51.19 44.53
C ARG D 253 41.46 50.60 44.42
N THR D 254 41.64 49.37 44.93
CA THR D 254 42.92 48.70 44.73
C THR D 254 43.09 48.21 43.29
N ALA D 255 42.04 47.67 42.66
CA ALA D 255 42.18 47.13 41.29
C ALA D 255 42.61 48.24 40.34
N ALA D 256 42.20 49.50 40.61
CA ALA D 256 42.60 50.67 39.79
C ALA D 256 44.11 50.81 39.60
N ARG D 257 44.89 50.33 40.56
CA ARG D 257 46.34 50.42 40.46
C ARG D 257 46.94 49.54 39.35
N ARG D 258 46.17 48.58 38.82
CA ARG D 258 46.64 47.71 37.77
C ARG D 258 46.51 48.36 36.43
N LEU D 259 45.59 49.32 36.34
CA LEU D 259 45.28 50.00 35.07
C LEU D 259 46.47 50.63 34.36
N PRO D 260 47.38 51.28 35.11
CA PRO D 260 48.50 51.93 34.42
C PRO D 260 49.39 50.93 33.69
N ALA D 261 49.62 49.78 34.30
CA ALA D 261 50.38 48.72 33.64
C ALA D 261 49.64 48.14 32.41
N ILE D 262 48.31 48.11 32.46
CA ILE D 262 47.52 47.63 31.34
C ILE D 262 47.54 48.61 30.18
N ALA D 263 47.38 49.91 30.46
CA ALA D 263 47.53 51.01 29.45
C ALA D 263 48.92 51.06 28.86
N ALA D 264 49.93 50.82 29.71
CA ALA D 264 51.34 50.77 29.27
C ALA D 264 51.67 49.62 28.30
N MET D 265 50.90 48.54 28.37
CA MET D 265 51.00 47.45 27.41
C MET D 265 50.26 47.76 26.11
N GLY D 266 49.61 48.90 26.03
CA GLY D 266 48.97 49.35 24.82
C GLY D 266 47.56 48.85 24.61
N PHE D 267 46.82 48.56 25.69
CA PHE D 267 45.45 48.07 25.52
C PHE D 267 44.51 49.21 25.52
N ASP D 268 43.33 48.98 24.92
CA ASP D 268 42.30 50.02 24.83
C ASP D 268 41.06 49.69 25.65
N VAL D 269 40.87 48.40 25.93
CA VAL D 269 39.65 47.91 26.55
C VAL D 269 40.01 46.96 27.67
N VAL D 270 39.39 47.17 28.81
CA VAL D 270 39.52 46.28 29.93
C VAL D 270 38.18 45.56 30.11
N TYR D 271 38.17 44.22 29.97
CA TYR D 271 36.95 43.41 30.18
C TYR D 271 36.97 42.79 31.58
N LEU D 272 35.94 43.11 32.36
CA LEU D 272 35.77 42.61 33.71
C LEU D 272 34.75 41.47 33.76
N PRO D 273 35.07 40.42 34.48
CA PRO D 273 34.02 39.48 34.82
C PRO D 273 32.93 40.15 35.68
N PRO D 274 31.80 39.47 35.88
CA PRO D 274 30.71 39.98 36.66
C PRO D 274 31.13 40.62 38.01
N ILE D 275 30.62 41.84 38.28
CA ILE D 275 31.03 42.66 39.41
C ILE D 275 29.94 42.80 40.47
N HIS D 276 29.01 41.86 40.46
CA HIS D 276 27.85 41.93 41.31
C HIS D 276 28.03 41.05 42.51
N PRO D 277 27.07 41.06 43.43
CA PRO D 277 27.19 40.03 44.48
C PRO D 277 27.11 38.61 43.94
N ILE D 278 27.70 37.69 44.65
CA ILE D 278 27.82 36.29 44.25
C ILE D 278 27.01 35.45 45.25
N GLY D 279 26.25 34.46 44.77
CA GLY D 279 25.37 33.70 45.67
C GLY D 279 26.13 32.80 46.62
N THR D 280 25.40 32.31 47.64
CA THR D 280 25.93 31.32 48.63
C THR D 280 25.44 29.90 48.43
N THR D 281 24.20 29.73 47.99
CA THR D 281 23.62 28.41 47.76
C THR D 281 24.26 27.74 46.57
N HIS D 282 24.82 26.55 46.79
CA HIS D 282 25.52 25.74 45.75
C HIS D 282 26.81 26.38 45.19
N ARG D 283 27.39 27.26 46.01
CA ARG D 283 28.56 27.98 45.60
C ARG D 283 29.68 27.00 45.35
N LYS D 284 30.47 27.28 44.30
CA LYS D 284 31.56 26.40 43.95
C LYS D 284 32.81 26.77 44.74
N GLY D 285 33.57 25.74 45.09
CA GLY D 285 34.87 25.93 45.68
C GLY D 285 35.98 25.95 44.65
N ARG D 286 37.20 25.87 45.14
CA ARG D 286 38.38 25.93 44.30
C ARG D 286 38.34 24.84 43.23
N ASN D 287 38.94 25.11 42.07
CA ASN D 287 39.07 24.08 41.03
C ASN D 287 37.76 23.45 40.63
N ASN D 288 36.69 24.23 40.63
CA ASN D 288 35.39 23.75 40.20
C ASN D 288 34.89 22.58 41.07
N THR D 289 35.17 22.63 42.37
CA THR D 289 34.62 21.66 43.28
C THR D 289 33.24 22.12 43.66
N LEU D 290 32.44 21.15 44.04
CA LEU D 290 30.99 21.34 44.21
C LEU D 290 30.64 22.18 45.44
N SER D 291 31.28 21.87 46.58
CA SER D 291 30.99 22.51 47.87
C SER D 291 32.07 23.50 48.30
N ALA D 292 31.71 24.77 48.37
CA ALA D 292 32.58 25.82 48.88
C ALA D 292 32.85 25.66 50.39
N THR D 293 34.03 26.06 50.85
CA THR D 293 34.34 26.08 52.29
C THR D 293 34.32 27.54 52.77
N GLY D 294 34.54 27.72 54.07
CA GLY D 294 34.28 28.97 54.76
C GLY D 294 34.74 30.25 54.11
N ASP D 295 35.90 30.25 53.51
CA ASP D 295 36.44 31.49 52.95
C ASP D 295 36.22 31.62 51.43
N ASP D 296 35.82 30.52 50.77
CA ASP D 296 35.81 30.48 49.30
C ASP D 296 34.97 31.59 48.74
N VAL D 297 35.47 32.27 47.72
CA VAL D 297 34.75 33.41 47.18
C VAL D 297 33.71 33.08 46.12
N GLY D 298 33.76 31.88 45.56
CA GLY D 298 32.81 31.52 44.51
C GLY D 298 33.14 32.07 43.13
N VAL D 299 32.22 31.87 42.20
CA VAL D 299 32.35 32.26 40.80
C VAL D 299 31.54 33.51 40.54
N PRO D 300 32.16 34.55 39.97
CA PRO D 300 31.44 35.80 39.69
C PRO D 300 30.19 35.67 38.80
N TRP D 301 30.14 34.63 37.99
CA TRP D 301 29.03 34.40 37.08
C TRP D 301 27.83 33.87 37.81
N ALA D 302 28.01 33.42 39.06
CA ALA D 302 26.89 33.03 39.92
C ALA D 302 26.32 34.27 40.59
N ILE D 303 25.58 35.05 39.80
CA ILE D 303 25.19 36.40 40.16
C ILE D 303 23.98 36.48 41.07
N GLY D 304 24.11 37.29 42.11
CA GLY D 304 22.98 37.74 42.91
C GLY D 304 22.89 37.10 44.30
N SER D 305 22.53 37.93 45.27
CA SER D 305 22.26 37.51 46.63
C SER D 305 21.32 38.55 47.26
N PRO D 306 20.96 38.38 48.53
CA PRO D 306 20.11 39.39 49.16
C PRO D 306 20.72 40.79 49.11
N GLU D 307 22.03 40.87 48.85
CA GLU D 307 22.71 42.15 48.78
C GLU D 307 22.46 42.87 47.47
N GLY D 308 22.05 42.14 46.43
CA GLY D 308 21.77 42.76 45.12
C GLY D 308 21.87 41.79 43.97
N GLY D 309 21.43 42.24 42.80
CA GLY D 309 21.58 41.48 41.59
C GLY D 309 22.46 42.20 40.59
N HIS D 310 22.00 42.20 39.34
CA HIS D 310 22.79 42.70 38.23
C HIS D 310 22.94 44.21 38.22
N ASP D 311 22.15 44.94 39.00
CA ASP D 311 22.32 46.41 39.09
C ASP D 311 23.13 46.83 40.32
N SER D 312 23.75 45.87 41.02
CA SER D 312 24.49 46.13 42.24
C SER D 312 25.93 45.72 42.15
N ILE D 313 26.70 46.22 43.10
CA ILE D 313 28.14 45.94 43.21
C ILE D 313 28.38 45.00 44.35
N HIS D 314 29.24 44.01 44.14
CA HIS D 314 29.71 43.09 45.22
C HIS D 314 30.29 43.89 46.39
N PRO D 315 29.75 43.73 47.60
CA PRO D 315 30.16 44.66 48.68
C PRO D 315 31.67 44.63 48.97
N ALA D 316 32.33 43.52 48.72
CA ALA D 316 33.77 43.48 48.92
C ALA D 316 34.57 44.32 47.88
N LEU D 317 33.93 44.63 46.76
CA LEU D 317 34.59 45.40 45.73
C LEU D 317 34.33 46.87 46.06
N GLY D 318 33.36 47.13 46.92
CA GLY D 318 33.08 48.48 47.35
C GLY D 318 31.71 48.90 46.87
N THR D 319 31.59 50.18 46.50
CA THR D 319 30.32 50.79 46.10
C THR D 319 30.34 51.31 44.65
N LEU D 320 29.16 51.75 44.20
CA LEU D 320 28.98 52.39 42.92
C LEU D 320 29.90 53.59 42.74
N ASP D 321 30.16 54.32 43.82
CA ASP D 321 31.07 55.48 43.77
C ASP D 321 32.52 55.06 43.59
N ASP D 322 32.90 53.92 44.18
CA ASP D 322 34.21 53.36 43.94
C ASP D 322 34.33 52.94 42.46
N PHE D 323 33.26 52.35 41.94
CA PHE D 323 33.25 51.91 40.54
C PHE D 323 33.43 53.14 39.64
N ASP D 324 32.64 54.18 39.86
CA ASP D 324 32.82 55.42 39.10
C ASP D 324 34.30 55.89 39.14
N HIS D 325 34.98 55.72 40.26
CA HIS D 325 36.40 56.06 40.36
C HIS D 325 37.26 55.17 39.46
N PHE D 326 36.98 53.90 39.50
CA PHE D 326 37.63 52.98 38.59
C PHE D 326 37.49 53.41 37.11
N VAL D 327 36.28 53.79 36.72
CA VAL D 327 35.97 54.09 35.32
C VAL D 327 36.62 55.40 34.90
N THR D 328 36.68 56.34 35.84
CA THR D 328 37.33 57.63 35.61
C THR D 328 38.81 57.41 35.42
N GLU D 329 39.41 56.60 36.27
CA GLU D 329 40.83 56.33 36.17
C GLU D 329 41.17 55.54 34.92
N ALA D 330 40.27 54.66 34.49
CA ALA D 330 40.43 53.95 33.23
C ALA D 330 40.51 54.92 32.09
N GLY D 331 39.53 55.82 32.05
CA GLY D 331 39.42 56.81 30.99
C GLY D 331 40.63 57.72 30.84
N LYS D 332 41.19 58.15 31.96
CA LYS D 332 42.42 58.95 31.93
C LYS D 332 43.61 58.19 31.34
N LEU D 333 43.59 56.86 31.41
CA LEU D 333 44.66 56.05 30.79
C LEU D 333 44.35 55.64 29.35
N GLY D 334 43.26 56.15 28.80
CA GLY D 334 42.77 55.70 27.48
C GLY D 334 42.15 54.33 27.49
N LEU D 335 41.56 53.92 28.61
CA LEU D 335 40.90 52.63 28.68
C LEU D 335 39.38 52.78 28.84
N GLU D 336 38.61 52.08 27.97
CA GLU D 336 37.17 51.91 28.15
C GLU D 336 36.98 50.63 28.91
N ILE D 337 35.88 50.54 29.64
CA ILE D 337 35.53 49.33 30.38
C ILE D 337 34.44 48.49 29.65
N ALA D 338 34.63 47.18 29.55
CA ALA D 338 33.60 46.28 28.98
C ALA D 338 33.09 45.43 30.12
N LEU D 339 31.82 45.53 30.48
CA LEU D 339 31.29 44.69 31.53
C LEU D 339 30.72 43.41 30.98
N ASP D 340 30.89 42.35 31.75
CA ASP D 340 30.22 41.10 31.46
C ASP D 340 28.72 41.21 31.71
N PHE D 341 27.92 40.70 30.77
CA PHE D 341 26.49 40.60 30.99
C PHE D 341 26.04 39.14 30.85
N ALA D 342 25.67 38.57 31.99
CA ALA D 342 25.30 37.17 32.09
C ALA D 342 23.87 37.09 32.58
N LEU D 343 22.96 36.80 31.63
CA LEU D 343 21.53 36.67 31.91
C LEU D 343 21.29 35.27 32.43
N GLN D 344 21.55 35.16 33.74
CA GLN D 344 21.34 33.98 34.53
C GLN D 344 21.37 34.44 35.99
N CYS D 345 21.05 33.55 36.95
CA CYS D 345 20.97 33.93 38.41
C CYS D 345 21.58 32.88 39.32
N SER D 346 22.11 33.28 40.46
CA SER D 346 22.33 32.30 41.55
C SER D 346 20.96 32.02 42.12
N PRO D 347 20.80 30.89 42.87
CA PRO D 347 19.57 30.61 43.58
C PRO D 347 19.15 31.68 44.61
N ASP D 348 20.05 32.59 44.96
CA ASP D 348 19.75 33.60 45.96
C ASP D 348 19.47 34.95 45.32
N HIS D 349 19.42 35.01 44.00
CA HIS D 349 19.12 36.26 43.32
C HIS D 349 17.71 36.61 43.72
N PRO D 350 17.43 37.88 43.96
CA PRO D 350 16.06 38.30 44.24
C PRO D 350 15.02 37.89 43.17
N TRP D 351 15.41 37.84 41.90
CA TRP D 351 14.50 37.37 40.84
C TRP D 351 13.84 36.04 41.12
N VAL D 352 14.52 35.13 41.80
CA VAL D 352 14.00 33.78 42.01
C VAL D 352 12.66 33.85 42.73
N HIS D 353 12.52 34.73 43.70
CA HIS D 353 11.22 34.86 44.38
C HIS D 353 10.37 36.00 43.81
N LYS D 354 11.01 37.07 43.34
CA LYS D 354 10.27 38.16 42.73
C LYS D 354 9.66 37.86 41.37
N HIS D 355 10.32 37.03 40.57
CA HIS D 355 9.77 36.67 39.24
C HIS D 355 9.94 35.22 38.96
N PRO D 356 9.16 34.39 39.63
CA PRO D 356 9.35 32.95 39.47
C PRO D 356 9.05 32.48 38.04
N GLU D 357 8.19 33.20 37.32
CA GLU D 357 7.89 32.83 35.94
C GLU D 357 9.05 33.12 34.96
N TRP D 358 10.15 33.69 35.46
CA TRP D 358 11.38 33.79 34.66
C TRP D 358 12.25 32.54 34.78
N PHE D 359 11.69 31.47 35.31
CA PHE D 359 12.43 30.24 35.41
C PHE D 359 11.50 29.12 35.08
N HIS D 360 12.04 28.03 34.58
CA HIS D 360 11.30 26.82 34.34
C HIS D 360 11.40 25.97 35.60
N HIS D 361 10.24 25.57 36.11
CA HIS D 361 10.18 24.75 37.29
C HIS D 361 9.75 23.35 36.95
N ARG D 362 10.38 22.38 37.59
CA ARG D 362 10.00 21.02 37.39
C ARG D 362 8.69 20.76 38.17
N PRO D 363 8.07 19.59 37.97
CA PRO D 363 6.82 19.32 38.65
C PRO D 363 6.84 19.39 40.18
N ASP D 364 7.98 19.16 40.81
CA ASP D 364 8.11 19.32 42.27
C ASP D 364 8.45 20.74 42.67
N GLY D 365 8.52 21.66 41.70
CA GLY D 365 8.74 23.07 42.01
C GLY D 365 10.20 23.54 41.95
N THR D 366 11.14 22.60 41.90
CA THR D 366 12.58 22.92 41.78
C THR D 366 12.96 23.47 40.39
N ILE D 367 14.10 24.16 40.34
CA ILE D 367 14.66 24.71 39.11
C ILE D 367 15.97 24.02 38.85
N ALA D 368 16.06 23.35 37.70
CA ALA D 368 17.26 22.63 37.33
C ALA D 368 18.37 23.65 37.10
N HIS D 369 19.54 23.36 37.64
CA HIS D 369 20.69 24.21 37.46
C HIS D 369 21.15 24.17 36.01
N ALA D 370 21.82 25.23 35.58
CA ALA D 370 22.19 25.41 34.18
C ALA D 370 23.30 24.48 33.78
N GLU D 371 23.39 24.25 32.47
CA GLU D 371 24.35 23.33 31.87
C GLU D 371 24.82 23.81 30.49
N ASN D 372 25.96 23.29 30.05
CA ASN D 372 26.49 23.43 28.66
C ASN D 372 27.24 22.11 28.38
N PRO D 373 26.48 21.02 28.21
CA PRO D 373 27.07 19.68 28.40
C PRO D 373 28.35 19.45 27.58
N PRO D 374 29.28 18.65 28.14
CA PRO D 374 29.25 18.00 29.47
C PRO D 374 29.60 18.90 30.68
N LYS D 375 29.59 20.22 30.50
CA LYS D 375 29.85 21.17 31.60
C LYS D 375 28.56 21.48 32.39
N LYS D 376 28.63 21.39 33.72
CA LYS D 376 27.49 21.64 34.58
C LYS D 376 27.76 22.86 35.40
N TYR D 377 26.72 23.68 35.60
CA TYR D 377 26.82 24.87 36.41
C TYR D 377 25.84 24.79 37.57
N GLN D 378 26.20 23.98 38.56
CA GLN D 378 25.35 23.71 39.71
C GLN D 378 25.06 24.95 40.54
N ASP D 379 25.92 25.95 40.40
CA ASP D 379 25.76 27.25 41.13
C ASP D 379 24.84 28.33 40.50
N ILE D 380 24.20 28.02 39.37
CA ILE D 380 23.29 29.01 38.78
C ILE D 380 22.04 28.35 38.17
N TYR D 381 21.01 29.19 37.96
CA TYR D 381 19.75 28.86 37.30
C TYR D 381 19.68 29.57 35.96
N PRO D 382 19.23 28.89 34.90
CA PRO D 382 19.03 29.53 33.61
C PRO D 382 17.71 30.22 33.58
N ILE D 383 17.61 31.25 32.75
CA ILE D 383 16.36 32.00 32.61
C ILE D 383 15.39 31.26 31.66
N ALA D 384 14.08 31.45 31.88
CA ALA D 384 13.05 30.95 30.98
C ALA D 384 12.44 32.18 30.37
N PHE D 385 12.21 32.15 29.05
CA PHE D 385 11.91 33.36 28.34
C PHE D 385 10.48 33.45 27.86
N ASP D 386 9.74 32.36 27.93
CA ASP D 386 8.48 32.32 27.20
C ASP D 386 7.22 32.67 27.98
N ALA D 387 7.36 32.88 29.27
CA ALA D 387 6.25 33.18 30.12
C ALA D 387 6.11 34.66 30.26
N ASP D 388 7.24 35.37 30.31
CA ASP D 388 7.21 36.83 30.46
C ASP D 388 8.32 37.50 29.65
N PRO D 389 8.26 37.34 28.32
CA PRO D 389 9.32 37.88 27.51
C PRO D 389 9.42 39.40 27.65
N ASP D 390 8.28 40.06 27.77
CA ASP D 390 8.25 41.52 27.80
C ASP D 390 8.91 42.02 29.08
N GLY D 391 8.61 41.36 30.19
CA GLY D 391 9.21 41.73 31.48
C GLY D 391 10.71 41.52 31.47
N LEU D 392 11.17 40.40 30.90
CA LEU D 392 12.61 40.17 30.79
C LEU D 392 13.33 41.18 29.91
N ALA D 393 12.69 41.60 28.82
CA ALA D 393 13.29 42.60 27.92
C ALA D 393 13.45 43.94 28.63
N THR D 394 12.35 44.42 29.17
CA THR D 394 12.34 45.66 29.93
C THR D 394 13.44 45.71 31.01
N GLU D 395 13.57 44.65 31.78
CA GLU D 395 14.51 44.62 32.92
C GLU D 395 15.96 44.52 32.41
N THR D 396 16.17 43.70 31.40
CA THR D 396 17.48 43.60 30.78
C THR D 396 17.97 44.96 30.31
N VAL D 397 17.15 45.73 29.60
CA VAL D 397 17.64 46.99 29.04
C VAL D 397 17.78 48.04 30.10
N ARG D 398 17.00 47.94 31.17
CA ARG D 398 17.14 48.86 32.30
C ARG D 398 18.49 48.63 32.93
N ILE D 399 18.81 47.37 33.15
CA ILE D 399 20.10 47.02 33.68
C ILE D 399 21.22 47.59 32.81
N LEU D 400 21.13 47.40 31.50
CA LEU D 400 22.19 47.86 30.63
C LEU D 400 22.31 49.35 30.67
N ARG D 401 21.18 50.04 30.64
CA ARG D 401 21.16 51.52 30.78
C ARG D 401 21.74 52.04 32.07
N HIS D 402 21.50 51.34 33.16
CA HIS D 402 22.14 51.70 34.42
C HIS D 402 23.62 51.77 34.27
N TRP D 403 24.21 50.71 33.71
CA TRP D 403 25.66 50.65 33.64
C TRP D 403 26.16 51.64 32.64
N MET D 404 25.36 51.87 31.59
CA MET D 404 25.63 52.90 30.60
C MET D 404 25.69 54.30 31.19
N ASP D 405 24.80 54.59 32.13
CA ASP D 405 24.82 55.88 32.80
C ASP D 405 26.06 56.07 33.62
N HIS D 406 26.74 54.98 33.93
CA HIS D 406 28.00 55.05 34.67
C HIS D 406 29.22 54.87 33.80
N GLY D 407 29.06 54.99 32.48
CA GLY D 407 30.20 55.04 31.54
C GLY D 407 30.64 53.72 30.94
N VAL D 408 29.83 52.67 31.10
CA VAL D 408 30.13 51.38 30.47
C VAL D 408 29.40 51.38 29.13
N ARG D 409 30.17 51.46 28.04
CA ARG D 409 29.62 51.55 26.66
C ARG D 409 29.90 50.31 25.87
N ILE D 410 30.40 49.27 26.53
CA ILE D 410 30.72 47.99 25.89
C ILE D 410 30.33 46.84 26.81
N PHE D 411 29.54 45.91 26.28
CA PHE D 411 29.09 44.76 27.08
C PHE D 411 29.53 43.47 26.43
N ARG D 412 30.21 42.64 27.22
CA ARG D 412 30.59 41.31 26.80
C ARG D 412 29.48 40.39 27.28
N VAL D 413 28.75 39.81 26.32
CA VAL D 413 27.58 39.03 26.61
C VAL D 413 27.92 37.55 26.71
N ASP D 414 27.59 37.02 27.89
CA ASP D 414 27.96 35.68 28.25
C ASP D 414 27.01 34.72 27.52
N ASN D 415 27.59 33.70 26.89
CA ASN D 415 26.85 32.59 26.26
C ASN D 415 25.55 32.96 25.62
N PRO D 416 25.57 33.93 24.72
CA PRO D 416 24.32 34.51 24.20
C PRO D 416 23.44 33.44 23.47
N HIS D 417 24.09 32.45 22.92
CA HIS D 417 23.43 31.31 22.22
C HIS D 417 22.63 30.36 23.14
N THR D 418 22.57 30.63 24.45
CA THR D 418 21.65 29.89 25.30
C THR D 418 20.42 30.71 25.66
N LYS D 419 20.29 31.92 25.09
CA LYS D 419 19.06 32.76 25.19
C LYS D 419 18.54 32.97 23.75
N PRO D 420 17.24 33.33 23.57
CA PRO D 420 16.67 33.39 22.23
C PRO D 420 17.31 34.47 21.35
N VAL D 421 17.48 34.13 20.08
CA VAL D 421 18.08 35.03 19.11
C VAL D 421 17.29 36.33 19.01
N ALA D 422 15.97 36.23 18.93
CA ALA D 422 15.09 37.41 18.79
C ALA D 422 15.08 38.24 20.06
N PHE D 423 15.44 37.63 21.19
CA PHE D 423 15.61 38.42 22.42
C PHE D 423 16.79 39.37 22.28
N TRP D 424 17.94 38.83 21.87
CA TRP D 424 19.10 39.65 21.58
C TRP D 424 18.80 40.70 20.49
N GLU D 425 18.11 40.33 19.43
CA GLU D 425 17.77 41.31 18.40
C GLU D 425 17.00 42.51 18.98
N ARG D 426 16.03 42.23 19.83
CA ARG D 426 15.16 43.28 20.37
C ARG D 426 15.93 44.12 21.36
N VAL D 427 16.73 43.47 22.20
CA VAL D 427 17.55 44.18 23.20
C VAL D 427 18.60 45.12 22.57
N ILE D 428 19.36 44.61 21.61
CA ILE D 428 20.40 45.41 20.96
C ILE D 428 19.78 46.54 20.16
N ALA D 429 18.65 46.29 19.53
CA ALA D 429 17.94 47.34 18.79
C ALA D 429 17.41 48.39 19.75
N ASP D 430 16.87 47.98 20.89
CA ASP D 430 16.35 48.93 21.87
C ASP D 430 17.48 49.82 22.36
N ILE D 431 18.61 49.21 22.75
CA ILE D 431 19.75 49.99 23.28
C ILE D 431 20.41 50.86 22.25
N ASN D 432 20.72 50.31 21.08
CA ASN D 432 21.31 51.11 20.01
C ASN D 432 20.35 52.16 19.43
N GLY D 433 19.05 51.96 19.58
CA GLY D 433 18.06 52.96 19.16
C GLY D 433 18.31 54.32 19.80
N THR D 434 18.59 54.33 21.09
CA THR D 434 18.90 55.55 21.82
C THR D 434 20.42 55.79 21.92
N ASP D 435 21.22 54.73 21.89
CA ASP D 435 22.65 54.81 22.13
C ASP D 435 23.49 54.03 21.13
N PRO D 436 23.70 54.60 19.92
CA PRO D 436 24.24 53.74 18.85
C PRO D 436 25.70 53.37 19.07
N ASP D 437 26.38 54.07 19.96
CA ASP D 437 27.79 53.78 20.24
C ASP D 437 28.06 52.50 21.05
N VAL D 438 27.06 51.98 21.73
CA VAL D 438 27.28 50.82 22.57
C VAL D 438 27.60 49.58 21.74
N ILE D 439 28.63 48.83 22.20
CA ILE D 439 29.16 47.68 21.50
C ILE D 439 28.90 46.40 22.31
N PHE D 440 28.43 45.35 21.63
CA PHE D 440 28.10 44.07 22.22
C PHE D 440 29.00 43.03 21.57
N LEU D 441 29.69 42.26 22.42
CA LEU D 441 30.59 41.19 22.02
C LEU D 441 29.93 39.88 22.42
N ALA D 442 29.73 38.99 21.43
CA ALA D 442 29.05 37.76 21.65
C ALA D 442 30.03 36.65 22.03
N GLU D 443 29.97 36.10 23.24
CA GLU D 443 30.80 34.94 23.53
C GLU D 443 30.09 33.66 23.15
N ALA D 444 30.01 33.41 21.83
CA ALA D 444 29.28 32.26 21.33
C ALA D 444 30.22 31.28 20.69
N PHE D 445 30.70 30.35 21.49
CA PHE D 445 31.48 29.22 21.01
C PHE D 445 30.52 28.08 20.74
N THR D 446 30.01 28.04 19.51
CA THR D 446 28.88 27.19 19.12
C THR D 446 28.98 26.97 17.60
N ARG D 447 27.89 26.60 16.93
CA ARG D 447 27.96 26.20 15.52
C ARG D 447 27.87 27.42 14.60
N PRO D 448 28.40 27.31 13.38
CA PRO D 448 28.41 28.43 12.43
C PRO D 448 27.07 29.18 12.24
N ALA D 449 25.95 28.46 12.15
CA ALA D 449 24.68 29.12 11.82
C ALA D 449 24.29 30.11 12.92
N MET D 450 24.35 29.65 14.17
CA MET D 450 24.01 30.50 15.30
C MET D 450 25.03 31.65 15.41
N MET D 451 26.31 31.32 15.27
CA MET D 451 27.39 32.33 15.37
C MET D 451 27.18 33.43 14.35
N ALA D 452 26.95 33.02 13.09
CA ALA D 452 26.70 34.00 12.01
C ALA D 452 25.41 34.80 12.32
N THR D 453 24.34 34.12 12.75
CA THR D 453 23.05 34.81 12.98
C THR D 453 23.14 35.85 14.06
N LEU D 454 23.82 35.49 15.16
CA LEU D 454 23.94 36.42 16.28
C LEU D 454 24.59 37.73 15.83
N ALA D 455 25.61 37.65 14.99
CA ALA D 455 26.21 38.86 14.42
C ALA D 455 25.24 39.62 13.53
N GLN D 456 24.52 38.89 12.71
CA GLN D 456 23.62 39.51 11.73
C GLN D 456 22.41 40.17 12.37
N ILE D 457 21.94 39.67 13.52
CA ILE D 457 20.86 40.36 14.22
C ILE D 457 21.34 41.53 15.12
N GLY D 458 22.65 41.75 15.20
CA GLY D 458 23.16 43.04 15.68
C GLY D 458 24.36 43.06 16.62
N PHE D 459 24.95 41.92 16.89
CA PHE D 459 26.19 41.87 17.71
C PHE D 459 27.36 42.44 16.97
N GLN D 460 28.00 43.46 17.56
CA GLN D 460 29.04 44.19 16.88
C GLN D 460 30.28 43.37 16.73
N GLN D 461 30.48 42.47 17.66
CA GLN D 461 31.72 41.67 17.67
C GLN D 461 31.40 40.27 18.09
N SER D 462 32.31 39.36 17.75
CA SER D 462 32.15 37.98 18.06
C SER D 462 33.46 37.35 18.48
N TYR D 463 33.38 36.51 19.48
CA TYR D 463 34.43 35.54 19.73
C TYR D 463 34.37 34.50 18.62
N THR D 464 35.47 33.79 18.47
CA THR D 464 35.74 32.98 17.26
C THR D 464 36.42 31.68 17.59
N TYR D 465 36.73 30.91 16.55
CA TYR D 465 37.38 29.60 16.69
C TYR D 465 38.89 29.73 16.76
N PHE D 466 39.39 30.96 16.93
CA PHE D 466 40.80 31.22 16.83
C PHE D 466 41.68 30.26 17.62
N THR D 467 41.33 30.06 18.90
CA THR D 467 42.15 29.27 19.78
C THR D 467 42.30 27.83 19.29
N TRP D 468 41.41 27.37 18.41
CA TRP D 468 41.47 25.98 17.91
C TRP D 468 41.97 25.92 16.47
N ARG D 469 42.63 26.99 16.08
CA ARG D 469 43.27 27.11 14.79
C ARG D 469 44.75 27.36 15.03
N ASN D 470 45.53 26.27 15.06
CA ASN D 470 46.96 26.34 15.35
C ASN D 470 47.90 25.90 14.22
N THR D 471 47.44 25.08 13.27
CA THR D 471 48.26 24.71 12.12
C THR D 471 48.15 25.75 11.04
N LYS D 472 49.10 25.72 10.12
CA LYS D 472 49.10 26.67 9.01
C LYS D 472 47.85 26.49 8.18
N GLN D 473 47.41 25.24 7.98
CA GLN D 473 46.20 24.97 7.17
C GLN D 473 44.93 25.48 7.87
N GLU D 474 44.81 25.16 9.15
CA GLU D 474 43.72 25.71 10.00
C GLU D 474 43.70 27.25 10.03
N LEU D 475 44.84 27.85 10.28
CA LEU D 475 44.93 29.29 10.30
C LEU D 475 44.59 29.96 8.96
N THR D 476 45.08 29.37 7.86
CA THR D 476 44.90 29.97 6.54
C THR D 476 43.46 29.86 6.17
N GLU D 477 42.90 28.67 6.32
CA GLU D 477 41.49 28.47 5.99
C GLU D 477 40.58 29.42 6.77
N TYR D 478 40.78 29.48 8.08
CA TYR D 478 39.89 30.25 8.94
C TYR D 478 39.95 31.74 8.67
N LEU D 479 41.14 32.29 8.52
CA LEU D 479 41.23 33.70 8.27
C LEU D 479 40.77 34.11 6.87
N THR D 480 40.80 33.16 5.92
CA THR D 480 40.25 33.42 4.57
C THR D 480 38.76 33.58 4.72
N GLU D 481 38.15 32.66 5.47
CA GLU D 481 36.73 32.77 5.78
C GLU D 481 36.43 34.13 6.49
N LEU D 482 37.14 34.46 7.55
CA LEU D 482 36.79 35.65 8.34
C LEU D 482 37.01 36.96 7.59
N SER D 483 38.03 36.96 6.74
CA SER D 483 38.35 38.15 5.94
C SER D 483 37.60 38.23 4.61
N GLY D 484 36.77 37.25 4.32
CA GLY D 484 35.99 37.18 3.07
C GLY D 484 34.61 37.82 3.22
N GLU D 485 33.57 37.11 2.78
CA GLU D 485 32.21 37.62 2.84
C GLU D 485 31.66 37.78 4.29
N ALA D 486 32.11 36.95 5.21
CA ALA D 486 31.72 37.06 6.65
C ALA D 486 32.03 38.44 7.25
N ALA D 487 33.01 39.15 6.70
CA ALA D 487 33.32 40.50 7.17
C ALA D 487 32.22 41.54 6.90
N SER D 488 31.20 41.22 6.11
CA SER D 488 30.06 42.11 5.95
C SER D 488 29.11 42.08 7.15
N TYR D 489 29.27 41.11 8.05
CA TYR D 489 28.41 41.08 9.24
C TYR D 489 29.08 40.73 10.55
N MET D 490 30.32 40.23 10.52
CA MET D 490 30.97 39.73 11.75
C MET D 490 32.32 40.42 11.92
N ARG D 491 32.58 40.91 13.13
CA ARG D 491 33.85 41.50 13.49
C ARG D 491 34.47 40.66 14.63
N PRO D 492 35.57 39.98 14.35
CA PRO D 492 36.17 39.01 15.23
C PRO D 492 37.05 39.58 16.33
N ASN D 493 37.00 38.95 17.48
CA ASN D 493 37.85 39.36 18.59
C ASN D 493 38.66 38.15 18.97
N PHE D 494 39.95 38.23 18.69
CA PHE D 494 40.86 37.10 18.83
C PHE D 494 41.46 37.18 20.19
N PHE D 495 40.84 36.50 21.14
CA PHE D 495 41.44 36.35 22.45
C PHE D 495 42.34 35.13 22.33
N ALA D 496 43.63 35.30 22.60
CA ALA D 496 44.55 34.17 22.45
C ALA D 496 44.31 33.17 23.55
N ASN D 497 43.84 33.65 24.71
CA ASN D 497 43.33 32.77 25.76
C ASN D 497 42.09 33.36 26.42
N THR D 498 41.32 32.52 27.12
CA THR D 498 40.29 32.98 28.07
C THR D 498 40.44 32.16 29.34
N PRO D 499 39.78 32.55 30.44
CA PRO D 499 39.77 31.72 31.68
C PRO D 499 39.27 30.30 31.50
N ASP D 500 38.56 30.04 30.41
CA ASP D 500 37.93 28.75 30.16
C ASP D 500 38.67 27.96 29.07
N ILE D 501 39.67 28.61 28.46
CA ILE D 501 40.37 28.07 27.27
C ILE D 501 41.88 28.29 27.40
N LEU D 502 42.56 27.27 27.90
CA LEU D 502 44.02 27.15 27.81
C LEU D 502 44.37 26.04 26.81
N HIS D 503 44.66 26.39 25.54
CA HIS D 503 44.88 25.36 24.51
C HIS D 503 46.13 24.52 24.78
N ALA D 504 46.08 23.27 24.31
CA ALA D 504 47.23 22.34 24.35
C ALA D 504 48.48 22.90 23.72
N TYR D 505 48.29 23.70 22.68
CA TYR D 505 49.40 24.29 22.01
C TYR D 505 50.19 25.12 22.99
N LEU D 506 49.51 25.83 23.91
CA LEU D 506 50.21 26.65 24.89
C LEU D 506 50.71 25.80 26.02
N GLN D 507 49.96 24.76 26.35
CA GLN D 507 50.39 23.85 27.43
C GLN D 507 51.69 23.14 27.09
N HIS D 508 51.79 22.68 25.85
CA HIS D 508 52.94 21.92 25.40
C HIS D 508 54.05 22.84 24.88
N GLY D 509 53.70 24.06 24.48
CA GLY D 509 54.65 24.98 23.86
C GLY D 509 55.50 25.84 24.80
N GLY D 510 54.97 26.17 25.97
CA GLY D 510 55.64 27.12 26.85
C GLY D 510 55.75 28.52 26.25
N ARG D 511 56.67 29.31 26.77
CA ARG D 511 56.72 30.73 26.45
C ARG D 511 56.78 30.98 24.95
N PRO D 512 57.57 30.19 24.18
CA PRO D 512 57.64 30.44 22.75
C PRO D 512 56.27 30.29 22.05
N ALA D 513 55.41 29.45 22.61
CA ALA D 513 54.03 29.34 22.10
C ALA D 513 53.19 30.58 22.35
N PHE D 514 53.32 31.14 23.56
CA PHE D 514 52.62 32.35 23.94
C PHE D 514 53.04 33.52 23.09
N GLU D 515 54.31 33.56 22.76
CA GLU D 515 54.84 34.58 21.85
C GLU D 515 54.25 34.50 20.45
N VAL D 516 54.19 33.31 19.90
CA VAL D 516 53.57 33.05 18.59
C VAL D 516 52.10 33.43 18.52
N ARG D 517 51.31 32.91 19.46
CA ARG D 517 49.90 33.16 19.46
C ARG D 517 49.60 34.65 19.64
N ALA D 518 50.45 35.38 20.36
CA ALA D 518 50.27 36.81 20.50
C ALA D 518 50.49 37.47 19.16
N VAL D 519 51.56 37.09 18.48
CA VAL D 519 51.86 37.69 17.17
C VAL D 519 50.74 37.45 16.19
N LEU D 520 50.29 36.21 16.15
CA LEU D 520 49.19 35.86 15.25
C LEU D 520 47.93 36.68 15.51
N ALA D 521 47.47 36.65 16.76
CA ALA D 521 46.21 37.29 17.15
C ALA D 521 46.25 38.80 16.86
N ALA D 522 47.37 39.40 17.20
CA ALA D 522 47.54 40.83 17.04
C ALA D 522 47.70 41.26 15.58
N THR D 523 48.27 40.38 14.74
CA THR D 523 48.45 40.74 13.31
C THR D 523 47.34 40.23 12.39
N LEU D 524 46.53 39.27 12.82
CA LEU D 524 45.52 38.71 11.94
C LEU D 524 44.18 39.36 12.14
N SER D 525 43.88 39.81 13.33
CA SER D 525 42.64 40.55 13.54
C SER D 525 42.93 41.95 14.02
N PRO D 526 42.08 42.91 13.65
CA PRO D 526 42.22 44.27 14.20
C PRO D 526 41.67 44.39 15.64
N THR D 527 40.90 43.41 16.14
CA THR D 527 40.64 43.32 17.58
C THR D 527 41.23 41.98 18.11
N TRP D 528 42.08 42.07 19.13
CA TRP D 528 42.60 40.87 19.82
C TRP D 528 42.56 41.08 21.31
N GLY D 529 42.79 40.01 22.06
CA GLY D 529 42.78 40.14 23.51
C GLY D 529 43.52 39.05 24.24
N ILE D 530 43.86 39.32 25.49
CA ILE D 530 44.38 38.29 26.38
C ILE D 530 43.71 38.37 27.75
N TYR D 531 43.70 37.24 28.42
CA TYR D 531 43.23 37.15 29.80
C TYR D 531 44.48 37.14 30.73
N SER D 532 44.51 38.05 31.70
CA SER D 532 45.60 38.17 32.69
C SER D 532 46.26 36.87 33.10
N GLY D 533 47.59 36.83 33.03
CA GLY D 533 48.39 35.62 33.29
C GLY D 533 48.95 35.05 32.01
N TYR D 534 48.37 35.43 30.88
CA TYR D 534 48.88 35.04 29.57
C TYR D 534 50.32 35.51 29.43
N GLU D 535 50.55 36.79 29.71
CA GLU D 535 51.90 37.38 29.74
C GLU D 535 52.91 36.58 30.51
N LEU D 536 52.47 35.90 31.57
CA LEU D 536 53.39 35.18 32.45
C LEU D 536 53.53 33.77 31.99
N CYS D 537 52.84 33.45 30.91
CA CYS D 537 52.95 32.15 30.28
C CYS D 537 52.44 31.04 31.21
N GLU D 538 51.40 31.36 31.98
CA GLU D 538 50.72 30.37 32.81
C GLU D 538 50.11 29.34 31.91
N ASN D 539 50.53 28.08 32.07
CA ASN D 539 50.07 27.03 31.15
C ASN D 539 49.89 25.67 31.77
N THR D 540 49.62 25.64 33.07
CA THR D 540 49.37 24.36 33.75
C THR D 540 47.91 24.06 33.66
N PRO D 541 47.56 22.97 32.97
CA PRO D 541 46.15 22.62 32.85
C PRO D 541 45.63 21.93 34.09
N LEU D 542 44.32 21.75 34.18
CA LEU D 542 43.69 21.05 35.28
C LEU D 542 44.17 19.61 35.29
N ARG D 543 44.30 19.04 34.10
CA ARG D 543 44.87 17.71 33.89
C ARG D 543 45.15 17.53 32.40
N GLU D 544 45.83 16.44 32.05
CA GLU D 544 46.16 16.14 30.65
C GLU D 544 44.89 16.11 29.83
N GLY D 545 44.90 16.81 28.70
CA GLY D 545 43.77 16.81 27.77
C GLY D 545 42.59 17.70 28.17
N SER D 546 42.83 18.68 29.04
CA SER D 546 41.79 19.66 29.40
C SER D 546 42.23 21.01 28.92
N GLU D 547 41.26 21.89 28.77
CA GLU D 547 41.58 23.26 28.43
C GLU D 547 41.32 24.18 29.60
N GLU D 548 40.97 23.62 30.73
CA GLU D 548 40.90 24.40 31.99
C GLU D 548 42.29 24.65 32.58
N TYR D 549 42.49 25.84 33.17
CA TYR D 549 43.66 26.05 34.00
C TYR D 549 43.52 25.28 35.32
N LEU D 550 44.66 24.93 35.91
CA LEU D 550 44.67 24.40 37.25
C LEU D 550 44.56 25.59 38.18
N ASP D 551 43.84 25.43 39.29
CA ASP D 551 43.62 26.46 40.24
C ASP D 551 43.10 27.72 39.55
N SER D 552 42.02 27.55 38.79
CA SER D 552 41.44 28.58 37.99
C SER D 552 40.91 29.81 38.77
N GLU D 553 41.19 31.00 38.24
CA GLU D 553 40.81 32.26 38.89
C GLU D 553 39.32 32.45 39.02
N LYS D 554 38.58 31.61 38.32
CA LYS D 554 37.13 31.66 38.36
C LYS D 554 36.67 31.27 39.76
N TYR D 555 37.41 30.43 40.43
CA TYR D 555 37.00 29.91 41.73
C TYR D 555 37.88 30.35 42.90
N GLN D 556 38.90 31.18 42.65
CA GLN D 556 39.76 31.64 43.73
C GLN D 556 40.42 32.94 43.36
N LEU D 557 40.82 33.67 44.39
CA LEU D 557 41.68 34.85 44.25
C LEU D 557 42.99 34.33 43.73
N LYS D 558 43.60 35.05 42.80
CA LYS D 558 44.84 34.62 42.21
C LYS D 558 45.84 35.79 42.15
N PRO D 559 46.49 36.10 43.31
CA PRO D 559 47.38 37.25 43.35
C PRO D 559 48.61 36.97 42.54
N ARG D 560 49.13 38.01 41.90
CA ARG D 560 50.26 37.87 41.04
C ARG D 560 51.27 38.93 41.41
N ASP D 561 52.53 38.52 41.55
CA ASP D 561 53.60 39.47 41.81
C ASP D 561 54.05 40.06 40.48
N TRP D 562 53.32 41.07 40.00
CA TRP D 562 53.64 41.76 38.72
C TRP D 562 55.02 42.41 38.73
N THR D 563 55.41 42.97 39.87
CA THR D 563 56.70 43.68 39.97
C THR D 563 57.88 42.74 39.81
N ARG D 564 57.85 41.66 40.57
CA ARG D 564 58.85 40.63 40.45
C ARG D 564 58.93 40.07 39.02
N ALA D 565 57.79 39.72 38.43
CA ALA D 565 57.76 39.22 37.05
C ALA D 565 58.49 40.13 36.09
N ALA D 566 58.22 41.44 36.23
CA ALA D 566 58.86 42.46 35.40
C ALA D 566 60.36 42.55 35.59
N ARG D 567 60.84 42.56 36.84
CA ARG D 567 62.28 42.71 37.08
C ARG D 567 63.01 41.43 36.73
N GLU D 568 62.36 40.29 36.88
CA GLU D 568 63.00 39.02 36.55
C GLU D 568 62.78 38.61 35.08
N GLY D 569 62.02 39.39 34.33
CA GLY D 569 61.85 39.17 32.87
C GLY D 569 61.10 37.90 32.52
N THR D 570 60.26 37.44 33.43
CA THR D 570 59.56 36.19 33.23
C THR D 570 58.18 36.49 32.63
N THR D 571 58.06 37.65 32.00
CA THR D 571 56.82 38.05 31.33
C THR D 571 57.04 38.48 29.88
N ILE D 572 56.09 38.15 29.02
CA ILE D 572 56.15 38.60 27.62
C ILE D 572 55.42 39.93 27.40
N ALA D 573 55.25 40.70 28.49
CA ALA D 573 54.64 42.02 28.47
C ALA D 573 55.35 43.04 27.53
N PRO D 574 56.68 43.04 27.46
CA PRO D 574 57.35 43.86 26.43
C PRO D 574 57.03 43.53 24.96
N LEU D 575 56.87 42.26 24.65
CA LEU D 575 56.48 41.86 23.29
C LEU D 575 55.06 42.33 23.03
N VAL D 576 54.18 42.06 23.99
CA VAL D 576 52.79 42.46 23.88
C VAL D 576 52.72 43.98 23.63
N THR D 577 53.50 44.75 24.37
CA THR D 577 53.49 46.19 24.24
C THR D 577 53.93 46.66 22.86
N ARG D 578 54.98 46.05 22.36
CA ARG D 578 55.50 46.36 21.06
C ARG D 578 54.44 46.03 20.00
N LEU D 579 53.74 44.92 20.14
CA LEU D 579 52.69 44.55 19.17
C LEU D 579 51.59 45.62 19.07
N ASN D 580 51.20 46.16 20.20
CA ASN D 580 50.11 47.14 20.20
C ASN D 580 50.56 48.48 19.66
N THR D 581 51.84 48.80 19.84
CA THR D 581 52.46 50.00 19.28
C THR D 581 52.49 49.85 17.77
N ILE D 582 52.94 48.70 17.29
CA ILE D 582 52.98 48.45 15.83
C ILE D 582 51.59 48.60 15.20
N ARG D 583 50.58 48.03 15.84
CA ARG D 583 49.19 48.21 15.45
C ARG D 583 48.74 49.66 15.42
N ARG D 584 49.13 50.43 16.44
CA ARG D 584 48.78 51.85 16.51
C ARG D 584 49.48 52.69 15.48
N GLU D 585 50.63 52.19 15.00
CA GLU D 585 51.47 52.93 14.03
C GLU D 585 51.16 52.56 12.58
N ASN D 586 50.38 51.50 12.37
CA ASN D 586 50.15 50.93 11.02
C ASN D 586 48.70 50.64 10.68
N PRO D 587 48.06 51.56 9.93
CA PRO D 587 46.68 51.40 9.47
C PRO D 587 46.34 50.01 8.91
N ALA D 588 47.29 49.34 8.27
CA ALA D 588 47.04 48.01 7.70
C ALA D 588 46.55 46.97 8.72
N LEU D 589 47.04 47.07 9.94
CA LEU D 589 46.69 46.14 11.03
C LEU D 589 45.43 46.52 11.80
N ARG D 590 44.86 47.68 11.45
CA ARG D 590 43.60 48.16 12.01
C ARG D 590 42.43 47.90 11.07
N GLN D 591 42.59 46.98 10.15
CA GLN D 591 41.49 46.53 9.31
C GLN D 591 41.57 45.03 9.16
N LEU D 592 40.50 44.45 8.65
CA LEU D 592 40.33 42.99 8.60
C LEU D 592 40.39 42.45 7.16
N ARG D 593 39.67 43.10 6.24
CA ARG D 593 39.36 42.51 4.94
C ARG D 593 40.56 42.34 4.00
N ASP D 594 41.54 43.22 4.08
CA ASP D 594 42.70 43.09 3.22
C ASP D 594 43.72 42.20 3.87
N LEU D 595 43.88 41.00 3.31
CA LEU D 595 44.73 39.95 3.89
C LEU D 595 45.05 38.94 2.80
N HIS D 596 46.31 38.61 2.65
CA HIS D 596 46.69 37.58 1.68
C HIS D 596 47.79 36.67 2.19
N PHE D 597 47.64 35.37 1.93
CA PHE D 597 48.64 34.36 2.37
C PHE D 597 49.59 34.01 1.25
N HIS D 598 50.87 34.29 1.50
CA HIS D 598 51.95 34.04 0.57
C HIS D 598 52.56 32.70 0.88
N PRO D 599 52.92 31.91 -0.16
CA PRO D 599 53.39 30.54 0.08
C PRO D 599 54.79 30.47 0.67
N THR D 600 55.07 29.36 1.34
CA THR D 600 56.39 29.07 1.86
C THR D 600 56.63 27.60 1.64
N ASP D 601 57.89 27.20 1.65
CA ASP D 601 58.26 25.78 1.47
C ASP D 601 58.29 24.95 2.77
N LYS D 602 57.88 25.55 3.89
CA LYS D 602 57.85 24.86 5.18
C LYS D 602 56.45 24.89 5.80
N GLU D 603 56.00 23.71 6.25
CA GLU D 603 54.65 23.54 6.77
C GLU D 603 54.49 24.28 8.10
N GLU D 604 55.59 24.44 8.85
CA GLU D 604 55.56 25.08 10.15
C GLU D 604 55.62 26.59 10.02
N VAL D 605 55.97 27.11 8.85
CA VAL D 605 56.16 28.55 8.68
C VAL D 605 55.07 29.18 7.80
N ILE D 606 54.49 30.26 8.29
CA ILE D 606 53.31 30.85 7.64
C ILE D 606 53.64 32.28 7.35
N ALA D 607 53.17 32.79 6.23
CA ALA D 607 53.43 34.16 5.81
C ALA D 607 52.17 34.82 5.23
N TYR D 608 52.00 36.12 5.51
CA TYR D 608 50.84 36.87 5.06
C TYR D 608 51.10 38.36 5.04
N SER D 609 50.23 39.09 4.32
CA SER D 609 50.36 40.54 4.15
C SER D 609 49.01 41.17 4.31
N LYS D 610 49.00 42.42 4.80
CA LYS D 610 47.80 43.23 4.98
C LYS D 610 48.09 44.69 4.53
N ARG D 611 47.13 45.36 3.92
CA ARG D 611 47.41 46.70 3.39
C ARG D 611 46.29 47.67 3.67
N GLN D 612 46.64 48.94 3.78
CA GLN D 612 45.69 50.02 3.93
C GLN D 612 46.40 51.24 3.39
N GLY D 613 45.87 51.80 2.31
CA GLY D 613 46.57 52.83 1.52
C GLY D 613 48.00 52.41 1.18
N SER D 614 48.96 53.30 1.49
CA SER D 614 50.36 53.04 1.24
C SER D 614 51.06 52.26 2.35
N ASN D 615 50.32 51.92 3.40
CA ASN D 615 50.87 51.10 4.48
C ASN D 615 50.66 49.62 4.14
N THR D 616 51.76 48.88 4.19
CA THR D 616 51.77 47.45 3.99
C THR D 616 52.55 46.80 5.09
N VAL D 617 51.97 45.76 5.68
CA VAL D 617 52.65 45.01 6.71
C VAL D 617 52.76 43.54 6.28
N LEU D 618 53.95 42.99 6.44
CA LEU D 618 54.23 41.64 6.02
C LEU D 618 54.71 40.83 7.22
N VAL D 619 54.08 39.69 7.46
CA VAL D 619 54.36 38.93 8.66
C VAL D 619 54.72 37.51 8.30
N VAL D 620 55.78 37.02 8.93
CA VAL D 620 56.19 35.63 8.84
C VAL D 620 56.31 35.03 10.25
N VAL D 621 55.56 33.96 10.50
CA VAL D 621 55.55 33.29 11.81
C VAL D 621 55.99 31.82 11.75
N ASN D 622 56.88 31.44 12.66
CA ASN D 622 57.20 30.04 12.91
C ASN D 622 56.17 29.46 13.89
N LEU D 623 55.27 28.60 13.43
CA LEU D 623 54.28 27.97 14.31
C LEU D 623 54.86 26.83 15.15
N ASP D 624 56.12 26.48 14.93
CA ASP D 624 56.79 25.49 15.75
C ASP D 624 57.40 26.22 16.97
N PRO D 625 56.97 25.85 18.19
CA PRO D 625 57.54 26.41 19.41
C PRO D 625 58.80 25.70 19.95
N ARG D 626 59.12 24.51 19.44
CA ARG D 626 60.23 23.71 19.95
C ARG D 626 61.48 23.77 19.07
N HIS D 627 61.30 23.85 17.76
CA HIS D 627 62.43 23.75 16.83
C HIS D 627 62.60 24.97 15.92
N THR D 628 63.84 25.39 15.74
CA THR D 628 64.17 26.39 14.75
C THR D 628 63.71 25.89 13.38
N GLN D 629 63.21 26.83 12.58
CA GLN D 629 62.75 26.53 11.24
C GLN D 629 63.35 27.54 10.29
N GLU D 630 63.90 27.04 9.19
CA GLU D 630 64.34 27.93 8.11
C GLU D 630 63.48 27.64 6.88
N ALA D 631 63.08 28.69 6.19
CA ALA D 631 62.23 28.50 5.03
C ALA D 631 62.44 29.61 4.01
N THR D 632 61.92 29.35 2.82
CA THR D 632 61.91 30.31 1.74
C THR D 632 60.48 30.82 1.62
N VAL D 633 60.33 32.13 1.67
CA VAL D 633 59.02 32.75 1.53
C VAL D 633 58.90 33.33 0.14
N SER D 634 57.89 32.87 -0.61
CA SER D 634 57.70 33.30 -2.00
C SER D 634 56.55 34.29 -2.12
N LEU D 635 56.88 35.56 -2.20
CA LEU D 635 55.86 36.60 -2.16
C LEU D 635 55.14 36.75 -3.49
N ASP D 636 53.81 36.75 -3.45
CA ASP D 636 52.98 37.26 -4.53
C ASP D 636 53.21 38.76 -4.67
N MET D 637 54.14 39.15 -5.53
CA MET D 637 54.54 40.55 -5.62
C MET D 637 53.43 41.49 -6.13
N PRO D 638 52.66 41.07 -7.14
CA PRO D 638 51.53 41.91 -7.58
C PRO D 638 50.50 42.12 -6.48
N GLN D 639 50.33 41.11 -5.64
CA GLN D 639 49.39 41.23 -4.53
C GLN D 639 49.92 42.26 -3.53
N LEU D 640 51.22 42.52 -3.55
CA LEU D 640 51.81 43.64 -2.80
C LEU D 640 51.81 44.97 -3.56
N GLY D 641 51.43 44.95 -4.83
CA GLY D 641 51.46 46.16 -5.68
C GLY D 641 52.84 46.44 -6.26
N LEU D 642 53.57 45.36 -6.55
CA LEU D 642 54.94 45.46 -7.05
C LEU D 642 55.11 44.54 -8.28
N ASP D 643 56.18 44.75 -9.04
CA ASP D 643 56.57 43.84 -10.11
C ASP D 643 57.41 42.72 -9.55
N TRP D 644 57.42 41.60 -10.27
CA TRP D 644 58.01 40.35 -9.79
C TRP D 644 59.49 40.45 -9.46
N HIS D 645 60.19 41.29 -10.22
CA HIS D 645 61.63 41.44 -10.12
C HIS D 645 62.04 42.48 -9.05
N GLU D 646 61.09 43.29 -8.62
CA GLU D 646 61.36 44.34 -7.63
C GLU D 646 61.92 43.74 -6.33
N SER D 647 62.67 44.56 -5.60
CA SER D 647 63.24 44.18 -4.30
C SER D 647 63.04 45.33 -3.32
N VAL D 648 62.06 45.19 -2.43
CA VAL D 648 61.64 46.31 -1.61
C VAL D 648 62.25 46.22 -0.22
N PRO D 649 62.56 47.39 0.38
CA PRO D 649 63.12 47.34 1.70
C PRO D 649 62.04 47.19 2.75
N VAL D 650 62.36 46.46 3.82
CA VAL D 650 61.45 46.23 4.92
C VAL D 650 62.19 46.47 6.23
N ARG D 651 61.42 46.63 7.31
CA ARG D 651 61.99 46.66 8.67
C ARG D 651 61.21 45.70 9.54
N ASP D 652 61.91 44.77 10.19
CA ASP D 652 61.29 43.89 11.18
C ASP D 652 61.06 44.71 12.44
N GLU D 653 59.79 45.06 12.68
CA GLU D 653 59.43 46.01 13.74
C GLU D 653 59.62 45.47 15.13
N LEU D 654 59.78 44.15 15.24
CA LEU D 654 60.12 43.52 16.51
C LEU D 654 61.56 43.75 16.96
N THR D 655 62.49 43.86 16.00
CA THR D 655 63.92 43.98 16.28
C THR D 655 64.51 45.31 15.86
N GLY D 656 63.91 45.97 14.87
CA GLY D 656 64.49 47.19 14.31
C GLY D 656 65.39 46.89 13.11
N GLU D 657 65.68 45.60 12.89
CA GLU D 657 66.58 45.19 11.80
C GLU D 657 65.91 45.46 10.48
N THR D 658 66.74 45.71 9.47
CA THR D 658 66.27 46.01 8.13
C THR D 658 66.73 44.92 7.19
N TYR D 659 65.88 44.58 6.23
CA TYR D 659 66.22 43.66 5.16
C TYR D 659 65.75 44.24 3.83
N HIS D 660 66.23 43.65 2.73
CA HIS D 660 65.73 43.94 1.40
C HIS D 660 65.12 42.64 0.91
N TRP D 661 63.81 42.66 0.67
CA TRP D 661 63.10 41.44 0.31
C TRP D 661 62.44 41.55 -1.07
N GLY D 662 62.25 40.38 -1.69
CA GLY D 662 61.56 40.29 -2.96
C GLY D 662 60.92 38.94 -3.16
N ARG D 663 60.86 38.53 -4.43
CA ARG D 663 60.18 37.31 -4.88
C ARG D 663 60.39 36.07 -4.00
N ALA D 664 61.62 35.86 -3.57
CA ALA D 664 61.95 34.68 -2.75
C ALA D 664 62.94 35.09 -1.66
N ASN D 665 62.62 34.78 -0.40
CA ASN D 665 63.41 35.27 0.73
C ASN D 665 63.64 34.18 1.77
N TYR D 666 64.93 33.96 2.09
CA TYR D 666 65.31 33.08 3.16
C TYR D 666 64.98 33.74 4.50
N VAL D 667 64.35 32.97 5.39
CA VAL D 667 64.17 33.36 6.79
C VAL D 667 64.65 32.23 7.68
N ARG D 668 65.06 32.59 8.88
CA ARG D 668 65.48 31.63 9.88
C ARG D 668 64.93 32.09 11.23
N LEU D 669 64.07 31.28 11.85
CA LEU D 669 63.33 31.68 13.07
C LEU D 669 63.57 30.69 14.22
N GLU D 670 64.28 31.16 15.25
CA GLU D 670 64.66 30.32 16.39
C GLU D 670 63.71 30.59 17.56
N PRO D 671 62.95 29.57 18.01
CA PRO D 671 62.01 29.75 19.12
C PRO D 671 62.71 30.15 20.40
N GLY D 672 62.19 31.19 21.04
CA GLY D 672 62.83 31.77 22.21
C GLY D 672 63.53 33.06 21.82
N ARG D 673 64.15 33.09 20.64
CA ARG D 673 64.86 34.30 20.19
C ARG D 673 63.96 35.13 19.29
N THR D 674 63.44 34.52 18.22
CA THR D 674 62.39 35.15 17.42
C THR D 674 61.24 34.22 17.09
N PRO D 675 60.00 34.62 17.44
CA PRO D 675 58.83 33.85 17.01
C PRO D 675 58.47 34.16 15.57
N ALA D 676 58.65 35.42 15.20
CA ALA D 676 58.19 35.93 13.92
C ALA D 676 59.01 37.09 13.42
N HIS D 677 58.84 37.40 12.13
CA HIS D 677 59.13 38.72 11.59
C HIS D 677 57.83 39.46 11.35
N VAL D 678 57.73 40.67 11.91
CA VAL D 678 56.59 41.53 11.61
C VAL D 678 57.16 42.74 10.94
N CYS D 679 57.11 42.74 9.61
CA CYS D 679 57.81 43.76 8.84
C CYS D 679 56.83 44.75 8.26
N THR D 680 57.24 46.02 8.28
CA THR D 680 56.56 47.05 7.50
C THR D 680 57.40 47.30 6.23
N VAL D 681 56.74 47.52 5.09
CA VAL D 681 57.45 47.89 3.85
C VAL D 681 57.74 49.38 3.82
N LEU D 682 59.00 49.74 3.59
CA LEU D 682 59.49 51.13 3.79
C LEU D 682 59.35 52.04 2.54
N ARG D 683 58.86 53.26 2.76
CA ARG D 683 58.65 54.26 1.68
C ARG D 683 59.87 55.14 1.42
#